data_7SN3
#
_entry.id   7SN3
#
_cell.length_a   1.00
_cell.length_b   1.00
_cell.length_c   1.00
_cell.angle_alpha   90.00
_cell.angle_beta   90.00
_cell.angle_gamma   90.00
#
_symmetry.space_group_name_H-M   'P 1'
#
loop_
_entity.id
_entity.type
_entity.pdbx_description
1 polymer 'Spike glycoprotein'
2 polymer 'neutralizing antibody C1C-A3 heavy chain variable region'
3 polymer 'neutralizing antibody C1C-A3 light chain variable region'
4 branched beta-D-mannopyranose-(1-4)-2-acetamido-2-deoxy-beta-D-glucopyranose-(1-4)-2-acetamido-2-deoxy-beta-D-glucopyranose
5 non-polymer 2-acetamido-2-deoxy-beta-D-glucopyranose
#
loop_
_entity_poly.entity_id
_entity_poly.type
_entity_poly.pdbx_seq_one_letter_code
_entity_poly.pdbx_strand_id
1 'polypeptide(L)'
;MFVFLVLLPLVSSQCVNLTTRTQLPPAYTNSFTRGVYYPDKVFRSSVLHSTQDLFLPFFSNVTWFHAIHVSGTNGTKRFD
NPVLPFNDGVYFASTEKSNIIRGWIFGTTLDSKTQSLLIVNNATNVVIKVCEFQFCNDPFLGVYYHKNNKSWMESEFRVY
SSANNCTFEYVSQPFLMDLEGKQGNFKNLREFVFKNIDGYFKIYSKHTPINLVRDLPQGFSALEPLVDLPIGINITRFQT
LLALHRSYLTPGDSSSGWTAGAAAYYVGYLQPRTFLLKYNENGTITDAVDCALDPLSETKCTLKSFTVEKGIYQTSNFRV
QPTESIVRFPNITNLCPFGEVFNATRFASVYAWNRKRISNCVADYSVLYNSASFSTFKCYGVSPTKLNDLCFTNVYADSF
VIRGDEVRQIAPGQTGKIADYNYKLPDDFTGCVIAWNSNNLDSKVGGNYNYLYRLFRKSNLKPFERDISTEIYQAGSTPC
NGVEGFNCYFPLQSYGFQPTNGVGYQPYRVVVLSFELLHAPATVCGPKKSTNLVKNKCVNFNFNGLTGTGVLTESNKKFL
PFQQFGRDIADTTDAVRDPQTLEILDITPCSFGGVSVITPGTNTSNQVAVLYQDVNCTEVPVAIHADQLTPTWRVYSTGS
NVFQTRAGCLIGAEHVNNSYECDIPIGAGICASYQTQTNSPGSASSVASQSIIAYTMSLGAENSVAYSNNSIAIPTNFTI
SVTTEILPVSMTKTSVDCTMYICGDSTECSNLLLQYGSFCTQLNRALTGIAVEQDKNTQEVFAQVKQIYKTPPIKDFGGF
NFSQILPDPSKPSKRSPIEDLLFNKVTLADAGFIKQYGDCLGDIAARDLICAQKFNGLTVLPPLLTDEMIAQYTSALLAG
TITSGWTFGAGPALQIPFPMQMAYRFNGIGVTQNVLYENQKLIANQFNSAIGKIQDSLSSTPSALGKLQDVVNQNAQALN
TLVKQLSSNFGAISSVLNDILSRLDPPEAEVQIDRLITGRLQSLQTYVTQQLIRAAEIRASANLAATKMSECVLGQSKRV
DFCGKGYHLMSFPQSAPHGVVFLHVTYVPAQEKNFTTAPAICHDGKAHFPREGVFVSNGTHWFVTQRNFYEPQIITTDNT
FVSGNCDVVIGIVNNTVYDPLQPELDSFKEELDKYFKNHTSPDVDLGDISGINASVVNIQKEIDRLNEVAKNLNESLIDL
QELGKYEQSGYIPEAPRDGQAYVRKDGEWVLLSTFLSAGGLNDIFEAQKIEWHEGASGENLYFQGHHHHHHHH
;
A,B,C
2 'polypeptide(L)'
;MKRGLCCVLLLCGAVFVSPSASQVQLVESGGGVVQPGRSLRLSCAASGFTFSSYGMHWVRQAPGKGLEWVAVIWYDGTNT
YYADSVKGRFTISRDNSKNTLYLQMNSLRAEDTAVYYCARDLAYRDYVWRYFDLWGRGTLVTVSGASTKGPSVFPLAPSS
KSTSGGTAALGCLVKDYFPEPVTVSWNSGALTSGVHTFPAVLQSSGLYSLSSVVTVPSSSLGTQTYICNVNHKPSNTKVD
KRVEPKSCDR
;
D,F,H
3 'polypeptide(L)'
;MKRGLCCVLLLCGAVFVSPSASEIVLTQSPATLSLSPGERATLSCRASQSVSTYLAWYQQKFGQAPRLLIYDASNRATGI
PARFSGSGSGTDFTLTISSLEPEDFAVYYCQCRSNWPPGITFGQGTRLEIKRTVAAPSVFIFPPSDEQLKSGTASVVCLL
NNFYPREAKVQWKVDNALQSGNSQESVTEQDSKDSTYSLSSTLTLSKADYEKHKVYACEVTHQGLSSPVTKSFNRGEC
;
E,G,L
#
# COMPACT_ATOMS: atom_id res chain seq x y z
N ALA A 27 55.03 -15.53 -6.23
CA ALA A 27 54.29 -16.76 -6.53
C ALA A 27 52.84 -16.61 -6.12
N TYR A 28 51.98 -17.46 -6.65
CA TYR A 28 50.59 -17.55 -6.26
C TYR A 28 50.25 -19.01 -5.99
N THR A 29 49.27 -19.24 -5.12
CA THR A 29 48.77 -20.59 -4.87
C THR A 29 47.26 -20.60 -4.99
N ASN A 30 46.69 -21.76 -5.27
CA ASN A 30 45.25 -21.92 -5.34
C ASN A 30 44.69 -22.06 -3.93
N SER A 31 43.81 -21.14 -3.53
CA SER A 31 43.26 -21.19 -2.18
C SER A 31 42.25 -22.30 -1.99
N PHE A 32 41.75 -22.90 -3.05
CA PHE A 32 40.68 -23.89 -2.98
C PHE A 32 39.47 -23.31 -2.23
N THR A 33 39.01 -23.96 -1.16
CA THR A 33 37.78 -23.56 -0.47
C THR A 33 38.06 -23.08 0.94
N ARG A 34 39.29 -22.71 1.24
CA ARG A 34 39.65 -22.26 2.57
C ARG A 34 39.31 -20.79 2.74
N GLY A 35 39.22 -20.37 4.00
CA GLY A 35 38.92 -19.00 4.35
C GLY A 35 37.53 -18.77 4.88
N VAL A 36 36.79 -19.82 5.18
CA VAL A 36 35.41 -19.73 5.63
C VAL A 36 35.41 -19.75 7.15
N TYR A 37 34.56 -18.92 7.75
CA TYR A 37 34.57 -18.75 9.19
C TYR A 37 33.15 -18.48 9.65
N TYR A 38 32.93 -18.64 10.94
CA TYR A 38 31.59 -18.45 11.45
C TYR A 38 31.24 -16.97 11.37
N PRO A 39 30.27 -16.55 10.56
CA PRO A 39 30.04 -15.11 10.40
C PRO A 39 29.58 -14.42 11.66
N ASP A 40 28.99 -15.14 12.61
CA ASP A 40 28.43 -14.55 13.81
C ASP A 40 28.55 -15.56 14.94
N LYS A 41 27.85 -15.31 16.04
CA LYS A 41 27.93 -16.12 17.25
C LYS A 41 26.62 -16.83 17.51
N VAL A 42 25.89 -17.18 16.47
CA VAL A 42 24.57 -17.78 16.60
C VAL A 42 24.72 -19.25 16.29
N PHE A 43 24.19 -20.10 17.15
CA PHE A 43 24.10 -21.51 16.87
C PHE A 43 22.98 -21.75 15.87
N ARG A 44 23.28 -22.51 14.83
CA ARG A 44 22.30 -22.98 13.87
C ARG A 44 22.64 -24.43 13.61
N SER A 45 21.66 -25.24 13.28
CA SER A 45 21.91 -26.67 13.23
C SER A 45 21.06 -27.35 12.17
N SER A 46 21.67 -28.34 11.52
CA SER A 46 21.08 -29.06 10.40
C SER A 46 20.39 -28.12 9.42
N VAL A 47 21.08 -27.03 9.08
CA VAL A 47 20.46 -25.99 8.27
C VAL A 47 21.48 -25.32 7.39
N LEU A 48 21.04 -24.91 6.20
CA LEU A 48 21.83 -24.14 5.25
C LEU A 48 21.44 -22.68 5.34
N HIS A 49 22.36 -21.83 5.77
CA HIS A 49 22.09 -20.42 5.99
C HIS A 49 22.88 -19.59 5.01
N SER A 50 22.19 -18.68 4.32
CA SER A 50 22.80 -17.80 3.33
C SER A 50 23.14 -16.47 3.98
N THR A 51 24.40 -16.06 3.87
CA THR A 51 24.87 -14.85 4.54
C THR A 51 25.83 -14.13 3.62
N GLN A 52 25.92 -12.82 3.79
CA GLN A 52 26.78 -11.99 2.96
C GLN A 52 27.77 -11.31 3.88
N ASP A 53 29.05 -11.46 3.55
CA ASP A 53 30.08 -10.97 4.44
C ASP A 53 31.36 -10.84 3.64
N LEU A 54 32.40 -10.38 4.30
CA LEU A 54 33.72 -10.31 3.71
C LEU A 54 34.34 -11.69 3.85
N PHE A 55 34.39 -12.43 2.74
CA PHE A 55 34.84 -13.80 2.73
C PHE A 55 35.96 -13.92 1.71
N LEU A 56 36.80 -14.93 1.87
CA LEU A 56 37.75 -15.20 0.80
C LEU A 56 36.98 -15.82 -0.35
N PRO A 57 37.05 -15.27 -1.57
CA PRO A 57 36.40 -15.94 -2.70
C PRO A 57 36.97 -17.34 -2.90
N PHE A 58 36.10 -18.28 -3.24
CA PHE A 58 36.58 -19.63 -3.45
C PHE A 58 37.42 -19.66 -4.71
N PHE A 59 38.48 -20.44 -4.67
CA PHE A 59 39.36 -20.67 -5.81
C PHE A 59 39.94 -19.39 -6.37
N SER A 60 40.04 -18.31 -5.58
CA SER A 60 40.96 -17.25 -5.96
C SER A 60 42.35 -17.69 -5.58
N ASN A 61 43.36 -17.05 -6.15
CA ASN A 61 44.73 -17.36 -5.79
C ASN A 61 45.28 -16.38 -4.76
N VAL A 62 46.01 -16.96 -3.81
CA VAL A 62 46.50 -16.30 -2.62
C VAL A 62 48.00 -16.09 -2.79
N THR A 63 48.45 -14.86 -2.60
CA THR A 63 49.87 -14.57 -2.76
C THR A 63 50.64 -15.36 -1.71
N TRP A 64 51.83 -15.81 -2.09
CA TRP A 64 52.62 -16.70 -1.25
C TRP A 64 53.96 -16.03 -1.01
N PHE A 65 54.33 -15.91 0.25
CA PHE A 65 55.57 -15.30 0.69
C PHE A 65 56.42 -16.33 1.42
N HIS A 66 57.70 -16.38 1.06
CA HIS A 66 58.66 -17.25 1.71
C HIS A 66 59.45 -16.48 2.77
N ASN A 81 57.49 -10.49 5.57
CA ASN A 81 58.48 -9.42 5.52
C ASN A 81 57.90 -8.12 4.95
N PRO A 82 57.47 -8.12 3.69
CA PRO A 82 57.02 -6.86 3.07
C PRO A 82 55.68 -6.42 3.62
N VAL A 83 55.41 -5.13 3.48
CA VAL A 83 54.14 -4.55 3.91
C VAL A 83 53.14 -4.70 2.77
N LEU A 84 51.97 -5.26 3.08
CA LEU A 84 50.89 -5.48 2.16
C LEU A 84 49.73 -4.53 2.44
N PRO A 85 48.89 -4.21 1.45
CA PRO A 85 47.61 -3.57 1.76
C PRO A 85 46.74 -4.49 2.59
N PHE A 86 45.85 -3.88 3.39
CA PHE A 86 44.87 -4.63 4.16
C PHE A 86 43.49 -4.63 3.52
N ASN A 87 43.13 -3.55 2.83
CA ASN A 87 41.90 -3.46 2.02
C ASN A 87 40.71 -3.75 2.93
N ASP A 88 39.83 -4.69 2.59
CA ASP A 88 38.64 -4.94 3.38
C ASP A 88 38.90 -5.89 4.54
N GLY A 89 39.86 -6.79 4.38
CA GLY A 89 40.23 -7.73 5.41
C GLY A 89 41.23 -8.69 4.82
N VAL A 90 41.96 -9.43 5.64
CA VAL A 90 43.02 -10.30 5.18
C VAL A 90 42.76 -11.70 5.69
N TYR A 91 42.88 -12.67 4.82
CA TYR A 91 43.05 -14.06 5.21
C TYR A 91 44.54 -14.35 5.22
N PHE A 92 45.03 -14.87 6.32
CA PHE A 92 46.43 -15.16 6.50
C PHE A 92 46.53 -16.62 6.88
N ALA A 93 47.49 -17.31 6.31
CA ALA A 93 47.68 -18.71 6.65
C ALA A 93 49.16 -18.98 6.60
N SER A 94 49.60 -19.90 7.44
CA SER A 94 51.00 -20.26 7.47
C SER A 94 51.11 -21.74 7.71
N THR A 95 52.21 -22.32 7.23
CA THR A 95 52.56 -23.70 7.52
C THR A 95 53.93 -23.68 8.15
N GLU A 96 54.01 -24.12 9.40
CA GLU A 96 55.25 -24.02 10.15
C GLU A 96 55.58 -25.35 10.82
N LYS A 97 56.87 -25.52 11.05
CA LYS A 97 57.45 -26.59 11.85
C LYS A 97 58.08 -26.05 13.12
N SER A 98 58.77 -24.91 13.02
CA SER A 98 59.53 -24.31 14.10
C SER A 98 58.95 -22.99 14.59
N ASN A 99 57.72 -22.65 14.16
CA ASN A 99 57.00 -21.48 14.67
C ASN A 99 57.81 -20.19 14.52
N ILE A 100 58.39 -20.00 13.33
CA ILE A 100 59.11 -18.76 13.05
C ILE A 100 58.15 -17.56 13.06
N ILE A 101 56.97 -17.69 12.45
CA ILE A 101 56.09 -16.53 12.35
C ILE A 101 55.48 -16.24 13.71
N ARG A 102 55.63 -14.99 14.18
CA ARG A 102 55.16 -14.61 15.49
C ARG A 102 54.05 -13.58 15.54
N GLY A 103 53.89 -12.69 14.56
CA GLY A 103 52.98 -11.61 14.83
C GLY A 103 52.70 -10.71 13.64
N TRP A 104 51.99 -9.62 13.92
CA TRP A 104 51.52 -8.69 12.91
C TRP A 104 51.59 -7.24 13.38
N ILE A 105 51.78 -6.34 12.41
CA ILE A 105 51.58 -4.90 12.55
C ILE A 105 50.47 -4.50 11.61
N PHE A 106 49.48 -3.76 12.11
CA PHE A 106 48.42 -3.19 11.30
C PHE A 106 48.34 -1.69 11.51
N GLY A 107 48.10 -0.94 10.42
CA GLY A 107 47.64 0.44 10.57
C GLY A 107 47.66 1.19 9.26
N THR A 108 47.96 2.49 9.35
CA THR A 108 47.96 3.36 8.18
C THR A 108 49.34 3.88 7.80
N THR A 109 50.07 4.44 8.76
CA THR A 109 51.40 4.97 8.54
C THR A 109 52.49 4.01 8.98
N LEU A 110 52.17 3.11 9.92
CA LEU A 110 53.12 2.13 10.45
C LEU A 110 54.41 2.78 10.95
N ASP A 111 54.35 4.04 11.37
CA ASP A 111 55.35 4.60 12.26
C ASP A 111 54.60 5.38 13.34
N SER A 112 55.35 5.99 14.26
CA SER A 112 54.74 6.99 15.12
C SER A 112 54.22 8.13 14.27
N LYS A 113 53.00 8.59 14.61
CA LYS A 113 52.19 9.61 13.93
C LYS A 113 50.70 9.23 14.00
N THR A 114 50.40 7.99 14.38
CA THR A 114 49.04 7.46 14.45
C THR A 114 49.10 6.19 15.28
N GLN A 115 47.93 5.76 15.74
CA GLN A 115 47.88 4.50 16.48
C GLN A 115 48.11 3.35 15.52
N SER A 116 48.82 2.33 15.99
CA SER A 116 49.07 1.13 15.20
C SER A 116 48.94 -0.10 16.08
N LEU A 117 48.35 -1.14 15.52
CA LEU A 117 48.06 -2.37 16.24
C LEU A 117 49.22 -3.34 16.10
N LEU A 118 49.74 -3.81 17.23
CA LEU A 118 50.87 -4.75 17.25
C LEU A 118 50.40 -6.00 17.98
N ILE A 119 50.45 -7.13 17.29
CA ILE A 119 49.97 -8.42 17.77
C ILE A 119 51.15 -9.36 17.78
N VAL A 120 51.64 -9.75 18.95
CA VAL A 120 52.79 -10.65 19.01
C VAL A 120 52.47 -11.82 19.92
N ASN A 121 52.64 -13.02 19.40
CA ASN A 121 52.51 -14.27 20.13
C ASN A 121 53.91 -14.70 20.54
N ASN A 122 54.18 -14.73 21.85
CA ASN A 122 55.52 -14.99 22.33
C ASN A 122 55.46 -15.89 23.56
N ALA A 123 56.19 -17.00 23.45
CA ALA A 123 56.27 -18.03 24.47
C ALA A 123 54.88 -18.58 24.72
N THR A 124 54.30 -18.33 25.89
CA THR A 124 53.01 -18.91 26.21
C THR A 124 51.83 -18.06 25.79
N ASN A 125 52.01 -16.77 25.46
CA ASN A 125 50.85 -15.89 25.45
C ASN A 125 50.97 -14.81 24.37
N VAL A 126 49.93 -14.00 24.29
CA VAL A 126 49.69 -13.06 23.20
C VAL A 126 49.66 -11.66 23.77
N VAL A 127 50.46 -10.75 23.21
CA VAL A 127 50.42 -9.35 23.57
C VAL A 127 49.86 -8.57 22.40
N ILE A 128 48.74 -7.90 22.61
CA ILE A 128 48.09 -7.04 21.64
C ILE A 128 48.09 -5.63 22.19
N LYS A 129 48.73 -4.70 21.49
CA LYS A 129 48.80 -3.34 22.00
C LYS A 129 48.83 -2.36 20.85
N VAL A 130 48.28 -1.18 21.10
CA VAL A 130 47.87 -0.26 20.05
C VAL A 130 48.62 1.06 20.23
N CYS A 131 49.82 1.01 20.79
CA CYS A 131 50.51 2.26 21.00
C CYS A 131 51.02 2.81 19.67
N GLU A 132 51.38 4.09 19.68
CA GLU A 132 51.94 4.77 18.51
C GLU A 132 53.40 4.36 18.35
N PHE A 133 53.60 3.09 17.99
CA PHE A 133 54.95 2.55 17.96
C PHE A 133 55.73 3.11 16.78
N GLN A 134 57.01 3.40 17.01
CA GLN A 134 57.93 3.81 15.94
C GLN A 134 58.56 2.52 15.42
N PHE A 135 58.10 2.05 14.27
CA PHE A 135 58.45 0.71 13.82
C PHE A 135 59.81 0.67 13.13
N CYS A 136 60.40 -0.52 13.14
CA CYS A 136 61.66 -0.76 12.47
C CYS A 136 61.48 -0.79 10.96
N ASN A 137 62.58 -0.53 10.25
CA ASN A 137 62.53 -0.58 8.79
C ASN A 137 62.24 -1.98 8.30
N ASP A 138 62.76 -3.01 8.99
CA ASP A 138 62.36 -4.40 8.75
C ASP A 138 62.23 -5.08 10.11
N PRO A 139 61.10 -4.89 10.81
CA PRO A 139 60.97 -5.46 12.15
C PRO A 139 61.02 -6.98 12.16
N PHE A 140 61.46 -7.53 13.29
CA PHE A 140 61.37 -8.97 13.52
C PHE A 140 61.58 -9.30 15.00
N ASN A 164 54.71 4.98 23.30
CA ASN A 164 53.96 6.19 22.99
C ASN A 164 52.49 6.00 23.34
N ASN A 165 51.66 6.98 23.00
CA ASN A 165 50.25 7.01 23.39
C ASN A 165 49.55 5.69 23.10
N CYS A 166 49.06 5.05 24.16
CA CYS A 166 48.35 3.79 24.13
C CYS A 166 46.85 4.03 24.00
N THR A 167 46.13 2.98 23.63
CA THR A 167 44.70 2.96 23.92
C THR A 167 44.19 1.67 24.56
N PHE A 168 44.90 0.54 24.44
CA PHE A 168 44.73 -0.56 25.40
C PHE A 168 45.83 -1.59 25.18
N GLU A 169 45.87 -2.54 26.11
CA GLU A 169 46.87 -3.60 26.16
C GLU A 169 46.13 -4.86 26.58
N TYR A 170 45.97 -5.78 25.63
CA TYR A 170 45.22 -7.02 25.80
C TYR A 170 46.19 -8.18 25.85
N VAL A 171 46.12 -9.00 26.90
CA VAL A 171 46.87 -10.24 26.98
C VAL A 171 45.91 -11.41 27.15
N SER A 172 46.01 -12.39 26.26
CA SER A 172 45.27 -13.64 26.37
C SER A 172 46.17 -14.83 26.13
N LYS A 187 54.09 -28.77 9.04
CA LYS A 187 53.14 -29.71 9.61
C LYS A 187 51.97 -28.98 10.24
N ASN A 188 52.27 -27.83 10.86
CA ASN A 188 51.28 -27.08 11.62
C ASN A 188 50.70 -26.02 10.70
N LEU A 189 49.45 -26.22 10.28
CA LEU A 189 48.73 -25.24 9.46
C LEU A 189 47.93 -24.34 10.39
N ARG A 190 48.24 -23.04 10.37
CA ARG A 190 47.54 -22.07 11.18
C ARG A 190 46.88 -21.07 10.24
N GLU A 191 45.56 -20.95 10.32
CA GLU A 191 44.77 -20.06 9.49
C GLU A 191 44.18 -18.98 10.38
N PHE A 192 44.21 -17.74 9.90
CA PHE A 192 43.65 -16.61 10.60
C PHE A 192 42.90 -15.76 9.61
N VAL A 193 41.86 -15.08 10.09
CA VAL A 193 41.19 -14.02 9.34
C VAL A 193 41.22 -12.78 10.21
N PHE A 194 41.78 -11.71 9.67
CA PHE A 194 41.94 -10.42 10.34
C PHE A 194 41.06 -9.43 9.61
N LYS A 195 39.97 -8.99 10.24
CA LYS A 195 39.05 -8.11 9.53
C LYS A 195 38.54 -7.03 10.47
N ASN A 196 38.13 -5.91 9.87
CA ASN A 196 37.70 -4.73 10.58
C ASN A 196 36.27 -4.40 10.16
N TYR A 200 35.25 -2.27 15.01
CA TYR A 200 36.15 -3.07 15.83
C TYR A 200 36.79 -4.24 15.08
N PHE A 201 37.91 -4.69 15.60
CA PHE A 201 38.88 -5.54 14.91
C PHE A 201 38.70 -6.98 15.34
N LYS A 202 38.37 -7.85 14.40
CA LYS A 202 37.98 -9.23 14.70
C LYS A 202 39.04 -10.17 14.16
N ILE A 203 39.45 -11.13 14.99
CA ILE A 203 40.39 -12.18 14.61
C ILE A 203 39.69 -13.51 14.78
N TYR A 204 39.66 -14.29 13.69
CA TYR A 204 39.18 -15.66 13.64
C TYR A 204 40.36 -16.55 13.36
N SER A 205 40.36 -17.78 13.85
CA SER A 205 41.46 -18.66 13.43
C SER A 205 41.10 -20.13 13.60
N LYS A 206 41.96 -20.96 13.03
CA LYS A 206 41.85 -22.40 13.01
C LYS A 206 43.26 -22.99 12.99
N HIS A 207 43.48 -24.03 13.78
CA HIS A 207 44.78 -24.70 13.86
C HIS A 207 44.56 -26.17 13.52
N THR A 208 45.11 -26.62 12.39
CA THR A 208 44.93 -28.00 11.94
C THR A 208 46.26 -28.65 11.56
N PRO A 209 46.43 -29.96 11.83
CA PRO A 209 47.58 -30.67 11.23
C PRO A 209 47.37 -30.92 9.76
N ILE A 210 48.45 -30.78 8.98
CA ILE A 210 48.49 -31.28 7.61
C ILE A 210 49.90 -31.80 7.38
N ASN A 211 50.15 -32.38 6.21
CA ASN A 211 51.48 -32.83 5.83
C ASN A 211 51.69 -32.75 4.31
N ASP A 215 49.90 -26.09 -3.09
CA ASP A 215 50.56 -26.31 -1.83
C ASP A 215 49.62 -26.10 -0.64
N LEU A 216 48.60 -25.25 -0.83
CA LEU A 216 47.72 -24.86 0.26
C LEU A 216 46.54 -25.82 0.31
N PRO A 217 46.38 -26.61 1.39
CA PRO A 217 45.65 -27.88 1.30
C PRO A 217 44.24 -27.75 0.74
N GLN A 218 43.86 -28.72 -0.08
CA GLN A 218 42.49 -28.79 -0.54
C GLN A 218 41.69 -29.56 0.50
N GLY A 219 40.51 -29.04 0.78
CA GLY A 219 39.69 -29.57 1.85
C GLY A 219 38.72 -28.49 2.26
N PHE A 220 37.93 -28.79 3.29
CA PHE A 220 37.17 -27.76 3.97
C PHE A 220 37.35 -27.88 5.47
N SER A 221 37.57 -26.73 6.11
CA SER A 221 37.33 -26.56 7.52
C SER A 221 37.05 -25.10 7.74
N ALA A 222 36.39 -24.79 8.85
CA ALA A 222 35.88 -23.46 9.12
C ALA A 222 36.64 -22.87 10.29
N LEU A 223 36.83 -21.57 10.25
CA LEU A 223 37.55 -20.87 11.30
C LEU A 223 36.54 -20.31 12.27
N GLU A 224 36.96 -20.16 13.53
CA GLU A 224 36.02 -19.78 14.58
C GLU A 224 36.51 -18.52 15.26
N PRO A 225 35.62 -17.63 15.69
CA PRO A 225 36.09 -16.39 16.28
C PRO A 225 36.78 -16.69 17.59
N LEU A 226 37.96 -16.11 17.78
CA LEU A 226 38.60 -16.16 19.08
C LEU A 226 38.88 -14.81 19.71
N VAL A 227 39.26 -13.78 18.96
CA VAL A 227 39.59 -12.50 19.59
C VAL A 227 38.81 -11.36 18.95
N ASP A 228 38.32 -10.44 19.79
CA ASP A 228 37.52 -9.29 19.37
C ASP A 228 37.97 -8.00 20.07
N LEU A 229 38.59 -7.08 19.33
CA LEU A 229 39.23 -5.86 19.84
C LEU A 229 38.48 -4.57 19.54
N PRO A 230 37.91 -3.88 20.54
CA PRO A 230 37.19 -2.61 20.30
C PRO A 230 38.09 -1.39 20.18
N ILE A 231 38.86 -1.28 19.08
CA ILE A 231 39.94 -0.29 19.00
C ILE A 231 39.50 0.94 18.24
N GLY A 232 38.71 0.80 17.19
CA GLY A 232 38.41 1.94 16.36
C GLY A 232 39.59 2.46 15.56
N ILE A 233 40.59 1.63 15.29
CA ILE A 233 41.75 2.04 14.51
C ILE A 233 41.43 1.93 13.04
N ASN A 234 41.92 2.91 12.26
CA ASN A 234 41.93 2.83 10.81
C ASN A 234 43.07 1.92 10.38
N ILE A 235 42.73 0.78 9.76
CA ILE A 235 43.71 -0.17 9.25
C ILE A 235 43.62 -0.16 7.74
N THR A 236 44.74 0.08 7.07
CA THR A 236 44.83 -0.08 5.62
C THR A 236 46.00 -0.93 5.15
N ARG A 237 47.02 -1.15 5.99
CA ARG A 237 48.27 -1.81 5.61
C ARG A 237 48.71 -2.70 6.76
N PHE A 238 49.36 -3.83 6.42
CA PHE A 238 49.88 -4.65 7.50
C PHE A 238 51.13 -5.41 7.08
N GLN A 239 51.87 -5.86 8.09
CA GLN A 239 53.17 -6.52 7.95
C GLN A 239 53.27 -7.70 8.90
N THR A 240 53.88 -8.77 8.43
CA THR A 240 54.11 -10.00 9.21
C THR A 240 55.45 -9.97 9.93
N LEU A 241 55.43 -10.29 11.24
CA LEU A 241 56.62 -10.37 12.07
C LEU A 241 57.04 -11.82 12.23
N LEU A 242 58.25 -12.12 11.78
CA LEU A 242 58.77 -13.48 11.76
C LEU A 242 59.60 -13.75 13.01
N ALA A 263 59.63 -21.30 6.46
CA ALA A 263 58.96 -20.00 6.53
C ALA A 263 58.08 -19.78 5.30
N ALA A 264 56.89 -20.38 5.32
CA ALA A 264 55.94 -20.29 4.22
C ALA A 264 54.61 -19.77 4.73
N TYR A 265 54.16 -18.64 4.18
CA TYR A 265 52.86 -18.11 4.55
C TYR A 265 52.15 -17.54 3.33
N TYR A 266 50.83 -17.51 3.42
CA TYR A 266 49.94 -17.11 2.34
C TYR A 266 49.06 -15.96 2.81
N VAL A 267 48.83 -15.01 1.92
CA VAL A 267 47.97 -13.86 2.17
C VAL A 267 46.95 -13.78 1.05
N GLY A 268 45.65 -13.84 1.41
CA GLY A 268 44.59 -13.51 0.50
C GLY A 268 43.76 -12.36 1.05
N TYR A 269 42.82 -11.89 0.23
CA TYR A 269 42.01 -10.73 0.56
C TYR A 269 40.55 -11.09 0.53
N LEU A 270 39.81 -10.57 1.50
CA LEU A 270 38.38 -10.83 1.61
C LEU A 270 37.60 -9.86 0.73
N GLN A 271 36.45 -10.33 0.27
CA GLN A 271 35.60 -9.62 -0.67
C GLN A 271 34.16 -9.75 -0.23
N PRO A 272 33.33 -8.71 -0.45
CA PRO A 272 31.98 -8.71 0.12
C PRO A 272 31.04 -9.68 -0.58
N ARG A 273 31.31 -10.96 -0.42
CA ARG A 273 30.66 -12.02 -1.16
C ARG A 273 29.59 -12.73 -0.33
N THR A 274 28.56 -13.21 -1.03
CA THR A 274 27.54 -14.05 -0.43
C THR A 274 27.98 -15.51 -0.43
N PHE A 275 27.78 -16.18 0.70
CA PHE A 275 28.09 -17.59 0.88
C PHE A 275 26.86 -18.30 1.42
N LEU A 276 26.66 -19.54 1.00
CA LEU A 276 25.72 -20.42 1.66
C LEU A 276 26.51 -21.36 2.56
N LEU A 277 26.29 -21.28 3.86
CA LEU A 277 27.03 -22.06 4.84
C LEU A 277 26.17 -23.22 5.33
N LYS A 278 26.72 -24.43 5.34
CA LYS A 278 26.01 -25.61 5.79
C LYS A 278 26.39 -25.94 7.22
N TYR A 279 25.44 -25.84 8.15
CA TYR A 279 25.68 -26.28 9.52
C TYR A 279 25.10 -27.68 9.71
N ASN A 280 25.89 -28.54 10.35
CA ASN A 280 25.46 -29.86 10.78
C ASN A 280 24.75 -29.71 12.11
N GLU A 281 24.44 -30.83 12.76
CA GLU A 281 23.54 -30.79 13.90
C GLU A 281 24.23 -30.25 15.16
N ASN A 282 25.54 -30.41 15.28
CA ASN A 282 26.25 -29.78 16.38
C ASN A 282 26.56 -28.31 16.15
N GLY A 283 26.09 -27.72 15.05
CA GLY A 283 26.37 -26.34 14.78
C GLY A 283 27.80 -26.06 14.36
N THR A 284 28.46 -27.03 13.73
CA THR A 284 29.72 -26.85 13.05
C THR A 284 29.47 -26.64 11.56
N ILE A 285 30.10 -25.65 10.97
CA ILE A 285 29.98 -25.46 9.53
C ILE A 285 30.86 -26.50 8.87
N THR A 286 30.24 -27.37 8.07
CA THR A 286 30.96 -28.47 7.43
C THR A 286 31.17 -28.28 5.95
N ASP A 287 30.39 -27.41 5.30
CA ASP A 287 30.65 -27.08 3.91
C ASP A 287 30.16 -25.66 3.64
N ALA A 288 30.44 -25.19 2.43
CA ALA A 288 29.95 -23.88 2.03
C ALA A 288 30.01 -23.76 0.52
N VAL A 289 29.08 -22.99 -0.02
CA VAL A 289 28.95 -22.72 -1.44
C VAL A 289 29.20 -21.24 -1.67
N ASP A 290 30.15 -20.93 -2.54
CA ASP A 290 30.48 -19.56 -2.92
C ASP A 290 29.53 -19.12 -4.03
N CYS A 291 28.58 -18.24 -3.71
CA CYS A 291 27.46 -17.98 -4.61
C CYS A 291 27.86 -17.30 -5.91
N ALA A 292 29.09 -16.78 -6.03
CA ALA A 292 29.53 -16.06 -7.20
C ALA A 292 30.62 -16.80 -7.96
N LEU A 293 30.90 -18.04 -7.58
CA LEU A 293 32.01 -18.77 -8.19
C LEU A 293 31.71 -19.18 -9.61
N ASP A 294 30.50 -19.65 -9.88
CA ASP A 294 30.17 -20.27 -11.16
C ASP A 294 28.67 -20.51 -11.20
N PRO A 295 28.10 -20.75 -12.40
CA PRO A 295 26.65 -20.94 -12.49
C PRO A 295 26.06 -21.95 -11.54
N LEU A 296 26.75 -23.06 -11.27
CA LEU A 296 26.17 -24.07 -10.41
C LEU A 296 26.08 -23.57 -8.98
N SER A 297 27.08 -22.84 -8.51
CA SER A 297 27.01 -22.26 -7.18
C SER A 297 25.90 -21.23 -7.09
N GLU A 298 25.70 -20.46 -8.15
CA GLU A 298 24.57 -19.52 -8.15
C GLU A 298 23.25 -20.28 -8.03
N THR A 299 23.13 -21.41 -8.73
CA THR A 299 21.91 -22.20 -8.60
C THR A 299 21.74 -22.71 -7.18
N LYS A 300 22.82 -23.23 -6.59
CA LYS A 300 22.77 -23.74 -5.23
C LYS A 300 22.34 -22.68 -4.25
N CYS A 301 22.87 -21.47 -4.39
CA CYS A 301 22.46 -20.38 -3.52
C CYS A 301 21.02 -19.98 -3.75
N THR A 302 20.59 -19.94 -5.01
CA THR A 302 19.21 -19.60 -5.33
C THR A 302 18.25 -20.59 -4.70
N LEU A 303 18.55 -21.88 -4.76
CA LEU A 303 17.67 -22.89 -4.20
C LEU A 303 17.95 -23.20 -2.75
N LYS A 304 18.95 -22.55 -2.14
CA LYS A 304 19.33 -22.79 -0.74
C LYS A 304 19.54 -24.27 -0.48
N SER A 305 20.31 -24.92 -1.34
CA SER A 305 20.55 -26.35 -1.20
C SER A 305 21.89 -26.71 -1.82
N PHE A 306 22.50 -27.75 -1.28
CA PHE A 306 23.71 -28.32 -1.84
C PHE A 306 23.44 -29.43 -2.82
N THR A 307 22.18 -29.78 -3.04
CA THR A 307 21.76 -30.71 -4.08
C THR A 307 20.76 -29.98 -4.95
N VAL A 308 20.96 -30.05 -6.26
CA VAL A 308 20.13 -29.38 -7.23
C VAL A 308 19.53 -30.47 -8.10
N GLU A 309 18.21 -30.48 -8.20
CA GLU A 309 17.52 -31.45 -9.02
C GLU A 309 17.63 -31.07 -10.48
N LYS A 310 17.49 -32.07 -11.35
CA LYS A 310 17.54 -31.84 -12.79
C LYS A 310 16.45 -30.85 -13.19
N GLY A 311 16.83 -29.88 -13.99
CA GLY A 311 15.88 -28.89 -14.48
C GLY A 311 16.61 -27.59 -14.79
N ILE A 312 15.80 -26.59 -15.11
CA ILE A 312 16.27 -25.26 -15.46
C ILE A 312 15.80 -24.29 -14.39
N TYR A 313 16.74 -23.53 -13.83
CA TYR A 313 16.47 -22.63 -12.74
C TYR A 313 16.96 -21.25 -13.12
N GLN A 314 16.19 -20.23 -12.79
CA GLN A 314 16.59 -18.86 -13.05
C GLN A 314 17.37 -18.38 -11.86
N THR A 315 18.61 -17.98 -12.09
CA THR A 315 19.52 -17.67 -11.01
C THR A 315 19.98 -16.23 -11.00
N SER A 316 19.97 -15.52 -12.12
CA SER A 316 20.32 -14.12 -12.02
C SER A 316 19.66 -13.34 -13.14
N ASN A 317 20.06 -12.08 -13.25
CA ASN A 317 19.64 -11.15 -14.27
C ASN A 317 20.90 -10.46 -14.75
N PHE A 318 21.01 -10.24 -16.06
CA PHE A 318 22.23 -9.66 -16.61
C PHE A 318 21.89 -8.44 -17.44
N ARG A 319 22.76 -7.45 -17.30
CA ARG A 319 22.71 -6.14 -17.94
C ARG A 319 23.98 -5.99 -18.73
N VAL A 320 23.87 -5.66 -20.02
CA VAL A 320 25.08 -5.28 -20.75
C VAL A 320 25.29 -3.79 -20.47
N GLN A 321 26.18 -3.50 -19.53
CA GLN A 321 26.36 -2.13 -19.09
C GLN A 321 26.90 -1.25 -20.21
N PRO A 322 26.64 0.05 -20.17
CA PRO A 322 27.17 0.92 -21.22
C PRO A 322 28.68 0.91 -21.29
N THR A 323 29.21 1.45 -22.39
CA THR A 323 30.64 1.71 -22.49
C THR A 323 30.98 3.19 -22.59
N GLU A 324 30.35 3.94 -23.51
CA GLU A 324 30.63 5.35 -23.71
C GLU A 324 29.42 6.21 -23.32
N SER A 325 29.71 7.37 -22.73
CA SER A 325 28.75 8.48 -22.61
C SER A 325 28.86 9.39 -23.83
N ILE A 326 27.94 9.27 -24.80
CA ILE A 326 27.89 10.21 -25.91
C ILE A 326 27.09 11.44 -25.50
N VAL A 327 27.34 12.57 -26.18
CA VAL A 327 26.50 13.77 -26.14
C VAL A 327 26.53 14.43 -27.53
N ARG A 328 25.38 14.55 -28.17
CA ARG A 328 25.22 15.29 -29.42
C ARG A 328 24.35 16.51 -29.20
N PHE A 329 24.93 17.68 -29.34
CA PHE A 329 24.25 18.96 -29.26
C PHE A 329 24.16 19.61 -30.64
N PRO A 330 23.44 20.72 -30.78
CA PRO A 330 23.35 21.39 -32.07
C PRO A 330 24.69 21.92 -32.57
N ASN A 331 24.73 22.21 -33.86
CA ASN A 331 25.91 22.76 -34.53
C ASN A 331 25.92 24.24 -34.22
N ILE A 332 26.77 24.64 -33.25
CA ILE A 332 26.83 26.01 -32.75
C ILE A 332 26.90 27.01 -33.89
N THR A 333 25.98 27.97 -33.85
CA THR A 333 25.90 29.05 -34.82
C THR A 333 25.25 30.23 -34.12
N ASN A 334 25.06 31.33 -34.86
CA ASN A 334 24.47 32.55 -34.33
C ASN A 334 25.36 33.13 -33.23
N LEU A 335 26.66 33.19 -33.49
CA LEU A 335 27.53 33.94 -32.60
C LEU A 335 27.15 35.41 -32.63
N CYS A 336 27.03 35.97 -31.50
CA CYS A 336 26.83 37.39 -31.21
C CYS A 336 28.14 38.18 -31.15
N PRO A 337 28.05 39.48 -31.54
CA PRO A 337 29.21 40.22 -32.06
C PRO A 337 30.27 40.61 -31.04
N PHE A 338 30.84 39.66 -30.31
CA PHE A 338 31.96 40.01 -29.45
C PHE A 338 33.12 40.55 -30.25
N GLY A 339 33.29 40.09 -31.49
CA GLY A 339 34.29 40.71 -32.37
C GLY A 339 34.08 42.19 -32.55
N GLU A 340 32.83 42.62 -32.68
CA GLU A 340 32.59 44.05 -32.80
C GLU A 340 32.80 44.75 -31.46
N VAL A 341 32.30 44.16 -30.38
CA VAL A 341 32.41 44.77 -29.05
C VAL A 341 33.87 45.05 -28.70
N PHE A 342 34.77 44.11 -29.02
CA PHE A 342 36.18 44.26 -28.68
C PHE A 342 36.98 45.04 -29.73
N ASN A 343 36.66 44.89 -31.01
CA ASN A 343 37.40 45.54 -32.08
C ASN A 343 36.70 46.80 -32.62
N ALA A 344 35.58 47.22 -32.01
CA ALA A 344 34.73 48.29 -32.56
C ALA A 344 35.50 49.51 -33.06
N THR A 345 36.27 50.17 -32.17
CA THR A 345 37.16 51.30 -32.46
C THR A 345 37.48 52.13 -31.22
N ARG A 346 36.47 52.46 -30.40
CA ARG A 346 36.68 53.42 -29.32
C ARG A 346 35.56 53.28 -28.29
N PHE A 347 35.61 54.14 -27.27
CA PHE A 347 34.46 54.70 -26.56
C PHE A 347 34.96 55.92 -25.80
N ALA A 348 34.05 56.88 -25.56
CA ALA A 348 34.46 58.24 -25.24
C ALA A 348 33.83 58.84 -23.99
N SER A 349 33.21 58.06 -23.11
CA SER A 349 32.71 58.56 -21.84
C SER A 349 33.44 57.88 -20.68
N VAL A 350 33.52 58.60 -19.55
CA VAL A 350 34.05 58.02 -18.32
C VAL A 350 33.11 58.14 -17.13
N TYR A 351 32.14 59.06 -17.10
CA TYR A 351 31.12 59.08 -16.06
C TYR A 351 29.93 58.21 -16.46
N ALA A 352 29.35 58.49 -17.63
CA ALA A 352 28.41 57.59 -18.26
C ALA A 352 29.17 56.43 -18.86
N TRP A 353 28.59 55.22 -18.75
CA TRP A 353 29.31 53.99 -19.05
C TRP A 353 28.44 53.17 -19.99
N ASN A 354 28.77 53.32 -21.28
CA ASN A 354 28.07 52.64 -22.36
C ASN A 354 27.92 51.15 -22.08
N ARG A 355 26.81 50.60 -22.56
CA ARG A 355 26.43 49.23 -22.29
C ARG A 355 26.21 48.52 -23.63
N LYS A 356 26.37 47.20 -23.60
CA LYS A 356 25.93 46.35 -24.71
C LYS A 356 25.25 45.15 -24.08
N ARG A 357 23.93 45.25 -23.92
CA ARG A 357 23.10 44.09 -23.60
C ARG A 357 23.13 43.10 -24.75
N ILE A 358 23.28 41.82 -24.43
CA ILE A 358 23.44 40.76 -25.41
C ILE A 358 22.58 39.58 -24.99
N SER A 359 21.65 39.21 -25.86
CA SER A 359 20.65 38.17 -25.66
C SER A 359 20.78 37.13 -26.76
N ASN A 360 20.10 35.99 -26.56
CA ASN A 360 19.74 35.01 -27.59
C ASN A 360 20.88 34.68 -28.56
N CYS A 361 21.99 34.19 -27.99
CA CYS A 361 23.19 33.92 -28.77
C CYS A 361 24.00 32.85 -28.07
N VAL A 362 24.95 32.29 -28.80
CA VAL A 362 25.91 31.37 -28.23
C VAL A 362 27.18 32.17 -27.95
N ALA A 363 27.61 32.13 -26.69
CA ALA A 363 28.67 33.00 -26.18
C ALA A 363 30.00 32.26 -26.25
N ASP A 364 30.78 32.52 -27.29
CA ASP A 364 32.04 31.80 -27.44
C ASP A 364 33.09 32.49 -26.57
N TYR A 365 33.51 31.82 -25.50
CA TYR A 365 34.58 32.30 -24.64
C TYR A 365 35.96 31.92 -25.18
N SER A 366 36.03 30.79 -25.90
CA SER A 366 37.29 30.22 -26.38
C SER A 366 38.18 31.23 -27.10
N VAL A 367 37.61 32.27 -27.68
CA VAL A 367 38.41 33.26 -28.39
C VAL A 367 39.10 34.22 -27.43
N LEU A 368 38.68 34.27 -26.17
CA LEU A 368 39.25 35.20 -25.20
C LEU A 368 40.43 34.57 -24.44
N TYR A 369 40.25 33.37 -23.87
CA TYR A 369 41.24 32.76 -22.98
C TYR A 369 42.66 32.82 -23.53
N ASN A 370 42.84 32.22 -24.71
CA ASN A 370 44.15 31.89 -25.26
C ASN A 370 44.55 32.80 -26.42
N SER A 371 44.15 34.06 -26.30
CA SER A 371 44.25 35.18 -27.23
C SER A 371 45.68 35.69 -27.41
N ALA A 372 46.66 35.03 -26.80
CA ALA A 372 47.88 35.59 -26.25
C ALA A 372 47.60 36.51 -25.07
N SER A 373 46.56 36.14 -24.30
CA SER A 373 46.32 36.50 -22.91
C SER A 373 45.80 37.89 -22.59
N PHE A 374 45.36 38.73 -23.50
CA PHE A 374 46.10 39.93 -23.88
C PHE A 374 45.94 40.99 -22.77
N SER A 375 46.80 40.76 -21.75
CA SER A 375 47.00 41.37 -20.43
C SER A 375 45.96 40.98 -19.37
N THR A 376 45.70 41.80 -18.33
CA THR A 376 45.19 41.27 -17.09
C THR A 376 43.74 40.90 -17.32
N PHE A 377 43.44 39.62 -17.07
CA PHE A 377 42.10 39.09 -17.22
C PHE A 377 41.68 38.47 -15.89
N LYS A 378 40.56 38.97 -15.36
CA LYS A 378 40.17 38.79 -13.97
C LYS A 378 38.72 38.33 -13.96
N CYS A 379 38.40 37.50 -12.98
CA CYS A 379 37.05 36.94 -12.85
C CYS A 379 36.74 36.81 -11.36
N TYR A 380 35.76 37.56 -10.88
CA TYR A 380 35.39 37.55 -9.46
C TYR A 380 34.22 36.61 -9.26
N GLY A 381 34.41 35.59 -8.42
CA GLY A 381 33.34 34.72 -7.98
C GLY A 381 32.95 33.63 -8.95
N VAL A 382 33.75 33.40 -9.99
CA VAL A 382 33.44 32.47 -11.08
C VAL A 382 34.75 32.18 -11.79
N SER A 383 34.82 30.99 -12.41
CA SER A 383 35.92 30.68 -13.33
C SER A 383 35.34 30.32 -14.69
N PRO A 384 35.95 30.77 -15.79
CA PRO A 384 35.26 30.75 -17.09
C PRO A 384 34.95 29.37 -17.66
N THR A 385 35.28 28.27 -16.98
CA THR A 385 35.00 26.91 -17.44
C THR A 385 33.76 26.34 -16.74
N LYS A 386 33.34 26.97 -15.66
CA LYS A 386 32.00 26.80 -15.10
C LYS A 386 31.01 27.61 -15.92
N LEU A 387 31.37 28.87 -16.20
CA LEU A 387 30.50 29.77 -16.95
C LEU A 387 30.10 29.20 -18.30
N ASN A 388 30.99 28.47 -18.98
CA ASN A 388 30.64 27.80 -20.24
C ASN A 388 29.42 26.90 -20.14
N ASP A 389 29.01 26.52 -18.92
CA ASP A 389 27.87 25.66 -18.68
C ASP A 389 26.81 26.34 -17.82
N LEU A 390 27.17 27.40 -17.09
CA LEU A 390 26.22 28.20 -16.32
C LEU A 390 25.73 29.37 -17.19
N CYS A 391 24.44 29.33 -17.54
CA CYS A 391 23.84 30.19 -18.57
C CYS A 391 23.00 31.29 -17.92
N PHE A 392 23.19 32.53 -18.37
CA PHE A 392 22.42 33.65 -17.85
C PHE A 392 21.93 34.52 -19.00
N THR A 393 20.89 35.30 -18.72
CA THR A 393 20.45 36.41 -19.55
C THR A 393 21.22 37.65 -19.12
N ASN A 394 20.86 38.81 -19.66
CA ASN A 394 21.27 40.11 -19.10
C ASN A 394 22.79 40.19 -19.01
N VAL A 395 23.41 40.11 -20.18
CA VAL A 395 24.82 39.80 -20.31
C VAL A 395 25.64 41.07 -20.51
N TYR A 396 25.06 42.23 -20.16
CA TYR A 396 25.59 43.56 -20.42
C TYR A 396 27.09 43.64 -20.19
N ALA A 397 27.80 44.15 -21.19
CA ALA A 397 29.23 44.39 -21.12
C ALA A 397 29.48 45.88 -21.19
N ASP A 398 30.50 46.35 -20.49
CA ASP A 398 30.83 47.76 -20.56
C ASP A 398 31.84 47.97 -21.67
N SER A 399 32.27 49.22 -21.87
CA SER A 399 33.40 49.53 -22.71
C SER A 399 33.79 50.97 -22.47
N PHE A 400 35.08 51.23 -22.35
CA PHE A 400 35.56 52.61 -22.24
C PHE A 400 37.07 52.64 -22.45
N VAL A 401 37.65 53.82 -22.27
CA VAL A 401 39.09 54.05 -22.34
C VAL A 401 39.51 54.71 -21.03
N ILE A 402 40.48 54.12 -20.33
CA ILE A 402 40.98 54.69 -19.09
C ILE A 402 42.51 54.72 -19.11
N ARG A 403 43.06 55.58 -18.26
CA ARG A 403 44.48 55.93 -18.33
C ARG A 403 45.29 54.82 -17.67
N GLY A 404 46.46 54.53 -18.24
CA GLY A 404 47.15 53.26 -18.06
C GLY A 404 47.16 52.63 -16.68
N ASP A 405 47.62 53.36 -15.65
CA ASP A 405 47.54 52.83 -14.28
C ASP A 405 46.14 52.92 -13.68
N GLU A 406 45.13 53.27 -14.46
CA GLU A 406 43.73 53.04 -14.13
C GLU A 406 43.33 51.71 -14.76
N VAL A 407 43.19 50.69 -13.90
CA VAL A 407 43.07 49.26 -14.19
C VAL A 407 43.07 48.55 -12.84
N ARG A 408 43.90 49.02 -11.90
CA ARG A 408 43.82 48.61 -10.52
C ARG A 408 42.53 49.06 -9.82
N GLN A 409 41.71 49.91 -10.46
CA GLN A 409 40.65 50.63 -9.77
C GLN A 409 39.26 50.28 -10.27
N ILE A 410 39.08 49.11 -10.89
CA ILE A 410 37.74 48.55 -11.14
C ILE A 410 37.76 47.15 -10.56
N ALA A 411 37.29 47.02 -9.32
CA ALA A 411 37.17 45.74 -8.65
C ALA A 411 35.96 45.81 -7.73
N PRO A 412 35.38 44.66 -7.35
CA PRO A 412 34.33 44.71 -6.33
C PRO A 412 34.87 45.20 -4.99
N GLY A 413 34.07 46.01 -4.30
CA GLY A 413 34.42 46.53 -2.99
C GLY A 413 35.80 47.15 -2.86
N GLN A 414 36.20 47.98 -3.81
CA GLN A 414 37.53 48.59 -3.84
C GLN A 414 37.43 50.10 -3.78
N THR A 415 38.39 50.73 -3.10
CA THR A 415 38.46 52.17 -2.95
C THR A 415 39.29 52.79 -4.08
N GLY A 416 39.55 54.10 -3.96
CA GLY A 416 40.38 54.84 -4.89
C GLY A 416 39.73 56.13 -5.32
N LYS A 417 39.85 56.48 -6.60
CA LYS A 417 39.20 57.64 -7.21
C LYS A 417 38.10 57.24 -8.18
N ILE A 418 38.40 56.28 -9.07
CA ILE A 418 37.43 55.85 -10.07
C ILE A 418 36.20 55.25 -9.40
N ALA A 419 36.43 54.42 -8.38
CA ALA A 419 35.34 53.73 -7.71
C ALA A 419 34.30 54.67 -7.10
N ASP A 420 34.66 55.92 -6.81
CA ASP A 420 33.80 56.83 -6.07
C ASP A 420 32.95 57.74 -6.94
N TYR A 421 33.56 58.47 -7.87
CA TYR A 421 32.89 59.53 -8.63
C TYR A 421 32.78 59.25 -10.12
N ASN A 422 33.43 58.21 -10.63
CA ASN A 422 33.54 57.94 -12.06
C ASN A 422 32.89 56.63 -12.48
N TYR A 423 32.80 55.67 -11.57
CA TYR A 423 32.35 54.30 -11.81
C TYR A 423 32.09 53.68 -10.45
N LYS A 424 30.99 52.96 -10.31
CA LYS A 424 30.73 52.19 -9.10
C LYS A 424 30.35 50.79 -9.52
N LEU A 425 31.13 49.83 -9.10
CA LEU A 425 30.80 48.44 -9.29
C LEU A 425 29.93 47.96 -8.13
N PRO A 426 28.82 47.26 -8.36
CA PRO A 426 28.15 46.57 -7.26
C PRO A 426 29.10 45.59 -6.59
N ASP A 427 28.99 45.48 -5.27
CA ASP A 427 29.78 44.49 -4.57
C ASP A 427 29.14 43.11 -4.70
N ASP A 428 29.96 42.08 -4.45
CA ASP A 428 29.63 40.70 -4.85
C ASP A 428 29.29 40.62 -6.34
N PHE A 429 29.95 41.47 -7.14
CA PHE A 429 29.81 41.47 -8.58
C PHE A 429 30.51 40.27 -9.18
N THR A 430 29.74 39.41 -9.86
CA THR A 430 30.28 38.19 -10.46
C THR A 430 30.44 38.43 -11.95
N GLY A 431 31.59 38.99 -12.34
CA GLY A 431 31.88 39.17 -13.74
C GLY A 431 33.36 39.11 -14.09
N CYS A 432 33.70 39.61 -15.29
CA CYS A 432 35.06 39.56 -15.82
C CYS A 432 35.52 40.96 -16.18
N VAL A 433 36.82 41.27 -15.99
CA VAL A 433 37.43 42.51 -16.50
C VAL A 433 38.69 42.20 -17.32
N ILE A 434 38.71 42.68 -18.58
CA ILE A 434 39.79 42.46 -19.55
C ILE A 434 40.29 43.80 -20.09
N ALA A 435 41.62 43.98 -20.21
CA ALA A 435 42.20 45.25 -20.67
C ALA A 435 43.38 45.01 -21.60
N TRP A 436 43.71 46.03 -22.40
CA TRP A 436 44.73 45.89 -23.45
C TRP A 436 45.35 47.21 -23.87
N ASN A 437 46.55 47.10 -24.52
CA ASN A 437 47.51 48.20 -24.56
C ASN A 437 46.93 49.48 -25.16
N SER A 438 46.16 49.37 -26.25
CA SER A 438 45.28 50.42 -26.80
C SER A 438 45.87 51.83 -26.78
N ASN A 439 47.06 51.99 -27.34
CA ASN A 439 47.81 53.23 -27.15
C ASN A 439 47.55 54.15 -28.34
N ASN A 440 46.39 54.80 -28.29
CA ASN A 440 45.94 55.84 -29.21
C ASN A 440 45.72 55.34 -30.64
N LEU A 441 45.84 54.04 -30.90
CA LEU A 441 45.48 53.49 -32.22
C LEU A 441 44.87 52.11 -32.06
N VAL A 503 54.23 55.39 -18.14
CA VAL A 503 53.20 54.53 -18.71
C VAL A 503 51.84 54.79 -18.04
N GLY A 504 51.87 55.35 -16.82
CA GLY A 504 50.66 55.57 -16.04
C GLY A 504 49.62 56.48 -16.67
N TYR A 505 49.96 57.20 -17.75
CA TYR A 505 49.02 58.05 -18.45
C TYR A 505 48.63 57.48 -19.81
N GLN A 506 49.03 56.25 -20.11
CA GLN A 506 48.73 55.66 -21.41
C GLN A 506 47.24 55.33 -21.51
N PRO A 507 46.63 55.50 -22.69
CA PRO A 507 45.29 54.93 -22.86
C PRO A 507 45.31 53.42 -22.90
N TYR A 508 44.72 52.79 -21.88
CA TYR A 508 44.42 51.37 -21.86
C TYR A 508 42.93 51.19 -22.12
N ARG A 509 42.62 50.42 -23.16
CA ARG A 509 41.24 49.98 -23.37
C ARG A 509 40.92 48.91 -22.36
N VAL A 510 39.64 48.78 -22.04
CA VAL A 510 39.21 47.81 -21.06
C VAL A 510 37.72 47.61 -21.22
N VAL A 511 37.27 46.41 -20.86
CA VAL A 511 35.87 46.02 -20.91
C VAL A 511 35.59 45.13 -19.71
N VAL A 512 34.30 44.92 -19.48
CA VAL A 512 33.82 44.20 -18.32
C VAL A 512 32.55 43.49 -18.74
N LEU A 513 32.35 42.26 -18.27
CA LEU A 513 31.14 41.49 -18.53
C LEU A 513 30.48 41.09 -17.24
N SER A 514 29.14 41.23 -17.20
CA SER A 514 28.28 40.82 -16.10
C SER A 514 27.26 39.80 -16.60
N PHE A 515 27.03 38.75 -15.82
CA PHE A 515 26.05 37.71 -16.14
C PHE A 515 25.04 37.57 -15.00
N GLU A 516 23.94 38.32 -15.07
CA GLU A 516 22.90 38.37 -14.05
C GLU A 516 21.63 37.64 -14.50
N LEU A 517 21.40 36.43 -14.00
CA LEU A 517 20.18 35.69 -14.32
C LEU A 517 19.10 36.12 -13.34
N LEU A 518 18.17 36.93 -13.83
CA LEU A 518 17.08 37.49 -13.04
C LEU A 518 15.92 36.49 -12.99
N HIS A 519 14.78 36.96 -12.46
CA HIS A 519 13.59 36.18 -12.16
C HIS A 519 12.85 35.68 -13.40
N ALA A 520 13.32 35.95 -14.62
CA ALA A 520 12.54 35.83 -15.84
C ALA A 520 13.11 34.74 -16.74
N PRO A 521 12.29 34.18 -17.64
CA PRO A 521 12.74 33.05 -18.47
C PRO A 521 13.92 33.40 -19.37
N ALA A 522 14.53 32.33 -19.88
CA ALA A 522 15.54 32.38 -20.93
C ALA A 522 16.88 32.96 -20.51
N THR A 523 17.91 32.61 -21.27
CA THR A 523 19.29 32.96 -20.95
C THR A 523 20.10 32.94 -22.24
N VAL A 524 21.35 33.41 -22.12
CA VAL A 524 22.38 33.29 -23.14
C VAL A 524 23.27 32.13 -22.73
N CYS A 525 23.79 31.43 -23.74
CA CYS A 525 24.36 30.10 -23.58
C CYS A 525 25.77 30.06 -24.14
N GLY A 526 26.59 29.19 -23.56
CA GLY A 526 27.98 29.02 -23.95
C GLY A 526 28.20 27.70 -24.64
N PRO A 527 29.06 27.68 -25.70
CA PRO A 527 29.13 26.55 -26.64
C PRO A 527 29.10 25.16 -26.03
N LYS A 528 28.15 24.36 -26.45
CA LYS A 528 27.87 23.05 -25.85
C LYS A 528 28.67 22.01 -26.62
N LYS A 529 29.67 21.45 -25.98
CA LYS A 529 30.59 20.51 -26.62
C LYS A 529 29.85 19.23 -26.99
N SER A 530 30.47 18.46 -27.89
CA SER A 530 29.78 17.36 -28.53
C SER A 530 30.77 16.26 -28.89
N THR A 531 30.35 15.04 -28.62
CA THR A 531 31.10 13.82 -28.90
C THR A 531 30.78 13.39 -30.34
N ASN A 532 31.22 12.19 -30.70
CA ASN A 532 31.30 11.75 -32.09
C ASN A 532 30.55 10.43 -32.21
N LEU A 533 29.46 10.46 -32.99
CA LEU A 533 28.42 9.43 -32.96
C LEU A 533 28.96 8.03 -33.09
N VAL A 534 28.52 7.16 -32.18
CA VAL A 534 28.83 5.74 -32.21
C VAL A 534 27.53 4.96 -32.25
N LYS A 535 27.39 4.11 -33.25
CA LYS A 535 26.22 3.30 -33.53
C LYS A 535 26.46 1.84 -33.14
N ASN A 536 25.41 1.17 -32.67
CA ASN A 536 25.43 -0.25 -32.38
C ASN A 536 26.23 -0.59 -31.12
N LYS A 537 26.36 0.38 -30.22
CA LYS A 537 27.13 0.25 -28.99
C LYS A 537 26.32 0.93 -27.91
N CYS A 538 26.16 0.24 -26.78
CA CYS A 538 25.11 0.54 -25.81
C CYS A 538 25.52 1.78 -25.02
N VAL A 539 25.43 2.91 -25.67
CA VAL A 539 26.00 4.13 -25.16
C VAL A 539 24.94 4.87 -24.37
N ASN A 540 25.34 5.33 -23.18
CA ASN A 540 24.58 6.36 -22.51
C ASN A 540 24.67 7.62 -23.36
N PHE A 541 23.54 8.31 -23.51
CA PHE A 541 23.44 9.41 -24.46
C PHE A 541 22.66 10.57 -23.87
N ASN A 542 23.03 11.76 -24.31
CA ASN A 542 22.38 13.04 -24.01
C ASN A 542 22.14 13.74 -25.35
N PHE A 543 20.97 13.57 -25.95
CA PHE A 543 20.70 14.13 -27.27
C PHE A 543 19.93 15.44 -27.08
N ASN A 544 20.64 16.54 -27.27
CA ASN A 544 20.16 17.89 -27.00
C ASN A 544 19.89 18.07 -25.50
N GLY A 545 18.80 17.53 -24.97
CA GLY A 545 18.67 17.31 -23.54
C GLY A 545 18.02 15.99 -23.18
N LEU A 546 17.70 15.19 -24.19
CA LEU A 546 17.03 13.90 -24.07
C LEU A 546 18.06 12.88 -23.61
N THR A 547 18.13 12.67 -22.30
CA THR A 547 19.09 11.73 -21.74
C THR A 547 18.50 10.33 -21.67
N GLY A 548 19.38 9.34 -21.68
CA GLY A 548 18.95 7.95 -21.59
C GLY A 548 20.12 7.02 -21.89
N THR A 549 19.80 5.74 -21.90
CA THR A 549 20.76 4.68 -22.22
C THR A 549 20.22 3.86 -23.38
N GLY A 550 21.06 3.52 -24.35
CA GLY A 550 20.54 2.66 -25.40
C GLY A 550 21.53 2.43 -26.50
N VAL A 551 21.14 1.54 -27.41
CA VAL A 551 21.85 1.31 -28.66
C VAL A 551 21.26 2.22 -29.72
N LEU A 552 22.05 3.16 -30.20
CA LEU A 552 21.68 4.04 -31.29
C LEU A 552 21.99 3.35 -32.60
N THR A 553 20.96 3.09 -33.41
CA THR A 553 21.17 2.49 -34.72
C THR A 553 20.45 3.32 -35.77
N GLU A 554 20.84 3.16 -37.03
CA GLU A 554 20.24 3.98 -38.07
C GLU A 554 18.82 3.52 -38.32
N SER A 555 17.90 4.48 -38.37
CA SER A 555 16.49 4.21 -38.54
C SER A 555 16.08 4.36 -40.00
N ASN A 556 14.80 4.07 -40.27
CA ASN A 556 14.17 4.39 -41.53
C ASN A 556 12.89 5.18 -41.31
N LYS A 557 12.81 5.91 -40.19
CA LYS A 557 11.68 6.78 -39.92
C LYS A 557 11.92 8.14 -40.56
N LYS A 558 10.83 8.83 -40.85
CA LYS A 558 10.86 10.14 -41.50
C LYS A 558 10.17 11.14 -40.57
N PHE A 559 10.97 11.83 -39.77
CA PHE A 559 10.43 12.88 -38.90
C PHE A 559 10.05 14.08 -39.76
N LEU A 560 9.02 14.81 -39.32
CA LEU A 560 8.75 16.06 -39.98
C LEU A 560 9.80 17.08 -39.57
N PRO A 561 10.02 18.12 -40.38
CA PRO A 561 11.19 19.01 -40.17
C PRO A 561 11.36 19.61 -38.78
N PHE A 562 10.29 19.66 -37.99
CA PHE A 562 10.34 20.27 -36.66
C PHE A 562 10.27 19.26 -35.54
N GLN A 563 10.12 17.96 -35.84
CA GLN A 563 10.00 16.93 -34.82
C GLN A 563 11.38 16.43 -34.45
N GLN A 564 11.68 16.40 -33.15
CA GLN A 564 13.05 16.17 -32.70
C GLN A 564 13.27 14.76 -32.18
N PHE A 565 12.37 14.22 -31.38
CA PHE A 565 12.47 12.83 -30.98
C PHE A 565 11.15 12.11 -31.20
N GLY A 566 11.26 10.80 -31.25
CA GLY A 566 10.13 9.93 -31.43
C GLY A 566 9.66 9.37 -30.12
N ARG A 567 8.45 8.84 -30.13
CA ARG A 567 7.93 8.15 -28.96
C ARG A 567 7.15 6.93 -29.41
N ASP A 568 7.36 5.82 -28.71
CA ASP A 568 6.57 4.62 -28.90
C ASP A 568 5.22 4.82 -28.21
N ILE A 569 4.38 3.79 -28.27
CA ILE A 569 2.99 3.96 -27.88
C ILE A 569 2.89 4.31 -26.39
N ALA A 570 3.57 3.54 -25.54
CA ALA A 570 3.55 3.82 -24.10
C ALA A 570 4.69 4.75 -23.70
N ASP A 571 4.73 5.93 -24.33
CA ASP A 571 5.53 7.09 -23.91
C ASP A 571 6.97 6.72 -23.55
N THR A 572 7.58 5.87 -24.36
CA THR A 572 8.99 5.52 -24.23
C THR A 572 9.69 5.93 -25.51
N THR A 573 10.84 6.59 -25.37
CA THR A 573 11.52 7.12 -26.54
C THR A 573 11.98 5.98 -27.44
N ASP A 574 11.61 6.05 -28.71
CA ASP A 574 12.00 5.06 -29.71
C ASP A 574 13.03 5.57 -30.68
N ALA A 575 13.09 6.88 -30.91
CA ALA A 575 14.04 7.41 -31.88
C ALA A 575 14.31 8.87 -31.57
N VAL A 576 15.45 9.35 -32.08
CA VAL A 576 15.87 10.73 -31.93
C VAL A 576 16.37 11.27 -33.26
N ARG A 577 16.33 12.58 -33.39
CA ARG A 577 16.99 13.29 -34.46
C ARG A 577 18.36 13.70 -33.98
N ASP A 578 19.40 13.32 -34.70
CA ASP A 578 20.73 13.77 -34.33
C ASP A 578 20.79 15.27 -34.60
N PRO A 579 21.05 16.14 -33.62
CA PRO A 579 20.88 17.57 -33.87
C PRO A 579 21.89 18.19 -34.84
N GLN A 580 22.98 17.50 -35.21
CA GLN A 580 23.95 18.09 -36.13
C GLN A 580 23.81 17.58 -37.56
N THR A 581 23.57 16.29 -37.72
CA THR A 581 23.19 15.69 -38.98
C THR A 581 21.71 15.34 -38.88
N LEU A 582 20.91 15.83 -39.81
CA LEU A 582 19.46 15.72 -39.65
C LEU A 582 19.04 14.33 -40.12
N GLU A 583 19.39 13.36 -39.30
CA GLU A 583 19.15 11.94 -39.54
C GLU A 583 18.52 11.35 -38.30
N ILE A 584 17.75 10.29 -38.48
CA ILE A 584 16.94 9.72 -37.42
C ILE A 584 17.58 8.41 -36.98
N LEU A 585 17.83 8.30 -35.68
CA LEU A 585 18.42 7.13 -35.07
C LEU A 585 17.39 6.46 -34.17
N ASP A 586 17.22 5.16 -34.32
CA ASP A 586 16.39 4.43 -33.38
C ASP A 586 17.18 4.13 -32.12
N ILE A 587 16.45 4.08 -31.01
CA ILE A 587 16.98 3.75 -29.69
C ILE A 587 16.45 2.37 -29.33
N THR A 588 17.32 1.39 -29.38
CA THR A 588 17.00 0.04 -28.93
C THR A 588 17.47 -0.05 -27.48
N PRO A 589 16.58 -0.18 -26.49
CA PRO A 589 17.05 -0.10 -25.11
C PRO A 589 18.05 -1.20 -24.81
N CYS A 590 18.95 -0.91 -23.88
CA CYS A 590 20.12 -1.76 -23.73
C CYS A 590 19.73 -3.17 -23.32
N SER A 591 20.26 -4.13 -24.06
CA SER A 591 19.91 -5.53 -23.90
C SER A 591 20.11 -6.03 -22.48
N PHE A 592 19.15 -6.81 -22.00
CA PHE A 592 19.19 -7.39 -20.67
C PHE A 592 18.29 -8.62 -20.67
N GLY A 593 18.42 -9.43 -19.63
CA GLY A 593 17.59 -10.62 -19.57
C GLY A 593 17.95 -11.49 -18.38
N GLY A 594 17.09 -12.47 -18.13
CA GLY A 594 17.39 -13.46 -17.12
C GLY A 594 18.54 -14.37 -17.53
N VAL A 595 19.24 -14.88 -16.53
CA VAL A 595 20.22 -15.94 -16.69
C VAL A 595 19.70 -17.15 -15.96
N SER A 596 19.52 -18.25 -16.69
CA SER A 596 19.01 -19.51 -16.19
C SER A 596 20.09 -20.56 -16.31
N VAL A 597 20.19 -21.44 -15.31
CA VAL A 597 21.17 -22.51 -15.33
C VAL A 597 20.44 -23.81 -15.60
N ILE A 598 20.84 -24.48 -16.66
CA ILE A 598 20.32 -25.77 -17.10
C ILE A 598 21.28 -26.84 -16.64
N THR A 599 20.82 -27.71 -15.75
CA THR A 599 21.68 -28.67 -15.11
C THR A 599 20.98 -30.01 -15.05
N PRO A 600 21.68 -31.12 -15.26
CA PRO A 600 21.24 -32.37 -14.64
C PRO A 600 21.46 -32.23 -13.15
N GLY A 601 20.96 -33.18 -12.39
CA GLY A 601 21.08 -33.05 -10.95
C GLY A 601 22.54 -33.11 -10.54
N THR A 602 22.86 -32.50 -9.40
CA THR A 602 24.20 -32.70 -8.86
C THR A 602 24.45 -34.13 -8.40
N ASN A 603 23.45 -35.01 -8.47
CA ASN A 603 23.65 -36.43 -8.22
C ASN A 603 24.26 -37.13 -9.42
N THR A 604 24.03 -36.62 -10.64
CA THR A 604 24.61 -37.20 -11.84
C THR A 604 25.82 -36.44 -12.36
N SER A 605 25.77 -35.11 -12.40
CA SER A 605 26.87 -34.31 -12.91
C SER A 605 26.83 -32.94 -12.28
N ASN A 606 28.00 -32.31 -12.18
CA ASN A 606 28.12 -30.91 -11.81
C ASN A 606 28.45 -30.02 -13.01
N GLN A 607 28.21 -30.53 -14.22
CA GLN A 607 28.35 -29.77 -15.45
C GLN A 607 27.03 -29.10 -15.79
N VAL A 608 27.08 -27.83 -16.17
CA VAL A 608 25.87 -27.07 -16.45
C VAL A 608 26.01 -26.30 -17.77
N ALA A 609 24.86 -25.84 -18.26
CA ALA A 609 24.73 -24.94 -19.38
C ALA A 609 24.01 -23.70 -18.88
N VAL A 610 24.31 -22.56 -19.46
CA VAL A 610 23.73 -21.28 -19.05
C VAL A 610 22.96 -20.72 -20.23
N LEU A 611 21.70 -20.38 -19.99
CA LEU A 611 20.83 -19.76 -20.98
C LEU A 611 20.74 -18.29 -20.64
N TYR A 612 21.13 -17.42 -21.57
CA TYR A 612 20.92 -15.99 -21.43
C TYR A 612 19.69 -15.68 -22.25
N GLN A 613 18.60 -15.38 -21.54
CA GLN A 613 17.27 -15.36 -22.15
C GLN A 613 17.08 -14.19 -23.09
N ASP A 614 16.47 -14.48 -24.24
CA ASP A 614 16.00 -13.50 -25.21
C ASP A 614 17.06 -12.43 -25.50
N VAL A 615 18.30 -12.88 -25.65
CA VAL A 615 19.37 -12.01 -26.09
C VAL A 615 20.13 -12.76 -27.17
N ASN A 616 21.07 -12.08 -27.82
CA ASN A 616 22.15 -12.79 -28.49
C ASN A 616 23.40 -12.73 -27.62
N CYS A 617 24.37 -13.56 -27.96
CA CYS A 617 25.69 -13.60 -27.33
C CYS A 617 26.80 -13.28 -28.32
N THR A 618 26.49 -12.28 -29.12
CA THR A 618 27.50 -11.38 -29.63
C THR A 618 27.74 -10.29 -28.59
N GLU A 619 26.67 -9.80 -27.95
CA GLU A 619 26.84 -8.85 -26.85
C GLU A 619 27.52 -9.48 -25.65
N VAL A 620 27.23 -10.74 -25.35
CA VAL A 620 27.88 -11.42 -24.23
C VAL A 620 29.39 -11.46 -24.43
N ASN A 641 31.09 -23.46 -28.87
CA ASN A 641 30.12 -24.22 -28.11
C ASN A 641 28.99 -23.34 -27.61
N VAL A 642 28.57 -22.40 -28.45
CA VAL A 642 27.49 -21.46 -28.12
C VAL A 642 26.40 -21.58 -29.17
N PHE A 643 25.17 -21.81 -28.73
CA PHE A 643 24.03 -22.12 -29.58
C PHE A 643 22.97 -21.06 -29.43
N GLN A 644 22.66 -20.33 -30.50
CA GLN A 644 21.60 -19.31 -30.45
C GLN A 644 20.25 -19.97 -30.70
N THR A 645 19.32 -19.80 -29.75
CA THR A 645 17.96 -20.28 -29.84
C THR A 645 16.99 -19.13 -29.68
N ARG A 646 15.73 -19.36 -30.05
CA ARG A 646 14.72 -18.32 -29.89
C ARG A 646 14.57 -17.88 -28.44
N ALA A 647 14.76 -18.81 -27.49
CA ALA A 647 14.64 -18.45 -26.09
C ALA A 647 15.79 -17.59 -25.58
N GLY A 648 16.89 -17.51 -26.31
CA GLY A 648 18.09 -16.87 -25.82
C GLY A 648 19.26 -17.61 -26.42
N CYS A 649 20.47 -17.31 -25.96
CA CYS A 649 21.60 -18.14 -26.37
C CYS A 649 22.05 -19.04 -25.22
N LEU A 650 22.18 -20.32 -25.57
CA LEU A 650 22.49 -21.42 -24.68
C LEU A 650 23.98 -21.75 -24.79
N ILE A 651 24.71 -21.63 -23.68
CA ILE A 651 26.16 -21.81 -23.65
C ILE A 651 26.46 -23.04 -22.83
N GLY A 652 27.23 -23.96 -23.40
CA GLY A 652 27.60 -25.19 -22.74
C GLY A 652 26.89 -26.42 -23.28
N ALA A 653 25.80 -26.23 -24.00
CA ALA A 653 25.08 -27.30 -24.67
C ALA A 653 25.51 -27.44 -26.13
N GLU A 654 25.54 -28.67 -26.62
CA GLU A 654 25.72 -28.92 -28.03
C GLU A 654 24.36 -28.93 -28.71
N HIS A 655 24.33 -28.60 -29.99
CA HIS A 655 23.13 -28.68 -30.79
C HIS A 655 23.17 -29.97 -31.60
N VAL A 656 22.38 -30.94 -31.17
CA VAL A 656 22.17 -32.20 -31.87
C VAL A 656 20.87 -32.11 -32.64
N ASN A 657 20.90 -32.44 -33.94
CA ASN A 657 19.69 -32.22 -34.72
C ASN A 657 18.67 -33.33 -34.54
N ASN A 658 19.09 -34.56 -34.24
CA ASN A 658 18.10 -35.58 -33.95
C ASN A 658 17.33 -35.21 -32.68
N SER A 659 16.02 -35.48 -32.69
CA SER A 659 15.09 -35.03 -31.69
C SER A 659 14.75 -36.14 -30.70
N TYR A 660 14.37 -35.75 -29.48
CA TYR A 660 13.95 -36.69 -28.45
C TYR A 660 12.85 -36.04 -27.63
N GLU A 661 12.32 -36.82 -26.69
CA GLU A 661 11.30 -36.31 -25.79
C GLU A 661 11.91 -35.28 -24.86
N CYS A 662 11.16 -34.22 -24.58
CA CYS A 662 11.73 -33.10 -23.85
C CYS A 662 12.01 -33.51 -22.43
N ASP A 663 13.22 -33.16 -21.95
CA ASP A 663 13.66 -33.54 -20.62
C ASP A 663 13.82 -32.35 -19.69
N ILE A 664 14.59 -31.34 -20.09
CA ILE A 664 14.62 -30.05 -19.43
C ILE A 664 14.08 -29.03 -20.43
N PRO A 665 12.90 -28.44 -20.25
CA PRO A 665 12.44 -27.48 -21.25
C PRO A 665 13.23 -26.20 -21.18
N ILE A 666 13.54 -25.63 -22.34
CA ILE A 666 14.18 -24.34 -22.46
C ILE A 666 13.23 -23.29 -22.99
N GLY A 667 12.55 -23.60 -24.08
CA GLY A 667 11.56 -22.71 -24.66
C GLY A 667 11.67 -22.62 -26.16
N ALA A 668 10.57 -22.19 -26.78
CA ALA A 668 10.49 -22.07 -28.23
C ALA A 668 10.78 -23.39 -28.92
N GLY A 669 10.33 -24.49 -28.31
CA GLY A 669 10.56 -25.80 -28.85
C GLY A 669 11.86 -26.43 -28.47
N ILE A 670 12.74 -25.73 -27.75
CA ILE A 670 14.08 -26.21 -27.48
C ILE A 670 14.09 -26.78 -26.07
N CYS A 671 14.67 -27.96 -25.93
CA CYS A 671 14.83 -28.67 -24.67
C CYS A 671 16.27 -29.08 -24.54
N ALA A 672 16.70 -29.35 -23.31
CA ALA A 672 18.06 -29.80 -23.05
C ALA A 672 18.06 -31.08 -22.25
N SER A 673 19.12 -31.85 -22.39
CA SER A 673 19.20 -33.18 -21.78
C SER A 673 20.66 -33.56 -21.61
N TYR A 674 20.88 -34.61 -20.83
CA TYR A 674 22.23 -35.15 -20.59
C TYR A 674 22.34 -36.45 -21.37
N GLN A 675 23.20 -36.46 -22.39
CA GLN A 675 23.32 -37.60 -23.29
C GLN A 675 24.77 -37.86 -23.62
N THR A 676 25.06 -39.10 -24.02
CA THR A 676 26.35 -39.48 -24.59
C THR A 676 26.82 -38.51 -25.67
N SER A 689 31.84 -38.81 -24.41
CA SER A 689 31.44 -38.88 -23.00
C SER A 689 30.19 -38.04 -22.77
N GLN A 690 29.36 -38.48 -21.82
CA GLN A 690 28.13 -37.79 -21.43
C GLN A 690 28.35 -36.29 -21.29
N SER A 691 27.40 -35.53 -21.85
CA SER A 691 27.48 -34.08 -21.93
C SER A 691 26.08 -33.53 -22.16
N ILE A 692 25.93 -32.24 -21.90
CA ILE A 692 24.66 -31.56 -22.06
C ILE A 692 24.43 -31.25 -23.53
N ILE A 693 23.25 -31.59 -24.02
CA ILE A 693 22.83 -31.36 -25.39
C ILE A 693 21.57 -30.51 -25.35
N ALA A 694 21.31 -29.84 -26.47
CA ALA A 694 20.09 -29.08 -26.69
C ALA A 694 19.52 -29.47 -28.02
N TYR A 695 18.20 -29.55 -28.12
CA TYR A 695 17.58 -30.02 -29.34
C TYR A 695 16.16 -29.49 -29.42
N THR A 696 15.60 -29.55 -30.62
CA THR A 696 14.19 -29.32 -30.83
C THR A 696 13.42 -30.55 -30.40
N MET A 697 12.41 -30.37 -29.55
CA MET A 697 11.82 -31.53 -28.91
C MET A 697 11.04 -32.35 -29.91
N SER A 698 11.05 -33.65 -29.70
CA SER A 698 10.09 -34.53 -30.33
C SER A 698 8.75 -34.41 -29.62
N LEU A 699 7.68 -34.53 -30.38
CA LEU A 699 6.32 -34.50 -29.85
C LEU A 699 5.77 -35.90 -29.64
N GLY A 700 6.59 -36.92 -29.88
CA GLY A 700 6.20 -38.30 -29.73
C GLY A 700 6.56 -39.04 -30.98
N ALA A 701 6.54 -40.36 -30.90
CA ALA A 701 6.96 -41.15 -32.03
C ALA A 701 5.93 -41.01 -33.12
N GLU A 702 6.38 -40.97 -34.36
CA GLU A 702 5.47 -40.67 -35.43
C GLU A 702 4.70 -41.92 -35.76
N ASN A 703 3.51 -41.75 -36.30
CA ASN A 703 2.65 -42.88 -36.54
C ASN A 703 1.79 -42.55 -37.74
N SER A 704 1.11 -43.56 -38.23
CA SER A 704 -0.02 -43.36 -39.10
C SER A 704 -0.93 -44.53 -38.86
N VAL A 705 -2.21 -44.29 -39.00
CA VAL A 705 -3.20 -45.33 -38.83
C VAL A 705 -3.51 -45.82 -40.24
N ALA A 706 -3.49 -47.13 -40.43
CA ALA A 706 -3.50 -47.67 -41.78
C ALA A 706 -4.91 -47.60 -42.32
N TYR A 707 -5.36 -46.36 -42.51
CA TYR A 707 -6.75 -46.10 -42.84
C TYR A 707 -7.04 -46.55 -44.25
N SER A 708 -8.19 -47.19 -44.42
CA SER A 708 -8.74 -47.39 -45.73
C SER A 708 -10.23 -47.59 -45.54
N ASN A 709 -10.96 -47.48 -46.64
CA ASN A 709 -12.41 -47.34 -46.51
C ASN A 709 -13.09 -48.64 -46.14
N ASN A 710 -12.41 -49.79 -46.24
CA ASN A 710 -13.02 -51.08 -45.96
C ASN A 710 -12.16 -51.91 -45.02
N SER A 711 -11.43 -51.29 -44.12
CA SER A 711 -10.57 -52.03 -43.20
C SER A 711 -10.69 -51.46 -41.81
N ILE A 712 -10.94 -52.36 -40.85
CA ILE A 712 -11.15 -52.03 -39.45
C ILE A 712 -10.20 -52.87 -38.62
N ALA A 713 -9.62 -52.26 -37.59
CA ALA A 713 -8.78 -52.98 -36.64
C ALA A 713 -9.60 -53.24 -35.40
N ILE A 714 -9.61 -54.49 -34.93
CA ILE A 714 -10.41 -54.84 -33.75
C ILE A 714 -9.50 -55.53 -32.72
N PRO A 715 -9.54 -55.11 -31.45
CA PRO A 715 -8.77 -55.83 -30.44
C PRO A 715 -9.27 -57.24 -30.17
N THR A 716 -8.32 -58.15 -29.97
CA THR A 716 -8.58 -59.53 -29.62
C THR A 716 -8.22 -59.85 -28.19
N ASN A 717 -7.41 -59.04 -27.55
CA ASN A 717 -7.01 -59.20 -26.16
C ASN A 717 -7.00 -57.82 -25.54
N PHE A 718 -6.83 -57.79 -24.22
CA PHE A 718 -7.06 -56.59 -23.44
C PHE A 718 -6.14 -56.68 -22.24
N THR A 719 -5.94 -55.55 -21.60
CA THR A 719 -5.34 -55.53 -20.28
C THR A 719 -6.22 -54.72 -19.37
N ILE A 720 -6.09 -55.00 -18.08
CA ILE A 720 -6.66 -54.20 -17.03
C ILE A 720 -5.50 -53.44 -16.46
N SER A 721 -5.61 -52.13 -16.42
CA SER A 721 -4.53 -51.30 -15.95
C SER A 721 -5.04 -50.53 -14.75
N VAL A 722 -4.13 -50.17 -13.87
CA VAL A 722 -4.43 -49.30 -12.75
C VAL A 722 -3.54 -48.10 -12.89
N THR A 723 -4.13 -46.92 -12.86
CA THR A 723 -3.41 -45.66 -12.90
C THR A 723 -3.67 -44.97 -11.57
N THR A 724 -2.77 -44.07 -11.19
CA THR A 724 -2.89 -43.36 -9.93
C THR A 724 -3.10 -41.89 -10.23
N GLU A 725 -4.18 -41.34 -9.68
CA GLU A 725 -4.46 -39.92 -9.76
C GLU A 725 -4.41 -39.32 -8.37
N ILE A 726 -3.51 -38.38 -8.17
CA ILE A 726 -3.26 -37.77 -6.86
C ILE A 726 -3.79 -36.36 -6.91
N LEU A 727 -4.70 -36.01 -6.01
CA LEU A 727 -5.26 -34.67 -5.98
C LEU A 727 -5.15 -34.11 -4.57
N PRO A 728 -4.76 -32.85 -4.39
CA PRO A 728 -4.90 -32.24 -3.08
C PRO A 728 -6.34 -31.95 -2.77
N VAL A 729 -6.68 -32.06 -1.49
CA VAL A 729 -8.03 -31.77 -1.01
C VAL A 729 -8.05 -30.58 -0.07
N SER A 730 -7.07 -30.47 0.82
CA SER A 730 -7.10 -29.44 1.85
C SER A 730 -5.71 -28.91 2.12
N MET A 731 -5.68 -27.70 2.65
CA MET A 731 -4.49 -27.02 3.15
C MET A 731 -4.39 -27.18 4.65
N THR A 732 -3.20 -26.92 5.18
CA THR A 732 -3.07 -26.75 6.61
C THR A 732 -3.90 -25.55 7.06
N LYS A 733 -4.68 -25.75 8.13
CA LYS A 733 -5.59 -24.73 8.65
C LYS A 733 -4.80 -23.72 9.48
N THR A 734 -4.07 -22.86 8.78
CA THR A 734 -3.30 -21.82 9.44
C THR A 734 -4.22 -20.67 9.83
N SER A 735 -4.02 -20.16 11.04
CA SER A 735 -4.74 -19.00 11.55
C SER A 735 -3.73 -18.09 12.21
N VAL A 736 -3.72 -16.82 11.81
CA VAL A 736 -2.73 -15.85 12.23
C VAL A 736 -3.42 -14.75 13.00
N ASP A 737 -2.87 -14.45 14.18
CA ASP A 737 -3.36 -13.39 15.05
C ASP A 737 -2.69 -12.09 14.66
N CYS A 738 -3.37 -11.27 13.85
CA CYS A 738 -2.80 -10.06 13.29
C CYS A 738 -2.20 -9.15 14.35
N THR A 739 -2.82 -9.07 15.51
CA THR A 739 -2.33 -8.13 16.50
C THR A 739 -1.08 -8.66 17.19
N MET A 740 -1.01 -9.97 17.40
CA MET A 740 0.20 -10.55 17.95
C MET A 740 1.31 -10.58 16.92
N TYR A 741 0.97 -10.83 15.66
CA TYR A 741 1.98 -10.85 14.62
C TYR A 741 2.63 -9.49 14.44
N ILE A 742 1.84 -8.44 14.33
CA ILE A 742 2.42 -7.13 14.02
C ILE A 742 3.02 -6.51 15.27
N CYS A 743 2.30 -6.56 16.38
CA CYS A 743 2.54 -5.76 17.57
C CYS A 743 2.65 -6.65 18.79
N GLY A 744 3.38 -7.75 18.67
CA GLY A 744 3.29 -8.81 19.66
C GLY A 744 3.83 -8.36 20.99
N ASP A 745 2.99 -8.41 22.03
CA ASP A 745 3.37 -8.01 23.38
C ASP A 745 3.93 -6.59 23.44
N SER A 746 3.34 -5.67 22.67
CA SER A 746 3.69 -4.25 22.74
C SER A 746 2.40 -3.44 22.75
N THR A 747 2.13 -2.80 23.90
CA THR A 747 0.91 -2.01 24.04
C THR A 747 0.92 -0.77 23.15
N GLU A 748 2.07 -0.09 23.05
CA GLU A 748 2.14 1.10 22.22
C GLU A 748 1.88 0.76 20.77
N CYS A 749 2.47 -0.33 20.30
CA CYS A 749 2.25 -0.76 18.93
C CYS A 749 0.81 -1.16 18.72
N SER A 750 0.21 -1.89 19.66
CA SER A 750 -1.19 -2.26 19.51
C SER A 750 -2.08 -1.02 19.41
N ASN A 751 -1.82 -0.01 20.24
CA ASN A 751 -2.58 1.22 20.15
C ASN A 751 -2.40 1.90 18.80
N LEU A 752 -1.22 1.76 18.20
CA LEU A 752 -1.03 2.35 16.87
C LEU A 752 -1.73 1.52 15.79
N LEU A 753 -1.76 0.21 15.97
CA LEU A 753 -2.47 -0.66 15.05
C LEU A 753 -3.97 -0.38 15.05
N LEU A 754 -4.51 -0.01 16.21
CA LEU A 754 -5.95 0.29 16.26
C LEU A 754 -6.34 1.49 15.41
N GLN A 755 -5.38 2.31 14.98
CA GLN A 755 -5.68 3.42 14.09
C GLN A 755 -5.94 2.96 12.66
N TYR A 756 -5.73 1.69 12.35
CA TYR A 756 -5.97 1.14 11.02
C TYR A 756 -7.31 0.44 10.91
N GLY A 757 -8.16 0.55 11.92
CA GLY A 757 -9.52 0.06 11.81
C GLY A 757 -9.62 -1.44 11.61
N SER A 758 -10.31 -1.83 10.56
CA SER A 758 -10.81 -3.18 10.40
C SER A 758 -9.85 -4.14 9.72
N PHE A 759 -8.64 -3.68 9.34
CA PHE A 759 -7.74 -4.51 8.56
C PHE A 759 -7.48 -5.86 9.23
N CYS A 760 -7.14 -5.85 10.52
CA CYS A 760 -6.84 -7.12 11.17
C CYS A 760 -8.06 -8.00 11.38
N THR A 761 -9.19 -7.45 11.82
CA THR A 761 -10.34 -8.34 11.94
C THR A 761 -10.71 -8.93 10.59
N GLN A 762 -10.60 -8.14 9.52
CA GLN A 762 -10.83 -8.68 8.18
C GLN A 762 -9.85 -9.79 7.82
N LEU A 763 -8.57 -9.63 8.16
CA LEU A 763 -7.60 -10.69 7.86
C LEU A 763 -7.89 -11.96 8.65
N ASN A 764 -8.24 -11.80 9.92
CA ASN A 764 -8.60 -12.96 10.73
C ASN A 764 -9.84 -13.64 10.18
N ARG A 765 -10.77 -12.84 9.68
CA ARG A 765 -11.98 -13.41 9.11
C ARG A 765 -11.67 -14.18 7.84
N ALA A 766 -10.81 -13.63 6.98
CA ALA A 766 -10.46 -14.37 5.77
C ALA A 766 -9.74 -15.67 6.08
N LEU A 767 -8.83 -15.64 7.05
CA LEU A 767 -8.13 -16.88 7.39
C LEU A 767 -9.05 -17.89 8.05
N THR A 768 -10.00 -17.43 8.85
CA THR A 768 -11.01 -18.32 9.40
C THR A 768 -11.85 -18.94 8.31
N GLY A 769 -12.27 -18.13 7.34
CA GLY A 769 -13.03 -18.67 6.23
C GLY A 769 -12.27 -19.75 5.49
N ILE A 770 -10.98 -19.55 5.28
CA ILE A 770 -10.17 -20.57 4.63
C ILE A 770 -10.11 -21.83 5.50
N ALA A 771 -9.83 -21.64 6.79
CA ALA A 771 -9.74 -22.78 7.70
C ALA A 771 -11.02 -23.60 7.73
N VAL A 772 -12.17 -22.94 7.70
CA VAL A 772 -13.44 -23.67 7.65
C VAL A 772 -13.57 -24.40 6.33
N GLU A 773 -13.25 -23.71 5.24
CA GLU A 773 -13.33 -24.31 3.93
C GLU A 773 -12.52 -25.59 3.82
N GLN A 774 -11.37 -25.67 4.50
CA GLN A 774 -10.58 -26.90 4.37
C GLN A 774 -11.29 -28.10 4.97
N ASP A 775 -12.10 -27.88 5.99
CA ASP A 775 -12.86 -28.98 6.56
C ASP A 775 -14.08 -29.27 5.71
N LYS A 776 -14.65 -28.25 5.09
CA LYS A 776 -15.70 -28.50 4.10
C LYS A 776 -15.17 -29.32 2.94
N ASN A 777 -13.94 -29.02 2.49
CA ASN A 777 -13.35 -29.76 1.38
C ASN A 777 -13.18 -31.22 1.74
N THR A 778 -12.64 -31.49 2.93
CA THR A 778 -12.47 -32.89 3.32
C THR A 778 -13.80 -33.58 3.47
N GLN A 779 -14.78 -32.91 4.06
CA GLN A 779 -16.10 -33.50 4.24
C GLN A 779 -16.73 -33.84 2.89
N GLU A 780 -16.64 -32.92 1.93
CA GLU A 780 -17.26 -33.15 0.64
C GLU A 780 -16.57 -34.27 -0.12
N VAL A 781 -15.26 -34.40 0.03
CA VAL A 781 -14.57 -35.45 -0.72
C VAL A 781 -14.87 -36.81 -0.11
N PHE A 782 -14.77 -36.93 1.21
CA PHE A 782 -14.77 -38.24 1.84
C PHE A 782 -16.09 -38.64 2.46
N ALA A 783 -16.86 -37.70 2.99
CA ALA A 783 -18.14 -38.04 3.61
C ALA A 783 -19.24 -38.06 2.57
N GLN A 784 -19.10 -38.95 1.61
CA GLN A 784 -20.12 -39.22 0.62
C GLN A 784 -20.92 -40.47 0.93
N VAL A 785 -20.62 -41.13 2.03
CA VAL A 785 -21.31 -42.33 2.46
C VAL A 785 -21.90 -42.04 3.83
N LYS A 786 -23.18 -42.35 4.01
CA LYS A 786 -23.80 -42.11 5.31
C LYS A 786 -23.42 -43.17 6.33
N GLN A 787 -23.22 -44.40 5.89
CA GLN A 787 -22.93 -45.53 6.77
C GLN A 787 -21.51 -46.00 6.56
N ILE A 788 -20.96 -46.64 7.58
CA ILE A 788 -19.61 -47.18 7.55
C ILE A 788 -19.74 -48.65 7.21
N TYR A 789 -19.34 -49.00 5.99
CA TYR A 789 -19.41 -50.37 5.51
C TYR A 789 -18.12 -51.10 5.82
N LYS A 790 -18.23 -52.41 5.98
CA LYS A 790 -17.07 -53.26 6.20
C LYS A 790 -17.19 -54.50 5.33
N THR A 791 -16.04 -54.99 4.88
CA THR A 791 -16.00 -56.25 4.17
C THR A 791 -16.11 -57.40 5.16
N PRO A 792 -16.56 -58.57 4.73
CA PRO A 792 -16.63 -59.70 5.64
C PRO A 792 -15.24 -60.23 5.94
N PRO A 793 -15.09 -61.09 6.96
CA PRO A 793 -13.80 -61.75 7.15
C PRO A 793 -13.42 -62.67 6.00
N ILE A 794 -14.40 -63.12 5.21
CA ILE A 794 -14.14 -63.92 4.01
C ILE A 794 -13.75 -62.97 2.88
N LYS A 795 -12.57 -63.21 2.32
CA LYS A 795 -12.00 -62.33 1.31
C LYS A 795 -12.02 -62.97 -0.07
N ASP A 796 -12.84 -64.00 -0.24
CA ASP A 796 -12.97 -64.69 -1.52
C ASP A 796 -13.85 -63.85 -2.41
N PHE A 797 -13.21 -63.03 -3.25
CA PHE A 797 -13.87 -62.12 -4.19
C PHE A 797 -13.70 -62.61 -5.61
N GLY A 798 -13.48 -63.91 -5.80
CA GLY A 798 -13.31 -64.47 -7.12
C GLY A 798 -11.91 -64.33 -7.67
N GLY A 799 -10.92 -64.15 -6.81
CA GLY A 799 -9.54 -64.00 -7.19
C GLY A 799 -9.02 -62.59 -7.13
N PHE A 800 -9.89 -61.61 -6.96
CA PHE A 800 -9.46 -60.22 -6.88
C PHE A 800 -8.87 -59.96 -5.51
N ASN A 801 -7.62 -59.54 -5.48
CA ASN A 801 -6.87 -59.29 -4.25
C ASN A 801 -6.93 -57.80 -3.93
N PHE A 802 -7.72 -57.44 -2.94
CA PHE A 802 -7.83 -56.06 -2.50
C PHE A 802 -7.01 -55.79 -1.25
N SER A 803 -6.21 -56.77 -0.83
CA SER A 803 -5.48 -56.64 0.42
C SER A 803 -4.49 -55.49 0.41
N GLN A 804 -4.15 -54.97 -0.76
CA GLN A 804 -3.24 -53.84 -0.82
C GLN A 804 -3.97 -52.50 -0.78
N ILE A 805 -5.30 -52.49 -0.86
CA ILE A 805 -6.07 -51.27 -0.66
C ILE A 805 -6.97 -51.33 0.57
N LEU A 806 -7.30 -52.51 1.07
CA LEU A 806 -8.18 -52.64 2.22
C LEU A 806 -7.38 -52.43 3.50
N PRO A 807 -8.02 -51.93 4.56
CA PRO A 807 -7.29 -51.67 5.82
C PRO A 807 -6.56 -52.91 6.33
N ASP A 808 -5.35 -52.67 6.85
CA ASP A 808 -4.58 -53.73 7.49
C ASP A 808 -4.93 -53.72 8.98
N PRO A 809 -5.66 -54.72 9.49
CA PRO A 809 -6.00 -54.66 10.92
C PRO A 809 -4.80 -54.71 11.84
N SER A 810 -3.70 -55.33 11.38
CA SER A 810 -2.58 -55.55 12.29
C SER A 810 -1.87 -54.27 12.67
N LYS A 811 -1.81 -53.29 11.78
CA LYS A 811 -0.98 -52.13 12.04
C LYS A 811 -1.66 -51.23 13.07
N PRO A 812 -0.97 -50.19 13.55
CA PRO A 812 -1.55 -49.41 14.65
C PRO A 812 -2.71 -48.52 14.26
N SER A 813 -2.88 -48.16 12.98
CA SER A 813 -3.90 -47.18 12.60
C SER A 813 -4.71 -47.64 11.40
N LYS A 814 -4.97 -48.95 11.32
CA LYS A 814 -5.94 -49.58 10.42
C LYS A 814 -5.93 -48.96 9.01
N ARG A 815 -4.74 -48.91 8.41
CA ARG A 815 -4.55 -48.35 7.09
C ARG A 815 -4.08 -49.43 6.15
N SER A 816 -4.34 -49.26 4.87
CA SER A 816 -3.86 -50.23 3.92
C SER A 816 -2.36 -50.02 3.71
N PRO A 817 -1.67 -51.00 3.12
CA PRO A 817 -0.27 -50.75 2.78
C PRO A 817 -0.05 -49.59 1.84
N ILE A 818 -0.90 -49.39 0.82
CA ILE A 818 -0.69 -48.27 -0.09
C ILE A 818 -0.88 -46.96 0.65
N GLU A 819 -1.87 -46.91 1.52
CA GLU A 819 -2.04 -45.74 2.35
C GLU A 819 -0.82 -45.53 3.22
N ASP A 820 -0.26 -46.60 3.76
CA ASP A 820 0.96 -46.46 4.56
C ASP A 820 2.12 -45.89 3.75
N LEU A 821 2.27 -46.30 2.50
CA LEU A 821 3.30 -45.69 1.65
C LEU A 821 3.03 -44.22 1.44
N LEU A 822 1.77 -43.87 1.23
CA LEU A 822 1.45 -42.49 0.94
C LEU A 822 1.73 -41.62 2.16
N PHE A 823 1.35 -42.08 3.33
CA PHE A 823 1.62 -41.32 4.53
C PHE A 823 3.10 -41.26 4.87
N ASN A 824 3.83 -42.36 4.64
CA ASN A 824 5.26 -42.34 4.94
C ASN A 824 6.09 -41.62 3.90
N LYS A 825 5.47 -41.13 2.81
CA LYS A 825 6.20 -40.52 1.72
C LYS A 825 5.97 -39.02 1.58
N VAL A 826 5.26 -38.40 2.52
CA VAL A 826 4.96 -36.98 2.48
C VAL A 826 5.49 -36.33 3.74
N THR A 827 6.25 -35.26 3.59
CA THR A 827 6.93 -34.59 4.68
C THR A 827 6.20 -33.33 5.11
N LYS A 854 4.13 -22.98 17.41
CA LYS A 854 3.37 -21.76 17.19
C LYS A 854 4.05 -20.59 17.90
N PHE A 855 4.44 -19.62 17.09
CA PHE A 855 5.38 -18.58 17.50
C PHE A 855 5.15 -17.35 16.62
N ASN A 856 4.96 -16.18 17.25
CA ASN A 856 4.52 -14.91 16.63
C ASN A 856 3.03 -14.80 16.35
N GLY A 857 2.19 -15.72 16.80
CA GLY A 857 0.78 -15.63 16.57
C GLY A 857 0.27 -16.49 15.44
N LEU A 858 1.17 -17.20 14.77
CA LEU A 858 0.82 -18.10 13.69
C LEU A 858 0.58 -19.46 14.30
N THR A 859 -0.65 -19.95 14.23
CA THR A 859 -0.99 -21.24 14.79
C THR A 859 -1.69 -22.06 13.73
N VAL A 860 -1.77 -23.36 13.99
CA VAL A 860 -2.28 -24.32 13.04
C VAL A 860 -3.40 -25.07 13.73
N LEU A 861 -4.52 -25.11 13.12
CA LEU A 861 -5.64 -25.77 13.80
C LEU A 861 -5.66 -27.24 13.41
N PRO A 862 -6.11 -28.13 14.29
CA PRO A 862 -6.33 -29.51 13.85
C PRO A 862 -7.40 -29.55 12.78
N PRO A 863 -7.31 -30.47 11.83
CA PRO A 863 -8.47 -30.71 10.98
C PRO A 863 -9.57 -31.36 11.79
N LEU A 864 -10.80 -31.16 11.32
CA LEU A 864 -11.94 -31.70 12.04
C LEU A 864 -11.95 -33.22 11.98
N LEU A 865 -11.65 -33.78 10.82
CA LEU A 865 -11.57 -35.22 10.62
C LEU A 865 -10.11 -35.62 10.68
N THR A 866 -9.75 -36.42 11.68
CA THR A 866 -8.35 -36.82 11.79
C THR A 866 -8.08 -37.95 10.80
N ASP A 867 -6.79 -38.25 10.65
CA ASP A 867 -6.35 -39.22 9.64
C ASP A 867 -7.01 -40.56 9.85
N GLU A 868 -7.23 -40.96 11.10
CA GLU A 868 -7.90 -42.22 11.36
C GLU A 868 -9.33 -42.20 10.85
N MET A 869 -10.06 -41.10 11.08
CA MET A 869 -11.41 -41.01 10.56
C MET A 869 -11.44 -40.96 9.04
N ILE A 870 -10.47 -40.28 8.43
CA ILE A 870 -10.45 -40.24 6.97
C ILE A 870 -10.16 -41.63 6.42
N ALA A 871 -9.23 -42.35 7.03
CA ALA A 871 -9.03 -43.74 6.68
C ALA A 871 -10.30 -44.55 6.84
N GLN A 872 -11.09 -44.27 7.87
CA GLN A 872 -12.35 -45.00 8.03
C GLN A 872 -13.32 -44.69 6.91
N TYR A 873 -13.35 -43.44 6.47
CA TYR A 873 -14.25 -43.09 5.38
C TYR A 873 -13.83 -43.75 4.09
N THR A 874 -12.53 -43.79 3.81
CA THR A 874 -12.10 -44.46 2.58
C THR A 874 -12.27 -45.95 2.70
N SER A 875 -12.18 -46.50 3.90
CA SER A 875 -12.48 -47.92 4.11
C SER A 875 -13.95 -48.20 3.83
N ALA A 876 -14.83 -47.33 4.30
CA ALA A 876 -16.25 -47.48 4.03
C ALA A 876 -16.52 -47.40 2.54
N LEU A 877 -15.86 -46.48 1.85
CA LEU A 877 -16.06 -46.35 0.43
C LEU A 877 -15.55 -47.59 -0.30
N LEU A 878 -14.42 -48.13 0.13
CA LEU A 878 -13.88 -49.34 -0.50
C LEU A 878 -14.76 -50.54 -0.24
N ALA A 879 -15.20 -50.73 1.00
CA ALA A 879 -16.09 -51.85 1.29
C ALA A 879 -17.40 -51.74 0.56
N GLY A 880 -17.92 -50.52 0.43
CA GLY A 880 -19.13 -50.33 -0.35
C GLY A 880 -18.93 -50.70 -1.80
N THR A 881 -17.87 -50.16 -2.41
CA THR A 881 -17.56 -50.47 -3.80
C THR A 881 -17.39 -51.96 -4.00
N ILE A 882 -16.70 -52.61 -3.08
CA ILE A 882 -16.34 -54.00 -3.26
C ILE A 882 -17.55 -54.88 -3.11
N THR A 883 -18.37 -54.65 -2.08
CA THR A 883 -19.42 -55.58 -1.76
C THR A 883 -20.77 -55.25 -2.37
N SER A 884 -20.99 -54.01 -2.84
CA SER A 884 -22.27 -53.62 -3.42
C SER A 884 -22.16 -52.87 -4.73
N GLY A 885 -20.99 -52.79 -5.33
CA GLY A 885 -20.81 -52.03 -6.55
C GLY A 885 -21.13 -50.57 -6.39
N TRP A 886 -21.97 -50.06 -7.29
CA TRP A 886 -22.31 -48.64 -7.29
C TRP A 886 -23.62 -48.35 -6.57
N THR A 887 -24.23 -49.36 -5.96
CA THR A 887 -25.54 -49.18 -5.40
C THR A 887 -25.52 -48.47 -4.07
N PHE A 888 -24.41 -48.50 -3.36
CA PHE A 888 -24.32 -47.78 -2.09
C PHE A 888 -24.32 -46.29 -2.30
N GLY A 889 -24.00 -45.83 -3.50
CA GLY A 889 -24.00 -44.42 -3.83
C GLY A 889 -25.41 -43.93 -4.06
N ALA A 890 -26.17 -44.63 -4.90
CA ALA A 890 -27.51 -44.17 -5.24
C ALA A 890 -28.48 -44.36 -4.08
N GLY A 891 -28.48 -45.53 -3.44
CA GLY A 891 -29.50 -45.86 -2.48
C GLY A 891 -29.03 -46.78 -1.37
N PRO A 892 -29.83 -47.78 -1.01
CA PRO A 892 -29.34 -48.82 -0.10
C PRO A 892 -28.26 -49.66 -0.77
N ALA A 893 -27.25 -50.01 0.02
CA ALA A 893 -26.15 -50.78 -0.51
C ALA A 893 -26.61 -52.23 -0.68
N LEU A 894 -26.72 -52.64 -1.93
CA LEU A 894 -27.23 -53.94 -2.32
C LEU A 894 -26.07 -54.86 -2.64
N GLN A 895 -25.90 -55.92 -1.85
CA GLN A 895 -24.77 -56.80 -2.08
C GLN A 895 -24.83 -57.42 -3.46
N ILE A 896 -23.68 -57.55 -4.11
CA ILE A 896 -23.55 -58.29 -5.36
C ILE A 896 -22.17 -58.93 -5.40
N PRO A 897 -22.02 -60.20 -5.83
CA PRO A 897 -20.68 -60.78 -5.86
C PRO A 897 -19.75 -59.98 -6.77
N PHE A 898 -18.50 -59.83 -6.35
CA PHE A 898 -17.56 -59.00 -7.10
C PHE A 898 -17.43 -59.40 -8.56
N PRO A 899 -17.22 -60.66 -8.93
CA PRO A 899 -17.22 -60.98 -10.35
C PRO A 899 -18.48 -60.58 -11.07
N MET A 900 -19.64 -60.60 -10.41
CA MET A 900 -20.82 -60.09 -11.08
C MET A 900 -20.83 -58.58 -11.17
N GLN A 901 -20.25 -57.89 -10.19
CA GLN A 901 -20.11 -56.46 -10.32
C GLN A 901 -19.22 -56.11 -11.49
N MET A 902 -18.11 -56.82 -11.65
CA MET A 902 -17.25 -56.57 -12.79
C MET A 902 -17.94 -56.92 -14.09
N ALA A 903 -18.77 -57.96 -14.09
CA ALA A 903 -19.52 -58.25 -15.29
C ALA A 903 -20.40 -57.08 -15.68
N TYR A 904 -20.94 -56.36 -14.68
CA TYR A 904 -21.69 -55.16 -15.02
C TYR A 904 -20.77 -54.05 -15.51
N ARG A 905 -19.62 -53.90 -14.85
CA ARG A 905 -18.66 -52.87 -15.20
C ARG A 905 -18.14 -53.06 -16.63
N PHE A 906 -17.95 -54.30 -17.05
CA PHE A 906 -17.56 -54.58 -18.43
C PHE A 906 -18.71 -54.31 -19.37
N ASN A 907 -19.91 -54.72 -18.99
CA ASN A 907 -21.06 -54.47 -19.84
C ASN A 907 -21.25 -52.97 -20.03
N GLY A 908 -20.92 -52.18 -19.01
CA GLY A 908 -20.98 -50.74 -19.07
C GLY A 908 -20.04 -50.06 -20.05
N ILE A 909 -19.02 -50.75 -20.55
CA ILE A 909 -18.08 -50.17 -21.52
C ILE A 909 -18.22 -50.83 -22.88
N GLY A 910 -19.29 -51.56 -23.12
CA GLY A 910 -19.54 -52.13 -24.42
C GLY A 910 -18.90 -53.46 -24.65
N VAL A 911 -18.51 -54.16 -23.58
CA VAL A 911 -17.89 -55.47 -23.65
C VAL A 911 -18.86 -56.44 -23.01
N THR A 912 -19.28 -57.43 -23.77
CA THR A 912 -20.28 -58.39 -23.32
C THR A 912 -19.82 -59.06 -22.05
N GLN A 913 -20.80 -59.41 -21.20
CA GLN A 913 -20.49 -59.98 -19.88
C GLN A 913 -19.58 -61.17 -19.97
N ASN A 914 -19.72 -61.97 -21.04
CA ASN A 914 -19.05 -63.25 -21.08
C ASN A 914 -17.54 -63.09 -21.11
N VAL A 915 -17.07 -61.92 -21.51
CA VAL A 915 -15.65 -61.71 -21.60
C VAL A 915 -15.04 -61.78 -20.21
N LEU A 916 -15.68 -61.18 -19.20
CA LEU A 916 -15.19 -61.37 -17.85
C LEU A 916 -15.23 -62.84 -17.43
N TYR A 917 -16.37 -63.50 -17.63
CA TYR A 917 -16.53 -64.80 -16.99
C TYR A 917 -15.61 -65.83 -17.61
N GLU A 918 -15.49 -65.80 -18.92
CA GLU A 918 -14.60 -66.72 -19.60
C GLU A 918 -13.15 -66.43 -19.26
N ASN A 919 -12.80 -65.17 -19.04
CA ASN A 919 -11.45 -64.74 -18.74
C ASN A 919 -11.28 -64.30 -17.29
N GLN A 920 -12.15 -64.76 -16.38
CA GLN A 920 -12.14 -64.23 -15.02
C GLN A 920 -10.79 -64.40 -14.33
N LYS A 921 -10.16 -65.56 -14.48
CA LYS A 921 -8.90 -65.80 -13.76
C LYS A 921 -7.79 -64.89 -14.27
N LEU A 922 -7.76 -64.69 -15.58
CA LEU A 922 -6.77 -63.83 -16.21
C LEU A 922 -6.97 -62.39 -15.76
N ILE A 923 -8.22 -61.94 -15.75
CA ILE A 923 -8.55 -60.58 -15.37
C ILE A 923 -8.20 -60.35 -13.92
N ALA A 924 -8.53 -61.29 -13.05
CA ALA A 924 -8.23 -61.14 -11.63
C ALA A 924 -6.72 -61.07 -11.42
N ASN A 925 -5.96 -61.88 -12.16
CA ASN A 925 -4.51 -61.82 -12.01
C ASN A 925 -3.95 -60.51 -12.53
N GLN A 926 -4.50 -59.99 -13.64
CA GLN A 926 -4.02 -58.73 -14.16
C GLN A 926 -4.32 -57.60 -13.19
N PHE A 927 -5.50 -57.63 -12.56
CA PHE A 927 -5.82 -56.64 -11.54
C PHE A 927 -4.83 -56.70 -10.37
N ASN A 928 -4.59 -57.91 -9.85
CA ASN A 928 -3.69 -58.04 -8.70
C ASN A 928 -2.29 -57.59 -9.05
N SER A 929 -1.84 -57.92 -10.25
CA SER A 929 -0.53 -57.48 -10.67
C SER A 929 -0.46 -55.98 -10.80
N ALA A 930 -1.48 -55.36 -11.41
CA ALA A 930 -1.49 -53.92 -11.55
C ALA A 930 -1.45 -53.20 -10.21
N ILE A 931 -2.17 -53.70 -9.20
CA ILE A 931 -2.07 -53.05 -7.89
C ILE A 931 -0.67 -53.20 -7.30
N GLY A 932 -0.08 -54.39 -7.41
CA GLY A 932 1.31 -54.54 -6.96
C GLY A 932 2.24 -53.58 -7.66
N LYS A 933 2.01 -53.33 -8.95
CA LYS A 933 2.80 -52.35 -9.66
C LYS A 933 2.57 -50.96 -9.11
N ILE A 934 1.35 -50.64 -8.67
CA ILE A 934 1.13 -49.35 -8.02
C ILE A 934 1.98 -49.25 -6.78
N GLN A 935 2.06 -50.35 -6.03
CA GLN A 935 2.84 -50.33 -4.80
C GLN A 935 4.30 -50.02 -5.11
N ASP A 936 4.83 -50.65 -6.16
CA ASP A 936 6.22 -50.41 -6.56
C ASP A 936 6.41 -49.01 -7.13
N SER A 937 5.43 -48.55 -7.91
CA SER A 937 5.54 -47.26 -8.58
C SER A 937 5.59 -46.13 -7.58
N LEU A 938 4.69 -46.15 -6.60
CA LEU A 938 4.75 -45.12 -5.58
C LEU A 938 5.99 -45.30 -4.72
N SER A 939 6.36 -46.55 -4.43
CA SER A 939 7.44 -46.80 -3.47
C SER A 939 8.78 -46.31 -3.99
N SER A 940 9.04 -46.53 -5.27
CA SER A 940 10.37 -46.36 -5.84
C SER A 940 10.57 -45.01 -6.50
N THR A 941 9.51 -44.38 -6.97
CA THR A 941 9.64 -43.09 -7.63
C THR A 941 9.39 -41.98 -6.61
N PRO A 942 10.34 -41.07 -6.39
CA PRO A 942 10.10 -40.00 -5.39
C PRO A 942 9.02 -39.02 -5.79
N SER A 943 8.74 -38.89 -7.08
CA SER A 943 8.02 -37.76 -7.64
C SER A 943 6.53 -38.04 -7.83
N ALA A 944 6.07 -39.24 -7.48
CA ALA A 944 4.67 -39.60 -7.72
C ALA A 944 3.71 -38.71 -6.95
N LEU A 945 4.11 -38.25 -5.77
CA LEU A 945 3.24 -37.49 -4.87
C LEU A 945 3.65 -36.02 -4.85
N GLY A 946 4.24 -35.56 -5.94
CA GLY A 946 4.55 -34.15 -6.06
C GLY A 946 3.35 -33.25 -5.86
N LYS A 947 2.17 -33.70 -6.28
CA LYS A 947 1.01 -32.81 -6.22
C LYS A 947 0.64 -32.43 -4.78
N LEU A 948 0.82 -33.33 -3.82
CA LEU A 948 0.53 -33.01 -2.42
C LEU A 948 1.74 -32.41 -1.72
N GLN A 949 2.93 -32.85 -2.10
CA GLN A 949 4.11 -32.28 -1.51
C GLN A 949 4.27 -30.83 -1.93
N ASP A 950 3.87 -30.49 -3.14
CA ASP A 950 3.89 -29.10 -3.56
C ASP A 950 2.96 -28.25 -2.70
N VAL A 951 1.82 -28.81 -2.30
CA VAL A 951 0.93 -28.04 -1.44
C VAL A 951 1.55 -27.83 -0.08
N VAL A 952 2.15 -28.88 0.48
CA VAL A 952 2.80 -28.75 1.79
C VAL A 952 3.95 -27.76 1.71
N ASN A 953 4.74 -27.85 0.65
CA ASN A 953 5.89 -26.98 0.48
C ASN A 953 5.48 -25.54 0.29
N GLN A 954 4.43 -25.30 -0.50
CA GLN A 954 4.01 -23.93 -0.72
C GLN A 954 3.46 -23.31 0.56
N ASN A 955 2.75 -24.08 1.38
CA ASN A 955 2.30 -23.49 2.64
C ASN A 955 3.47 -23.25 3.58
N ALA A 956 4.46 -24.16 3.60
CA ALA A 956 5.62 -23.96 4.44
C ALA A 956 6.42 -22.75 4.00
N GLN A 957 6.57 -22.58 2.69
CA GLN A 957 7.31 -21.45 2.17
C GLN A 957 6.57 -20.15 2.44
N ALA A 958 5.24 -20.17 2.32
CA ALA A 958 4.46 -18.97 2.64
C ALA A 958 4.64 -18.58 4.10
N LEU A 959 4.70 -19.55 4.99
CA LEU A 959 4.81 -19.19 6.40
C LEU A 959 6.24 -18.84 6.78
N ASN A 960 7.24 -19.49 6.18
CA ASN A 960 8.61 -19.08 6.42
C ASN A 960 8.87 -17.69 5.88
N THR A 961 8.24 -17.33 4.76
CA THR A 961 8.37 -15.98 4.25
C THR A 961 7.69 -14.99 5.18
N LEU A 962 6.50 -15.32 5.64
CA LEU A 962 5.80 -14.42 6.55
C LEU A 962 6.58 -14.21 7.83
N VAL A 963 7.15 -15.27 8.39
CA VAL A 963 7.94 -15.11 9.61
C VAL A 963 9.21 -14.31 9.33
N LYS A 964 9.90 -14.61 8.22
CA LYS A 964 11.10 -13.85 7.89
C LYS A 964 10.81 -12.38 7.71
N GLN A 965 9.61 -12.03 7.25
CA GLN A 965 9.27 -10.63 7.10
C GLN A 965 9.29 -9.86 8.41
N LEU A 966 9.22 -10.56 9.55
CA LEU A 966 9.35 -9.86 10.82
C LEU A 966 10.75 -9.26 10.99
N SER A 967 11.75 -9.82 10.33
CA SER A 967 13.11 -9.32 10.45
C SER A 967 13.41 -8.13 9.54
N SER A 968 12.50 -7.77 8.64
CA SER A 968 12.75 -6.63 7.76
C SER A 968 12.49 -5.33 8.49
N ASN A 969 13.24 -4.29 8.10
CA ASN A 969 13.09 -2.97 8.68
C ASN A 969 12.00 -2.14 8.02
N PHE A 970 11.82 -2.30 6.71
CA PHE A 970 10.91 -1.47 5.93
C PHE A 970 11.21 0.02 6.07
N GLY A 971 12.48 0.37 6.28
CA GLY A 971 12.88 1.75 6.46
C GLY A 971 13.04 2.18 7.90
N ALA A 972 12.61 1.36 8.85
CA ALA A 972 12.77 1.62 10.27
C ALA A 972 14.20 1.39 10.69
N ILE A 973 14.56 1.94 11.84
CA ILE A 973 15.94 1.79 12.30
C ILE A 973 16.20 0.36 12.74
N SER A 974 15.18 -0.36 13.17
CA SER A 974 15.37 -1.72 13.64
C SER A 974 14.11 -2.53 13.40
N SER A 975 14.31 -3.79 13.04
CA SER A 975 13.21 -4.72 12.87
C SER A 975 12.63 -5.19 14.20
N VAL A 976 13.31 -4.92 15.31
CA VAL A 976 12.91 -5.40 16.62
C VAL A 976 12.17 -4.28 17.33
N LEU A 977 10.91 -4.54 17.66
CA LEU A 977 10.04 -3.51 18.21
C LEU A 977 10.55 -3.01 19.55
N ASN A 978 11.07 -3.93 20.38
CA ASN A 978 11.56 -3.55 21.69
C ASN A 978 12.81 -2.69 21.60
N ASP A 979 13.62 -2.88 20.55
CA ASP A 979 14.83 -2.08 20.40
C ASP A 979 14.50 -0.67 19.97
N ILE A 980 13.40 -0.48 19.24
CA ILE A 980 12.92 0.88 18.97
C ILE A 980 12.37 1.49 20.24
N LEU A 981 11.53 0.73 20.96
CA LEU A 981 10.95 1.27 22.19
C LEU A 981 12.00 1.53 23.25
N SER A 982 13.06 0.72 23.30
CA SER A 982 14.08 0.88 24.33
C SER A 982 15.07 2.00 24.02
N ARG A 983 15.06 2.56 22.82
CA ARG A 983 16.04 3.56 22.40
C ARG A 983 15.45 4.96 22.26
N LEU A 984 14.21 5.08 21.80
CA LEU A 984 13.69 6.32 21.27
C LEU A 984 12.46 6.79 22.04
N ASP A 985 12.36 8.11 22.17
CA ASP A 985 11.26 8.74 22.87
C ASP A 985 10.00 8.70 22.01
N PRO A 986 8.81 8.69 22.63
CA PRO A 986 7.54 8.34 21.93
C PRO A 986 7.31 9.08 20.61
N PRO A 987 7.45 10.41 20.52
CA PRO A 987 7.00 11.10 19.29
C PRO A 987 7.67 10.62 18.01
N GLU A 988 8.84 9.99 18.09
CA GLU A 988 9.58 9.50 16.93
C GLU A 988 9.60 7.99 16.85
N ALA A 989 9.59 7.32 18.00
CA ALA A 989 9.40 5.89 18.00
C ALA A 989 8.05 5.53 17.42
N GLU A 990 7.04 6.38 17.60
CA GLU A 990 5.77 6.15 16.93
C GLU A 990 5.91 6.20 15.42
N VAL A 991 6.80 7.04 14.89
CA VAL A 991 6.99 7.09 13.45
C VAL A 991 7.64 5.82 12.95
N GLN A 992 8.67 5.37 13.66
CA GLN A 992 9.34 4.13 13.26
C GLN A 992 8.39 2.94 13.41
N ILE A 993 7.55 2.97 14.43
CA ILE A 993 6.64 1.84 14.66
C ILE A 993 5.56 1.83 13.60
N ASP A 994 5.00 2.99 13.24
CA ASP A 994 4.10 3.04 12.09
C ASP A 994 4.76 2.49 10.84
N ARG A 995 6.06 2.75 10.66
CA ARG A 995 6.74 2.18 9.49
C ARG A 995 6.74 0.66 9.56
N LEU A 996 6.97 0.11 10.75
CA LEU A 996 6.97 -1.34 10.91
C LEU A 996 5.57 -1.90 10.77
N ILE A 997 4.58 -1.19 11.28
CA ILE A 997 3.19 -1.63 11.17
C ILE A 997 2.77 -1.68 9.72
N THR A 998 3.08 -0.65 8.95
CA THR A 998 2.73 -0.66 7.54
C THR A 998 3.41 -1.83 6.83
N GLY A 999 4.69 -2.05 7.10
CA GLY A 999 5.37 -3.16 6.44
C GLY A 999 4.81 -4.51 6.84
N ARG A 1000 4.53 -4.71 8.12
CA ARG A 1000 4.07 -6.00 8.60
C ARG A 1000 2.62 -6.26 8.21
N LEU A 1001 1.80 -5.21 8.19
CA LEU A 1001 0.42 -5.34 7.75
C LEU A 1001 0.38 -5.63 6.26
N GLN A 1002 1.24 -4.98 5.48
CA GLN A 1002 1.34 -5.30 4.07
C GLN A 1002 1.80 -6.74 3.88
N SER A 1003 2.71 -7.21 4.74
CA SER A 1003 3.14 -8.61 4.67
C SER A 1003 1.99 -9.56 4.94
N LEU A 1004 1.18 -9.28 5.97
CA LEU A 1004 0.01 -10.13 6.20
C LEU A 1004 -1.00 -10.05 5.08
N GLN A 1005 -1.24 -8.86 4.54
CA GLN A 1005 -2.18 -8.78 3.42
C GLN A 1005 -1.69 -9.59 2.24
N THR A 1006 -0.39 -9.56 1.97
CA THR A 1006 0.16 -10.38 0.90
C THR A 1006 -0.03 -11.85 1.21
N TYR A 1007 0.29 -12.26 2.42
CA TYR A 1007 0.13 -13.65 2.81
C TYR A 1007 -1.31 -14.11 2.67
N VAL A 1008 -2.25 -13.34 3.21
CA VAL A 1008 -3.64 -13.72 3.19
C VAL A 1008 -4.18 -13.76 1.77
N THR A 1009 -3.84 -12.76 0.94
CA THR A 1009 -4.27 -12.82 -0.46
C THR A 1009 -3.74 -14.06 -1.15
N GLN A 1010 -2.47 -14.39 -0.91
CA GLN A 1010 -1.90 -15.59 -1.53
C GLN A 1010 -2.59 -16.83 -1.03
N GLN A 1011 -2.96 -16.84 0.25
CA GLN A 1011 -3.66 -17.98 0.83
C GLN A 1011 -5.07 -18.09 0.26
N LEU A 1012 -5.72 -16.96 0.02
CA LEU A 1012 -7.05 -17.00 -0.55
C LEU A 1012 -7.01 -17.53 -1.97
N ILE A 1013 -6.01 -17.12 -2.75
CA ILE A 1013 -5.91 -17.62 -4.12
C ILE A 1013 -5.54 -19.10 -4.11
N ARG A 1014 -4.58 -19.50 -3.28
CA ARG A 1014 -4.23 -20.91 -3.19
C ARG A 1014 -5.40 -21.74 -2.67
N ALA A 1015 -6.15 -21.21 -1.71
CA ALA A 1015 -7.36 -21.89 -1.25
C ALA A 1015 -8.37 -22.05 -2.35
N ALA A 1016 -8.49 -21.06 -3.23
CA ALA A 1016 -9.37 -21.22 -4.38
C ALA A 1016 -8.90 -22.34 -5.29
N GLU A 1017 -7.58 -22.45 -5.47
CA GLU A 1017 -7.04 -23.56 -6.24
C GLU A 1017 -7.33 -24.90 -5.59
N ILE A 1018 -7.14 -24.97 -4.29
CA ILE A 1018 -7.37 -26.21 -3.55
C ILE A 1018 -8.85 -26.55 -3.53
N ARG A 1019 -9.71 -25.54 -3.40
CA ARG A 1019 -11.14 -25.77 -3.53
C ARG A 1019 -11.49 -26.38 -4.87
N ALA A 1020 -10.90 -25.86 -5.95
CA ALA A 1020 -11.14 -26.45 -7.25
C ALA A 1020 -10.69 -27.90 -7.28
N SER A 1021 -9.54 -28.20 -6.68
CA SER A 1021 -9.06 -29.57 -6.62
C SER A 1021 -9.99 -30.45 -5.78
N ALA A 1022 -10.44 -29.93 -4.64
CA ALA A 1022 -11.37 -30.66 -3.79
C ALA A 1022 -12.70 -30.92 -4.48
N ASN A 1023 -13.20 -29.95 -5.24
CA ASN A 1023 -14.42 -30.15 -6.01
C ASN A 1023 -14.22 -31.19 -7.09
N LEU A 1024 -13.05 -31.20 -7.72
CA LEU A 1024 -12.73 -32.22 -8.69
C LEU A 1024 -12.63 -33.59 -8.02
N ALA A 1025 -11.98 -33.65 -6.87
CA ALA A 1025 -11.87 -34.89 -6.12
C ALA A 1025 -13.22 -35.41 -5.68
N ALA A 1026 -14.11 -34.52 -5.24
CA ALA A 1026 -15.45 -34.93 -4.87
C ALA A 1026 -16.23 -35.42 -6.08
N THR A 1027 -16.07 -34.75 -7.22
CA THR A 1027 -16.69 -35.23 -8.46
C THR A 1027 -16.15 -36.59 -8.85
N LYS A 1028 -14.84 -36.76 -8.77
CA LYS A 1028 -14.24 -38.05 -9.09
C LYS A 1028 -14.70 -39.15 -8.16
N MET A 1029 -14.77 -38.88 -6.86
CA MET A 1029 -15.31 -39.91 -5.98
C MET A 1029 -16.76 -40.21 -6.30
N SER A 1030 -17.56 -39.19 -6.59
CA SER A 1030 -18.94 -39.47 -6.93
C SER A 1030 -19.07 -40.28 -8.20
N GLU A 1031 -18.30 -39.94 -9.24
CA GLU A 1031 -18.53 -40.52 -10.56
C GLU A 1031 -17.63 -41.70 -10.90
N CYS A 1032 -16.46 -41.81 -10.31
CA CYS A 1032 -15.52 -42.90 -10.54
C CYS A 1032 -15.63 -43.98 -9.49
N VAL A 1033 -15.87 -43.61 -8.23
CA VAL A 1033 -15.86 -44.55 -7.12
C VAL A 1033 -17.27 -44.99 -6.79
N LEU A 1034 -18.21 -44.06 -6.74
CA LEU A 1034 -19.61 -44.40 -6.51
C LEU A 1034 -20.34 -44.77 -7.79
N GLY A 1035 -19.65 -44.84 -8.92
CA GLY A 1035 -20.27 -45.19 -10.18
C GLY A 1035 -19.23 -45.61 -11.18
N GLN A 1036 -19.63 -45.64 -12.44
CA GLN A 1036 -18.74 -46.01 -13.55
C GLN A 1036 -18.85 -44.93 -14.61
N SER A 1037 -17.89 -44.03 -14.62
CA SER A 1037 -17.92 -42.88 -15.50
C SER A 1037 -17.78 -43.28 -16.96
N LYS A 1038 -18.50 -42.56 -17.82
CA LYS A 1038 -18.35 -42.64 -19.27
C LYS A 1038 -17.70 -41.39 -19.82
N ARG A 1039 -17.14 -40.55 -18.97
CA ARG A 1039 -16.44 -39.36 -19.39
C ARG A 1039 -15.00 -39.75 -19.72
N VAL A 1040 -14.58 -39.48 -20.94
CA VAL A 1040 -13.30 -39.99 -21.42
C VAL A 1040 -12.16 -39.30 -20.68
N ASP A 1041 -11.23 -40.10 -20.16
CA ASP A 1041 -10.05 -39.64 -19.44
C ASP A 1041 -10.38 -38.93 -18.15
N PHE A 1042 -11.63 -39.01 -17.69
CA PHE A 1042 -11.99 -38.43 -16.40
C PHE A 1042 -11.41 -39.27 -15.27
N CYS A 1043 -11.42 -40.58 -15.44
CA CYS A 1043 -11.14 -41.58 -14.43
C CYS A 1043 -10.05 -42.48 -14.98
N GLY A 1044 -9.05 -41.82 -15.55
CA GLY A 1044 -7.86 -42.42 -16.08
C GLY A 1044 -8.02 -42.95 -17.49
N LYS A 1045 -6.89 -43.10 -18.15
CA LYS A 1045 -6.86 -43.46 -19.56
C LYS A 1045 -7.36 -44.88 -19.74
N GLY A 1046 -8.05 -45.09 -20.85
CA GLY A 1046 -8.73 -46.34 -21.15
C GLY A 1046 -10.21 -46.20 -21.03
N TYR A 1047 -10.88 -47.28 -20.65
CA TYR A 1047 -12.32 -47.27 -20.46
C TYR A 1047 -12.53 -47.61 -19.01
N HIS A 1048 -13.24 -46.76 -18.32
CA HIS A 1048 -13.30 -46.83 -16.88
C HIS A 1048 -14.05 -48.08 -16.47
N LEU A 1049 -13.49 -48.82 -15.53
CA LEU A 1049 -14.22 -49.90 -14.88
C LEU A 1049 -14.53 -49.56 -13.45
N MET A 1050 -13.53 -49.19 -12.66
CA MET A 1050 -13.83 -48.84 -11.28
C MET A 1050 -12.72 -47.96 -10.79
N SER A 1051 -12.93 -47.37 -9.62
CA SER A 1051 -11.82 -46.67 -9.03
C SER A 1051 -11.94 -46.82 -7.52
N PHE A 1052 -10.81 -46.59 -6.85
CA PHE A 1052 -10.69 -46.84 -5.43
C PHE A 1052 -10.07 -45.62 -4.76
N PRO A 1053 -10.69 -45.07 -3.73
CA PRO A 1053 -10.04 -44.00 -3.00
C PRO A 1053 -8.97 -44.54 -2.08
N GLN A 1054 -7.96 -43.72 -1.84
CA GLN A 1054 -7.06 -43.91 -0.73
C GLN A 1054 -6.84 -42.53 -0.13
N SER A 1055 -6.72 -42.49 1.17
CA SER A 1055 -6.39 -41.25 1.83
C SER A 1055 -4.92 -40.93 1.59
N ALA A 1056 -4.58 -39.67 1.74
CA ALA A 1056 -3.19 -39.25 1.73
C ALA A 1056 -3.13 -37.92 2.43
N PRO A 1057 -1.98 -37.55 2.99
CA PRO A 1057 -1.97 -36.33 3.80
C PRO A 1057 -2.29 -35.13 2.93
N HIS A 1058 -3.31 -34.38 3.36
CA HIS A 1058 -3.82 -33.24 2.62
C HIS A 1058 -4.33 -33.60 1.22
N GLY A 1059 -4.70 -34.84 0.95
CA GLY A 1059 -5.35 -35.09 -0.31
C GLY A 1059 -5.80 -36.53 -0.45
N VAL A 1060 -6.23 -36.85 -1.66
CA VAL A 1060 -6.81 -38.15 -1.97
C VAL A 1060 -6.11 -38.70 -3.20
N VAL A 1061 -5.91 -40.01 -3.21
CA VAL A 1061 -5.27 -40.71 -4.31
C VAL A 1061 -6.27 -41.72 -4.82
N PHE A 1062 -6.52 -41.73 -6.12
CA PHE A 1062 -7.46 -42.67 -6.70
C PHE A 1062 -6.66 -43.67 -7.49
N LEU A 1063 -7.03 -44.92 -7.38
CA LEU A 1063 -6.52 -45.96 -8.23
C LEU A 1063 -7.64 -46.22 -9.22
N HIS A 1064 -7.41 -45.90 -10.48
CA HIS A 1064 -8.44 -46.03 -11.50
C HIS A 1064 -8.14 -47.31 -12.25
N VAL A 1065 -9.10 -48.22 -12.27
CA VAL A 1065 -8.99 -49.50 -12.94
C VAL A 1065 -9.72 -49.37 -14.26
N THR A 1066 -8.98 -49.51 -15.36
CA THR A 1066 -9.51 -49.27 -16.69
C THR A 1066 -9.20 -50.45 -17.58
N TYR A 1067 -10.04 -50.59 -18.60
CA TYR A 1067 -9.89 -51.58 -19.65
C TYR A 1067 -9.15 -50.94 -20.80
N VAL A 1068 -7.99 -51.47 -21.16
CA VAL A 1068 -7.21 -50.97 -22.29
C VAL A 1068 -7.08 -52.10 -23.30
N PRO A 1069 -7.62 -51.97 -24.51
CA PRO A 1069 -7.29 -52.94 -25.56
C PRO A 1069 -5.79 -53.01 -25.81
N ALA A 1070 -5.27 -54.22 -26.05
CA ALA A 1070 -3.81 -54.37 -26.14
C ALA A 1070 -3.29 -55.01 -27.42
N GLN A 1071 -4.00 -55.98 -27.98
CA GLN A 1071 -3.58 -56.65 -29.20
C GLN A 1071 -4.71 -56.54 -30.19
N GLU A 1072 -4.41 -56.28 -31.45
CA GLU A 1072 -5.45 -56.02 -32.43
C GLU A 1072 -5.11 -56.70 -33.73
N LYS A 1073 -6.13 -56.88 -34.55
CA LYS A 1073 -5.95 -57.47 -35.87
C LYS A 1073 -6.68 -56.65 -36.92
N ASN A 1074 -6.16 -56.73 -38.14
CA ASN A 1074 -6.68 -56.06 -39.31
C ASN A 1074 -7.74 -56.94 -39.96
N PHE A 1075 -8.99 -56.54 -39.90
CA PHE A 1075 -10.08 -57.20 -40.59
C PHE A 1075 -10.63 -56.30 -41.69
N THR A 1076 -11.13 -56.91 -42.75
CA THR A 1076 -11.91 -56.19 -43.73
C THR A 1076 -13.35 -56.14 -43.25
N THR A 1077 -14.02 -55.02 -43.49
CA THR A 1077 -15.33 -54.75 -42.92
C THR A 1077 -16.29 -54.30 -44.00
N ALA A 1078 -17.54 -54.07 -43.61
CA ALA A 1078 -18.53 -53.48 -44.51
C ALA A 1078 -19.64 -52.90 -43.66
N PRO A 1079 -20.26 -51.80 -44.09
CA PRO A 1079 -21.30 -51.20 -43.25
C PRO A 1079 -22.57 -52.01 -43.19
N ALA A 1080 -22.79 -52.92 -44.12
CA ALA A 1080 -24.04 -53.67 -44.17
C ALA A 1080 -23.78 -54.83 -45.11
N ILE A 1081 -24.67 -55.82 -45.08
CA ILE A 1081 -24.59 -56.94 -46.02
C ILE A 1081 -25.92 -57.11 -46.72
N CYS A 1082 -25.87 -57.66 -47.93
CA CYS A 1082 -27.05 -57.95 -48.74
C CYS A 1082 -27.38 -59.42 -48.57
N HIS A 1083 -28.66 -59.74 -48.28
CA HIS A 1083 -29.07 -61.13 -48.28
C HIS A 1083 -30.07 -61.51 -49.37
N ASP A 1084 -31.21 -60.83 -49.48
CA ASP A 1084 -32.13 -61.00 -50.60
C ASP A 1084 -32.32 -59.71 -51.39
N GLY A 1085 -31.39 -58.78 -51.27
CA GLY A 1085 -31.59 -57.43 -51.70
C GLY A 1085 -31.86 -56.49 -50.55
N LYS A 1086 -32.24 -57.04 -49.41
CA LYS A 1086 -32.36 -56.25 -48.20
C LYS A 1086 -30.99 -56.06 -47.56
N ALA A 1087 -30.83 -54.93 -46.89
CA ALA A 1087 -29.59 -54.58 -46.22
C ALA A 1087 -29.71 -54.98 -44.76
N HIS A 1088 -28.76 -55.78 -44.28
CA HIS A 1088 -28.67 -56.15 -42.88
C HIS A 1088 -27.53 -55.37 -42.24
N PHE A 1089 -27.82 -54.72 -41.13
CA PHE A 1089 -26.85 -53.99 -40.35
C PHE A 1089 -26.76 -54.67 -38.99
N PRO A 1090 -25.61 -54.65 -38.32
CA PRO A 1090 -25.52 -55.33 -37.03
C PRO A 1090 -26.35 -54.62 -35.97
N ARG A 1091 -27.01 -55.39 -35.11
CA ARG A 1091 -27.70 -54.74 -33.99
C ARG A 1091 -26.70 -54.30 -32.95
N GLU A 1092 -25.65 -55.09 -32.77
CA GLU A 1092 -24.55 -54.79 -31.88
C GLU A 1092 -23.31 -55.35 -32.55
N GLY A 1093 -22.27 -54.58 -32.55
CA GLY A 1093 -21.05 -54.90 -33.25
C GLY A 1093 -20.95 -54.38 -34.67
N VAL A 1094 -19.98 -54.96 -35.37
CA VAL A 1094 -19.63 -54.59 -36.74
C VAL A 1094 -19.49 -55.87 -37.51
N PHE A 1095 -19.56 -55.76 -38.83
CA PHE A 1095 -19.21 -56.87 -39.68
C PHE A 1095 -17.72 -56.82 -39.93
N VAL A 1096 -17.09 -57.99 -39.93
CA VAL A 1096 -15.67 -58.15 -40.14
C VAL A 1096 -15.48 -59.34 -41.07
N SER A 1097 -14.33 -59.37 -41.70
CA SER A 1097 -13.93 -60.46 -42.56
C SER A 1097 -12.50 -60.82 -42.22
N ASN A 1098 -12.25 -62.12 -42.16
CA ASN A 1098 -10.91 -62.65 -42.02
C ASN A 1098 -10.39 -63.16 -43.37
N GLY A 1099 -11.00 -62.70 -44.45
CA GLY A 1099 -10.54 -62.89 -45.81
C GLY A 1099 -11.38 -63.84 -46.62
N THR A 1100 -12.09 -64.76 -45.96
CA THR A 1100 -12.98 -65.67 -46.66
C THR A 1100 -14.40 -65.64 -46.12
N HIS A 1101 -14.58 -65.45 -44.82
CA HIS A 1101 -15.89 -65.51 -44.18
C HIS A 1101 -16.16 -64.21 -43.44
N TRP A 1102 -17.44 -63.86 -43.39
CA TRP A 1102 -17.91 -62.69 -42.69
C TRP A 1102 -18.50 -63.06 -41.34
N PHE A 1103 -18.14 -62.30 -40.32
CA PHE A 1103 -18.63 -62.48 -38.97
C PHE A 1103 -19.09 -61.13 -38.45
N VAL A 1104 -19.83 -61.15 -37.36
CA VAL A 1104 -20.28 -59.96 -36.67
C VAL A 1104 -19.71 -60.01 -35.26
N THR A 1105 -19.17 -58.89 -34.79
CA THR A 1105 -18.51 -58.92 -33.50
C THR A 1105 -18.63 -57.60 -32.76
N GLN A 1106 -18.62 -57.70 -31.44
CA GLN A 1106 -18.60 -56.57 -30.54
C GLN A 1106 -17.38 -55.70 -30.78
N ARG A 1107 -17.58 -54.38 -30.73
CA ARG A 1107 -16.55 -53.50 -31.26
C ARG A 1107 -15.26 -53.52 -30.45
N ASN A 1108 -15.31 -53.90 -29.17
CA ASN A 1108 -14.18 -53.77 -28.28
C ASN A 1108 -13.45 -55.07 -27.99
N PHE A 1109 -13.82 -56.16 -28.62
CA PHE A 1109 -13.18 -57.45 -28.33
C PHE A 1109 -13.49 -58.36 -29.48
N TYR A 1110 -12.46 -58.90 -30.12
CA TYR A 1110 -12.72 -59.78 -31.25
C TYR A 1110 -13.44 -61.02 -30.74
N GLU A 1111 -14.62 -61.26 -31.27
CA GLU A 1111 -15.41 -62.42 -30.91
C GLU A 1111 -16.39 -62.67 -32.04
N PRO A 1112 -15.95 -63.28 -33.14
CA PRO A 1112 -16.82 -63.45 -34.31
C PRO A 1112 -17.97 -64.39 -34.02
N GLN A 1113 -19.17 -63.98 -34.40
CA GLN A 1113 -20.32 -64.86 -34.44
C GLN A 1113 -20.80 -64.99 -35.88
N ILE A 1114 -21.50 -66.09 -36.15
CA ILE A 1114 -22.12 -66.28 -37.44
C ILE A 1114 -23.26 -65.29 -37.58
N ILE A 1115 -23.35 -64.64 -38.73
CA ILE A 1115 -24.32 -63.57 -38.93
C ILE A 1115 -25.69 -64.18 -39.14
N THR A 1116 -26.64 -63.83 -38.27
CA THR A 1116 -28.00 -64.35 -38.33
C THR A 1116 -28.96 -63.20 -38.13
N THR A 1117 -30.25 -63.51 -38.29
CA THR A 1117 -31.30 -62.51 -38.14
C THR A 1117 -31.48 -62.05 -36.70
N ASP A 1118 -30.85 -62.72 -35.74
CA ASP A 1118 -30.83 -62.31 -34.34
C ASP A 1118 -29.64 -61.44 -33.99
N ASN A 1119 -28.70 -61.27 -34.92
CA ASN A 1119 -27.52 -60.44 -34.74
C ASN A 1119 -27.61 -59.15 -35.52
N THR A 1120 -28.37 -59.15 -36.61
CA THR A 1120 -28.54 -58.04 -37.51
C THR A 1120 -30.01 -57.63 -37.55
N PHE A 1121 -30.25 -56.39 -38.00
CA PHE A 1121 -31.57 -55.90 -38.32
C PHE A 1121 -31.60 -55.43 -39.76
N VAL A 1122 -32.81 -55.38 -40.31
CA VAL A 1122 -33.03 -55.18 -41.74
C VAL A 1122 -33.59 -53.78 -41.95
N SER A 1123 -33.01 -53.04 -42.88
CA SER A 1123 -33.45 -51.67 -43.15
C SER A 1123 -33.14 -51.31 -44.59
N GLY A 1124 -34.16 -50.87 -45.33
CA GLY A 1124 -33.86 -50.45 -46.67
C GLY A 1124 -33.53 -51.66 -47.53
N ASN A 1125 -32.79 -51.39 -48.61
CA ASN A 1125 -32.38 -52.46 -49.50
C ASN A 1125 -31.04 -52.11 -50.11
N CYS A 1126 -30.51 -53.04 -50.90
CA CYS A 1126 -29.10 -53.06 -51.28
C CYS A 1126 -28.66 -51.92 -52.18
N ASP A 1127 -29.58 -51.16 -52.75
CA ASP A 1127 -29.26 -50.25 -53.83
C ASP A 1127 -28.84 -48.86 -53.36
N VAL A 1128 -28.86 -48.60 -52.05
CA VAL A 1128 -28.62 -47.28 -51.49
C VAL A 1128 -27.29 -47.21 -50.74
N VAL A 1129 -26.97 -48.24 -49.95
CA VAL A 1129 -25.85 -48.16 -49.02
C VAL A 1129 -24.53 -48.29 -49.78
N ILE A 1130 -23.64 -47.33 -49.56
CA ILE A 1130 -22.31 -47.35 -50.17
C ILE A 1130 -21.42 -48.28 -49.36
N GLY A 1131 -20.85 -49.28 -50.00
CA GLY A 1131 -20.00 -50.25 -49.35
C GLY A 1131 -20.67 -51.52 -48.90
N ILE A 1132 -21.96 -51.69 -49.16
CA ILE A 1132 -22.63 -52.93 -48.81
C ILE A 1132 -22.04 -54.05 -49.64
N VAL A 1133 -21.91 -55.23 -49.02
CA VAL A 1133 -21.33 -56.41 -49.65
C VAL A 1133 -22.37 -57.50 -49.69
N ASN A 1134 -22.17 -58.45 -50.58
CA ASN A 1134 -23.12 -59.54 -50.76
C ASN A 1134 -22.79 -60.64 -49.79
N ASN A 1135 -23.81 -61.31 -49.26
CA ASN A 1135 -23.56 -62.42 -48.36
C ASN A 1135 -24.82 -63.23 -48.15
N THR A 1136 -24.70 -64.23 -47.28
CA THR A 1136 -25.79 -65.04 -46.78
C THR A 1136 -25.90 -64.85 -45.29
N VAL A 1137 -27.09 -64.49 -44.82
CA VAL A 1137 -27.40 -64.42 -43.39
C VAL A 1137 -28.17 -65.68 -43.02
N TYR A 1138 -27.69 -66.37 -42.01
CA TYR A 1138 -28.26 -67.65 -41.61
C TYR A 1138 -29.50 -67.43 -40.77
N ASP A 1139 -30.55 -68.19 -41.06
CA ASP A 1139 -31.86 -67.98 -40.46
C ASP A 1139 -32.13 -69.09 -39.45
N PRO A 1140 -32.05 -68.83 -38.14
CA PRO A 1140 -32.24 -69.92 -37.17
C PRO A 1140 -33.58 -70.65 -37.27
N LEU A 1141 -34.59 -70.06 -37.91
CA LEU A 1141 -35.88 -70.74 -38.02
C LEU A 1141 -35.88 -71.83 -39.08
N GLN A 1142 -35.19 -71.60 -40.20
CA GLN A 1142 -35.22 -72.55 -41.32
C GLN A 1142 -34.76 -73.96 -40.94
N PRO A 1143 -33.59 -74.14 -40.32
CA PRO A 1143 -33.17 -75.50 -39.92
C PRO A 1143 -34.21 -76.24 -39.09
N GLU A 1144 -34.95 -75.55 -38.24
CA GLU A 1144 -35.98 -76.23 -37.47
C GLU A 1144 -37.16 -76.64 -38.35
N LEU A 1145 -37.49 -75.85 -39.35
CA LEU A 1145 -38.60 -76.21 -40.24
C LEU A 1145 -38.21 -77.37 -41.15
N ASP A 1146 -36.96 -77.38 -41.62
CA ASP A 1146 -36.47 -78.51 -42.42
C ASP A 1146 -36.31 -79.76 -41.55
N SER A 1147 -35.84 -79.58 -40.32
CA SER A 1147 -35.59 -80.71 -39.42
C SER A 1147 -36.89 -81.31 -38.93
N ALA B 27 -19.71 40.31 -35.46
CA ALA B 27 -20.09 39.11 -36.19
C ALA B 27 -19.35 37.89 -35.64
N TYR B 28 -19.92 36.70 -35.83
CA TYR B 28 -19.30 35.45 -35.42
C TYR B 28 -19.33 34.45 -36.57
N THR B 29 -18.36 33.54 -36.56
CA THR B 29 -18.33 32.42 -37.49
C THR B 29 -18.13 31.12 -36.72
N ASN B 30 -18.56 30.02 -37.33
CA ASN B 30 -18.35 28.68 -36.79
C ASN B 30 -16.94 28.22 -37.10
N SER B 31 -16.14 27.94 -36.07
CA SER B 31 -14.76 27.54 -36.28
C SER B 31 -14.63 26.12 -36.82
N PHE B 32 -15.68 25.31 -36.74
CA PHE B 32 -15.62 23.92 -37.12
C PHE B 32 -14.52 23.20 -36.35
N THR B 33 -13.56 22.56 -37.03
CA THR B 33 -12.54 21.76 -36.38
C THR B 33 -11.15 22.34 -36.57
N ARG B 34 -11.06 23.62 -36.92
CA ARG B 34 -9.78 24.27 -37.11
C ARG B 34 -9.21 24.74 -35.79
N GLY B 35 -7.91 24.98 -35.78
CA GLY B 35 -7.20 25.47 -34.61
C GLY B 35 -6.32 24.45 -33.94
N VAL B 36 -6.09 23.31 -34.57
CA VAL B 36 -5.34 22.21 -33.97
C VAL B 36 -3.89 22.32 -34.40
N TYR B 37 -2.98 22.07 -33.46
CA TYR B 37 -1.56 22.26 -33.71
C TYR B 37 -0.79 21.22 -32.93
N TYR B 38 0.45 21.03 -33.31
CA TYR B 38 1.27 20.03 -32.64
C TYR B 38 1.57 20.50 -31.23
N PRO B 39 1.09 19.81 -30.18
CA PRO B 39 1.34 20.32 -28.82
C PRO B 39 2.79 20.32 -28.43
N ASP B 40 3.62 19.49 -29.05
CA ASP B 40 5.03 19.37 -28.70
C ASP B 40 5.79 19.01 -29.97
N LYS B 41 7.05 18.60 -29.80
CA LYS B 41 7.97 18.38 -30.92
C LYS B 41 8.31 16.91 -31.08
N VAL B 42 7.37 16.04 -30.74
CA VAL B 42 7.63 14.62 -30.62
C VAL B 42 7.03 13.91 -31.82
N PHE B 43 7.82 13.07 -32.46
CA PHE B 43 7.30 12.23 -33.53
C PHE B 43 6.48 11.10 -32.92
N ARG B 44 5.28 10.92 -33.43
CA ARG B 44 4.42 9.79 -33.12
C ARG B 44 3.84 9.33 -34.43
N SER B 45 3.53 8.05 -34.55
CA SER B 45 3.08 7.56 -35.84
C SER B 45 2.05 6.46 -35.67
N SER B 46 1.08 6.49 -36.59
CA SER B 46 -0.04 5.55 -36.62
C SER B 46 -0.65 5.36 -35.23
N VAL B 47 -0.88 6.46 -34.53
CA VAL B 47 -1.32 6.36 -33.14
C VAL B 47 -2.22 7.53 -32.79
N LEU B 48 -3.18 7.26 -31.92
CA LEU B 48 -4.08 8.26 -31.37
C LEU B 48 -3.60 8.61 -29.97
N HIS B 49 -3.18 9.86 -29.78
CA HIS B 49 -2.56 10.31 -28.54
C HIS B 49 -3.46 11.34 -27.88
N SER B 50 -3.76 11.13 -26.61
CA SER B 50 -4.61 12.02 -25.84
C SER B 50 -3.74 13.01 -25.09
N THR B 51 -4.01 14.30 -25.29
CA THR B 51 -3.19 15.35 -24.72
C THR B 51 -4.09 16.48 -24.27
N GLN B 52 -3.63 17.23 -23.27
CA GLN B 52 -4.41 18.31 -22.71
C GLN B 52 -3.59 19.58 -22.88
N ASP B 53 -4.21 20.58 -23.49
CA ASP B 53 -3.48 21.79 -23.85
C ASP B 53 -4.48 22.90 -24.09
N LEU B 54 -3.97 24.07 -24.40
CA LEU B 54 -4.80 25.20 -24.78
C LEU B 54 -5.13 25.06 -26.26
N PHE B 55 -6.36 24.66 -26.55
CA PHE B 55 -6.81 24.37 -27.90
C PHE B 55 -8.04 25.21 -28.21
N LEU B 56 -8.29 25.44 -29.48
CA LEU B 56 -9.55 26.05 -29.85
C LEU B 56 -10.64 24.99 -29.67
N PRO B 57 -11.69 25.24 -28.89
CA PRO B 57 -12.81 24.30 -28.86
C PRO B 57 -13.41 24.12 -30.24
N PHE B 58 -13.79 22.89 -30.56
CA PHE B 58 -14.41 22.64 -31.86
C PHE B 58 -15.78 23.29 -31.92
N PHE B 59 -16.10 23.85 -33.08
CA PHE B 59 -17.39 24.47 -33.37
C PHE B 59 -17.70 25.65 -32.45
N SER B 60 -16.68 26.27 -31.85
CA SER B 60 -16.88 27.52 -31.13
C SER B 60 -17.08 28.68 -32.09
N ASN B 61 -17.57 29.80 -31.53
CA ASN B 61 -17.77 31.03 -32.27
C ASN B 61 -16.50 31.89 -32.27
N VAL B 62 -16.05 32.29 -33.46
CA VAL B 62 -14.87 33.13 -33.63
C VAL B 62 -15.31 34.49 -34.17
N THR B 63 -14.86 35.56 -33.52
CA THR B 63 -15.19 36.91 -33.95
C THR B 63 -14.63 37.20 -35.33
N TRP B 64 -15.49 37.62 -36.24
CA TRP B 64 -15.13 37.93 -37.62
C TRP B 64 -14.97 39.44 -37.77
N PHE B 65 -13.77 39.89 -38.14
CA PHE B 65 -13.50 41.27 -38.47
C PHE B 65 -13.11 41.37 -39.94
N HIS B 66 -13.37 42.54 -40.52
CA HIS B 66 -12.98 42.80 -41.90
C HIS B 66 -13.01 44.30 -42.17
N ASN B 81 -8.36 46.20 -36.63
CA ASN B 81 -8.30 47.53 -36.06
C ASN B 81 -8.31 47.54 -34.53
N PRO B 82 -9.39 47.07 -33.91
CA PRO B 82 -9.53 47.25 -32.46
C PRO B 82 -8.59 46.35 -31.69
N VAL B 83 -8.34 46.74 -30.44
CA VAL B 83 -7.51 45.92 -29.54
C VAL B 83 -8.42 44.92 -28.86
N LEU B 84 -8.06 43.65 -28.94
CA LEU B 84 -8.82 42.51 -28.49
C LEU B 84 -8.19 41.86 -27.26
N PRO B 85 -8.98 41.15 -26.44
CA PRO B 85 -8.40 40.31 -25.39
C PRO B 85 -7.51 39.21 -25.96
N PHE B 86 -6.52 38.82 -25.15
CA PHE B 86 -5.66 37.68 -25.42
C PHE B 86 -6.02 36.46 -24.58
N ASN B 87 -6.50 36.69 -23.36
CA ASN B 87 -6.94 35.65 -22.44
C ASN B 87 -5.76 34.70 -22.19
N ASP B 88 -5.91 33.39 -22.40
CA ASP B 88 -4.78 32.46 -22.27
C ASP B 88 -3.96 32.36 -23.55
N GLY B 89 -4.58 32.58 -24.71
CA GLY B 89 -3.87 32.55 -25.97
C GLY B 89 -4.87 32.67 -27.11
N VAL B 90 -4.41 33.02 -28.31
CA VAL B 90 -5.30 33.42 -29.39
C VAL B 90 -5.07 32.56 -30.61
N TYR B 91 -6.15 32.09 -31.20
CA TYR B 91 -6.15 31.58 -32.56
C TYR B 91 -6.54 32.71 -33.48
N PHE B 92 -5.70 32.98 -34.47
CA PHE B 92 -5.88 34.06 -35.42
C PHE B 92 -5.85 33.42 -36.78
N ALA B 93 -6.75 33.83 -37.65
CA ALA B 93 -6.78 33.30 -39.00
C ALA B 93 -7.20 34.41 -39.91
N SER B 94 -6.71 34.38 -41.14
CA SER B 94 -7.12 35.36 -42.12
C SER B 94 -7.24 34.70 -43.47
N THR B 95 -8.10 35.26 -44.30
CA THR B 95 -8.24 34.86 -45.68
C THR B 95 -7.99 36.12 -46.49
N GLU B 96 -6.95 36.08 -47.30
CA GLU B 96 -6.39 37.27 -47.90
C GLU B 96 -6.18 37.07 -49.39
N LYS B 97 -6.22 38.19 -50.09
CA LYS B 97 -5.96 38.34 -51.51
C LYS B 97 -4.75 39.22 -51.78
N SER B 98 -4.60 40.29 -51.00
CA SER B 98 -3.56 41.30 -51.21
C SER B 98 -2.53 41.36 -50.09
N ASN B 99 -2.58 40.43 -49.13
CA ASN B 99 -1.64 40.41 -48.00
C ASN B 99 -1.63 41.74 -47.25
N ILE B 100 -2.84 42.25 -46.94
CA ILE B 100 -2.93 43.48 -46.17
C ILE B 100 -2.37 43.27 -44.76
N ILE B 101 -2.70 42.15 -44.11
CA ILE B 101 -2.38 42.02 -42.70
C ILE B 101 -0.89 41.82 -42.54
N ARG B 102 -0.27 42.66 -41.70
CA ARG B 102 1.18 42.71 -41.55
C ARG B 102 1.70 42.32 -40.19
N GLY B 103 0.96 42.48 -39.10
CA GLY B 103 1.63 42.27 -37.84
C GLY B 103 0.70 42.31 -36.65
N TRP B 104 1.32 42.27 -35.47
CA TRP B 104 0.60 42.21 -34.21
C TRP B 104 1.31 43.08 -33.18
N ILE B 105 0.52 43.59 -32.24
CA ILE B 105 1.01 44.19 -31.01
C ILE B 105 0.48 43.36 -29.87
N PHE B 106 1.36 42.95 -28.96
CA PHE B 106 0.96 42.20 -27.78
C PHE B 106 1.46 42.93 -26.53
N GLY B 107 0.65 42.93 -25.48
CA GLY B 107 1.17 43.26 -24.16
C GLY B 107 0.09 43.49 -23.12
N THR B 108 0.31 44.43 -22.21
CA THR B 108 -0.71 44.85 -21.24
C THR B 108 -1.21 46.26 -21.46
N THR B 109 -0.29 47.22 -21.53
CA THR B 109 -0.63 48.62 -21.77
C THR B 109 -0.55 48.97 -23.25
N LEU B 110 0.31 48.27 -23.98
CA LEU B 110 0.64 48.59 -25.37
C LEU B 110 0.97 50.07 -25.53
N ASP B 111 1.68 50.62 -24.55
CA ASP B 111 2.29 51.93 -24.69
C ASP B 111 3.48 51.98 -23.75
N SER B 112 4.70 51.88 -24.33
CA SER B 112 5.96 52.20 -23.65
C SER B 112 6.00 51.54 -22.26
N LYS B 113 6.28 52.28 -21.19
CA LYS B 113 6.33 51.83 -19.80
C LYS B 113 5.20 50.85 -19.46
N THR B 114 5.57 49.72 -18.86
CA THR B 114 4.88 48.43 -18.97
C THR B 114 4.84 47.92 -20.42
N GLN B 115 6.05 47.74 -20.96
CA GLN B 115 6.46 46.76 -21.97
C GLN B 115 5.43 46.27 -22.98
N SER B 116 5.80 46.36 -24.26
CA SER B 116 5.04 45.78 -25.37
C SER B 116 5.94 44.93 -26.25
N LEU B 117 5.31 43.98 -26.92
CA LEU B 117 5.91 43.10 -27.91
C LEU B 117 5.32 43.41 -29.28
N LEU B 118 6.12 44.00 -30.16
CA LEU B 118 5.69 44.17 -31.52
C LEU B 118 6.13 42.97 -32.34
N ILE B 119 5.26 42.51 -33.26
CA ILE B 119 5.60 41.48 -34.25
C ILE B 119 5.26 42.10 -35.60
N VAL B 120 6.23 42.70 -36.28
CA VAL B 120 6.02 43.16 -37.65
C VAL B 120 6.47 42.07 -38.60
N ASN B 121 5.66 41.79 -39.63
CA ASN B 121 5.92 40.65 -40.50
C ASN B 121 5.87 41.09 -41.94
N ASN B 122 6.13 40.13 -42.82
CA ASN B 122 5.83 40.13 -44.25
C ASN B 122 6.13 41.48 -44.92
N ALA B 123 7.39 41.88 -44.76
CA ALA B 123 8.00 43.04 -45.40
C ALA B 123 9.04 42.62 -46.44
N THR B 124 9.17 41.31 -46.66
CA THR B 124 10.31 40.46 -47.06
C THR B 124 11.23 40.20 -45.87
N ASN B 125 10.92 40.73 -44.69
CA ASN B 125 11.53 40.25 -43.46
C ASN B 125 10.46 40.35 -42.39
N VAL B 126 10.76 39.78 -41.22
CA VAL B 126 9.80 39.70 -40.12
C VAL B 126 10.50 40.27 -38.90
N VAL B 127 10.29 41.55 -38.63
CA VAL B 127 10.87 42.15 -37.44
C VAL B 127 10.03 41.74 -36.24
N ILE B 128 10.64 41.00 -35.32
CA ILE B 128 10.07 40.68 -34.01
C ILE B 128 10.92 41.37 -32.95
N LYS B 129 10.33 42.28 -32.19
CA LYS B 129 11.14 42.97 -31.18
C LYS B 129 10.27 43.38 -29.99
N VAL B 130 10.88 43.33 -28.81
CA VAL B 130 10.30 43.92 -27.60
C VAL B 130 10.93 45.31 -27.47
N CYS B 131 10.28 46.29 -28.07
CA CYS B 131 10.45 47.69 -27.72
C CYS B 131 9.56 48.07 -26.55
N GLU B 132 9.93 49.17 -25.88
CA GLU B 132 8.93 49.99 -25.21
C GLU B 132 8.43 51.06 -26.18
N PHE B 133 7.98 50.58 -27.33
CA PHE B 133 7.51 51.41 -28.43
C PHE B 133 6.44 52.38 -27.97
N GLN B 134 6.50 53.59 -28.51
CA GLN B 134 5.46 54.58 -28.27
C GLN B 134 4.44 54.30 -29.38
N PHE B 135 3.46 53.49 -29.03
CA PHE B 135 2.43 53.11 -29.98
C PHE B 135 1.42 54.24 -30.09
N CYS B 136 0.76 54.30 -31.23
CA CYS B 136 -0.20 55.38 -31.42
C CYS B 136 -1.40 55.13 -30.53
N ASN B 137 -2.14 56.21 -30.26
CA ASN B 137 -3.46 56.07 -29.68
C ASN B 137 -4.30 55.08 -30.51
N ASP B 138 -4.15 55.09 -31.84
CA ASP B 138 -4.81 54.16 -32.75
C ASP B 138 -3.79 53.56 -33.72
N PRO B 139 -2.92 52.65 -33.24
CA PRO B 139 -1.86 52.15 -34.12
C PRO B 139 -2.36 51.40 -35.33
N PHE B 140 -1.51 51.35 -36.36
CA PHE B 140 -1.72 50.51 -37.54
C PHE B 140 -0.49 50.55 -38.43
N ASN B 164 12.98 53.63 -25.49
CA ASN B 164 12.75 52.20 -25.65
C ASN B 164 13.52 51.41 -24.60
N ASN B 165 13.48 50.08 -24.71
CA ASN B 165 14.28 49.20 -23.87
C ASN B 165 15.04 48.21 -24.73
N CYS B 166 14.52 47.93 -25.93
CA CYS B 166 15.20 47.17 -26.98
C CYS B 166 15.83 45.89 -26.45
N THR B 167 14.99 45.01 -25.90
CA THR B 167 15.51 43.82 -25.24
C THR B 167 15.73 42.67 -26.21
N PHE B 168 14.85 42.50 -27.19
CA PHE B 168 14.90 41.36 -28.10
C PHE B 168 14.74 41.87 -29.53
N GLU B 169 15.40 41.21 -30.47
CA GLU B 169 15.17 41.43 -31.89
C GLU B 169 15.37 40.12 -32.64
N TYR B 170 14.56 39.87 -33.66
CA TYR B 170 14.65 38.62 -34.40
C TYR B 170 14.10 38.83 -35.80
N VAL B 171 14.99 38.82 -36.80
CA VAL B 171 14.61 38.94 -38.20
C VAL B 171 14.78 37.57 -38.85
N SER B 172 13.69 37.06 -39.43
CA SER B 172 13.70 35.75 -40.08
C SER B 172 13.12 35.82 -41.48
N LYS B 187 -7.81 34.64 -51.35
CA LYS B 187 -7.96 33.22 -51.68
C LYS B 187 -7.02 32.35 -50.86
N ASN B 188 -6.22 32.94 -49.98
CA ASN B 188 -5.19 32.21 -49.23
C ASN B 188 -5.52 32.27 -47.76
N LEU B 189 -5.70 31.09 -47.15
CA LEU B 189 -6.01 30.96 -45.73
C LEU B 189 -4.71 30.82 -44.95
N ARG B 190 -4.46 31.74 -44.02
CA ARG B 190 -3.31 31.69 -43.13
C ARG B 190 -3.81 31.63 -41.70
N GLU B 191 -3.43 30.57 -40.99
CA GLU B 191 -3.84 30.31 -39.62
C GLU B 191 -2.62 30.42 -38.72
N PHE B 192 -2.77 31.06 -37.58
CA PHE B 192 -1.71 31.21 -36.60
C PHE B 192 -2.27 30.96 -35.22
N VAL B 193 -1.43 30.48 -34.33
CA VAL B 193 -1.74 30.36 -32.91
C VAL B 193 -0.65 31.09 -32.15
N PHE B 194 -1.05 32.06 -31.34
CA PHE B 194 -0.16 32.88 -30.53
C PHE B 194 -0.43 32.57 -29.06
N LYS B 195 0.51 31.89 -28.39
CA LYS B 195 0.30 31.58 -26.97
C LYS B 195 1.60 31.73 -26.20
N ASN B 196 1.49 31.98 -24.91
CA ASN B 196 2.64 31.91 -24.01
C ASN B 196 2.86 30.48 -23.53
N TYR B 200 7.45 30.92 -22.27
CA TYR B 200 7.66 32.04 -23.16
C TYR B 200 6.78 31.88 -24.41
N PHE B 201 7.03 32.63 -25.48
CA PHE B 201 5.98 32.94 -26.46
C PHE B 201 6.15 32.08 -27.71
N LYS B 202 5.13 31.30 -28.04
CA LYS B 202 5.14 30.34 -29.13
C LYS B 202 4.17 30.77 -30.22
N ILE B 203 4.63 30.73 -31.46
CA ILE B 203 3.81 30.98 -32.65
C ILE B 203 3.83 29.72 -33.49
N TYR B 204 2.64 29.21 -33.79
CA TYR B 204 2.38 28.10 -34.68
C TYR B 204 1.64 28.63 -35.90
N SER B 205 1.79 28.01 -37.06
CA SER B 205 1.01 28.50 -38.19
C SER B 205 0.92 27.49 -39.32
N LYS B 206 0.00 27.79 -40.23
CA LYS B 206 -0.32 26.99 -41.41
C LYS B 206 -0.79 27.91 -42.53
N HIS B 207 -0.39 27.60 -43.76
CA HIS B 207 -0.69 28.42 -44.93
C HIS B 207 -1.24 27.50 -46.02
N THR B 208 -2.54 27.60 -46.33
CA THR B 208 -3.15 26.71 -47.31
C THR B 208 -3.98 27.42 -48.37
N PRO B 209 -4.06 26.85 -49.58
CA PRO B 209 -5.08 27.28 -50.55
C PRO B 209 -6.47 26.85 -50.16
N ILE B 210 -7.46 27.72 -50.44
CA ILE B 210 -8.86 27.42 -50.25
C ILE B 210 -9.67 27.94 -51.43
N ASN B 211 -10.88 27.41 -51.56
CA ASN B 211 -11.83 27.89 -52.58
C ASN B 211 -13.26 27.77 -52.06
N ASP B 215 -17.21 31.05 -43.79
CA ASP B 215 -16.03 31.90 -43.96
C ASP B 215 -14.76 31.09 -43.73
N LEU B 216 -14.74 30.29 -42.66
CA LEU B 216 -13.64 29.38 -42.41
C LEU B 216 -13.95 28.03 -43.07
N PRO B 217 -13.18 27.59 -44.08
CA PRO B 217 -13.50 26.32 -44.73
C PRO B 217 -13.58 25.16 -43.75
N GLN B 218 -14.56 24.29 -43.95
CA GLN B 218 -14.74 23.16 -43.07
C GLN B 218 -13.91 22.01 -43.60
N GLY B 219 -13.24 21.33 -42.69
CA GLY B 219 -12.14 20.47 -43.03
C GLY B 219 -11.28 20.27 -41.81
N PHE B 220 -10.19 19.55 -42.00
CA PHE B 220 -9.14 19.50 -41.00
C PHE B 220 -7.78 19.74 -41.62
N SER B 221 -7.00 20.58 -40.96
CA SER B 221 -5.56 20.62 -41.15
C SER B 221 -4.96 21.13 -39.84
N ALA B 222 -3.68 20.82 -39.66
CA ALA B 222 -3.00 21.04 -38.40
C ALA B 222 -1.94 22.11 -38.58
N LEU B 223 -1.72 22.87 -37.54
CA LEU B 223 -0.75 23.95 -37.55
C LEU B 223 0.52 23.41 -36.94
N GLU B 224 1.66 23.97 -37.34
CA GLU B 224 2.94 23.47 -36.89
C GLU B 224 3.73 24.59 -36.26
N PRO B 225 4.59 24.30 -35.28
CA PRO B 225 5.35 25.38 -34.68
C PRO B 225 6.33 25.91 -35.70
N LEU B 226 6.39 27.23 -35.84
CA LEU B 226 7.41 27.83 -36.68
C LEU B 226 8.31 28.79 -35.93
N VAL B 227 7.80 29.57 -34.98
CA VAL B 227 8.62 30.59 -34.33
C VAL B 227 8.46 30.50 -32.81
N ASP B 228 9.57 30.64 -32.09
CA ASP B 228 9.62 30.48 -30.65
C ASP B 228 10.45 31.61 -30.03
N LEU B 229 9.80 32.51 -29.29
CA LEU B 229 10.40 33.74 -28.79
C LEU B 229 10.65 33.56 -27.30
N PRO B 230 11.90 33.44 -26.85
CA PRO B 230 12.18 33.32 -25.40
C PRO B 230 12.18 34.67 -24.69
N ILE B 231 11.03 35.36 -24.72
CA ILE B 231 10.97 36.78 -24.40
C ILE B 231 10.44 37.02 -22.99
N GLY B 232 9.45 36.26 -22.53
CA GLY B 232 8.95 36.41 -21.18
C GLY B 232 8.12 37.65 -20.94
N ILE B 233 7.41 38.13 -21.95
CA ILE B 233 6.50 39.26 -21.80
C ILE B 233 5.16 38.76 -21.26
N ASN B 234 4.65 39.45 -20.25
CA ASN B 234 3.31 39.13 -19.72
C ASN B 234 2.27 39.75 -20.66
N ILE B 235 1.70 38.92 -21.51
CA ILE B 235 0.78 39.35 -22.57
C ILE B 235 -0.65 39.07 -22.11
N THR B 236 -1.49 40.11 -22.14
CA THR B 236 -2.92 39.97 -21.85
C THR B 236 -3.83 40.54 -22.92
N ARG B 237 -3.33 41.40 -23.82
CA ARG B 237 -4.13 42.15 -24.77
C ARG B 237 -3.35 42.23 -26.07
N PHE B 238 -4.04 42.24 -27.21
CA PHE B 238 -3.32 42.36 -28.47
C PHE B 238 -4.15 43.05 -29.54
N GLN B 239 -3.46 43.53 -30.57
CA GLN B 239 -4.04 44.25 -31.70
C GLN B 239 -3.43 43.77 -33.00
N THR B 240 -4.24 43.64 -34.04
CA THR B 240 -3.73 43.31 -35.37
C THR B 240 -3.41 44.58 -36.16
N LEU B 241 -2.23 44.62 -36.74
CA LEU B 241 -1.76 45.72 -37.59
C LEU B 241 -1.90 45.32 -39.05
N LEU B 242 -2.70 46.07 -39.79
CA LEU B 242 -3.03 45.74 -41.16
C LEU B 242 -1.99 46.31 -42.12
N ALA B 263 -10.34 41.73 -47.56
CA ALA B 263 -9.51 40.89 -46.70
C ALA B 263 -10.21 40.63 -45.38
N ALA B 264 -10.45 39.36 -45.07
CA ALA B 264 -11.23 38.93 -43.92
C ALA B 264 -10.32 38.30 -42.88
N TYR B 265 -10.59 38.52 -41.59
CA TYR B 265 -9.87 37.72 -40.60
C TYR B 265 -10.72 37.47 -39.36
N TYR B 266 -10.32 36.42 -38.65
CA TYR B 266 -11.08 35.80 -37.58
C TYR B 266 -10.19 35.65 -36.35
N VAL B 267 -10.76 35.90 -35.19
CA VAL B 267 -10.09 35.69 -33.90
C VAL B 267 -10.94 34.76 -33.06
N GLY B 268 -10.36 33.63 -32.66
CA GLY B 268 -10.91 32.78 -31.63
C GLY B 268 -9.91 32.63 -30.50
N TYR B 269 -10.34 31.92 -29.45
CA TYR B 269 -9.58 31.85 -28.21
C TYR B 269 -9.42 30.41 -27.76
N LEU B 270 -8.28 30.14 -27.13
CA LEU B 270 -7.92 28.82 -26.67
C LEU B 270 -8.49 28.57 -25.28
N GLN B 271 -8.76 27.31 -24.99
CA GLN B 271 -9.28 26.86 -23.71
C GLN B 271 -8.53 25.62 -23.28
N PRO B 272 -8.40 25.38 -21.95
CA PRO B 272 -7.58 24.26 -21.46
C PRO B 272 -8.25 22.90 -21.66
N ARG B 273 -8.40 22.50 -22.91
CA ARG B 273 -9.18 21.35 -23.30
C ARG B 273 -8.31 20.15 -23.64
N THR B 274 -8.85 18.96 -23.38
CA THR B 274 -8.25 17.70 -23.81
C THR B 274 -8.67 17.39 -25.23
N PHE B 275 -7.72 16.98 -26.06
CA PHE B 275 -7.94 16.56 -27.42
C PHE B 275 -7.32 15.18 -27.62
N LEU B 276 -7.96 14.36 -28.44
CA LEU B 276 -7.36 13.14 -28.93
C LEU B 276 -6.88 13.41 -30.35
N LEU B 277 -5.57 13.37 -30.56
CA LEU B 277 -4.96 13.71 -31.84
C LEU B 277 -4.57 12.43 -32.56
N LYS B 278 -4.94 12.33 -33.84
CA LYS B 278 -4.59 11.15 -34.63
C LYS B 278 -3.38 11.46 -35.48
N TYR B 279 -2.28 10.75 -35.24
CA TYR B 279 -1.12 10.82 -36.12
C TYR B 279 -1.13 9.65 -37.08
N ASN B 280 -0.64 9.90 -38.28
CA ASN B 280 -0.51 8.90 -39.34
C ASN B 280 0.93 8.43 -39.41
N GLU B 281 1.23 7.58 -40.39
CA GLU B 281 2.54 6.95 -40.49
C GLU B 281 3.66 7.98 -40.54
N ASN B 282 3.49 9.03 -41.32
CA ASN B 282 4.50 10.09 -41.43
C ASN B 282 4.50 11.03 -40.24
N GLY B 283 3.62 10.85 -39.27
CA GLY B 283 3.59 11.68 -38.09
C GLY B 283 2.91 13.02 -38.23
N THR B 284 2.11 13.19 -39.27
CA THR B 284 1.26 14.36 -39.44
C THR B 284 -0.05 14.16 -38.70
N ILE B 285 -0.48 15.17 -37.94
CA ILE B 285 -1.77 15.06 -37.28
C ILE B 285 -2.83 15.27 -38.35
N THR B 286 -3.64 14.24 -38.58
CA THR B 286 -4.63 14.28 -39.66
C THR B 286 -6.06 14.44 -39.19
N ASP B 287 -6.36 14.13 -37.93
CA ASP B 287 -7.67 14.43 -37.38
C ASP B 287 -7.54 14.65 -35.89
N ALA B 288 -8.65 15.04 -35.27
CA ALA B 288 -8.65 15.20 -33.82
C ALA B 288 -10.08 15.23 -33.31
N VAL B 289 -10.22 14.74 -32.08
CA VAL B 289 -11.49 14.66 -31.36
C VAL B 289 -11.42 15.57 -30.15
N ASP B 290 -12.38 16.49 -30.03
CA ASP B 290 -12.50 17.36 -28.87
C ASP B 290 -13.28 16.64 -27.79
N CYS B 291 -12.60 16.22 -26.72
CA CYS B 291 -13.19 15.30 -25.75
C CYS B 291 -14.33 15.91 -24.95
N ALA B 292 -14.54 17.22 -25.02
CA ALA B 292 -15.60 17.89 -24.27
C ALA B 292 -16.68 18.46 -25.17
N LEU B 293 -16.67 18.12 -26.46
CA LEU B 293 -17.63 18.72 -27.38
C LEU B 293 -19.03 18.16 -27.17
N ASP B 294 -19.15 16.86 -26.95
CA ASP B 294 -20.45 16.20 -26.93
C ASP B 294 -20.24 14.76 -26.48
N PRO B 295 -21.32 14.08 -26.05
CA PRO B 295 -21.16 12.71 -25.54
C PRO B 295 -20.39 11.76 -26.45
N LEU B 296 -20.56 11.87 -27.77
CA LEU B 296 -19.89 10.92 -28.64
C LEU B 296 -18.40 11.14 -28.62
N SER B 297 -17.96 12.40 -28.60
CA SER B 297 -16.55 12.68 -28.48
C SER B 297 -16.00 12.20 -27.14
N GLU B 298 -16.78 12.33 -26.08
CA GLU B 298 -16.34 11.80 -24.78
C GLU B 298 -16.14 10.30 -24.87
N THR B 299 -17.04 9.60 -25.55
CA THR B 299 -16.85 8.16 -25.74
C THR B 299 -15.60 7.87 -26.54
N LYS B 300 -15.38 8.61 -27.62
CA LYS B 300 -14.20 8.41 -28.45
C LYS B 300 -12.92 8.61 -27.65
N CYS B 301 -12.88 9.64 -26.82
CA CYS B 301 -11.71 9.89 -26.00
C CYS B 301 -11.52 8.80 -24.95
N THR B 302 -12.62 8.36 -24.34
CA THR B 302 -12.51 7.33 -23.31
C THR B 302 -11.92 6.04 -23.87
N LEU B 303 -12.35 5.64 -25.06
CA LEU B 303 -11.87 4.41 -25.68
C LEU B 303 -10.62 4.62 -26.53
N LYS B 304 -10.12 5.85 -26.63
CA LYS B 304 -8.94 6.15 -27.45
C LYS B 304 -9.12 5.65 -28.88
N SER B 305 -10.24 6.02 -29.49
CA SER B 305 -10.53 5.58 -30.84
C SER B 305 -11.39 6.59 -31.55
N PHE B 306 -11.24 6.66 -32.87
CA PHE B 306 -12.10 7.44 -33.73
C PHE B 306 -13.26 6.63 -34.29
N THR B 307 -13.33 5.34 -33.96
CA THR B 307 -14.45 4.48 -34.29
C THR B 307 -14.93 3.88 -32.99
N VAL B 308 -16.23 3.93 -32.74
CA VAL B 308 -16.83 3.42 -31.53
C VAL B 308 -17.79 2.33 -31.94
N GLU B 309 -17.61 1.14 -31.39
CA GLU B 309 -18.46 0.01 -31.69
C GLU B 309 -19.78 0.15 -30.96
N LYS B 310 -20.80 -0.51 -31.50
CA LYS B 310 -22.14 -0.47 -30.92
C LYS B 310 -22.09 -0.96 -29.49
N GLY B 311 -22.72 -0.21 -28.60
CA GLY B 311 -22.79 -0.61 -27.21
C GLY B 311 -22.95 0.61 -26.32
N ILE B 312 -22.89 0.36 -25.03
CA ILE B 312 -23.02 1.37 -23.99
C ILE B 312 -21.69 1.45 -23.26
N TYR B 313 -21.15 2.66 -23.16
CA TYR B 313 -19.83 2.88 -22.60
C TYR B 313 -19.95 3.93 -21.51
N GLN B 314 -19.28 3.69 -20.39
CA GLN B 314 -19.34 4.62 -19.28
C GLN B 314 -18.26 5.65 -19.52
N THR B 315 -18.66 6.91 -19.65
CA THR B 315 -17.75 7.95 -20.10
C THR B 315 -17.42 8.99 -19.06
N SER B 316 -18.31 9.24 -18.10
CA SER B 316 -17.93 10.14 -17.02
C SER B 316 -18.71 9.79 -15.78
N ASN B 317 -18.63 10.67 -14.78
CA ASN B 317 -19.46 10.57 -13.58
C ASN B 317 -19.90 11.98 -13.22
N PHE B 318 -21.20 12.14 -12.94
CA PHE B 318 -21.80 13.42 -12.62
C PHE B 318 -22.09 13.49 -11.13
N ARG B 319 -21.75 14.61 -10.52
CA ARG B 319 -22.14 14.92 -9.16
C ARG B 319 -23.04 16.15 -9.17
N VAL B 320 -24.05 16.14 -8.29
CA VAL B 320 -24.98 17.26 -8.13
C VAL B 320 -24.36 18.23 -7.12
N GLN B 321 -23.75 19.27 -7.62
CA GLN B 321 -22.98 20.19 -6.79
C GLN B 321 -23.88 20.96 -5.83
N PRO B 322 -23.51 21.05 -4.54
CA PRO B 322 -24.41 21.61 -3.51
C PRO B 322 -24.68 23.10 -3.70
N THR B 323 -25.97 23.43 -3.86
CA THR B 323 -26.37 24.77 -4.29
C THR B 323 -25.83 25.86 -3.37
N GLU B 324 -26.20 25.87 -2.07
CA GLU B 324 -25.57 26.81 -1.14
C GLU B 324 -25.28 26.18 0.21
N SER B 325 -24.75 27.00 1.11
CA SER B 325 -24.56 26.73 2.52
C SER B 325 -25.75 27.16 3.36
N ILE B 326 -26.06 26.37 4.39
CA ILE B 326 -27.01 26.79 5.43
C ILE B 326 -26.48 26.36 6.78
N VAL B 327 -26.54 27.26 7.75
CA VAL B 327 -26.19 26.96 9.14
C VAL B 327 -27.40 27.26 10.00
N ARG B 328 -27.59 26.46 11.04
CA ARG B 328 -28.87 26.35 11.74
C ARG B 328 -28.70 26.35 13.25
N PHE B 329 -27.85 27.19 13.83
CA PHE B 329 -27.51 27.02 15.23
C PHE B 329 -28.71 27.26 16.16
N PRO B 330 -28.56 26.98 17.46
CA PRO B 330 -29.64 27.24 18.43
C PRO B 330 -30.06 28.69 18.50
N ASN B 331 -31.21 28.93 19.12
CA ASN B 331 -31.70 30.28 19.36
C ASN B 331 -30.81 31.02 20.34
N ILE B 332 -30.67 32.32 20.10
CA ILE B 332 -30.08 33.22 21.10
C ILE B 332 -30.85 33.10 22.41
N THR B 333 -30.14 32.72 23.47
CA THR B 333 -30.72 32.51 24.79
C THR B 333 -29.79 33.12 25.83
N ASN B 334 -30.37 33.51 26.96
CA ASN B 334 -29.64 33.79 28.22
C ASN B 334 -28.63 34.93 28.04
N LEU B 335 -29.05 35.94 27.29
CA LEU B 335 -28.21 37.08 26.94
C LEU B 335 -27.48 37.63 28.17
N CYS B 336 -26.22 37.97 27.97
CA CYS B 336 -25.25 38.05 29.05
C CYS B 336 -25.49 39.24 29.99
N PRO B 337 -24.85 39.22 31.17
CA PRO B 337 -24.79 40.42 32.01
C PRO B 337 -23.83 41.48 31.49
N PHE B 338 -24.28 42.24 30.49
CA PHE B 338 -23.60 43.43 29.99
C PHE B 338 -24.34 44.70 30.37
N GLY B 339 -25.66 44.66 30.45
CA GLY B 339 -26.37 45.80 30.99
C GLY B 339 -26.09 45.98 32.47
N GLU B 340 -26.05 44.86 33.22
CA GLU B 340 -25.75 44.90 34.64
C GLU B 340 -24.36 45.46 34.96
N VAL B 341 -23.47 45.61 33.98
CA VAL B 341 -22.17 46.24 34.17
C VAL B 341 -22.10 47.59 33.46
N PHE B 342 -22.73 47.72 32.29
CA PHE B 342 -22.74 48.99 31.58
C PHE B 342 -23.85 49.90 32.08
N ASN B 343 -25.01 49.33 32.39
CA ASN B 343 -26.17 50.09 32.86
C ASN B 343 -26.39 49.92 34.36
N ALA B 344 -25.32 49.79 35.13
CA ALA B 344 -25.44 49.85 36.58
C ALA B 344 -25.71 51.27 37.03
N THR B 345 -26.37 51.40 38.18
CA THR B 345 -26.70 52.72 38.71
C THR B 345 -25.46 53.47 39.22
N ARG B 346 -24.41 52.76 39.62
CA ARG B 346 -23.27 53.38 40.26
C ARG B 346 -22.02 52.53 40.01
N PHE B 347 -20.89 53.20 39.78
CA PHE B 347 -19.62 52.54 39.48
C PHE B 347 -18.61 52.75 40.60
N ALA B 348 -17.89 51.67 40.89
CA ALA B 348 -16.83 51.62 41.89
C ALA B 348 -15.85 52.78 41.79
N SER B 349 -15.70 53.47 42.92
CA SER B 349 -14.65 54.46 43.08
C SER B 349 -13.29 53.78 43.07
N VAL B 350 -12.34 54.42 42.38
CA VAL B 350 -11.18 53.80 41.73
C VAL B 350 -10.42 52.84 42.64
N TYR B 351 -10.45 53.06 43.96
CA TYR B 351 -9.58 52.38 44.90
C TYR B 351 -10.34 51.33 45.71
N ALA B 352 -11.52 50.94 45.23
CA ALA B 352 -12.33 49.85 45.76
C ALA B 352 -12.87 49.00 44.61
N TRP B 353 -12.27 49.14 43.42
CA TRP B 353 -12.80 48.71 42.13
C TRP B 353 -13.45 47.34 42.14
N ASN B 354 -14.67 47.29 41.61
CA ASN B 354 -15.43 46.05 41.51
C ASN B 354 -15.11 45.33 40.20
N ARG B 355 -15.47 44.05 40.18
CA ARG B 355 -15.20 43.16 39.06
C ARG B 355 -16.19 42.01 39.20
N LYS B 356 -16.64 41.47 38.07
CA LYS B 356 -17.58 40.36 38.12
C LYS B 356 -17.26 39.33 37.05
N ARG B 357 -17.59 38.08 37.41
CA ARG B 357 -17.52 36.96 36.50
C ARG B 357 -18.72 37.00 35.56
N ILE B 358 -18.46 36.82 34.27
CA ILE B 358 -19.51 36.58 33.29
C ILE B 358 -19.20 35.23 32.67
N SER B 359 -20.17 34.33 32.72
CA SER B 359 -20.07 33.02 32.10
C SER B 359 -21.46 32.45 32.01
N ASN B 360 -21.60 31.37 31.23
CA ASN B 360 -22.87 30.69 31.05
C ASN B 360 -23.86 31.64 30.40
N CYS B 361 -23.39 32.37 29.40
CA CYS B 361 -24.20 33.29 28.63
C CYS B 361 -23.73 33.31 27.19
N VAL B 362 -24.59 33.78 26.30
CA VAL B 362 -24.15 34.26 25.00
C VAL B 362 -23.68 35.71 25.19
N ALA B 363 -22.44 35.98 24.80
CA ALA B 363 -21.83 37.30 24.97
C ALA B 363 -22.03 38.08 23.68
N ASP B 364 -23.05 38.93 23.67
CA ASP B 364 -23.45 39.66 22.47
C ASP B 364 -22.71 40.98 22.47
N TYR B 365 -21.64 41.06 21.68
CA TYR B 365 -20.89 42.30 21.55
C TYR B 365 -21.47 43.23 20.51
N SER B 366 -22.33 42.73 19.62
CA SER B 366 -22.98 43.59 18.64
C SER B 366 -23.82 44.68 19.28
N VAL B 367 -24.24 44.52 20.54
CA VAL B 367 -24.92 45.60 21.22
C VAL B 367 -23.94 46.70 21.59
N LEU B 368 -22.71 46.34 21.94
CA LEU B 368 -21.73 47.34 22.32
C LEU B 368 -21.27 48.15 21.11
N TYR B 369 -20.95 47.43 20.02
CA TYR B 369 -20.27 47.99 18.86
C TYR B 369 -20.96 49.25 18.37
N ASN B 370 -22.28 49.16 18.25
CA ASN B 370 -23.11 50.05 17.46
C ASN B 370 -23.88 51.06 18.29
N SER B 371 -23.60 51.14 19.59
CA SER B 371 -24.42 51.94 20.49
C SER B 371 -24.33 53.43 20.18
N ALA B 372 -23.29 53.87 19.47
CA ALA B 372 -23.10 55.26 19.07
C ALA B 372 -23.03 56.24 20.24
N SER B 373 -22.83 55.75 21.46
CA SER B 373 -22.84 56.55 22.67
C SER B 373 -21.60 56.31 23.53
N PHE B 374 -20.55 55.71 22.97
CA PHE B 374 -19.24 55.69 23.61
C PHE B 374 -18.35 56.75 22.98
N SER B 375 -17.10 56.85 23.45
CA SER B 375 -16.13 57.80 22.92
C SER B 375 -14.80 57.17 22.52
N THR B 376 -14.45 56.10 23.20
CA THR B 376 -13.13 55.51 23.23
C THR B 376 -13.27 54.01 23.08
N PHE B 377 -14.13 53.59 22.16
CA PHE B 377 -14.39 52.18 21.92
C PHE B 377 -13.20 51.63 21.13
N LYS B 378 -12.10 51.51 21.84
CA LYS B 378 -10.88 50.92 21.32
C LYS B 378 -10.86 49.51 21.88
N CYS B 379 -10.17 48.62 21.20
CA CYS B 379 -10.33 47.23 21.60
C CYS B 379 -9.18 46.47 20.96
N TYR B 380 -8.57 45.56 21.71
CA TYR B 380 -7.28 45.00 21.31
C TYR B 380 -7.38 43.54 20.87
N GLY B 381 -6.27 43.09 20.29
CA GLY B 381 -5.94 41.70 20.07
C GLY B 381 -6.81 40.93 19.11
N VAL B 382 -7.88 41.54 18.60
CA VAL B 382 -8.82 40.88 17.70
C VAL B 382 -9.63 41.99 17.03
N SER B 383 -10.01 41.78 15.79
CA SER B 383 -11.10 42.56 15.22
C SER B 383 -12.41 42.12 15.87
N PRO B 384 -13.19 43.04 16.47
CA PRO B 384 -14.36 42.60 17.25
C PRO B 384 -15.39 41.79 16.48
N THR B 385 -15.48 41.92 15.17
CA THR B 385 -16.42 41.06 14.43
C THR B 385 -16.01 39.60 14.57
N LYS B 386 -14.72 39.31 14.44
CA LYS B 386 -14.23 37.95 14.60
C LYS B 386 -14.30 37.49 16.06
N LEU B 387 -14.37 38.42 17.01
CA LEU B 387 -14.50 38.04 18.42
C LEU B 387 -15.81 37.28 18.67
N ASN B 388 -16.90 37.70 18.03
CA ASN B 388 -18.16 36.95 18.08
C ASN B 388 -17.96 35.45 17.83
N ASP B 389 -17.01 35.10 16.97
CA ASP B 389 -16.67 33.69 16.74
C ASP B 389 -15.81 33.16 17.88
N LEU B 390 -14.68 33.82 18.12
CA LEU B 390 -13.66 33.33 19.05
C LEU B 390 -14.22 33.36 20.47
N CYS B 391 -14.49 32.18 21.02
CA CYS B 391 -15.26 32.02 22.23
C CYS B 391 -14.37 31.74 23.44
N PHE B 392 -14.56 32.52 24.51
CA PHE B 392 -13.90 32.30 25.78
C PHE B 392 -14.87 32.28 26.95
N THR B 393 -14.46 31.60 28.01
CA THR B 393 -14.95 31.79 29.37
C THR B 393 -14.11 32.86 30.05
N ASN B 394 -14.41 33.10 31.33
CA ASN B 394 -13.55 33.94 32.17
C ASN B 394 -13.40 35.35 31.57
N VAL B 395 -14.54 36.03 31.46
CA VAL B 395 -14.74 37.17 30.58
C VAL B 395 -14.69 38.48 31.39
N TYR B 396 -14.05 38.44 32.56
CA TYR B 396 -14.05 39.47 33.60
C TYR B 396 -13.95 40.89 33.06
N ALA B 397 -14.86 41.75 33.52
CA ALA B 397 -14.92 43.14 33.13
C ALA B 397 -14.97 44.03 34.36
N ASP B 398 -14.54 45.27 34.19
CA ASP B 398 -14.34 46.22 35.28
C ASP B 398 -15.43 47.29 35.28
N SER B 399 -15.31 48.23 36.21
CA SER B 399 -16.07 49.47 36.13
C SER B 399 -15.33 50.53 36.95
N PHE B 400 -14.85 51.58 36.28
CA PHE B 400 -14.29 52.74 36.95
C PHE B 400 -14.80 54.02 36.29
N VAL B 401 -14.67 55.12 37.04
CA VAL B 401 -15.44 56.35 36.87
C VAL B 401 -14.53 57.52 36.50
N ILE B 402 -13.42 57.25 35.82
CA ILE B 402 -12.15 57.91 36.10
C ILE B 402 -12.03 59.22 35.34
N ARG B 403 -11.11 60.06 35.83
CA ARG B 403 -10.75 61.33 35.22
C ARG B 403 -10.57 61.20 33.71
N GLY B 404 -11.05 62.21 32.99
CA GLY B 404 -11.18 62.20 31.54
C GLY B 404 -9.87 61.94 30.82
N ASP B 405 -8.87 62.78 31.06
CA ASP B 405 -7.61 62.69 30.32
C ASP B 405 -6.94 61.34 30.55
N GLU B 406 -6.87 60.89 31.80
CA GLU B 406 -6.14 59.66 32.15
C GLU B 406 -6.65 58.40 31.44
N VAL B 407 -7.81 58.47 30.77
CA VAL B 407 -8.40 57.32 30.08
C VAL B 407 -7.39 56.63 29.18
N ARG B 408 -6.71 57.43 28.34
CA ARG B 408 -5.79 56.87 27.34
C ARG B 408 -4.70 56.05 27.99
N GLN B 409 -4.26 56.40 29.21
CA GLN B 409 -3.18 55.66 29.84
C GLN B 409 -3.54 54.22 30.20
N ILE B 410 -4.82 53.84 30.13
CA ILE B 410 -5.26 52.47 30.45
C ILE B 410 -5.14 51.66 29.17
N ALA B 411 -3.94 51.12 28.96
CA ALA B 411 -3.62 50.26 27.84
C ALA B 411 -2.42 49.43 28.24
N PRO B 412 -2.16 48.29 27.56
CA PRO B 412 -1.10 47.40 28.02
C PRO B 412 0.27 48.06 27.98
N GLY B 413 1.06 47.80 29.02
CA GLY B 413 2.42 48.33 29.11
C GLY B 413 2.54 49.83 28.97
N GLN B 414 1.65 50.59 29.62
CA GLN B 414 1.67 52.04 29.58
C GLN B 414 1.82 52.59 31.00
N THR B 415 2.54 53.70 31.11
CA THR B 415 2.92 54.29 32.40
C THR B 415 1.88 55.32 32.86
N GLY B 416 2.25 56.04 33.92
CA GLY B 416 1.49 57.18 34.44
C GLY B 416 1.28 57.10 35.94
N LYS B 417 0.10 57.50 36.42
CA LYS B 417 -0.22 57.46 37.84
C LYS B 417 -1.20 56.36 38.19
N ILE B 418 -2.26 56.21 37.41
CA ILE B 418 -3.16 55.08 37.60
C ILE B 418 -2.44 53.78 37.26
N ALA B 419 -1.69 53.76 36.16
CA ALA B 419 -0.99 52.57 35.74
C ALA B 419 0.02 52.03 36.76
N ASP B 420 0.42 52.84 37.74
CA ASP B 420 1.39 52.41 38.75
C ASP B 420 0.78 52.18 40.13
N TYR B 421 -0.02 53.13 40.62
CA TYR B 421 -0.40 53.18 42.03
C TYR B 421 -1.87 52.83 42.28
N ASN B 422 -2.68 52.71 41.22
CA ASN B 422 -4.11 52.50 41.34
C ASN B 422 -4.54 51.28 40.53
N TYR B 423 -3.83 50.96 39.45
CA TYR B 423 -4.24 49.90 38.55
C TYR B 423 -3.04 49.42 37.76
N LYS B 424 -2.96 48.11 37.58
CA LYS B 424 -2.15 47.52 36.53
C LYS B 424 -3.03 46.59 35.74
N LEU B 425 -2.96 46.70 34.42
CA LEU B 425 -3.55 45.77 33.49
C LEU B 425 -2.45 45.00 32.79
N PRO B 426 -2.58 43.68 32.61
CA PRO B 426 -1.42 42.87 32.21
C PRO B 426 -0.79 43.35 30.91
N ASP B 427 0.52 43.15 30.79
CA ASP B 427 1.14 43.48 29.52
C ASP B 427 0.74 42.42 28.49
N ASP B 428 0.85 42.79 27.22
CA ASP B 428 0.32 41.98 26.13
C ASP B 428 -1.14 41.63 26.36
N PHE B 429 -1.89 42.55 26.97
CA PHE B 429 -3.30 42.33 27.27
C PHE B 429 -4.12 42.41 26.00
N THR B 430 -4.76 41.31 25.65
CA THR B 430 -5.75 41.30 24.59
C THR B 430 -7.11 41.26 25.29
N GLY B 431 -7.60 42.44 25.62
CA GLY B 431 -9.01 42.60 25.87
C GLY B 431 -9.45 43.98 25.44
N CYS B 432 -10.61 44.46 25.89
CA CYS B 432 -11.27 45.54 25.15
C CYS B 432 -11.65 46.66 26.12
N VAL B 433 -11.56 47.92 25.65
CA VAL B 433 -11.71 49.11 26.50
C VAL B 433 -12.87 49.98 25.99
N ILE B 434 -13.87 50.24 26.85
CA ILE B 434 -15.07 50.99 26.46
C ILE B 434 -15.33 52.13 27.46
N ALA B 435 -15.51 53.36 26.95
CA ALA B 435 -15.67 54.54 27.80
C ALA B 435 -16.75 55.47 27.25
N TRP B 436 -17.19 56.40 28.08
CA TRP B 436 -18.35 57.23 27.74
C TRP B 436 -18.55 58.34 28.77
N ASN B 437 -19.55 59.19 28.50
CA ASN B 437 -19.82 60.41 29.23
C ASN B 437 -20.53 60.06 30.53
N SER B 438 -19.97 60.51 31.67
CA SER B 438 -20.74 60.48 32.91
C SER B 438 -20.74 61.79 33.68
N ASN B 439 -20.41 62.94 33.05
CA ASN B 439 -20.70 64.18 33.74
C ASN B 439 -22.20 64.36 33.99
N ASN B 440 -23.05 63.74 33.16
CA ASN B 440 -24.49 63.89 33.30
C ASN B 440 -25.07 63.37 34.62
N LEU B 441 -24.36 62.46 35.30
CA LEU B 441 -24.88 61.83 36.51
C LEU B 441 -23.96 61.97 37.72
N ASP B 442 -22.65 61.94 37.50
CA ASP B 442 -21.69 61.92 38.60
C ASP B 442 -20.90 63.22 38.63
N TYR B 505 -10.50 67.22 33.39
CA TYR B 505 -10.72 66.53 34.65
C TYR B 505 -12.10 65.88 34.71
N GLN B 506 -12.80 65.86 33.58
CA GLN B 506 -14.17 65.38 33.58
C GLN B 506 -14.21 63.88 33.79
N PRO B 507 -15.30 63.35 34.40
CA PRO B 507 -15.39 61.90 34.61
C PRO B 507 -15.80 61.16 33.34
N TYR B 508 -14.88 60.41 32.79
CA TYR B 508 -15.14 59.44 31.71
C TYR B 508 -15.35 58.08 32.36
N ARG B 509 -16.61 57.67 32.39
CA ARG B 509 -17.00 56.37 32.92
C ARG B 509 -16.57 55.27 31.95
N VAL B 510 -15.64 54.42 32.39
CA VAL B 510 -15.01 53.41 31.55
C VAL B 510 -15.18 52.03 32.18
N VAL B 511 -15.16 51.02 31.32
CA VAL B 511 -14.93 49.64 31.68
C VAL B 511 -13.84 49.07 30.78
N VAL B 512 -13.40 47.87 31.15
CA VAL B 512 -12.42 47.11 30.38
C VAL B 512 -12.71 45.64 30.60
N LEU B 513 -12.70 44.85 29.52
CA LEU B 513 -12.95 43.41 29.61
C LEU B 513 -11.67 42.65 29.37
N SER B 514 -11.44 41.61 30.19
CA SER B 514 -10.38 40.63 29.97
C SER B 514 -10.99 39.36 29.40
N PHE B 515 -10.73 39.09 28.13
CA PHE B 515 -11.13 37.82 27.50
C PHE B 515 -10.05 36.77 27.77
N GLU B 516 -10.15 36.13 28.94
CA GLU B 516 -9.15 35.16 29.37
C GLU B 516 -9.45 33.80 28.74
N LEU B 517 -8.72 32.77 29.14
CA LEU B 517 -9.02 31.39 28.75
C LEU B 517 -8.39 30.48 29.80
N LEU B 518 -9.22 29.78 30.57
CA LEU B 518 -8.76 29.20 31.84
C LEU B 518 -7.96 27.92 31.68
N HIS B 519 -8.16 27.18 30.58
CA HIS B 519 -7.71 25.79 30.36
C HIS B 519 -8.62 24.83 31.12
N ALA B 520 -9.68 25.31 31.77
CA ALA B 520 -10.67 24.49 32.44
C ALA B 520 -11.81 24.35 31.45
N PRO B 521 -11.89 23.26 30.69
CA PRO B 521 -12.40 23.33 29.31
C PRO B 521 -13.90 23.55 29.21
N ALA B 522 -14.38 24.60 29.85
CA ALA B 522 -15.77 25.04 29.80
C ALA B 522 -15.76 26.37 29.07
N THR B 523 -15.86 26.30 27.75
CA THR B 523 -15.87 27.47 26.89
C THR B 523 -17.29 27.95 26.71
N VAL B 524 -17.53 29.23 26.98
CA VAL B 524 -18.85 29.84 26.82
C VAL B 524 -18.76 30.96 25.78
N CYS B 525 -19.60 30.87 24.75
CA CYS B 525 -19.40 31.54 23.48
C CYS B 525 -20.21 32.83 23.36
N GLY B 526 -20.11 33.45 22.18
CA GLY B 526 -20.96 34.55 21.79
C GLY B 526 -21.99 34.09 20.79
N PRO B 527 -22.74 35.00 20.18
CA PRO B 527 -23.83 34.60 19.29
C PRO B 527 -23.29 33.91 18.04
N LYS B 528 -24.20 33.31 17.30
CA LYS B 528 -23.88 32.61 16.07
C LYS B 528 -25.04 32.82 15.11
N LYS B 529 -24.72 32.85 13.82
CA LYS B 529 -25.68 33.26 12.81
C LYS B 529 -26.55 32.08 12.40
N SER B 530 -27.86 32.28 12.43
CA SER B 530 -28.85 31.27 12.07
C SER B 530 -29.38 31.59 10.68
N THR B 531 -28.74 31.02 9.66
CA THR B 531 -29.27 31.08 8.31
C THR B 531 -30.56 30.26 8.28
N ASN B 532 -31.27 30.24 7.15
CA ASN B 532 -32.69 29.93 7.14
C ASN B 532 -32.91 28.72 6.27
N LEU B 533 -33.33 27.62 6.92
CA LEU B 533 -33.38 26.29 6.32
C LEU B 533 -34.07 26.29 4.96
N VAL B 534 -33.36 25.74 3.97
CA VAL B 534 -33.94 25.39 2.66
C VAL B 534 -33.91 23.89 2.53
N LYS B 535 -35.03 23.30 2.15
CA LYS B 535 -35.15 21.87 1.99
C LYS B 535 -35.25 21.51 0.52
N ASN B 536 -35.06 20.24 0.23
CA ASN B 536 -35.28 19.61 -1.07
C ASN B 536 -34.32 20.08 -2.16
N LYS B 537 -33.35 20.94 -1.87
CA LYS B 537 -32.23 21.20 -2.75
C LYS B 537 -31.02 20.46 -2.20
N CYS B 538 -29.86 20.62 -2.82
CA CYS B 538 -28.63 20.01 -2.30
C CYS B 538 -27.84 21.14 -1.69
N VAL B 539 -27.51 20.99 -0.41
CA VAL B 539 -26.97 22.08 0.38
C VAL B 539 -25.77 21.58 1.14
N ASN B 540 -24.99 22.51 1.65
CA ASN B 540 -23.89 22.21 2.56
C ASN B 540 -24.38 22.70 3.91
N PHE B 541 -25.02 21.81 4.64
CA PHE B 541 -25.61 22.19 5.90
C PHE B 541 -24.56 22.11 7.00
N ASN B 542 -24.73 22.99 7.99
CA ASN B 542 -23.95 22.97 9.21
C ASN B 542 -24.98 23.11 10.32
N PHE B 543 -25.45 21.98 10.79
CA PHE B 543 -26.08 21.86 12.09
C PHE B 543 -24.94 21.81 13.10
N ASN B 544 -25.26 21.95 14.40
CA ASN B 544 -24.38 22.57 15.39
C ASN B 544 -22.92 22.21 15.23
N GLY B 545 -22.62 20.93 15.05
CA GLY B 545 -21.29 20.51 14.64
C GLY B 545 -21.29 19.48 13.53
N LEU B 546 -22.45 19.30 12.89
CA LEU B 546 -22.64 18.35 11.81
C LEU B 546 -22.61 19.15 10.50
N THR B 547 -21.39 19.32 9.99
CA THR B 547 -21.06 19.92 8.68
C THR B 547 -21.11 18.88 7.56
N GLY B 548 -22.31 18.63 7.01
CA GLY B 548 -22.45 17.66 5.94
C GLY B 548 -23.21 18.21 4.76
N THR B 549 -23.07 17.53 3.62
CA THR B 549 -23.55 17.97 2.32
C THR B 549 -24.65 17.05 1.82
N GLY B 550 -25.89 17.52 1.85
CA GLY B 550 -27.00 16.63 1.56
C GLY B 550 -28.22 17.43 1.18
N VAL B 551 -29.18 16.76 0.53
CA VAL B 551 -30.55 17.28 0.51
C VAL B 551 -31.29 16.88 1.78
N LEU B 552 -32.07 17.82 2.30
CA LEU B 552 -32.88 17.64 3.49
C LEU B 552 -34.33 17.36 3.12
N THR B 553 -34.94 16.41 3.80
CA THR B 553 -36.34 16.03 3.59
C THR B 553 -37.10 16.11 4.90
N GLU B 554 -38.40 16.31 4.80
CA GLU B 554 -39.29 16.36 5.96
C GLU B 554 -39.52 14.95 6.49
N SER B 555 -38.80 14.56 7.54
CA SER B 555 -38.81 13.18 7.97
C SER B 555 -40.12 12.81 8.64
N ASN B 556 -40.24 11.51 8.96
CA ASN B 556 -41.28 10.98 9.83
C ASN B 556 -40.71 10.24 11.02
N LYS B 557 -39.48 10.57 11.42
CA LYS B 557 -38.81 9.91 12.52
C LYS B 557 -39.11 10.65 13.81
N LYS B 558 -39.09 9.91 14.92
CA LYS B 558 -39.46 10.43 16.23
C LYS B 558 -38.25 10.24 17.14
N PHE B 559 -37.40 11.25 17.17
CA PHE B 559 -36.28 11.31 18.09
C PHE B 559 -36.81 11.47 19.50
N LEU B 560 -36.10 10.90 20.46
CA LEU B 560 -36.43 11.17 21.83
C LEU B 560 -35.99 12.59 22.16
N PRO B 561 -36.59 13.23 23.18
CA PRO B 561 -36.37 14.67 23.39
C PRO B 561 -34.93 15.14 23.47
N PHE B 562 -34.00 14.24 23.78
CA PHE B 562 -32.61 14.59 23.97
C PHE B 562 -31.72 14.14 22.82
N GLN B 563 -32.25 13.44 21.83
CA GLN B 563 -31.46 12.93 20.72
C GLN B 563 -31.41 13.97 19.62
N GLN B 564 -30.20 14.31 19.19
CA GLN B 564 -29.99 15.42 18.25
C GLN B 564 -29.93 14.98 16.79
N PHE B 565 -29.17 13.95 16.46
CA PHE B 565 -29.09 13.52 15.07
C PHE B 565 -29.14 12.01 14.94
N GLY B 566 -29.78 11.55 13.87
CA GLY B 566 -29.88 10.14 13.59
C GLY B 566 -28.66 9.59 12.87
N ARG B 567 -28.42 8.31 13.08
CA ARG B 567 -27.26 7.62 12.55
C ARG B 567 -27.69 6.31 11.91
N ASP B 568 -27.12 6.02 10.74
CA ASP B 568 -27.42 4.81 9.99
C ASP B 568 -26.67 3.61 10.57
N ILE B 569 -26.88 2.45 9.96
CA ILE B 569 -26.27 1.24 10.47
C ILE B 569 -24.75 1.33 10.35
N ALA B 570 -24.25 1.72 9.18
CA ALA B 570 -22.82 1.88 9.00
C ALA B 570 -22.36 3.30 9.31
N ASP B 571 -22.69 3.79 10.51
CA ASP B 571 -22.14 5.03 11.07
C ASP B 571 -22.18 6.20 10.08
N THR B 572 -23.29 6.34 9.36
CA THR B 572 -23.50 7.47 8.46
C THR B 572 -24.71 8.24 8.93
N THR B 573 -24.58 9.56 9.00
CA THR B 573 -25.66 10.40 9.49
C THR B 573 -26.87 10.33 8.58
N ASP B 574 -28.04 10.02 9.15
CA ASP B 574 -29.29 9.93 8.41
C ASP B 574 -30.24 11.06 8.67
N ALA B 575 -30.20 11.69 9.83
CA ALA B 575 -31.20 12.69 10.14
C ALA B 575 -30.65 13.62 11.19
N VAL B 576 -31.25 14.81 11.27
CA VAL B 576 -30.92 15.79 12.29
C VAL B 576 -32.21 16.34 12.86
N ARG B 577 -32.10 16.85 14.08
CA ARG B 577 -33.11 17.71 14.66
C ARG B 577 -32.69 19.14 14.35
N ASP B 578 -33.57 19.90 13.73
CA ASP B 578 -33.28 21.31 13.55
C ASP B 578 -33.35 21.93 14.94
N PRO B 579 -32.29 22.57 15.44
CA PRO B 579 -32.31 23.00 16.84
C PRO B 579 -33.26 24.14 17.14
N GLN B 580 -33.82 24.81 16.12
CA GLN B 580 -34.68 25.96 16.35
C GLN B 580 -36.15 25.60 16.22
N THR B 581 -36.49 24.71 15.29
CA THR B 581 -37.80 24.06 15.27
C THR B 581 -37.55 22.57 15.47
N LEU B 582 -38.10 22.01 16.55
CA LEU B 582 -37.76 20.66 16.95
C LEU B 582 -38.49 19.67 16.03
N GLU B 583 -37.96 19.57 14.81
CA GLU B 583 -38.47 18.71 13.76
C GLU B 583 -37.30 17.94 13.20
N ILE B 584 -37.59 16.78 12.62
CA ILE B 584 -36.54 15.87 12.16
C ILE B 584 -36.47 15.98 10.66
N LEU B 585 -35.29 16.28 10.15
CA LEU B 585 -34.99 16.33 8.73
C LEU B 585 -34.13 15.13 8.38
N ASP B 586 -34.45 14.41 7.31
CA ASP B 586 -33.56 13.36 6.86
C ASP B 586 -32.55 13.96 5.89
N ILE B 587 -31.37 13.36 5.86
CA ILE B 587 -30.29 13.76 4.97
C ILE B 587 -30.14 12.65 3.94
N THR B 588 -30.68 12.87 2.74
CA THR B 588 -30.41 11.98 1.61
C THR B 588 -29.33 12.61 0.73
N PRO B 589 -28.13 12.03 0.62
CA PRO B 589 -27.05 12.76 -0.05
C PRO B 589 -27.36 12.98 -1.52
N CYS B 590 -27.20 14.21 -1.96
CA CYS B 590 -27.61 14.62 -3.30
C CYS B 590 -27.01 13.76 -4.41
N SER B 591 -27.88 13.39 -5.33
CA SER B 591 -27.68 12.34 -6.32
C SER B 591 -26.39 12.51 -7.11
N PHE B 592 -25.73 11.39 -7.33
CA PHE B 592 -24.54 11.29 -8.16
C PHE B 592 -24.62 9.98 -8.92
N GLY B 593 -23.81 9.83 -9.96
CA GLY B 593 -23.86 8.58 -10.71
C GLY B 593 -23.05 8.66 -11.97
N GLY B 594 -22.93 7.51 -12.62
CA GLY B 594 -22.20 7.46 -13.86
C GLY B 594 -22.97 8.06 -15.01
N VAL B 595 -22.23 8.51 -16.02
CA VAL B 595 -22.79 8.91 -17.30
C VAL B 595 -22.25 7.93 -18.32
N SER B 596 -23.17 7.24 -18.98
CA SER B 596 -22.89 6.25 -20.01
C SER B 596 -23.44 6.74 -21.33
N VAL B 597 -22.72 6.50 -22.42
CA VAL B 597 -23.16 6.90 -23.73
C VAL B 597 -23.58 5.65 -24.47
N ILE B 598 -24.82 5.64 -24.92
CA ILE B 598 -25.44 4.57 -25.68
C ILE B 598 -25.38 4.98 -27.14
N THR B 599 -24.67 4.22 -27.95
CA THR B 599 -24.44 4.60 -29.31
C THR B 599 -24.57 3.37 -30.18
N PRO B 600 -25.17 3.50 -31.35
CA PRO B 600 -24.84 2.57 -32.42
C PRO B 600 -23.43 2.85 -32.86
N GLY B 601 -22.89 1.96 -33.66
CA GLY B 601 -21.53 2.12 -34.08
C GLY B 601 -21.38 3.34 -34.96
N THR B 602 -20.20 3.97 -34.91
CA THR B 602 -19.90 5.08 -35.79
C THR B 602 -19.74 4.64 -37.25
N ASN B 603 -19.92 3.35 -37.53
CA ASN B 603 -20.08 2.80 -38.86
C ASN B 603 -21.53 2.80 -39.30
N THR B 604 -22.47 3.03 -38.39
CA THR B 604 -23.89 3.14 -38.69
C THR B 604 -24.45 4.53 -38.46
N SER B 605 -24.09 5.20 -37.36
CA SER B 605 -24.66 6.50 -37.05
C SER B 605 -23.76 7.24 -36.08
N ASN B 606 -23.82 8.57 -36.13
CA ASN B 606 -23.19 9.43 -35.15
C ASN B 606 -24.18 9.99 -34.13
N GLN B 607 -25.38 9.43 -34.07
CA GLN B 607 -26.41 9.80 -33.12
C GLN B 607 -26.28 8.95 -31.87
N VAL B 608 -26.37 9.59 -30.69
CA VAL B 608 -26.21 8.87 -29.43
C VAL B 608 -27.26 9.31 -28.42
N ALA B 609 -27.39 8.50 -27.37
CA ALA B 609 -28.25 8.72 -26.22
C ALA B 609 -27.38 8.63 -24.98
N VAL B 610 -27.71 9.40 -23.94
CA VAL B 610 -26.91 9.45 -22.73
C VAL B 610 -27.75 8.99 -21.56
N LEU B 611 -27.21 8.03 -20.79
CA LEU B 611 -27.83 7.52 -19.57
C LEU B 611 -27.13 8.13 -18.37
N TYR B 612 -27.89 8.83 -17.53
CA TYR B 612 -27.41 9.26 -16.22
C TYR B 612 -27.91 8.22 -15.23
N GLN B 613 -27.01 7.40 -14.71
CA GLN B 613 -27.43 6.22 -13.97
C GLN B 613 -28.03 6.58 -12.62
N ASP B 614 -29.13 5.90 -12.30
CA ASP B 614 -29.71 5.88 -10.94
C ASP B 614 -29.99 7.28 -10.42
N VAL B 615 -30.50 8.16 -11.28
CA VAL B 615 -30.99 9.47 -10.87
C VAL B 615 -32.34 9.75 -11.49
N ASN B 616 -32.95 10.84 -11.03
CA ASN B 616 -34.20 11.32 -11.58
C ASN B 616 -33.92 12.06 -12.88
N CYS B 617 -34.99 12.48 -13.54
CA CYS B 617 -34.90 13.25 -14.77
C CYS B 617 -35.18 14.73 -14.53
N THR B 618 -35.03 15.18 -13.29
CA THR B 618 -35.16 16.57 -12.89
C THR B 618 -33.80 17.19 -12.60
N GLU B 619 -32.93 16.46 -11.91
CA GLU B 619 -31.61 16.99 -11.56
C GLU B 619 -30.76 17.22 -12.80
N VAL B 620 -30.90 16.35 -13.80
CA VAL B 620 -30.20 16.55 -15.06
C VAL B 620 -30.71 17.82 -15.71
N ASN B 641 -37.67 14.87 -24.96
CA ASN B 641 -37.38 13.46 -25.19
C ASN B 641 -36.48 12.90 -24.11
N VAL B 642 -37.00 12.87 -22.89
CA VAL B 642 -36.28 12.36 -21.72
C VAL B 642 -37.12 11.26 -21.09
N PHE B 643 -36.52 10.09 -20.90
CA PHE B 643 -37.20 8.87 -20.49
C PHE B 643 -36.63 8.42 -19.16
N GLN B 644 -37.45 8.43 -18.11
CA GLN B 644 -37.01 7.94 -16.81
C GLN B 644 -37.19 6.43 -16.76
N THR B 645 -36.11 5.70 -16.52
CA THR B 645 -36.12 4.26 -16.37
C THR B 645 -35.54 3.89 -15.02
N ARG B 646 -35.76 2.64 -14.61
CA ARG B 646 -35.23 2.19 -13.34
C ARG B 646 -33.72 2.29 -13.30
N ALA B 647 -33.05 2.10 -14.43
CA ALA B 647 -31.59 2.24 -14.46
C ALA B 647 -31.10 3.67 -14.32
N GLY B 648 -31.95 4.67 -14.50
CA GLY B 648 -31.46 6.03 -14.62
C GLY B 648 -32.32 6.85 -15.55
N CYS B 649 -31.83 8.04 -15.86
CA CYS B 649 -32.49 8.95 -16.79
C CYS B 649 -31.82 8.85 -18.15
N LEU B 650 -32.58 8.37 -19.13
CA LEU B 650 -32.10 8.13 -20.48
C LEU B 650 -32.56 9.28 -21.38
N ILE B 651 -31.61 10.01 -21.94
CA ILE B 651 -31.88 11.19 -22.76
C ILE B 651 -31.43 10.91 -24.17
N GLY B 652 -32.33 11.11 -25.12
CA GLY B 652 -32.05 10.94 -26.53
C GLY B 652 -32.67 9.71 -27.13
N ALA B 653 -33.07 8.75 -26.30
CA ALA B 653 -33.78 7.55 -26.73
C ALA B 653 -35.28 7.75 -26.60
N GLU B 654 -36.03 7.22 -27.56
CA GLU B 654 -37.49 7.20 -27.44
C GLU B 654 -37.91 5.94 -26.69
N HIS B 655 -39.10 6.00 -26.10
CA HIS B 655 -39.72 4.88 -25.41
C HIS B 655 -40.76 4.25 -26.32
N VAL B 656 -40.55 3.01 -26.73
CA VAL B 656 -41.47 2.27 -27.58
C VAL B 656 -41.95 1.04 -26.82
N ASN B 657 -43.24 0.73 -26.95
CA ASN B 657 -43.80 -0.34 -26.13
C ASN B 657 -43.54 -1.71 -26.74
N ASN B 658 -43.58 -1.82 -28.06
CA ASN B 658 -43.30 -3.10 -28.70
C ASN B 658 -41.89 -3.58 -28.35
N SER B 659 -41.81 -4.82 -27.86
CA SER B 659 -40.59 -5.43 -27.39
C SER B 659 -39.78 -6.02 -28.53
N TYR B 660 -38.47 -6.14 -28.31
CA TYR B 660 -37.58 -6.81 -29.23
C TYR B 660 -36.48 -7.49 -28.43
N GLU B 661 -35.61 -8.20 -29.15
CA GLU B 661 -34.44 -8.81 -28.54
C GLU B 661 -33.47 -7.72 -28.13
N CYS B 662 -32.83 -7.91 -26.97
CA CYS B 662 -32.01 -6.85 -26.44
C CYS B 662 -30.79 -6.67 -27.31
N ASP B 663 -30.47 -5.42 -27.66
CA ASP B 663 -29.36 -5.13 -28.57
C ASP B 663 -28.21 -4.39 -27.89
N ILE B 664 -28.49 -3.27 -27.25
CA ILE B 664 -27.59 -2.64 -26.30
C ILE B 664 -28.23 -2.77 -24.91
N PRO B 665 -27.70 -3.57 -24.00
CA PRO B 665 -28.33 -3.62 -22.69
C PRO B 665 -28.07 -2.35 -21.91
N ILE B 666 -29.10 -1.88 -21.23
CA ILE B 666 -29.06 -0.69 -20.39
C ILE B 666 -29.15 -1.09 -18.92
N GLY B 667 -30.14 -1.88 -18.57
CA GLY B 667 -30.28 -2.41 -17.23
C GLY B 667 -31.71 -2.37 -16.74
N ALA B 668 -31.99 -3.19 -15.74
CA ALA B 668 -33.30 -3.32 -15.15
C ALA B 668 -34.35 -3.68 -16.20
N GLY B 669 -33.95 -4.52 -17.14
CA GLY B 669 -34.86 -4.94 -18.18
C GLY B 669 -34.93 -4.04 -19.39
N ILE B 670 -34.25 -2.90 -19.39
CA ILE B 670 -34.35 -1.94 -20.47
C ILE B 670 -33.12 -2.11 -21.36
N CYS B 671 -33.35 -2.16 -22.66
CA CYS B 671 -32.33 -2.25 -23.69
C CYS B 671 -32.60 -1.17 -24.72
N ALA B 672 -31.56 -0.81 -25.48
CA ALA B 672 -31.71 0.20 -26.54
C ALA B 672 -31.20 -0.33 -27.87
N SER B 673 -31.74 0.25 -28.94
CA SER B 673 -31.46 -0.23 -30.29
C SER B 673 -31.72 0.90 -31.27
N TYR B 674 -31.26 0.72 -32.51
CA TYR B 674 -31.42 1.73 -33.56
C TYR B 674 -32.47 1.22 -34.53
N GLN B 675 -33.67 1.82 -34.48
CA GLN B 675 -34.81 1.42 -35.30
C GLN B 675 -35.58 2.65 -35.75
N THR B 676 -35.71 2.85 -37.07
CA THR B 676 -36.64 3.86 -37.57
C THR B 676 -38.05 3.63 -37.03
N SER B 689 -36.13 9.71 -39.39
CA SER B 689 -35.82 8.39 -39.91
C SER B 689 -35.29 7.54 -38.75
N GLN B 690 -34.25 6.72 -38.98
CA GLN B 690 -33.62 5.95 -37.92
C GLN B 690 -33.35 6.80 -36.69
N SER B 691 -33.51 6.20 -35.52
CA SER B 691 -33.23 6.88 -34.26
C SER B 691 -32.98 5.82 -33.20
N ILE B 692 -32.47 6.29 -32.06
CA ILE B 692 -32.25 5.42 -30.91
C ILE B 692 -33.55 5.26 -30.14
N ILE B 693 -33.89 4.03 -29.81
CA ILE B 693 -35.09 3.70 -29.05
C ILE B 693 -34.65 2.93 -27.82
N ALA B 694 -35.51 2.93 -26.82
CA ALA B 694 -35.33 2.17 -25.60
C ALA B 694 -36.61 1.40 -25.32
N TYR B 695 -36.47 0.19 -24.82
CA TYR B 695 -37.63 -0.67 -24.64
C TYR B 695 -37.32 -1.71 -23.58
N THR B 696 -38.39 -2.33 -23.08
CA THR B 696 -38.25 -3.50 -22.22
C THR B 696 -37.94 -4.70 -23.09
N MET B 697 -36.90 -5.45 -22.75
CA MET B 697 -36.41 -6.45 -23.69
C MET B 697 -37.40 -7.59 -23.79
N SER B 698 -37.47 -8.15 -24.99
CA SER B 698 -38.03 -9.48 -25.19
C SER B 698 -37.01 -10.51 -24.75
N LEU B 699 -37.49 -11.60 -24.20
CA LEU B 699 -36.65 -12.70 -23.78
C LEU B 699 -36.55 -13.76 -24.86
N GLY B 700 -37.11 -13.50 -26.02
CA GLY B 700 -37.25 -14.48 -27.08
C GLY B 700 -38.68 -14.57 -27.53
N ALA B 701 -38.85 -15.19 -28.68
CA ALA B 701 -40.20 -15.26 -29.23
C ALA B 701 -40.99 -16.19 -28.34
N GLU B 702 -42.26 -15.85 -28.15
CA GLU B 702 -43.05 -16.64 -27.24
C GLU B 702 -43.51 -17.88 -27.99
N ASN B 703 -43.78 -18.93 -27.24
CA ASN B 703 -44.15 -20.17 -27.87
C ASN B 703 -45.05 -20.94 -26.95
N SER B 704 -45.59 -22.03 -27.46
CA SER B 704 -46.21 -23.04 -26.64
C SER B 704 -45.98 -24.34 -27.37
N VAL B 705 -45.86 -25.39 -26.61
CA VAL B 705 -45.70 -26.73 -27.15
C VAL B 705 -47.10 -27.32 -27.14
N ALA B 706 -47.52 -27.90 -28.25
CA ALA B 706 -48.92 -28.27 -28.41
C ALA B 706 -49.17 -29.56 -27.65
N TYR B 707 -49.07 -29.43 -26.32
CA TYR B 707 -49.09 -30.58 -25.45
C TYR B 707 -50.48 -31.18 -25.39
N SER B 708 -50.54 -32.50 -25.43
CA SER B 708 -51.74 -33.20 -25.05
C SER B 708 -51.32 -34.60 -24.66
N ASN B 709 -52.22 -35.30 -23.99
CA ASN B 709 -51.80 -36.50 -23.29
C ASN B 709 -51.55 -37.67 -24.24
N ASN B 710 -51.96 -37.58 -25.49
CA ASN B 710 -51.80 -38.66 -26.45
C ASN B 710 -51.20 -38.17 -27.75
N SER B 711 -50.36 -37.14 -27.72
CA SER B 711 -49.79 -36.60 -28.95
C SER B 711 -48.32 -36.32 -28.76
N ILE B 712 -47.53 -36.84 -29.70
CA ILE B 712 -46.08 -36.75 -29.69
C ILE B 712 -45.63 -36.19 -31.02
N ALA B 713 -44.64 -35.32 -31.00
CA ALA B 713 -44.02 -34.81 -32.21
C ALA B 713 -42.71 -35.56 -32.39
N ILE B 714 -42.49 -36.08 -33.60
CA ILE B 714 -41.27 -36.84 -33.90
C ILE B 714 -40.59 -36.26 -35.13
N PRO B 715 -39.28 -36.00 -35.08
CA PRO B 715 -38.60 -35.53 -36.28
C PRO B 715 -38.54 -36.57 -37.37
N THR B 716 -38.71 -36.10 -38.61
CA THR B 716 -38.61 -36.91 -39.81
C THR B 716 -37.37 -36.59 -40.62
N ASN B 717 -36.72 -35.47 -40.35
CA ASN B 717 -35.49 -35.08 -40.99
C ASN B 717 -34.63 -34.40 -39.95
N PHE B 718 -33.38 -34.18 -40.30
CA PHE B 718 -32.38 -33.73 -39.35
C PHE B 718 -31.42 -32.82 -40.09
N THR B 719 -30.53 -32.22 -39.33
CA THR B 719 -29.41 -31.49 -39.91
C THR B 719 -28.20 -31.81 -39.08
N ILE B 720 -27.05 -31.65 -39.70
CA ILE B 720 -25.76 -31.75 -39.05
C ILE B 720 -25.23 -30.33 -38.99
N SER B 721 -24.98 -29.84 -37.80
CA SER B 721 -24.54 -28.48 -37.62
C SER B 721 -23.16 -28.52 -37.02
N VAL B 722 -22.39 -27.47 -37.29
CA VAL B 722 -21.09 -27.29 -36.68
C VAL B 722 -21.14 -25.97 -35.95
N THR B 723 -20.80 -26.00 -34.68
CA THR B 723 -20.73 -24.81 -33.85
C THR B 723 -19.28 -24.62 -33.46
N THR B 724 -18.92 -23.39 -33.11
CA THR B 724 -17.56 -23.05 -32.75
C THR B 724 -17.53 -22.65 -31.30
N GLU B 725 -16.69 -23.31 -30.51
CA GLU B 725 -16.44 -22.95 -29.13
C GLU B 725 -14.99 -22.51 -28.98
N ILE B 726 -14.78 -21.27 -28.58
CA ILE B 726 -13.46 -20.68 -28.47
C ILE B 726 -13.13 -20.52 -26.99
N LEU B 727 -12.01 -21.10 -26.55
CA LEU B 727 -11.61 -21.04 -25.15
C LEU B 727 -10.16 -20.57 -25.07
N PRO B 728 -9.82 -19.66 -24.15
CA PRO B 728 -8.41 -19.42 -23.90
C PRO B 728 -7.78 -20.56 -23.15
N VAL B 729 -6.50 -20.80 -23.44
CA VAL B 729 -5.72 -21.84 -22.79
C VAL B 729 -4.58 -21.26 -21.97
N SER B 730 -3.89 -20.24 -22.49
CA SER B 730 -2.70 -19.73 -21.84
C SER B 730 -2.62 -18.22 -21.97
N MET B 731 -1.88 -17.63 -21.05
CA MET B 731 -1.50 -16.23 -21.03
C MET B 731 -0.11 -16.06 -21.62
N THR B 732 0.21 -14.82 -21.98
CA THR B 732 1.60 -14.50 -22.26
C THR B 732 2.44 -14.70 -21.01
N LYS B 733 3.58 -15.39 -21.17
CA LYS B 733 4.45 -15.75 -20.05
C LYS B 733 5.30 -14.56 -19.63
N THR B 734 4.66 -13.62 -18.95
CA THR B 734 5.36 -12.42 -18.50
C THR B 734 6.16 -12.71 -17.25
N SER B 735 7.38 -12.18 -17.21
CA SER B 735 8.27 -12.27 -16.06
C SER B 735 8.88 -10.88 -15.83
N VAL B 736 8.76 -10.38 -14.61
CA VAL B 736 9.21 -9.05 -14.26
C VAL B 736 10.32 -9.15 -13.23
N ASP B 737 11.44 -8.47 -13.50
CA ASP B 737 12.53 -8.30 -12.55
C ASP B 737 12.22 -7.10 -11.67
N CYS B 738 11.74 -7.36 -10.44
CA CYS B 738 11.23 -6.28 -9.61
C CYS B 738 12.28 -5.24 -9.30
N THR B 739 13.55 -5.64 -9.21
CA THR B 739 14.56 -4.67 -8.83
C THR B 739 14.79 -3.67 -9.95
N MET B 740 14.90 -4.16 -11.18
CA MET B 740 15.06 -3.26 -12.30
C MET B 740 13.81 -2.43 -12.53
N TYR B 741 12.63 -3.01 -12.30
CA TYR B 741 11.41 -2.22 -12.44
C TYR B 741 11.36 -1.09 -11.44
N ILE B 742 11.64 -1.38 -10.17
CA ILE B 742 11.47 -0.40 -9.11
C ILE B 742 12.65 0.56 -9.09
N CYS B 743 13.85 0.01 -9.17
CA CYS B 743 15.09 0.69 -8.84
C CYS B 743 16.06 0.56 -10.00
N GLY B 744 15.56 0.79 -11.21
CA GLY B 744 16.29 0.46 -12.41
C GLY B 744 17.53 1.31 -12.56
N ASP B 745 18.69 0.66 -12.62
CA ASP B 745 19.98 1.35 -12.76
C ASP B 745 20.19 2.38 -11.65
N SER B 746 19.78 2.03 -10.44
CA SER B 746 20.06 2.85 -9.25
C SER B 746 20.53 1.92 -8.14
N THR B 747 21.81 2.03 -7.78
CA THR B 747 22.34 1.26 -6.67
C THR B 747 21.74 1.70 -5.34
N GLU B 748 21.58 3.01 -5.15
CA GLU B 748 21.02 3.52 -3.90
C GLU B 748 19.60 3.04 -3.71
N CYS B 749 18.80 3.06 -4.78
CA CYS B 749 17.44 2.59 -4.68
C CYS B 749 17.40 1.11 -4.37
N SER B 750 18.24 0.31 -5.02
CA SER B 750 18.30 -1.11 -4.70
C SER B 750 18.67 -1.35 -3.23
N ASN B 751 19.64 -0.60 -2.71
CA ASN B 751 20.00 -0.71 -1.31
C ASN B 751 18.82 -0.36 -0.40
N LEU B 752 17.98 0.57 -0.83
CA LEU B 752 16.79 0.90 -0.04
C LEU B 752 15.74 -0.18 -0.18
N LEU B 753 15.64 -0.79 -1.36
CA LEU B 753 14.70 -1.88 -1.60
C LEU B 753 15.03 -3.08 -0.72
N LEU B 754 16.32 -3.31 -0.46
CA LEU B 754 16.73 -4.49 0.29
C LEU B 754 16.21 -4.49 1.72
N GLN B 755 15.73 -3.35 2.22
CA GLN B 755 15.15 -3.30 3.55
C GLN B 755 13.75 -3.91 3.60
N TYR B 756 13.17 -4.28 2.48
CA TYR B 756 11.82 -4.86 2.43
C TYR B 756 11.84 -6.38 2.34
N GLY B 757 13.01 -7.00 2.49
CA GLY B 757 13.07 -8.45 2.53
C GLY B 757 12.62 -9.11 1.24
N SER B 758 11.65 -10.01 1.38
CA SER B 758 11.35 -11.01 0.36
C SER B 758 10.34 -10.57 -0.68
N PHE B 759 9.84 -9.32 -0.60
CA PHE B 759 8.78 -8.88 -1.52
C PHE B 759 9.16 -9.10 -2.97
N CYS B 760 10.40 -8.80 -3.35
CA CYS B 760 10.85 -9.11 -4.70
C CYS B 760 10.90 -10.59 -4.99
N THR B 761 11.47 -11.38 -4.08
CA THR B 761 11.55 -12.80 -4.35
C THR B 761 10.17 -13.40 -4.45
N GLN B 762 9.26 -13.01 -3.54
CA GLN B 762 7.91 -13.52 -3.61
C GLN B 762 7.20 -13.15 -4.91
N LEU B 763 7.36 -11.90 -5.38
CA LEU B 763 6.72 -11.54 -6.64
C LEU B 763 7.31 -12.31 -7.82
N ASN B 764 8.63 -12.48 -7.85
CA ASN B 764 9.24 -13.25 -8.92
C ASN B 764 8.77 -14.68 -8.89
N ARG B 765 8.61 -15.22 -7.69
CA ARG B 765 8.16 -16.60 -7.57
C ARG B 765 6.74 -16.75 -8.07
N ALA B 766 5.85 -15.82 -7.71
CA ALA B 766 4.48 -15.90 -8.21
C ALA B 766 4.42 -15.80 -9.73
N LEU B 767 5.21 -14.89 -10.31
CA LEU B 767 5.17 -14.76 -11.76
C LEU B 767 5.78 -15.97 -12.45
N THR B 768 6.81 -16.55 -11.86
CA THR B 768 7.37 -17.80 -12.40
C THR B 768 6.36 -18.92 -12.33
N GLY B 769 5.64 -19.01 -11.22
CA GLY B 769 4.61 -20.03 -11.11
C GLY B 769 3.55 -19.87 -12.18
N ILE B 770 3.16 -18.64 -12.47
CA ILE B 770 2.18 -18.42 -13.53
C ILE B 770 2.77 -18.83 -14.88
N ALA B 771 3.99 -18.39 -15.17
CA ALA B 771 4.63 -18.73 -16.43
C ALA B 771 4.73 -20.24 -16.64
N VAL B 772 5.04 -20.98 -15.58
CA VAL B 772 5.09 -22.43 -15.70
C VAL B 772 3.70 -22.98 -15.95
N GLU B 773 2.72 -22.48 -15.19
CA GLU B 773 1.35 -22.91 -15.35
C GLU B 773 0.87 -22.75 -16.78
N GLN B 774 1.30 -21.70 -17.48
CA GLN B 774 0.80 -21.54 -18.84
C GLN B 774 1.29 -22.64 -19.77
N ASP B 775 2.46 -23.20 -19.50
CA ASP B 775 2.93 -24.31 -20.30
C ASP B 775 2.26 -25.58 -19.88
N LYS B 776 1.96 -25.71 -18.59
CA LYS B 776 1.15 -26.82 -18.14
C LYS B 776 -0.23 -26.79 -18.78
N ASN B 777 -0.84 -25.61 -18.90
CA ASN B 777 -2.14 -25.49 -19.53
C ASN B 777 -2.09 -25.93 -20.98
N THR B 778 -1.09 -25.45 -21.72
CA THR B 778 -1.01 -25.85 -23.11
C THR B 778 -0.74 -27.33 -23.25
N GLN B 779 0.14 -27.87 -22.41
CA GLN B 779 0.43 -29.30 -22.44
C GLN B 779 -0.82 -30.12 -22.15
N GLU B 780 -1.57 -29.74 -21.14
CA GLU B 780 -2.74 -30.51 -20.76
C GLU B 780 -3.81 -30.46 -21.83
N VAL B 781 -3.97 -29.33 -22.51
CA VAL B 781 -5.01 -29.26 -23.53
C VAL B 781 -4.60 -30.05 -24.76
N PHE B 782 -3.35 -29.89 -25.21
CA PHE B 782 -2.97 -30.39 -26.52
C PHE B 782 -2.21 -31.70 -26.50
N ALA B 783 -1.39 -31.94 -25.47
CA ALA B 783 -0.63 -33.17 -25.39
C ALA B 783 -1.45 -34.26 -24.70
N GLN B 784 -2.57 -34.61 -25.34
CA GLN B 784 -3.39 -35.73 -24.91
C GLN B 784 -3.16 -36.97 -25.75
N VAL B 785 -2.26 -36.90 -26.73
CA VAL B 785 -2.00 -38.00 -27.63
C VAL B 785 -0.53 -38.35 -27.48
N LYS B 786 -0.24 -39.65 -27.31
CA LYS B 786 1.14 -40.05 -27.14
C LYS B 786 1.91 -40.07 -28.46
N GLN B 787 1.22 -40.41 -29.54
CA GLN B 787 1.81 -40.53 -30.85
C GLN B 787 1.31 -39.42 -31.75
N ILE B 788 2.11 -39.09 -32.77
CA ILE B 788 1.73 -38.11 -33.76
C ILE B 788 1.17 -38.89 -34.94
N TYR B 789 -0.13 -38.79 -35.12
CA TYR B 789 -0.87 -39.52 -36.13
C TYR B 789 -0.93 -38.70 -37.40
N LYS B 790 -1.02 -39.38 -38.53
CA LYS B 790 -1.14 -38.72 -39.81
C LYS B 790 -2.22 -39.42 -40.61
N THR B 791 -2.93 -38.64 -41.40
CA THR B 791 -3.89 -39.17 -42.35
C THR B 791 -3.16 -39.69 -43.58
N PRO B 792 -3.74 -40.61 -44.32
CA PRO B 792 -3.08 -41.08 -45.52
C PRO B 792 -3.12 -40.02 -46.60
N PRO B 793 -2.34 -40.15 -47.67
CA PRO B 793 -2.50 -39.24 -48.80
C PRO B 793 -3.84 -39.37 -49.49
N ILE B 794 -4.48 -40.53 -49.37
CA ILE B 794 -5.82 -40.75 -49.92
C ILE B 794 -6.84 -40.15 -48.95
N LYS B 795 -7.66 -39.24 -49.45
CA LYS B 795 -8.56 -38.44 -48.63
C LYS B 795 -10.01 -38.86 -48.82
N ASP B 796 -10.24 -40.05 -49.37
CA ASP B 796 -11.57 -40.58 -49.64
C ASP B 796 -12.14 -41.10 -48.34
N PHE B 797 -12.92 -40.26 -47.66
CA PHE B 797 -13.52 -40.55 -46.37
C PHE B 797 -15.02 -40.75 -46.48
N GLY B 798 -15.50 -41.14 -47.66
CA GLY B 798 -16.90 -41.41 -47.85
C GLY B 798 -17.72 -40.18 -48.13
N GLY B 799 -17.09 -39.10 -48.57
CA GLY B 799 -17.75 -37.85 -48.88
C GLY B 799 -17.40 -36.74 -47.93
N PHE B 800 -16.85 -37.06 -46.76
CA PHE B 800 -16.55 -36.02 -45.79
C PHE B 800 -15.27 -35.33 -46.18
N ASN B 801 -15.30 -34.00 -46.16
CA ASN B 801 -14.22 -33.14 -46.60
C ASN B 801 -13.62 -32.43 -45.40
N PHE B 802 -12.40 -32.80 -45.02
CA PHE B 802 -11.74 -32.21 -43.88
C PHE B 802 -10.59 -31.29 -44.27
N SER B 803 -10.43 -30.99 -45.57
CA SER B 803 -9.39 -30.08 -46.02
C SER B 803 -9.39 -28.76 -45.28
N GLN B 804 -10.57 -28.34 -44.83
CA GLN B 804 -10.68 -27.07 -44.12
C GLN B 804 -10.02 -27.15 -42.76
N ILE B 805 -10.04 -28.33 -42.13
CA ILE B 805 -9.48 -28.50 -40.79
C ILE B 805 -8.14 -29.24 -40.80
N LEU B 806 -7.84 -30.00 -41.84
CA LEU B 806 -6.59 -30.74 -41.90
C LEU B 806 -5.44 -29.82 -42.30
N PRO B 807 -4.21 -30.11 -41.86
CA PRO B 807 -3.07 -29.26 -42.24
C PRO B 807 -2.95 -29.11 -43.74
N ASP B 808 -2.63 -27.88 -44.17
CA ASP B 808 -2.48 -27.59 -45.58
C ASP B 808 -1.01 -27.79 -45.96
N PRO B 809 -0.65 -28.83 -46.73
CA PRO B 809 0.77 -29.03 -47.02
C PRO B 809 1.42 -27.91 -47.82
N SER B 810 0.64 -27.15 -48.59
CA SER B 810 1.22 -26.19 -49.51
C SER B 810 1.75 -24.93 -48.83
N LYS B 811 1.38 -24.70 -47.58
CA LYS B 811 1.74 -23.47 -46.88
C LYS B 811 3.03 -23.64 -46.10
N PRO B 812 3.73 -22.55 -45.79
CA PRO B 812 4.92 -22.66 -44.93
C PRO B 812 4.61 -23.28 -43.58
N SER B 813 3.65 -22.71 -42.86
CA SER B 813 3.40 -23.05 -41.46
C SER B 813 2.74 -24.42 -41.31
N LYS B 814 2.11 -24.93 -42.36
CA LYS B 814 1.45 -26.24 -42.31
C LYS B 814 0.31 -26.21 -41.30
N ARG B 815 -0.54 -25.21 -41.45
CA ARG B 815 -1.75 -25.02 -40.68
C ARG B 815 -2.92 -25.11 -41.63
N SER B 816 -4.07 -25.44 -41.09
CA SER B 816 -5.24 -25.64 -41.90
C SER B 816 -5.81 -24.29 -42.29
N PRO B 817 -6.75 -24.24 -43.21
CA PRO B 817 -7.36 -22.95 -43.57
C PRO B 817 -8.01 -22.25 -42.39
N ILE B 818 -8.84 -22.95 -41.62
CA ILE B 818 -9.51 -22.32 -40.50
C ILE B 818 -8.49 -21.87 -39.48
N GLU B 819 -7.46 -22.69 -39.25
CA GLU B 819 -6.40 -22.28 -38.35
C GLU B 819 -5.72 -21.02 -38.86
N ASP B 820 -5.49 -20.91 -40.16
CA ASP B 820 -4.91 -19.68 -40.70
C ASP B 820 -5.80 -18.47 -40.47
N LEU B 821 -7.11 -18.60 -40.64
CA LEU B 821 -7.96 -17.45 -40.34
C LEU B 821 -7.88 -17.08 -38.87
N LEU B 822 -7.80 -18.10 -38.01
CA LEU B 822 -7.77 -17.81 -36.58
C LEU B 822 -6.49 -17.09 -36.20
N PHE B 823 -5.37 -17.51 -36.78
CA PHE B 823 -4.12 -16.83 -36.50
C PHE B 823 -4.09 -15.44 -37.12
N ASN B 824 -4.67 -15.27 -38.31
CA ASN B 824 -4.69 -13.96 -38.94
C ASN B 824 -5.74 -13.02 -38.36
N LYS B 825 -6.56 -13.47 -37.40
CA LYS B 825 -7.62 -12.64 -36.83
C LYS B 825 -7.38 -12.24 -35.38
N VAL B 826 -6.21 -12.53 -34.83
CA VAL B 826 -5.87 -12.16 -33.46
C VAL B 826 -4.60 -11.31 -33.49
N THR B 827 -4.65 -10.16 -32.84
CA THR B 827 -3.51 -9.24 -32.78
C THR B 827 -2.52 -9.66 -31.70
N LYS B 854 11.91 -5.47 -24.53
CA LYS B 854 11.89 -4.10 -25.02
C LYS B 854 11.28 -3.13 -24.00
N PHE B 855 11.01 -3.62 -22.81
CA PHE B 855 10.40 -2.87 -21.72
C PHE B 855 11.43 -2.67 -20.63
N ASN B 856 10.99 -2.06 -19.54
CA ASN B 856 11.80 -1.53 -18.46
C ASN B 856 12.59 -2.56 -17.64
N GLY B 857 12.47 -3.85 -17.90
CA GLY B 857 12.59 -4.92 -16.91
C GLY B 857 11.38 -5.83 -16.84
N LEU B 858 10.40 -5.56 -17.69
CA LEU B 858 9.29 -6.45 -17.99
C LEU B 858 9.63 -7.25 -19.24
N THR B 859 9.77 -8.57 -19.13
CA THR B 859 10.11 -9.38 -20.29
C THR B 859 9.12 -10.52 -20.43
N VAL B 860 9.13 -11.13 -21.60
CA VAL B 860 8.12 -12.10 -22.01
C VAL B 860 8.86 -13.36 -22.44
N LEU B 861 8.56 -14.43 -21.84
CA LEU B 861 9.25 -15.66 -22.19
C LEU B 861 8.52 -16.32 -23.36
N PRO B 862 9.20 -17.04 -24.25
CA PRO B 862 8.47 -17.77 -25.27
C PRO B 862 7.75 -18.96 -24.64
N PRO B 863 6.65 -19.41 -25.22
CA PRO B 863 6.05 -20.65 -24.74
C PRO B 863 6.89 -21.84 -25.15
N LEU B 864 6.77 -22.90 -24.38
CA LEU B 864 7.57 -24.09 -24.64
C LEU B 864 7.18 -24.74 -25.95
N LEU B 865 5.89 -24.84 -26.22
CA LEU B 865 5.37 -25.49 -27.42
C LEU B 865 5.06 -24.39 -28.44
N THR B 866 5.79 -24.37 -29.54
CA THR B 866 5.56 -23.29 -30.48
C THR B 866 4.32 -23.58 -31.31
N ASP B 867 3.88 -22.56 -32.05
CA ASP B 867 2.66 -22.67 -32.83
C ASP B 867 2.72 -23.82 -33.82
N GLU B 868 3.89 -24.06 -34.40
CA GLU B 868 4.03 -25.19 -35.30
C GLU B 868 3.85 -26.51 -34.56
N MET B 869 4.43 -26.63 -33.38
CA MET B 869 4.25 -27.85 -32.59
C MET B 869 2.81 -27.99 -32.10
N ILE B 870 2.15 -26.89 -31.74
CA ILE B 870 0.77 -26.99 -31.34
C ILE B 870 -0.10 -27.40 -32.52
N ALA B 871 0.17 -26.84 -33.70
CA ALA B 871 -0.48 -27.30 -34.91
C ALA B 871 -0.24 -28.77 -35.15
N GLN B 872 0.95 -29.27 -34.83
CA GLN B 872 1.22 -30.69 -35.00
C GLN B 872 0.39 -31.52 -34.04
N TYR B 873 0.19 -31.02 -32.83
CA TYR B 873 -0.63 -31.75 -31.87
C TYR B 873 -2.08 -31.80 -32.31
N THR B 874 -2.61 -30.67 -32.79
CA THR B 874 -4.00 -30.69 -33.25
C THR B 874 -4.13 -31.48 -34.53
N SER B 875 -3.10 -31.52 -35.37
CA SER B 875 -3.10 -32.38 -36.53
C SER B 875 -3.14 -33.84 -36.13
N ALA B 876 -2.36 -34.21 -35.13
CA ALA B 876 -2.37 -35.59 -34.63
C ALA B 876 -3.73 -35.93 -34.07
N LEU B 877 -4.34 -35.01 -33.35
CA LEU B 877 -5.66 -35.26 -32.78
C LEU B 877 -6.70 -35.41 -33.88
N LEU B 878 -6.59 -34.59 -34.93
CA LEU B 878 -7.54 -34.70 -36.04
C LEU B 878 -7.35 -35.99 -36.80
N ALA B 879 -6.12 -36.37 -37.12
CA ALA B 879 -5.87 -37.61 -37.82
C ALA B 879 -6.32 -38.81 -37.00
N GLY B 880 -6.12 -38.76 -35.68
CA GLY B 880 -6.62 -39.82 -34.83
C GLY B 880 -8.13 -39.92 -34.87
N THR B 881 -8.81 -38.78 -34.68
CA THR B 881 -10.26 -38.74 -34.73
C THR B 881 -10.77 -39.25 -36.05
N ILE B 882 -10.13 -38.86 -37.14
CA ILE B 882 -10.66 -39.16 -38.46
C ILE B 882 -10.47 -40.63 -38.77
N THR B 883 -9.29 -41.19 -38.49
CA THR B 883 -9.00 -42.53 -38.94
C THR B 883 -9.29 -43.62 -37.92
N SER B 884 -9.43 -43.30 -36.63
CA SER B 884 -9.69 -44.30 -35.60
C SER B 884 -10.81 -43.95 -34.64
N GLY B 885 -11.58 -42.92 -34.89
CA GLY B 885 -12.65 -42.56 -33.98
C GLY B 885 -12.16 -42.20 -32.60
N TRP B 886 -12.78 -42.82 -31.60
CA TRP B 886 -12.47 -42.52 -30.21
C TRP B 886 -11.47 -43.49 -29.61
N THR B 887 -10.93 -44.39 -30.40
CA THR B 887 -10.12 -45.46 -29.87
C THR B 887 -8.71 -45.03 -29.57
N PHE B 888 -8.22 -43.98 -30.21
CA PHE B 888 -6.87 -43.50 -29.95
C PHE B 888 -6.76 -42.89 -28.56
N GLY B 889 -7.87 -42.52 -27.95
CA GLY B 889 -7.89 -42.03 -26.59
C GLY B 889 -7.75 -43.17 -25.59
N ALA B 890 -8.63 -44.16 -25.72
CA ALA B 890 -8.66 -45.28 -24.79
C ALA B 890 -7.38 -46.10 -24.83
N GLY B 891 -6.74 -46.25 -25.97
CA GLY B 891 -5.77 -47.31 -26.11
C GLY B 891 -5.04 -47.19 -27.42
N PRO B 892 -4.79 -48.29 -28.12
CA PRO B 892 -4.11 -48.17 -29.40
C PRO B 892 -5.10 -47.82 -30.48
N ALA B 893 -4.61 -47.08 -31.47
CA ALA B 893 -5.46 -46.42 -32.44
C ALA B 893 -5.90 -47.44 -33.47
N LEU B 894 -7.18 -47.77 -33.46
CA LEU B 894 -7.75 -48.84 -34.25
C LEU B 894 -8.46 -48.22 -35.44
N GLN B 895 -7.94 -48.47 -36.63
CA GLN B 895 -8.49 -47.85 -37.82
C GLN B 895 -9.94 -48.27 -38.00
N ILE B 896 -10.77 -47.32 -38.43
CA ILE B 896 -12.14 -47.65 -38.82
C ILE B 896 -12.55 -46.70 -39.95
N PRO B 897 -13.28 -47.16 -40.97
CA PRO B 897 -13.78 -46.23 -41.99
C PRO B 897 -14.59 -45.10 -41.39
N PHE B 898 -14.39 -43.90 -41.90
CA PHE B 898 -15.09 -42.75 -41.34
C PHE B 898 -16.60 -42.87 -41.42
N PRO B 899 -17.20 -43.32 -42.52
CA PRO B 899 -18.65 -43.58 -42.44
C PRO B 899 -19.01 -44.59 -41.38
N MET B 900 -18.19 -45.60 -41.12
CA MET B 900 -18.55 -46.51 -40.05
C MET B 900 -18.36 -45.87 -38.68
N GLN B 901 -17.33 -45.03 -38.53
CA GLN B 901 -17.22 -44.26 -37.29
C GLN B 901 -18.45 -43.39 -37.08
N MET B 902 -18.91 -42.72 -38.12
CA MET B 902 -20.08 -41.89 -37.95
C MET B 902 -21.30 -42.74 -37.65
N ALA B 903 -21.39 -43.94 -38.21
CA ALA B 903 -22.46 -44.84 -37.83
C ALA B 903 -22.43 -45.15 -36.35
N TYR B 904 -21.24 -45.25 -35.77
CA TYR B 904 -21.18 -45.46 -34.33
C TYR B 904 -21.61 -44.21 -33.59
N ARG B 905 -21.16 -43.07 -34.06
CA ARG B 905 -21.51 -41.79 -33.47
C ARG B 905 -23.01 -41.54 -33.51
N PHE B 906 -23.68 -41.99 -34.58
CA PHE B 906 -25.14 -41.88 -34.65
C PHE B 906 -25.81 -42.86 -33.73
N ASN B 907 -25.28 -44.08 -33.65
CA ASN B 907 -25.81 -45.03 -32.68
C ASN B 907 -25.68 -44.49 -31.26
N GLY B 908 -24.63 -43.72 -30.99
CA GLY B 908 -24.41 -43.15 -29.69
C GLY B 908 -25.43 -42.15 -29.22
N ILE B 909 -26.27 -41.63 -30.12
CA ILE B 909 -27.28 -40.65 -29.78
C ILE B 909 -28.70 -41.17 -29.98
N GLY B 910 -28.86 -42.48 -30.12
CA GLY B 910 -30.17 -43.06 -30.24
C GLY B 910 -30.73 -43.10 -31.63
N VAL B 911 -29.90 -42.98 -32.66
CA VAL B 911 -30.31 -43.07 -34.05
C VAL B 911 -29.65 -44.30 -34.63
N THR B 912 -30.46 -45.23 -35.13
CA THR B 912 -29.95 -46.48 -35.67
C THR B 912 -28.96 -46.21 -36.78
N GLN B 913 -27.98 -47.10 -36.90
CA GLN B 913 -26.87 -46.91 -37.82
C GLN B 913 -27.34 -46.63 -39.23
N ASN B 914 -28.44 -47.26 -39.63
CA ASN B 914 -28.84 -47.24 -41.03
C ASN B 914 -29.19 -45.84 -41.49
N VAL B 915 -29.52 -44.96 -40.55
CA VAL B 915 -29.87 -43.60 -40.93
C VAL B 915 -28.69 -42.92 -41.59
N LEU B 916 -27.48 -43.13 -41.08
CA LEU B 916 -26.33 -42.58 -41.78
C LEU B 916 -26.21 -43.19 -43.17
N TYR B 917 -26.28 -44.50 -43.28
CA TYR B 917 -25.88 -45.15 -44.52
C TYR B 917 -26.88 -44.83 -45.62
N GLU B 918 -28.14 -44.84 -45.29
CA GLU B 918 -29.18 -44.53 -46.26
C GLU B 918 -29.10 -43.07 -46.68
N ASN B 919 -28.69 -42.20 -45.76
CA ASN B 919 -28.56 -40.76 -46.02
C ASN B 919 -27.11 -40.31 -46.09
N GLN B 920 -26.18 -41.22 -46.38
CA GLN B 920 -24.76 -40.91 -46.27
C GLN B 920 -24.35 -39.70 -47.11
N LYS B 921 -24.80 -39.62 -48.37
CA LYS B 921 -24.36 -38.52 -49.22
C LYS B 921 -24.91 -37.19 -48.73
N LEU B 922 -26.16 -37.19 -48.27
CA LEU B 922 -26.77 -35.99 -47.74
C LEU B 922 -26.04 -35.51 -46.50
N ILE B 923 -25.72 -36.45 -45.61
CA ILE B 923 -25.04 -36.12 -44.36
C ILE B 923 -23.66 -35.58 -44.66
N ALA B 924 -22.95 -36.21 -45.59
CA ALA B 924 -21.61 -35.75 -45.95
C ALA B 924 -21.66 -34.35 -46.53
N ASN B 925 -22.68 -34.05 -47.34
CA ASN B 925 -22.79 -32.71 -47.89
C ASN B 925 -23.13 -31.71 -46.83
N GLN B 926 -24.00 -32.07 -45.88
CA GLN B 926 -24.31 -31.14 -44.81
C GLN B 926 -23.09 -30.87 -43.95
N PHE B 927 -22.29 -31.90 -43.68
CA PHE B 927 -21.07 -31.68 -42.93
C PHE B 927 -20.12 -30.74 -43.67
N ASN B 928 -19.88 -31.00 -44.96
CA ASN B 928 -18.94 -30.16 -45.71
C ASN B 928 -19.43 -28.73 -45.80
N SER B 929 -20.73 -28.57 -46.00
CA SER B 929 -21.30 -27.23 -46.07
C SER B 929 -21.16 -26.51 -44.74
N ALA B 930 -21.47 -27.20 -43.64
CA ALA B 930 -21.32 -26.59 -42.33
C ALA B 930 -19.88 -26.14 -42.07
N ILE B 931 -18.89 -26.94 -42.49
CA ILE B 931 -17.51 -26.49 -42.30
C ILE B 931 -17.22 -25.26 -43.16
N GLY B 932 -17.79 -25.20 -44.36
CA GLY B 932 -17.62 -24.01 -45.17
C GLY B 932 -18.24 -22.79 -44.52
N LYS B 933 -19.36 -22.98 -43.86
CA LYS B 933 -19.99 -21.89 -43.14
C LYS B 933 -19.17 -21.47 -41.95
N ILE B 934 -18.47 -22.41 -41.30
CA ILE B 934 -17.57 -22.00 -40.22
C ILE B 934 -16.48 -21.11 -40.76
N GLN B 935 -15.99 -21.41 -41.97
CA GLN B 935 -14.92 -20.56 -42.48
C GLN B 935 -15.47 -19.17 -42.84
N ASP B 936 -16.69 -19.13 -43.38
CA ASP B 936 -17.30 -17.83 -43.70
C ASP B 936 -17.64 -17.06 -42.43
N SER B 937 -18.15 -17.74 -41.40
CA SER B 937 -18.53 -17.07 -40.17
C SER B 937 -17.31 -16.48 -39.50
N LEU B 938 -16.24 -17.26 -39.38
CA LEU B 938 -15.06 -16.73 -38.71
C LEU B 938 -14.41 -15.63 -39.54
N SER B 939 -14.39 -15.76 -40.86
CA SER B 939 -13.74 -14.72 -41.66
C SER B 939 -14.55 -13.44 -41.71
N SER B 940 -15.78 -13.52 -42.22
CA SER B 940 -16.59 -12.33 -42.45
C SER B 940 -16.91 -11.59 -41.15
N THR B 941 -17.12 -12.32 -40.06
CA THR B 941 -17.62 -11.77 -38.80
C THR B 941 -16.54 -11.75 -37.72
N PRO B 942 -15.69 -10.73 -37.64
CA PRO B 942 -14.88 -10.58 -36.44
C PRO B 942 -15.77 -10.25 -35.25
N SER B 943 -15.14 -10.21 -34.08
CA SER B 943 -15.76 -10.36 -32.76
C SER B 943 -16.06 -11.83 -32.48
N ALA B 944 -15.69 -12.75 -33.39
CA ALA B 944 -15.88 -14.17 -33.16
C ALA B 944 -14.83 -14.73 -32.21
N LEU B 945 -13.65 -14.13 -32.20
CA LEU B 945 -12.52 -14.56 -31.37
C LEU B 945 -12.32 -13.60 -30.22
N GLY B 946 -13.41 -12.98 -29.79
CA GLY B 946 -13.33 -12.04 -28.70
C GLY B 946 -12.83 -12.68 -27.43
N LYS B 947 -13.15 -13.95 -27.20
CA LYS B 947 -12.70 -14.58 -25.96
C LYS B 947 -11.18 -14.65 -25.86
N LEU B 948 -10.47 -14.82 -26.97
CA LEU B 948 -9.01 -14.85 -26.92
C LEU B 948 -8.39 -13.46 -27.08
N GLN B 949 -9.03 -12.61 -27.88
CA GLN B 949 -8.53 -11.26 -28.03
C GLN B 949 -8.69 -10.51 -26.73
N ASP B 950 -9.76 -10.78 -25.99
CA ASP B 950 -9.95 -10.16 -24.69
C ASP B 950 -8.84 -10.54 -23.73
N VAL B 951 -8.36 -11.78 -23.80
CA VAL B 951 -7.26 -12.17 -22.93
C VAL B 951 -5.99 -11.43 -23.34
N VAL B 952 -5.74 -11.32 -24.64
CA VAL B 952 -4.56 -10.59 -25.10
C VAL B 952 -4.65 -9.14 -24.66
N ASN B 953 -5.84 -8.54 -24.80
CA ASN B 953 -6.04 -7.15 -24.43
C ASN B 953 -5.89 -6.95 -22.93
N GLN B 954 -6.43 -7.87 -22.12
CA GLN B 954 -6.32 -7.67 -20.69
C GLN B 954 -4.89 -7.78 -20.22
N ASN B 955 -4.10 -8.68 -20.81
CA ASN B 955 -2.70 -8.73 -20.43
C ASN B 955 -1.95 -7.49 -20.92
N ALA B 956 -2.30 -7.00 -22.12
CA ALA B 956 -1.66 -5.81 -22.65
C ALA B 956 -2.00 -4.60 -21.79
N GLN B 957 -3.24 -4.49 -21.35
CA GLN B 957 -3.63 -3.37 -20.51
C GLN B 957 -2.94 -3.45 -19.16
N ALA B 958 -2.81 -4.67 -18.61
CA ALA B 958 -2.11 -4.81 -17.34
C ALA B 958 -0.66 -4.35 -17.46
N LEU B 959 -0.01 -4.66 -18.59
CA LEU B 959 1.39 -4.28 -18.69
C LEU B 959 1.56 -2.82 -19.08
N ASN B 960 0.65 -2.28 -19.89
CA ASN B 960 0.69 -0.85 -20.20
C ASN B 960 0.43 -0.03 -18.95
N THR B 961 -0.44 -0.51 -18.08
CA THR B 961 -0.67 0.15 -16.80
C THR B 961 0.56 0.06 -15.92
N LEU B 962 1.16 -1.12 -15.85
CA LEU B 962 2.34 -1.28 -15.02
C LEU B 962 3.46 -0.36 -15.47
N VAL B 963 3.69 -0.26 -16.78
CA VAL B 963 4.73 0.65 -17.25
C VAL B 963 4.35 2.09 -16.98
N LYS B 964 3.09 2.47 -17.25
CA LYS B 964 2.69 3.85 -16.97
C LYS B 964 2.84 4.23 -15.51
N GLN B 965 2.68 3.28 -14.59
CA GLN B 965 2.86 3.61 -13.19
C GLN B 965 4.26 4.10 -12.86
N LEU B 966 5.24 3.82 -13.70
CA LEU B 966 6.58 4.33 -13.46
C LEU B 966 6.64 5.85 -13.57
N SER B 967 5.71 6.44 -14.32
CA SER B 967 5.67 7.89 -14.47
C SER B 967 4.96 8.59 -13.33
N SER B 968 4.32 7.85 -12.42
CA SER B 968 3.63 8.46 -11.30
C SER B 968 4.63 8.86 -10.22
N ASN B 969 4.31 9.92 -9.49
CA ASN B 969 5.17 10.40 -8.44
C ASN B 969 4.94 9.69 -7.11
N PHE B 970 3.70 9.33 -6.82
CA PHE B 970 3.32 8.76 -5.54
C PHE B 970 3.71 9.67 -4.37
N GLY B 971 3.73 10.98 -4.61
CA GLY B 971 4.12 11.95 -3.60
C GLY B 971 5.56 12.42 -3.72
N ALA B 972 6.36 11.76 -4.55
CA ALA B 972 7.75 12.14 -4.74
C ALA B 972 7.85 13.39 -5.59
N ILE B 973 8.99 14.06 -5.52
CA ILE B 973 9.16 15.29 -6.29
C ILE B 973 9.24 14.98 -7.78
N SER B 974 9.71 13.79 -8.13
CA SER B 974 9.88 13.40 -9.52
C SER B 974 9.72 11.89 -9.63
N SER B 975 9.11 11.45 -10.73
CA SER B 975 9.01 10.03 -11.02
C SER B 975 10.34 9.43 -11.47
N VAL B 976 11.33 10.25 -11.78
CA VAL B 976 12.60 9.83 -12.36
C VAL B 976 13.62 9.74 -11.24
N LEU B 977 14.16 8.54 -11.04
CA LEU B 977 15.10 8.32 -9.93
C LEU B 977 16.35 9.17 -10.10
N ASN B 978 16.84 9.31 -11.32
CA ASN B 978 18.06 10.08 -11.53
C ASN B 978 17.83 11.56 -11.26
N ASP B 979 16.61 12.05 -11.48
CA ASP B 979 16.31 13.44 -11.17
C ASP B 979 16.16 13.68 -9.68
N ILE B 980 15.73 12.67 -8.92
CA ILE B 980 15.73 12.80 -7.47
C ILE B 980 17.16 12.77 -6.95
N LEU B 981 17.96 11.81 -7.44
CA LEU B 981 19.30 11.62 -6.93
C LEU B 981 20.19 12.83 -7.19
N SER B 982 19.97 13.54 -8.31
CA SER B 982 20.88 14.59 -8.72
C SER B 982 20.69 15.90 -7.98
N ARG B 983 19.62 16.03 -7.20
CA ARG B 983 19.27 17.28 -6.52
C ARG B 983 19.46 17.21 -5.01
N LEU B 984 19.17 16.08 -4.38
CA LEU B 984 18.90 16.02 -2.96
C LEU B 984 19.94 15.18 -2.22
N ASP B 985 20.24 15.60 -1.00
CA ASP B 985 21.18 14.91 -0.14
C ASP B 985 20.55 13.62 0.38
N PRO B 986 21.37 12.62 0.75
CA PRO B 986 20.83 11.29 1.13
C PRO B 986 19.73 11.35 2.18
N PRO B 987 19.87 12.11 3.27
CA PRO B 987 18.85 11.99 4.34
C PRO B 987 17.42 12.35 3.92
N GLU B 988 17.24 13.11 2.84
CA GLU B 988 15.91 13.42 2.29
C GLU B 988 15.66 12.76 0.95
N ALA B 989 16.71 12.59 0.14
CA ALA B 989 16.56 11.88 -1.11
C ALA B 989 16.16 10.44 -0.85
N GLU B 990 16.69 9.84 0.21
CA GLU B 990 16.24 8.51 0.61
C GLU B 990 14.78 8.50 0.99
N VAL B 991 14.27 9.59 1.56
CA VAL B 991 12.84 9.63 1.91
C VAL B 991 11.99 9.67 0.64
N GLN B 992 12.39 10.51 -0.32
CA GLN B 992 11.64 10.56 -1.57
C GLN B 992 11.75 9.24 -2.33
N ILE B 993 12.91 8.60 -2.25
CA ILE B 993 13.08 7.34 -2.95
C ILE B 993 12.27 6.25 -2.28
N ASP B 994 12.26 6.19 -0.95
CA ASP B 994 11.38 5.27 -0.25
C ASP B 994 9.93 5.48 -0.66
N ARG B 995 9.52 6.73 -0.88
CA ARG B 995 8.16 6.96 -1.36
C ARG B 995 7.94 6.34 -2.73
N LEU B 996 8.94 6.47 -3.61
CA LEU B 996 8.79 5.90 -4.95
C LEU B 996 8.83 4.38 -4.91
N ILE B 997 9.68 3.83 -4.03
CA ILE B 997 9.76 2.38 -3.90
C ILE B 997 8.45 1.83 -3.38
N THR B 998 7.86 2.50 -2.39
CA THR B 998 6.57 2.05 -1.89
C THR B 998 5.52 2.08 -2.98
N GLY B 999 5.48 3.15 -3.76
CA GLY B 999 4.49 3.24 -4.81
C GLY B 999 4.67 2.19 -5.90
N ARG B 1000 5.92 1.97 -6.31
CA ARG B 1000 6.17 1.04 -7.40
C ARG B 1000 6.02 -0.39 -6.94
N LEU B 1001 6.36 -0.66 -5.69
CA LEU B 1001 6.16 -1.99 -5.14
C LEU B 1001 4.68 -2.29 -4.99
N GLN B 1002 3.89 -1.32 -4.54
CA GLN B 1002 2.44 -1.52 -4.51
C GLN B 1002 1.89 -1.74 -5.91
N SER B 1003 2.45 -1.05 -6.90
CA SER B 1003 2.03 -1.25 -8.28
C SER B 1003 2.33 -2.68 -8.73
N LEU B 1004 3.53 -3.19 -8.44
CA LEU B 1004 3.81 -4.59 -8.80
C LEU B 1004 2.94 -5.56 -8.03
N GLN B 1005 2.71 -5.32 -6.74
CA GLN B 1005 1.86 -6.24 -6.00
C GLN B 1005 0.46 -6.28 -6.58
N THR B 1006 -0.05 -5.13 -7.00
CA THR B 1006 -1.35 -5.10 -7.67
C THR B 1006 -1.31 -5.87 -8.97
N TYR B 1007 -0.28 -5.63 -9.79
CA TYR B 1007 -0.16 -6.34 -11.05
C TYR B 1007 -0.10 -7.85 -10.85
N VAL B 1008 0.75 -8.31 -9.94
CA VAL B 1008 0.90 -9.73 -9.71
C VAL B 1008 -0.38 -10.35 -9.16
N THR B 1009 -1.03 -9.69 -8.21
CA THR B 1009 -2.30 -10.21 -7.72
C THR B 1009 -3.33 -10.33 -8.84
N GLN B 1010 -3.41 -9.32 -9.70
CA GLN B 1010 -4.34 -9.39 -10.83
C GLN B 1010 -3.95 -10.51 -11.76
N GLN B 1011 -2.65 -10.72 -11.95
CA GLN B 1011 -2.18 -11.78 -12.82
C GLN B 1011 -2.48 -13.14 -12.23
N LEU B 1012 -2.37 -13.27 -10.91
CA LEU B 1012 -2.67 -14.54 -10.26
C LEU B 1012 -4.15 -14.87 -10.39
N ILE B 1013 -5.01 -13.86 -10.22
CA ILE B 1013 -6.44 -14.12 -10.36
C ILE B 1013 -6.79 -14.42 -11.82
N ARG B 1014 -6.25 -13.64 -12.75
CA ARG B 1014 -6.49 -13.89 -14.16
C ARG B 1014 -5.94 -15.25 -14.59
N ALA B 1015 -4.77 -15.62 -14.08
CA ALA B 1015 -4.22 -16.94 -14.31
C ALA B 1015 -5.12 -18.03 -13.79
N ALA B 1016 -5.77 -17.79 -12.65
CA ALA B 1016 -6.76 -18.75 -12.17
C ALA B 1016 -7.92 -18.87 -13.13
N GLU B 1017 -8.36 -17.76 -13.71
CA GLU B 1017 -9.43 -17.84 -14.71
C GLU B 1017 -8.97 -18.65 -15.92
N ILE B 1018 -7.76 -18.38 -16.39
CA ILE B 1018 -7.25 -19.07 -17.58
C ILE B 1018 -7.03 -20.53 -17.27
N ARG B 1019 -6.53 -20.85 -16.08
CA ARG B 1019 -6.44 -22.24 -15.65
C ARG B 1019 -7.78 -22.93 -15.69
N ALA B 1020 -8.82 -22.28 -15.20
CA ALA B 1020 -10.15 -22.87 -15.27
C ALA B 1020 -10.57 -23.09 -16.72
N SER B 1021 -10.28 -22.14 -17.60
CA SER B 1021 -10.58 -22.32 -19.02
C SER B 1021 -9.76 -23.44 -19.62
N ALA B 1022 -8.48 -23.54 -19.28
CA ALA B 1022 -7.63 -24.61 -19.78
C ALA B 1022 -8.12 -25.97 -19.29
N ASN B 1023 -8.58 -26.05 -18.04
CA ASN B 1023 -9.12 -27.30 -17.53
C ASN B 1023 -10.42 -27.65 -18.24
N LEU B 1024 -11.22 -26.65 -18.56
CA LEU B 1024 -12.42 -26.90 -19.35
C LEU B 1024 -12.05 -27.35 -20.76
N ALA B 1025 -11.07 -26.70 -21.36
CA ALA B 1025 -10.61 -27.08 -22.69
C ALA B 1025 -10.05 -28.49 -22.71
N ALA B 1026 -9.29 -28.86 -21.68
CA ALA B 1026 -8.75 -30.20 -21.60
C ALA B 1026 -9.86 -31.22 -21.40
N THR B 1027 -10.87 -30.89 -20.60
CA THR B 1027 -12.02 -31.76 -20.47
C THR B 1027 -12.75 -31.90 -21.79
N LYS B 1028 -12.96 -30.79 -22.50
CA LYS B 1028 -13.62 -30.85 -23.79
C LYS B 1028 -12.82 -31.66 -24.79
N MET B 1029 -11.51 -31.50 -24.80
CA MET B 1029 -10.69 -32.31 -25.68
C MET B 1029 -10.81 -33.79 -25.32
N SER B 1030 -10.79 -34.11 -24.04
CA SER B 1030 -10.93 -35.50 -23.63
C SER B 1030 -12.27 -36.06 -24.02
N GLU B 1031 -13.35 -35.32 -23.79
CA GLU B 1031 -14.70 -35.86 -23.84
C GLU B 1031 -15.41 -35.63 -25.15
N CYS B 1032 -15.07 -34.59 -25.88
CA CYS B 1032 -15.70 -34.23 -27.13
C CYS B 1032 -14.87 -34.66 -28.33
N VAL B 1033 -13.55 -34.59 -28.23
CA VAL B 1033 -12.67 -34.89 -29.35
C VAL B 1033 -12.17 -36.32 -29.28
N LEU B 1034 -11.75 -36.76 -28.09
CA LEU B 1034 -11.34 -38.13 -27.88
C LEU B 1034 -12.51 -39.05 -27.57
N GLY B 1035 -13.74 -38.57 -27.63
CA GLY B 1035 -14.90 -39.39 -27.37
C GLY B 1035 -16.15 -38.74 -27.90
N GLN B 1036 -17.30 -39.24 -27.46
CA GLN B 1036 -18.60 -38.73 -27.87
C GLN B 1036 -19.42 -38.46 -26.61
N SER B 1037 -19.46 -37.21 -26.20
CA SER B 1037 -20.11 -36.83 -24.96
C SER B 1037 -21.62 -37.04 -25.01
N LYS B 1038 -22.18 -37.46 -23.88
CA LYS B 1038 -23.62 -37.48 -23.65
C LYS B 1038 -24.05 -36.43 -22.66
N ARG B 1039 -23.17 -35.48 -22.35
CA ARG B 1039 -23.50 -34.37 -21.48
C ARG B 1039 -24.14 -33.29 -22.32
N VAL B 1040 -25.35 -32.89 -21.97
CA VAL B 1040 -26.12 -32.00 -22.83
C VAL B 1040 -25.47 -30.63 -22.84
N ASP B 1041 -25.26 -30.10 -24.04
CA ASP B 1041 -24.69 -28.77 -24.29
C ASP B 1041 -23.26 -28.63 -23.80
N PHE B 1042 -22.60 -29.74 -23.45
CA PHE B 1042 -21.18 -29.67 -23.15
C PHE B 1042 -20.35 -29.46 -24.41
N CYS B 1043 -20.79 -30.05 -25.51
CA CYS B 1043 -20.05 -30.18 -26.76
C CYS B 1043 -20.92 -29.62 -27.87
N GLY B 1044 -21.49 -28.46 -27.58
CA GLY B 1044 -22.33 -27.70 -28.47
C GLY B 1044 -23.77 -28.17 -28.50
N LYS B 1045 -24.62 -27.26 -28.95
CA LYS B 1045 -26.05 -27.51 -28.93
C LYS B 1045 -26.42 -28.61 -29.89
N GLY B 1046 -27.41 -29.40 -29.50
CA GLY B 1046 -27.86 -30.56 -30.26
C GLY B 1046 -27.44 -31.84 -29.58
N TYR B 1047 -27.16 -32.86 -30.37
CA TYR B 1047 -26.74 -34.14 -29.86
C TYR B 1047 -25.36 -34.33 -30.44
N HIS B 1048 -24.40 -34.57 -29.57
CA HIS B 1048 -23.02 -34.52 -29.97
C HIS B 1048 -22.72 -35.68 -30.88
N LEU B 1049 -22.04 -35.39 -31.99
CA LEU B 1049 -21.47 -36.43 -32.82
C LEU B 1049 -19.96 -36.43 -32.73
N MET B 1050 -19.30 -35.31 -32.97
CA MET B 1050 -17.86 -35.34 -32.85
C MET B 1050 -17.36 -33.92 -32.69
N SER B 1051 -16.07 -33.77 -32.44
CA SER B 1051 -15.53 -32.44 -32.41
C SER B 1051 -14.10 -32.47 -32.91
N PHE B 1052 -13.64 -31.30 -33.32
CA PHE B 1052 -12.34 -31.13 -33.93
C PHE B 1052 -11.62 -30.00 -33.23
N PRO B 1053 -10.40 -30.19 -32.73
CA PRO B 1053 -9.65 -29.06 -32.24
C PRO B 1053 -9.06 -28.27 -33.39
N GLN B 1054 -8.88 -26.98 -33.15
CA GLN B 1054 -8.00 -26.18 -33.96
C GLN B 1054 -7.22 -25.31 -33.01
N SER B 1055 -5.98 -25.07 -33.34
CA SER B 1055 -5.18 -24.19 -32.53
C SER B 1055 -5.60 -22.76 -32.78
N ALA B 1056 -5.28 -21.89 -31.83
CA ALA B 1056 -5.47 -20.48 -32.02
C ALA B 1056 -4.56 -19.78 -31.03
N PRO B 1057 -4.15 -18.55 -31.31
CA PRO B 1057 -3.14 -17.96 -30.45
C PRO B 1057 -3.64 -17.84 -29.03
N HIS B 1058 -2.89 -18.41 -28.10
CA HIS B 1058 -3.26 -18.45 -26.70
C HIS B 1058 -4.58 -19.15 -26.44
N GLY B 1059 -5.02 -20.06 -27.31
CA GLY B 1059 -6.19 -20.82 -26.97
C GLY B 1059 -6.53 -21.86 -28.00
N VAL B 1060 -7.71 -22.46 -27.82
CA VAL B 1060 -8.18 -23.58 -28.60
C VAL B 1060 -9.57 -23.26 -29.11
N VAL B 1061 -9.86 -23.69 -30.32
CA VAL B 1061 -11.18 -23.54 -30.92
C VAL B 1061 -11.67 -24.93 -31.24
N PHE B 1062 -12.87 -25.27 -30.81
CA PHE B 1062 -13.44 -26.56 -31.09
C PHE B 1062 -14.54 -26.37 -32.09
N LEU B 1063 -14.58 -27.24 -33.07
CA LEU B 1063 -15.69 -27.29 -34.01
C LEU B 1063 -16.49 -28.49 -33.57
N HIS B 1064 -17.70 -28.25 -33.07
CA HIS B 1064 -18.52 -29.32 -32.52
C HIS B 1064 -19.53 -29.67 -33.57
N VAL B 1065 -19.55 -30.93 -33.98
CA VAL B 1065 -20.46 -31.43 -34.98
C VAL B 1065 -21.57 -32.14 -34.23
N THR B 1066 -22.79 -31.64 -34.37
CA THR B 1066 -23.93 -32.13 -33.62
C THR B 1066 -25.07 -32.44 -34.56
N TYR B 1067 -25.92 -33.35 -34.12
CA TYR B 1067 -27.15 -33.70 -34.81
C TYR B 1067 -28.27 -32.85 -34.24
N VAL B 1068 -28.96 -32.09 -35.09
CA VAL B 1068 -30.11 -31.30 -34.66
C VAL B 1068 -31.32 -31.79 -35.44
N PRO B 1069 -32.36 -32.35 -34.82
CA PRO B 1069 -33.60 -32.59 -35.55
C PRO B 1069 -34.17 -31.29 -36.11
N ALA B 1070 -34.72 -31.35 -37.34
CA ALA B 1070 -35.11 -30.10 -37.99
C ALA B 1070 -36.56 -30.03 -38.46
N GLN B 1071 -37.14 -31.13 -38.92
CA GLN B 1071 -38.53 -31.14 -39.38
C GLN B 1071 -39.25 -32.21 -38.61
N GLU B 1072 -40.48 -31.94 -38.18
CA GLU B 1072 -41.18 -32.85 -37.29
C GLU B 1072 -42.63 -32.96 -37.70
N LYS B 1073 -43.27 -34.03 -37.23
CA LYS B 1073 -44.68 -34.23 -37.49
C LYS B 1073 -45.40 -34.62 -36.20
N ASN B 1074 -46.68 -34.27 -36.17
CA ASN B 1074 -47.60 -34.57 -35.07
C ASN B 1074 -48.17 -35.96 -35.26
N PHE B 1075 -47.79 -36.90 -34.41
CA PHE B 1075 -48.38 -38.23 -34.37
C PHE B 1075 -49.16 -38.41 -33.08
N THR B 1076 -50.21 -39.22 -33.14
CA THR B 1076 -50.88 -39.67 -31.95
C THR B 1076 -50.14 -40.90 -31.44
N THR B 1077 -50.03 -41.03 -30.12
CA THR B 1077 -49.21 -42.06 -29.50
C THR B 1077 -50.00 -42.78 -28.43
N ALA B 1078 -49.38 -43.80 -27.83
CA ALA B 1078 -49.94 -44.50 -26.70
C ALA B 1078 -48.82 -45.20 -25.97
N PRO B 1079 -48.87 -45.33 -24.65
CA PRO B 1079 -47.75 -45.96 -23.94
C PRO B 1079 -47.63 -47.45 -24.17
N ALA B 1080 -48.67 -48.12 -24.62
CA ALA B 1080 -48.66 -49.57 -24.76
C ALA B 1080 -49.81 -49.93 -25.67
N ILE B 1081 -49.81 -51.17 -26.17
CA ILE B 1081 -50.95 -51.67 -26.91
C ILE B 1081 -51.42 -53.00 -26.35
N CYS B 1082 -52.69 -53.30 -26.52
CA CYS B 1082 -53.30 -54.56 -26.11
C CYS B 1082 -53.39 -55.45 -27.34
N HIS B 1083 -52.89 -56.69 -27.25
CA HIS B 1083 -53.11 -57.64 -28.34
C HIS B 1083 -53.99 -58.84 -28.01
N ASP B 1084 -53.68 -59.60 -26.96
CA ASP B 1084 -54.56 -60.66 -26.46
C ASP B 1084 -55.09 -60.38 -25.07
N GLY B 1085 -55.02 -59.13 -24.63
CA GLY B 1085 -55.16 -58.80 -23.23
C GLY B 1085 -53.84 -58.54 -22.55
N LYS B 1086 -52.74 -58.96 -23.15
CA LYS B 1086 -51.41 -58.58 -22.70
C LYS B 1086 -51.06 -57.20 -23.22
N ALA B 1087 -50.27 -56.48 -22.45
CA ALA B 1087 -49.81 -55.15 -22.80
C ALA B 1087 -48.44 -55.26 -23.46
N HIS B 1088 -48.31 -54.71 -24.66
CA HIS B 1088 -47.04 -54.66 -25.37
C HIS B 1088 -46.49 -53.25 -25.31
N PHE B 1089 -45.23 -53.13 -24.90
CA PHE B 1089 -44.52 -51.87 -24.83
C PHE B 1089 -43.35 -51.93 -25.81
N PRO B 1090 -42.93 -50.83 -26.41
CA PRO B 1090 -41.86 -50.90 -27.40
C PRO B 1090 -40.53 -51.25 -26.74
N ARG B 1091 -39.73 -52.09 -27.41
CA ARG B 1091 -38.42 -52.38 -26.84
C ARG B 1091 -37.48 -51.20 -27.04
N GLU B 1092 -37.60 -50.52 -28.16
CA GLU B 1092 -36.88 -49.30 -28.45
C GLU B 1092 -37.79 -48.42 -29.26
N GLY B 1093 -37.85 -47.16 -28.90
CA GLY B 1093 -38.72 -46.22 -29.56
C GLY B 1093 -40.07 -46.11 -28.90
N VAL B 1094 -41.01 -45.53 -29.66
CA VAL B 1094 -42.34 -45.19 -29.17
C VAL B 1094 -43.36 -45.66 -30.17
N PHE B 1095 -44.60 -45.77 -29.70
CA PHE B 1095 -45.70 -46.04 -30.61
C PHE B 1095 -46.21 -44.72 -31.13
N VAL B 1096 -46.51 -44.69 -32.42
CA VAL B 1096 -47.08 -43.55 -33.12
C VAL B 1096 -48.24 -44.06 -33.96
N SER B 1097 -49.11 -43.15 -34.31
CA SER B 1097 -50.13 -43.41 -35.31
C SER B 1097 -50.15 -42.25 -36.27
N ASN B 1098 -50.20 -42.58 -37.55
CA ASN B 1098 -50.37 -41.58 -38.59
C ASN B 1098 -51.84 -41.28 -38.83
N GLY B 1099 -52.72 -41.81 -37.97
CA GLY B 1099 -54.13 -41.48 -37.95
C GLY B 1099 -55.02 -42.65 -38.24
N THR B 1100 -54.50 -43.70 -38.90
CA THR B 1100 -55.29 -44.89 -39.19
C THR B 1100 -54.60 -46.17 -38.72
N HIS B 1101 -53.27 -46.17 -38.67
CA HIS B 1101 -52.50 -47.37 -38.37
C HIS B 1101 -51.43 -47.04 -37.34
N TRP B 1102 -51.11 -48.04 -36.52
CA TRP B 1102 -50.10 -47.90 -35.48
C TRP B 1102 -48.75 -48.43 -35.94
N PHE B 1103 -47.71 -47.68 -35.63
CA PHE B 1103 -46.32 -48.05 -35.89
C PHE B 1103 -45.50 -47.81 -34.65
N VAL B 1104 -44.34 -48.44 -34.61
CA VAL B 1104 -43.34 -48.22 -33.56
C VAL B 1104 -42.09 -47.66 -34.23
N THR B 1105 -41.50 -46.63 -33.64
CA THR B 1105 -40.39 -45.98 -34.32
C THR B 1105 -39.38 -45.43 -33.33
N GLN B 1106 -38.14 -45.34 -33.80
CA GLN B 1106 -37.04 -44.77 -33.03
C GLN B 1106 -37.35 -43.32 -32.68
N ARG B 1107 -37.04 -42.95 -31.44
CA ARG B 1107 -37.58 -41.73 -30.88
C ARG B 1107 -37.03 -40.47 -31.56
N ASN B 1108 -35.83 -40.52 -32.15
CA ASN B 1108 -35.19 -39.33 -32.68
C ASN B 1108 -35.25 -39.17 -34.19
N PHE B 1109 -35.94 -40.04 -34.90
CA PHE B 1109 -36.01 -39.94 -36.34
C PHE B 1109 -37.21 -40.75 -36.80
N TYR B 1110 -38.14 -40.12 -37.50
CA TYR B 1110 -39.32 -40.86 -37.87
C TYR B 1110 -38.97 -41.99 -38.82
N GLU B 1111 -39.30 -43.21 -38.42
CA GLU B 1111 -39.04 -44.39 -39.20
C GLU B 1111 -39.98 -45.49 -38.71
N PRO B 1112 -41.23 -45.46 -39.12
CA PRO B 1112 -42.21 -46.42 -38.61
C PRO B 1112 -41.90 -47.84 -39.07
N GLN B 1113 -41.95 -48.77 -38.14
CA GLN B 1113 -41.94 -50.19 -38.46
C GLN B 1113 -43.25 -50.80 -37.99
N ILE B 1114 -43.60 -51.92 -38.61
CA ILE B 1114 -44.79 -52.66 -38.25
C ILE B 1114 -44.57 -53.27 -36.87
N ILE B 1115 -45.57 -53.15 -36.01
CA ILE B 1115 -45.39 -53.58 -34.62
C ILE B 1115 -45.48 -55.10 -34.58
N THR B 1116 -44.42 -55.73 -34.10
CA THR B 1116 -44.31 -57.18 -34.00
C THR B 1116 -43.76 -57.54 -32.64
N THR B 1117 -43.74 -58.85 -32.36
CA THR B 1117 -43.23 -59.36 -31.10
C THR B 1117 -41.71 -59.18 -30.97
N ASP B 1118 -41.02 -58.82 -32.04
CA ASP B 1118 -39.60 -58.53 -32.04
C ASP B 1118 -39.33 -57.04 -31.82
N ASN B 1119 -40.36 -56.21 -31.79
CA ASN B 1119 -40.25 -54.79 -31.56
C ASN B 1119 -40.75 -54.40 -30.19
N THR B 1120 -41.67 -55.20 -29.63
CA THR B 1120 -42.27 -54.94 -28.34
C THR B 1120 -41.97 -56.07 -27.37
N PHE B 1121 -42.11 -55.78 -26.08
CA PHE B 1121 -42.10 -56.79 -25.03
C PHE B 1121 -43.40 -56.71 -24.23
N VAL B 1122 -43.71 -57.82 -23.56
CA VAL B 1122 -44.98 -58.02 -22.88
C VAL B 1122 -44.74 -57.97 -21.38
N SER B 1123 -45.55 -57.19 -20.67
CA SER B 1123 -45.50 -57.19 -19.22
C SER B 1123 -46.86 -56.79 -18.66
N GLY B 1124 -47.42 -57.64 -17.79
CA GLY B 1124 -48.73 -57.28 -17.28
C GLY B 1124 -49.81 -57.42 -18.34
N ASN B 1125 -50.90 -56.68 -18.13
CA ASN B 1125 -52.05 -56.81 -18.99
C ASN B 1125 -52.77 -55.47 -19.09
N CYS B 1126 -53.82 -55.45 -19.92
CA CYS B 1126 -54.49 -54.25 -20.38
C CYS B 1126 -55.24 -53.47 -19.30
N ASP B 1127 -55.46 -54.04 -18.12
CA ASP B 1127 -56.35 -53.44 -17.12
C ASP B 1127 -55.65 -52.47 -16.19
N VAL B 1128 -54.33 -52.30 -16.31
CA VAL B 1128 -53.56 -51.48 -15.40
C VAL B 1128 -53.05 -50.22 -16.09
N VAL B 1129 -52.59 -50.33 -17.34
CA VAL B 1129 -51.93 -49.23 -18.00
C VAL B 1129 -52.94 -48.17 -18.41
N ILE B 1130 -52.69 -46.93 -18.01
CA ILE B 1130 -53.54 -45.79 -18.35
C ILE B 1130 -53.19 -45.32 -19.76
N GLY B 1131 -54.18 -45.25 -20.63
CA GLY B 1131 -53.94 -44.84 -22.00
C GLY B 1131 -53.56 -45.92 -22.97
N ILE B 1132 -53.63 -47.19 -22.57
CA ILE B 1132 -53.36 -48.29 -23.50
C ILE B 1132 -54.44 -48.31 -24.58
N VAL B 1133 -54.04 -48.62 -25.81
CA VAL B 1133 -54.97 -48.66 -26.94
C VAL B 1133 -54.95 -50.05 -27.54
N ASN B 1134 -56.03 -50.40 -28.23
CA ASN B 1134 -56.12 -51.68 -28.88
C ASN B 1134 -55.37 -51.66 -30.20
N ASN B 1135 -54.65 -52.74 -30.49
CA ASN B 1135 -53.99 -52.89 -31.78
C ASN B 1135 -53.80 -54.38 -32.04
N THR B 1136 -53.22 -54.69 -33.19
CA THR B 1136 -52.84 -56.04 -33.57
C THR B 1136 -51.34 -56.07 -33.73
N VAL B 1137 -50.67 -56.98 -33.02
CA VAL B 1137 -49.23 -57.17 -33.12
C VAL B 1137 -48.97 -58.36 -34.03
N TYR B 1138 -48.16 -58.14 -35.05
CA TYR B 1138 -47.87 -59.14 -36.06
C TYR B 1138 -46.81 -60.11 -35.54
N ASP B 1139 -47.05 -61.40 -35.76
CA ASP B 1139 -46.18 -62.43 -35.21
C ASP B 1139 -45.38 -63.04 -36.36
N PRO B 1140 -44.08 -62.76 -36.49
CA PRO B 1140 -43.32 -63.31 -37.62
C PRO B 1140 -43.35 -64.82 -37.73
N LEU B 1141 -43.63 -65.54 -36.65
CA LEU B 1141 -43.64 -66.99 -36.68
C LEU B 1141 -44.87 -67.54 -37.39
N GLN B 1142 -46.02 -66.89 -37.22
CA GLN B 1142 -47.27 -67.45 -37.75
C GLN B 1142 -47.26 -67.59 -39.27
N PRO B 1143 -46.92 -66.57 -40.06
CA PRO B 1143 -46.77 -66.79 -41.52
C PRO B 1143 -45.84 -67.92 -41.88
N GLU B 1144 -44.78 -68.12 -41.11
CA GLU B 1144 -43.86 -69.22 -41.38
C GLU B 1144 -44.52 -70.56 -41.09
N LEU B 1145 -45.35 -70.61 -40.05
CA LEU B 1145 -45.99 -71.87 -39.67
C LEU B 1145 -47.11 -72.22 -40.64
N ASP B 1146 -47.85 -71.22 -41.12
CA ASP B 1146 -48.90 -71.46 -42.10
C ASP B 1146 -48.30 -71.82 -43.46
N SER B 1147 -47.19 -71.20 -43.82
CA SER B 1147 -46.50 -71.50 -45.07
C SER B 1147 -46.04 -72.95 -45.10
N ALA C 27 -22.68 -3.34 53.86
CA ALA C 27 -23.58 -4.23 53.13
C ALA C 27 -23.41 -4.03 51.63
N TYR C 28 -23.67 -5.08 50.85
CA TYR C 28 -23.62 -5.01 49.41
C TYR C 28 -24.90 -5.61 48.82
N THR C 29 -25.26 -5.14 47.64
CA THR C 29 -26.40 -5.67 46.88
C THR C 29 -25.98 -6.00 45.46
N ASN C 30 -26.74 -6.90 44.85
CA ASN C 30 -26.58 -7.26 43.44
C ASN C 30 -27.25 -6.22 42.57
N SER C 31 -26.48 -5.56 41.71
CA SER C 31 -27.01 -4.52 40.85
C SER C 31 -27.86 -5.04 39.72
N PHE C 32 -27.83 -6.35 39.42
CA PHE C 32 -28.48 -6.93 38.26
C PHE C 32 -27.94 -6.23 37.01
N THR C 33 -28.78 -5.64 36.16
CA THR C 33 -28.37 -5.07 34.89
C THR C 33 -28.57 -3.56 34.87
N ARG C 34 -28.68 -2.93 36.03
CA ARG C 34 -28.97 -1.53 36.10
C ARG C 34 -27.70 -0.71 35.93
N GLY C 35 -27.89 0.56 35.58
CA GLY C 35 -26.79 1.49 35.41
C GLY C 35 -26.49 1.83 33.97
N VAL C 36 -27.35 1.46 33.04
CA VAL C 36 -27.11 1.62 31.62
C VAL C 36 -27.74 2.92 31.18
N TYR C 37 -27.04 3.66 30.33
CA TYR C 37 -27.47 4.99 29.96
C TYR C 37 -27.08 5.26 28.52
N TYR C 38 -27.70 6.27 27.94
CA TYR C 38 -27.44 6.60 26.56
C TYR C 38 -26.03 7.15 26.46
N PRO C 39 -25.10 6.48 25.78
CA PRO C 39 -23.71 6.97 25.77
C PRO C 39 -23.56 8.31 25.09
N ASP C 40 -24.48 8.68 24.21
CA ASP C 40 -24.38 9.88 23.39
C ASP C 40 -25.79 10.40 23.13
N LYS C 41 -25.91 11.33 22.19
CA LYS C 41 -27.17 11.98 21.87
C LYS C 41 -27.67 11.62 20.48
N VAL C 42 -27.35 10.41 20.02
CA VAL C 42 -27.57 10.00 18.64
C VAL C 42 -28.76 9.08 18.61
N PHE C 43 -29.69 9.35 17.69
CA PHE C 43 -30.80 8.45 17.45
C PHE C 43 -30.29 7.25 16.66
N ARG C 44 -30.63 6.07 17.12
CA ARG C 44 -30.41 4.82 16.42
C ARG C 44 -31.67 4.01 16.59
N SER C 45 -31.99 3.15 15.64
CA SER C 45 -33.25 2.44 15.71
C SER C 45 -33.13 1.05 15.13
N SER C 46 -33.83 0.11 15.78
CA SER C 46 -33.82 -1.30 15.45
C SER C 46 -32.42 -1.80 15.20
N VAL C 47 -31.49 -1.46 16.09
CA VAL C 47 -30.10 -1.78 15.83
C VAL C 47 -29.37 -2.02 17.14
N LEU C 48 -28.41 -2.93 17.07
CA LEU C 48 -27.53 -3.26 18.17
C LEU C 48 -26.20 -2.56 17.94
N HIS C 49 -25.85 -1.62 18.80
CA HIS C 49 -24.66 -0.81 18.61
C HIS C 49 -23.69 -1.12 19.74
N SER C 50 -22.45 -1.43 19.37
CA SER C 50 -21.41 -1.77 20.32
C SER C 50 -20.61 -0.53 20.64
N THR C 51 -20.51 -0.19 21.91
CA THR C 51 -19.86 1.02 22.35
C THR C 51 -19.07 0.74 23.60
N GLN C 52 -18.03 1.52 23.82
CA GLN C 52 -17.15 1.35 24.95
C GLN C 52 -17.19 2.63 25.75
N ASP C 53 -17.48 2.51 27.03
CA ASP C 53 -17.66 3.68 27.86
C ASP C 53 -17.52 3.28 29.30
N LEU C 54 -17.65 4.25 30.19
CA LEU C 54 -17.65 3.99 31.62
C LEU C 54 -19.07 3.60 31.99
N PHE C 55 -19.26 2.31 32.24
CA PHE C 55 -20.57 1.72 32.48
C PHE C 55 -20.53 0.98 33.81
N LEU C 56 -21.70 0.78 34.41
CA LEU C 56 -21.74 -0.11 35.55
C LEU C 56 -21.60 -1.54 35.05
N PRO C 57 -20.63 -2.33 35.53
CA PRO C 57 -20.62 -3.76 35.17
C PRO C 57 -21.89 -4.46 35.62
N PHE C 58 -22.36 -5.37 34.77
CA PHE C 58 -23.56 -6.12 35.10
C PHE C 58 -23.29 -7.05 36.27
N PHE C 59 -24.27 -7.18 37.16
CA PHE C 59 -24.19 -8.06 38.31
C PHE C 59 -23.05 -7.71 39.24
N SER C 60 -22.58 -6.47 39.21
CA SER C 60 -21.56 -6.01 40.14
C SER C 60 -22.18 -5.79 41.51
N ASN C 61 -21.31 -5.67 42.51
CA ASN C 61 -21.72 -5.36 43.87
C ASN C 61 -21.82 -3.86 44.06
N VAL C 62 -22.96 -3.40 44.53
CA VAL C 62 -23.18 -1.98 44.85
C VAL C 62 -23.34 -1.84 46.34
N THR C 63 -22.61 -0.90 46.93
CA THR C 63 -22.68 -0.72 48.37
C THR C 63 -24.04 -0.15 48.75
N TRP C 64 -24.68 -0.77 49.74
CA TRP C 64 -25.99 -0.38 50.22
C TRP C 64 -25.85 0.42 51.50
N PHE C 65 -26.27 1.68 51.48
CA PHE C 65 -26.32 2.52 52.66
C PHE C 65 -27.76 2.87 52.99
N HIS C 66 -27.99 3.13 54.27
CA HIS C 66 -29.27 3.65 54.73
C HIS C 66 -29.13 4.18 56.14
N ASN C 81 -24.24 10.23 54.18
CA ASN C 81 -23.41 10.78 55.25
C ASN C 81 -21.91 10.73 54.92
N PRO C 82 -21.33 9.54 54.77
CA PRO C 82 -19.88 9.46 54.62
C PRO C 82 -19.43 9.94 53.24
N VAL C 83 -18.16 10.32 53.17
CA VAL C 83 -17.53 10.67 51.90
C VAL C 83 -16.99 9.41 51.26
N LEU C 84 -17.38 9.17 50.01
CA LEU C 84 -17.00 8.00 49.24
C LEU C 84 -16.02 8.36 48.13
N PRO C 85 -15.18 7.44 47.66
CA PRO C 85 -14.44 7.69 46.42
C PRO C 85 -15.38 7.90 45.25
N PHE C 86 -14.92 8.69 44.28
CA PHE C 86 -15.64 8.89 43.02
C PHE C 86 -15.06 8.11 41.86
N ASN C 87 -13.74 7.91 41.84
CA ASN C 87 -13.04 7.06 40.86
C ASN C 87 -13.36 7.57 39.46
N ASP C 88 -13.84 6.73 38.53
CA ASP C 88 -14.10 7.18 37.17
C ASP C 88 -15.47 7.82 37.03
N GLY C 89 -16.41 7.40 37.85
CA GLY C 89 -17.76 7.90 37.81
C GLY C 89 -18.58 7.06 38.75
N VAL C 90 -19.76 7.53 39.15
CA VAL C 90 -20.57 6.88 40.16
C VAL C 90 -21.94 6.62 39.59
N TYR C 91 -22.43 5.41 39.79
CA TYR C 91 -23.84 5.12 39.65
C TYR C 91 -24.46 5.22 41.04
N PHE C 92 -25.47 6.04 41.17
CA PHE C 92 -26.11 6.33 42.44
C PHE C 92 -27.58 6.02 42.28
N ALA C 93 -28.16 5.37 43.26
CA ALA C 93 -29.55 4.98 43.16
C ALA C 93 -30.19 5.09 44.53
N SER C 94 -31.47 5.40 44.56
CA SER C 94 -32.15 5.54 45.83
C SER C 94 -33.56 5.00 45.70
N THR C 95 -34.08 4.55 46.83
CA THR C 95 -35.48 4.15 46.97
C THR C 95 -36.03 5.01 48.09
N GLU C 96 -37.00 5.84 47.72
CA GLU C 96 -37.48 6.92 48.55
C GLU C 96 -39.00 6.91 48.64
N LYS C 97 -39.47 7.46 49.75
CA LYS C 97 -40.85 7.83 50.01
C LYS C 97 -41.00 9.32 50.22
N SER C 98 -40.11 9.93 51.01
CA SER C 98 -40.23 11.33 51.42
C SER C 98 -39.09 12.21 50.87
N ASN C 99 -38.28 11.71 49.93
CA ASN C 99 -37.17 12.48 49.36
C ASN C 99 -36.20 13.01 50.43
N ILE C 100 -35.80 12.12 51.34
CA ILE C 100 -34.85 12.52 52.38
C ILE C 100 -33.52 12.89 51.75
N ILE C 101 -33.08 12.12 50.75
CA ILE C 101 -31.82 12.42 50.08
C ILE C 101 -32.04 13.65 49.22
N ARG C 102 -31.22 14.68 49.44
CA ARG C 102 -31.39 15.94 48.73
C ARG C 102 -30.26 16.30 47.79
N GLY C 103 -29.02 15.86 48.03
CA GLY C 103 -27.96 16.44 47.22
C GLY C 103 -26.66 15.70 47.24
N TRP C 104 -25.65 16.35 46.66
CA TRP C 104 -24.29 15.82 46.57
C TRP C 104 -23.25 16.92 46.78
N ILE C 105 -22.08 16.51 47.30
CA ILE C 105 -20.85 17.29 47.31
C ILE C 105 -19.87 16.49 46.48
N PHE C 106 -19.22 17.13 45.52
CA PHE C 106 -18.12 16.53 44.77
C PHE C 106 -16.88 17.40 44.87
N GLY C 107 -15.72 16.75 44.99
CA GLY C 107 -14.46 17.45 44.72
C GLY C 107 -13.29 16.60 45.17
N THR C 108 -12.24 17.26 45.66
CA THR C 108 -11.08 16.51 46.15
C THR C 108 -10.84 16.62 47.64
N THR C 109 -10.74 17.83 48.20
CA THR C 109 -10.55 17.94 49.64
C THR C 109 -11.84 18.11 50.41
N LEU C 110 -12.84 18.71 49.79
CA LEU C 110 -14.14 18.96 50.40
C LEU C 110 -14.00 19.73 51.73
N ASP C 111 -12.99 20.59 51.84
CA ASP C 111 -12.89 21.52 52.96
C ASP C 111 -12.23 22.78 52.42
N SER C 112 -13.05 23.77 52.06
CA SER C 112 -12.64 24.86 51.18
C SER C 112 -11.60 24.41 50.16
N LYS C 113 -10.72 25.33 49.74
CA LYS C 113 -9.36 25.05 49.27
C LYS C 113 -9.30 23.91 48.23
N THR C 114 -10.36 23.77 47.45
CA THR C 114 -10.41 23.26 46.09
C THR C 114 -11.83 23.51 45.64
N GLN C 115 -12.01 23.76 44.35
CA GLN C 115 -13.37 23.92 43.87
C GLN C 115 -14.17 22.64 44.11
N SER C 116 -15.42 22.80 44.54
CA SER C 116 -16.29 21.66 44.79
C SER C 116 -17.68 21.94 44.24
N LEU C 117 -18.29 20.91 43.68
CA LEU C 117 -19.63 20.95 43.10
C LEU C 117 -20.65 20.61 44.17
N LEU C 118 -21.66 21.46 44.35
CA LEU C 118 -22.72 21.24 45.31
C LEU C 118 -24.03 21.23 44.55
N ILE C 119 -24.76 20.12 44.65
CA ILE C 119 -26.03 19.91 43.97
C ILE C 119 -27.08 19.69 45.03
N VAL C 120 -28.02 20.63 45.20
CA VAL C 120 -29.02 20.53 46.25
C VAL C 120 -30.40 20.74 45.61
N ASN C 121 -31.43 20.28 46.33
CA ASN C 121 -32.79 20.23 45.83
C ASN C 121 -33.68 21.24 46.57
N ASN C 122 -34.89 21.39 46.05
CA ASN C 122 -35.97 22.19 46.60
C ASN C 122 -37.24 21.51 46.16
N ALA C 123 -38.33 21.74 46.89
CA ALA C 123 -39.55 21.06 46.48
C ALA C 123 -40.14 21.58 45.17
N THR C 124 -39.53 22.57 44.48
CA THR C 124 -39.82 22.78 43.07
C THR C 124 -38.57 23.09 42.24
N ASN C 125 -37.37 22.84 42.75
CA ASN C 125 -36.19 23.52 42.19
C ASN C 125 -34.94 22.71 42.45
N VAL C 126 -33.90 22.99 41.66
CA VAL C 126 -32.59 22.39 41.81
C VAL C 126 -31.57 23.50 41.74
N VAL C 127 -30.67 23.57 42.72
CA VAL C 127 -29.59 24.55 42.73
C VAL C 127 -28.27 23.82 42.62
N ILE C 128 -27.50 24.15 41.60
CA ILE C 128 -26.15 23.64 41.38
C ILE C 128 -25.20 24.81 41.49
N LYS C 129 -24.24 24.74 42.41
CA LYS C 129 -23.23 25.79 42.50
C LYS C 129 -21.91 25.19 42.93
N VAL C 130 -20.82 25.77 42.44
CA VAL C 130 -19.51 25.11 42.47
C VAL C 130 -18.49 25.95 43.24
N CYS C 131 -18.95 26.72 44.22
CA CYS C 131 -18.05 27.59 44.94
C CYS C 131 -17.18 26.79 45.91
N GLU C 132 -16.16 27.45 46.46
CA GLU C 132 -15.18 26.79 47.33
C GLU C 132 -15.75 26.72 48.74
N PHE C 133 -16.76 25.86 48.90
CA PHE C 133 -17.49 25.75 50.15
C PHE C 133 -16.61 25.26 51.29
N GLN C 134 -16.87 25.81 52.47
CA GLN C 134 -16.28 25.35 53.73
C GLN C 134 -17.37 24.54 54.43
N PHE C 135 -17.27 23.23 54.35
CA PHE C 135 -18.38 22.36 54.71
C PHE C 135 -18.38 22.04 56.19
N CYS C 136 -19.51 21.52 56.63
CA CYS C 136 -19.59 20.82 57.90
C CYS C 136 -18.97 19.45 57.74
N ASN C 137 -18.52 18.87 58.85
CA ASN C 137 -17.89 17.57 58.77
C ASN C 137 -18.89 16.44 58.67
N ASP C 138 -20.18 16.72 58.87
CA ASP C 138 -21.26 15.80 58.50
C ASP C 138 -22.41 16.62 57.94
N PRO C 139 -22.25 17.18 56.72
CA PRO C 139 -23.27 18.06 56.17
C PRO C 139 -24.62 17.38 56.02
N PHE C 140 -25.66 18.21 55.95
CA PHE C 140 -27.02 17.74 55.67
C PHE C 140 -27.94 18.94 55.47
N ASN C 164 -17.36 31.26 47.84
CA ASN C 164 -16.39 32.24 47.38
C ASN C 164 -15.60 31.73 46.18
N ASN C 165 -15.15 32.67 45.34
CA ASN C 165 -14.44 32.37 44.09
C ASN C 165 -15.21 31.32 43.29
N CYS C 166 -16.47 31.64 43.03
CA CYS C 166 -17.37 30.76 42.29
C CYS C 166 -17.08 30.81 40.79
N THR C 167 -17.40 29.71 40.11
CA THR C 167 -17.37 29.63 38.65
C THR C 167 -18.75 29.57 38.03
N PHE C 168 -19.59 28.68 38.51
CA PHE C 168 -20.77 28.24 37.78
C PHE C 168 -21.94 28.16 38.75
N GLU C 169 -23.12 28.50 38.24
CA GLU C 169 -24.35 28.35 39.01
C GLU C 169 -25.48 28.07 38.05
N TYR C 170 -26.32 27.10 38.40
CA TYR C 170 -27.36 26.63 37.50
C TYR C 170 -28.61 26.36 38.32
N VAL C 171 -29.75 26.78 37.80
CA VAL C 171 -31.06 26.51 38.39
C VAL C 171 -31.93 25.80 37.37
N SER C 172 -32.50 24.67 37.76
CA SER C 172 -33.53 24.01 36.94
C SER C 172 -34.68 23.51 37.81
N LYS C 187 -41.15 3.45 47.31
CA LYS C 187 -41.72 3.10 46.00
C LYS C 187 -41.02 3.82 44.87
N ASN C 188 -40.44 4.98 45.14
CA ASN C 188 -39.85 5.83 44.12
C ASN C 188 -38.37 5.47 43.94
N LEU C 189 -38.02 4.83 42.82
CA LEU C 189 -36.64 4.46 42.54
C LEU C 189 -36.06 5.49 41.59
N ARG C 190 -34.99 6.13 42.03
CA ARG C 190 -34.33 7.19 41.28
C ARG C 190 -32.89 6.76 41.05
N GLU C 191 -32.51 6.62 39.79
CA GLU C 191 -31.17 6.22 39.39
C GLU C 191 -30.50 7.40 38.73
N PHE C 192 -29.24 7.63 39.05
CA PHE C 192 -28.46 8.70 38.48
C PHE C 192 -27.08 8.16 38.15
N VAL C 193 -26.45 8.75 37.14
CA VAL C 193 -25.06 8.49 36.82
C VAL C 193 -24.34 9.82 36.80
N PHE C 194 -23.30 9.95 37.62
CA PHE C 194 -22.49 11.15 37.77
C PHE C 194 -21.09 10.87 37.26
N LYS C 195 -20.72 11.46 36.13
CA LYS C 195 -19.39 11.18 35.57
C LYS C 195 -18.78 12.46 35.00
N ASN C 196 -17.45 12.48 34.94
CA ASN C 196 -16.73 13.60 34.33
C ASN C 196 -16.37 13.29 32.88
N TYR C 200 -16.29 17.51 30.94
CA TYR C 200 -17.05 18.14 32.01
C TYR C 200 -18.27 17.34 32.48
N PHE C 201 -18.86 17.80 33.57
CA PHE C 201 -19.61 16.94 34.48
C PHE C 201 -20.99 16.59 33.93
N LYS C 202 -21.24 15.31 33.68
CA LYS C 202 -22.48 14.85 33.08
C LYS C 202 -23.31 14.13 34.13
N ILE C 203 -24.60 14.45 34.17
CA ILE C 203 -25.58 13.77 35.01
C ILE C 203 -26.62 13.17 34.10
N TYR C 204 -26.82 11.87 34.23
CA TYR C 204 -27.90 11.12 33.58
C TYR C 204 -28.82 10.62 34.68
N SER C 205 -30.09 10.40 34.36
CA SER C 205 -30.96 9.88 35.42
C SER C 205 -32.24 9.30 34.87
N LYS C 206 -32.91 8.53 35.74
CA LYS C 206 -34.13 7.80 35.43
C LYS C 206 -34.95 7.66 36.70
N HIS C 207 -36.26 7.86 36.59
CA HIS C 207 -37.18 7.74 37.72
C HIS C 207 -38.25 6.72 37.37
N THR C 208 -38.30 5.62 38.14
CA THR C 208 -39.24 4.55 37.89
C THR C 208 -39.96 4.09 39.17
N PRO C 209 -41.19 3.58 39.04
CA PRO C 209 -41.82 2.93 40.20
C PRO C 209 -41.28 1.53 40.47
N ILE C 210 -41.17 1.19 41.75
CA ILE C 210 -40.93 -0.19 42.19
C ILE C 210 -41.88 -0.54 43.31
N ASN C 211 -42.02 -1.84 43.55
CA ASN C 211 -42.79 -2.35 44.69
C ASN C 211 -42.25 -3.70 45.14
N ASP C 215 -33.76 -5.91 46.48
CA ASP C 215 -33.98 -4.51 46.80
C ASP C 215 -33.93 -3.66 45.54
N LEU C 216 -32.93 -3.91 44.68
CA LEU C 216 -32.82 -3.23 43.40
C LEU C 216 -33.55 -4.05 42.35
N PRO C 217 -34.64 -3.55 41.75
CA PRO C 217 -35.47 -4.38 40.86
C PRO C 217 -34.68 -5.03 39.74
N GLN C 218 -34.99 -6.29 39.45
CA GLN C 218 -34.40 -6.95 38.31
C GLN C 218 -35.31 -6.67 37.12
N GLY C 219 -34.67 -6.36 36.01
CA GLY C 219 -35.35 -5.75 34.89
C GLY C 219 -34.31 -5.06 34.04
N PHE C 220 -34.79 -4.38 33.00
CA PHE C 220 -33.96 -3.40 32.31
C PHE C 220 -34.72 -2.10 32.13
N SER C 221 -34.03 -1.00 32.42
CA SER C 221 -34.38 0.30 31.88
C SER C 221 -33.11 1.13 31.82
N ALA C 222 -33.13 2.15 30.98
CA ALA C 222 -31.97 2.91 30.60
C ALA C 222 -32.08 4.33 31.14
N LEU C 223 -30.95 4.91 31.50
CA LEU C 223 -30.94 6.25 32.05
C LEU C 223 -30.64 7.21 30.92
N GLU C 224 -31.12 8.45 31.06
CA GLU C 224 -31.06 9.40 29.96
C GLU C 224 -30.36 10.66 30.42
N PRO C 225 -29.62 11.34 29.54
CA PRO C 225 -28.95 12.56 29.99
C PRO C 225 -30.00 13.60 30.31
N LEU C 226 -29.85 14.25 31.45
CA LEU C 226 -30.68 15.40 31.77
C LEU C 226 -29.86 16.66 32.02
N VAL C 227 -28.69 16.56 32.65
CA VAL C 227 -27.91 17.75 32.99
C VAL C 227 -26.48 17.57 32.50
N ASP C 228 -25.91 18.65 31.94
CA ASP C 228 -24.53 18.65 31.48
C ASP C 228 -23.88 19.97 31.91
N LEU C 229 -22.97 19.88 32.87
CA LEU C 229 -22.43 20.99 33.65
C LEU C 229 -21.00 21.31 33.23
N PRO C 230 -20.73 22.45 32.55
CA PRO C 230 -19.37 22.81 32.12
C PRO C 230 -18.52 23.42 33.23
N ILE C 231 -18.13 22.61 34.20
CA ILE C 231 -17.51 23.10 35.44
C ILE C 231 -16.00 22.91 35.44
N GLY C 232 -15.49 21.78 34.97
CA GLY C 232 -14.05 21.58 34.90
C GLY C 232 -13.37 21.34 36.23
N ILE C 233 -14.03 20.67 37.16
CA ILE C 233 -13.51 20.30 38.47
C ILE C 233 -12.77 18.97 38.37
N ASN C 234 -11.72 18.80 39.18
CA ASN C 234 -11.15 17.50 39.44
C ASN C 234 -11.97 16.85 40.56
N ILE C 235 -12.82 15.89 40.23
CA ILE C 235 -13.64 15.19 41.21
C ILE C 235 -12.99 13.84 41.49
N THR C 236 -12.65 13.61 42.75
CA THR C 236 -12.13 12.33 43.22
C THR C 236 -12.92 11.73 44.38
N ARG C 237 -13.70 12.53 45.09
CA ARG C 237 -14.41 12.11 46.30
C ARG C 237 -15.76 12.80 46.31
N PHE C 238 -16.78 12.13 46.86
CA PHE C 238 -18.07 12.78 46.96
C PHE C 238 -18.87 12.27 48.15
N GLN C 239 -19.89 13.06 48.52
CA GLN C 239 -20.73 12.85 49.70
C GLN C 239 -22.18 13.10 49.35
N THR C 240 -23.08 12.29 49.90
CA THR C 240 -24.53 12.49 49.76
C THR C 240 -25.09 13.34 50.88
N LEU C 241 -25.94 14.32 50.54
CA LEU C 241 -26.57 15.20 51.51
C LEU C 241 -27.99 14.70 51.71
N LEU C 242 -28.30 14.32 52.95
CA LEU C 242 -29.62 13.81 53.31
C LEU C 242 -30.51 14.94 53.77
N ALA C 263 -34.52 6.60 54.06
CA ALA C 263 -34.63 5.95 52.77
C ALA C 263 -33.40 5.07 52.53
N ALA C 264 -33.42 4.36 51.41
CA ALA C 264 -32.35 3.44 51.03
C ALA C 264 -31.59 4.04 49.86
N TYR C 265 -30.26 3.88 49.85
CA TYR C 265 -29.57 4.23 48.62
C TYR C 265 -28.34 3.37 48.41
N TYR C 266 -27.94 3.30 47.16
CA TYR C 266 -26.93 2.41 46.64
C TYR C 266 -25.88 3.21 45.89
N VAL C 267 -24.61 2.87 46.07
CA VAL C 267 -23.51 3.45 45.31
C VAL C 267 -22.74 2.34 44.60
N GLY C 268 -22.67 2.42 43.27
CA GLY C 268 -21.76 1.61 42.49
C GLY C 268 -20.84 2.51 41.70
N TYR C 269 -19.92 1.88 40.96
CA TYR C 269 -18.86 2.59 40.27
C TYR C 269 -18.77 2.13 38.83
N LEU C 270 -18.42 3.06 37.95
CA LEU C 270 -18.32 2.79 36.52
C LEU C 270 -16.93 2.27 36.19
N GLN C 271 -16.87 1.45 35.14
CA GLN C 271 -15.63 0.85 34.66
C GLN C 271 -15.58 0.97 33.14
N PRO C 272 -14.38 1.04 32.56
CA PRO C 272 -14.26 1.27 31.11
C PRO C 272 -14.60 0.06 30.27
N ARG C 273 -15.86 -0.34 30.28
CA ARG C 273 -16.33 -1.59 29.70
C ARG C 273 -17.02 -1.36 28.36
N THR C 274 -16.90 -2.37 27.48
CA THR C 274 -17.67 -2.43 26.25
C THR C 274 -19.03 -3.06 26.50
N PHE C 275 -20.07 -2.43 25.94
CA PHE C 275 -21.45 -2.88 26.01
C PHE C 275 -22.01 -2.95 24.60
N LEU C 276 -22.88 -3.92 24.36
CA LEU C 276 -23.72 -3.92 23.17
C LEU C 276 -25.11 -3.45 23.57
N LEU C 277 -25.54 -2.30 23.06
CA LEU C 277 -26.80 -1.68 23.43
C LEU C 277 -27.83 -1.89 22.33
N LYS C 278 -29.03 -2.34 22.70
CA LYS C 278 -30.08 -2.62 21.74
C LYS C 278 -31.06 -1.46 21.68
N TYR C 279 -31.16 -0.81 20.52
CA TYR C 279 -32.15 0.25 20.31
C TYR C 279 -33.36 -0.30 19.57
N ASN C 280 -34.54 -0.09 20.14
CA ASN C 280 -35.82 -0.34 19.51
C ASN C 280 -36.12 0.72 18.45
N GLU C 281 -37.12 0.43 17.61
CA GLU C 281 -37.56 1.29 16.51
C GLU C 281 -37.65 2.76 16.89
N ASN C 282 -38.19 3.06 18.07
CA ASN C 282 -38.38 4.44 18.48
C ASN C 282 -37.06 5.13 18.80
N GLY C 283 -36.11 4.41 19.40
CA GLY C 283 -34.81 4.98 19.70
C GLY C 283 -34.39 4.82 21.14
N THR C 284 -35.20 4.11 21.93
CA THR C 284 -34.89 3.85 23.33
C THR C 284 -34.04 2.60 23.46
N ILE C 285 -33.04 2.65 24.33
CA ILE C 285 -32.27 1.44 24.62
C ILE C 285 -33.14 0.54 25.48
N THR C 286 -33.44 -0.66 24.99
CA THR C 286 -34.32 -1.57 25.68
C THR C 286 -33.61 -2.76 26.30
N ASP C 287 -32.39 -3.07 25.85
CA ASP C 287 -31.61 -4.11 26.47
C ASP C 287 -30.13 -3.81 26.29
N ALA C 288 -29.30 -4.64 26.91
CA ALA C 288 -27.87 -4.47 26.75
C ALA C 288 -27.15 -5.74 27.18
N VAL C 289 -26.02 -6.00 26.52
CA VAL C 289 -25.14 -7.12 26.80
C VAL C 289 -23.81 -6.56 27.31
N ASP C 290 -23.39 -7.02 28.48
CA ASP C 290 -22.09 -6.68 29.05
C ASP C 290 -21.04 -7.63 28.49
N CYS C 291 -20.22 -7.14 27.56
CA CYS C 291 -19.39 -8.03 26.76
C CYS C 291 -18.32 -8.76 27.55
N ALA C 292 -18.07 -8.39 28.80
CA ALA C 292 -17.03 -9.01 29.62
C ALA C 292 -17.61 -9.80 30.79
N LEU C 293 -18.92 -9.99 30.82
CA LEU C 293 -19.53 -10.63 31.98
C LEU C 293 -19.23 -12.13 32.00
N ASP C 294 -19.28 -12.78 30.85
CA ASP C 294 -19.18 -14.23 30.79
C ASP C 294 -19.08 -14.64 29.33
N PRO C 295 -18.64 -15.87 29.04
CA PRO C 295 -18.45 -16.29 27.65
C PRO C 295 -19.64 -16.07 26.73
N LEU C 296 -20.86 -16.25 27.23
CA LEU C 296 -22.01 -16.10 26.34
C LEU C 296 -22.19 -14.66 25.92
N SER C 297 -21.98 -13.72 26.84
CA SER C 297 -22.04 -12.32 26.49
C SER C 297 -20.94 -11.95 25.50
N GLU C 298 -19.75 -12.53 25.66
CA GLU C 298 -18.69 -12.30 24.69
C GLU C 298 -19.10 -12.79 23.30
N THR C 299 -19.76 -13.95 23.24
CA THR C 299 -20.24 -14.44 21.95
C THR C 299 -21.27 -13.50 21.36
N LYS C 300 -22.21 -13.03 22.18
CA LYS C 300 -23.21 -12.09 21.70
C LYS C 300 -22.58 -10.82 21.16
N CYS C 301 -21.58 -10.29 21.85
CA CYS C 301 -20.91 -9.09 21.37
C CYS C 301 -20.13 -9.34 20.09
N THR C 302 -19.46 -10.48 19.99
CA THR C 302 -18.75 -10.82 18.77
C THR C 302 -19.70 -10.92 17.59
N LEU C 303 -20.86 -11.53 17.78
CA LEU C 303 -21.83 -11.71 16.71
C LEU C 303 -22.79 -10.55 16.58
N LYS C 304 -22.68 -9.52 17.43
CA LYS C 304 -23.56 -8.35 17.39
C LYS C 304 -25.02 -8.76 17.38
N SER C 305 -25.38 -9.65 18.30
CA SER C 305 -26.73 -10.18 18.34
C SER C 305 -27.06 -10.54 19.78
N PHE C 306 -28.33 -10.46 20.11
CA PHE C 306 -28.85 -10.98 21.36
C PHE C 306 -29.32 -12.42 21.23
N THR C 307 -29.19 -12.99 20.04
CA THR C 307 -29.49 -14.39 19.78
C THR C 307 -28.25 -14.99 19.16
N VAL C 308 -27.83 -16.13 19.69
CA VAL C 308 -26.64 -16.83 19.23
C VAL C 308 -27.11 -18.18 18.74
N GLU C 309 -26.78 -18.50 17.50
CA GLU C 309 -27.15 -19.78 16.95
C GLU C 309 -26.22 -20.86 17.48
N LYS C 310 -26.71 -22.10 17.46
CA LYS C 310 -25.91 -23.23 17.92
C LYS C 310 -24.64 -23.33 17.10
N GLY C 311 -23.52 -23.51 17.78
CA GLY C 311 -22.25 -23.64 17.11
C GLY C 311 -21.11 -23.19 18.00
N ILE C 312 -19.93 -23.13 17.41
CA ILE C 312 -18.70 -22.72 18.08
C ILE C 312 -18.22 -21.44 17.43
N TYR C 313 -17.98 -20.42 18.24
CA TYR C 313 -17.60 -19.09 17.78
C TYR C 313 -16.34 -18.69 18.49
N GLN C 314 -15.42 -18.07 17.77
CA GLN C 314 -14.17 -17.62 18.37
C GLN C 314 -14.41 -16.22 18.89
N THR C 315 -14.27 -16.04 20.20
CA THR C 315 -14.66 -14.80 20.84
C THR C 315 -13.48 -14.01 21.40
N SER C 316 -12.36 -14.63 21.70
CA SER C 316 -11.24 -13.84 22.21
C SER C 316 -9.94 -14.58 21.91
N ASN C 317 -8.85 -14.08 22.48
CA ASN C 317 -7.55 -14.72 22.38
C ASN C 317 -6.91 -14.72 23.76
N PHE C 318 -6.56 -15.91 24.22
CA PHE C 318 -5.90 -16.13 25.49
C PHE C 318 -4.41 -16.05 25.31
N ARG C 319 -3.74 -15.34 26.23
CA ARG C 319 -2.30 -15.34 26.32
C ARG C 319 -1.90 -15.57 27.76
N VAL C 320 -0.65 -15.96 27.97
CA VAL C 320 -0.09 -16.22 29.28
C VAL C 320 0.90 -15.11 29.57
N GLN C 321 0.54 -14.23 30.45
CA GLN C 321 1.26 -12.97 30.53
C GLN C 321 2.63 -13.15 31.19
N PRO C 322 3.65 -12.43 30.72
CA PRO C 322 4.96 -12.48 31.38
C PRO C 322 4.89 -12.14 32.86
N THR C 323 5.49 -12.99 33.67
CA THR C 323 5.38 -12.86 35.12
C THR C 323 6.53 -12.04 35.69
N GLU C 324 7.77 -12.44 35.41
CA GLU C 324 8.96 -11.78 35.94
C GLU C 324 9.82 -11.23 34.80
N SER C 325 10.35 -10.03 34.98
CA SER C 325 11.34 -9.48 34.05
C SER C 325 12.72 -9.83 34.58
N ILE C 326 13.31 -10.88 34.02
CA ILE C 326 14.65 -11.34 34.36
C ILE C 326 15.70 -10.71 33.45
N VAL C 327 16.69 -10.06 34.05
CA VAL C 327 17.67 -9.22 33.37
C VAL C 327 19.06 -9.88 33.33
N ARG C 328 19.16 -11.17 33.68
CA ARG C 328 20.43 -11.91 33.82
C ARG C 328 21.44 -11.63 32.71
N PHE C 329 22.71 -11.43 33.12
CA PHE C 329 23.79 -10.84 32.32
C PHE C 329 25.11 -11.52 32.68
N PRO C 330 26.20 -11.28 31.94
CA PRO C 330 27.48 -11.91 32.28
C PRO C 330 28.04 -11.50 33.63
N ASN C 331 28.95 -12.33 34.10
CA ASN C 331 29.64 -12.16 35.38
C ASN C 331 30.63 -10.99 35.29
N ILE C 332 30.97 -10.43 36.45
CA ILE C 332 31.55 -9.10 36.59
C ILE C 332 33.04 -9.21 36.90
N THR C 333 33.86 -8.74 35.96
CA THR C 333 35.30 -9.01 35.87
C THR C 333 35.90 -7.92 35.00
N ASN C 334 37.19 -7.64 35.19
CA ASN C 334 37.82 -6.45 34.64
C ASN C 334 37.16 -5.16 35.15
N LEU C 335 37.23 -5.04 36.46
CA LEU C 335 36.79 -3.87 37.21
C LEU C 335 37.90 -2.82 37.20
N CYS C 336 37.51 -1.56 37.00
CA CYS C 336 38.35 -0.48 36.47
C CYS C 336 39.27 0.07 37.56
N PRO C 337 40.53 0.46 37.20
CA PRO C 337 41.55 0.70 38.23
C PRO C 337 41.33 1.99 39.03
N PHE C 338 40.16 2.10 39.65
CA PHE C 338 39.87 3.21 40.54
C PHE C 338 40.68 3.11 41.82
N GLY C 339 41.06 1.89 42.19
CA GLY C 339 41.94 1.66 43.33
C GLY C 339 43.17 2.54 43.30
N GLU C 340 43.96 2.46 42.23
CA GLU C 340 45.21 3.22 42.14
C GLU C 340 44.95 4.71 42.32
N VAL C 341 44.11 5.29 41.45
CA VAL C 341 43.75 6.71 41.53
C VAL C 341 43.35 7.08 42.96
N PHE C 342 42.40 6.34 43.54
CA PHE C 342 41.86 6.72 44.85
C PHE C 342 42.77 6.34 46.01
N ASN C 343 43.43 5.18 45.97
CA ASN C 343 44.14 4.66 47.14
C ASN C 343 45.66 4.84 47.05
N ALA C 344 46.29 4.43 45.95
CA ALA C 344 47.74 4.56 45.77
C ALA C 344 48.25 5.94 46.18
N THR C 345 49.39 5.95 46.84
CA THR C 345 49.84 7.11 47.59
C THR C 345 50.62 8.09 46.71
N ARG C 346 50.85 9.28 47.28
CA ARG C 346 51.44 10.44 46.63
C ARG C 346 50.61 10.91 45.44
N PHE C 347 50.51 12.23 45.29
CA PHE C 347 49.75 12.93 44.25
C PHE C 347 50.13 14.40 44.30
N ALA C 348 50.21 15.04 43.15
CA ALA C 348 50.58 16.45 43.10
C ALA C 348 50.41 16.95 41.66
N SER C 349 50.66 18.24 41.47
CA SER C 349 50.74 18.87 40.15
C SER C 349 49.38 18.97 39.48
N VAL C 350 48.98 20.21 39.14
CA VAL C 350 47.80 20.45 38.32
C VAL C 350 48.18 21.48 37.26
N TYR C 351 48.45 20.99 36.06
CA TYR C 351 48.76 21.67 34.80
C TYR C 351 49.48 20.62 33.95
N ALA C 352 50.26 19.76 34.63
CA ALA C 352 50.64 18.43 34.17
C ALA C 352 49.90 17.34 34.95
N TRP C 353 48.71 17.65 35.46
CA TRP C 353 47.87 16.72 36.21
C TRP C 353 47.76 15.40 35.47
N ASN C 354 48.06 14.31 36.17
CA ASN C 354 48.22 13.05 35.45
C ASN C 354 46.84 12.47 35.17
N ARG C 355 46.79 11.65 34.13
CA ARG C 355 45.54 11.41 33.43
C ARG C 355 45.67 10.08 32.71
N LYS C 356 44.64 9.25 32.81
CA LYS C 356 44.64 7.97 32.11
C LYS C 356 43.30 7.76 31.44
N ARG C 357 43.34 7.12 30.27
CA ARG C 357 42.14 6.50 29.74
C ARG C 357 41.78 5.32 30.61
N ILE C 358 40.48 5.17 30.87
CA ILE C 358 39.92 4.00 31.53
C ILE C 358 38.99 3.37 30.52
N SER C 359 39.27 2.12 30.19
CA SER C 359 38.79 1.45 28.99
C SER C 359 39.01 -0.04 29.17
N ASN C 360 38.23 -0.83 28.43
CA ASN C 360 38.28 -2.28 28.56
C ASN C 360 38.05 -2.76 29.98
N CYS C 361 37.21 -2.04 30.74
CA CYS C 361 36.85 -2.49 32.07
C CYS C 361 35.43 -2.06 32.38
N VAL C 362 34.80 -2.79 33.31
CA VAL C 362 33.49 -2.41 33.84
C VAL C 362 33.69 -1.38 34.95
N ALA C 363 33.05 -0.22 34.78
CA ALA C 363 33.26 0.92 35.67
C ALA C 363 32.23 0.89 36.79
N ASP C 364 32.60 0.32 37.93
CA ASP C 364 31.69 0.24 39.07
C ASP C 364 31.79 1.52 39.90
N TYR C 365 30.89 2.45 39.61
CA TYR C 365 30.71 3.66 40.41
C TYR C 365 29.91 3.40 41.67
N SER C 366 29.34 2.21 41.80
CA SER C 366 28.50 1.90 42.95
C SER C 366 29.31 1.96 44.24
N VAL C 367 30.52 1.38 44.22
CA VAL C 367 31.34 1.37 45.42
C VAL C 367 31.69 2.79 45.83
N LEU C 368 31.83 3.69 44.86
CA LEU C 368 32.26 5.06 45.14
C LEU C 368 31.16 5.95 45.71
N TYR C 369 29.97 5.45 46.08
CA TYR C 369 29.04 6.25 46.88
C TYR C 369 29.15 5.82 48.35
N ASN C 370 28.96 4.52 48.53
CA ASN C 370 28.78 3.81 49.77
C ASN C 370 29.91 3.94 50.78
N SER C 371 31.13 4.27 50.39
CA SER C 371 32.14 4.44 51.42
C SER C 371 31.83 5.68 52.26
N ALA C 372 32.12 5.59 53.56
CA ALA C 372 31.86 6.71 54.46
C ALA C 372 32.65 7.96 54.07
N SER C 373 33.88 7.75 53.57
CA SER C 373 34.91 8.77 53.56
C SER C 373 34.74 9.81 52.49
N PHE C 374 33.88 9.59 51.51
CA PHE C 374 33.68 10.63 50.50
C PHE C 374 32.77 11.67 51.12
N SER C 375 33.16 12.93 51.00
CA SER C 375 32.39 14.00 51.60
C SER C 375 31.56 14.78 50.58
N THR C 376 32.03 14.79 49.35
CA THR C 376 31.42 15.40 48.19
C THR C 376 31.42 14.32 47.12
N PHE C 377 30.28 14.14 46.46
CA PHE C 377 30.23 13.43 45.20
C PHE C 377 29.20 14.20 44.41
N LYS C 378 29.49 14.55 43.17
CA LYS C 378 28.50 15.27 42.37
C LYS C 378 28.47 14.72 40.96
N CYS C 379 27.40 15.08 40.24
CA CYS C 379 27.37 15.00 38.80
C CYS C 379 26.77 16.28 38.27
N TYR C 380 27.12 16.57 37.02
CA TYR C 380 26.69 17.75 36.29
C TYR C 380 26.04 17.25 35.01
N GLY C 381 24.72 17.17 34.98
CA GLY C 381 24.02 16.70 33.79
C GLY C 381 23.20 15.43 33.95
N VAL C 382 23.68 14.45 34.71
CA VAL C 382 23.05 13.13 34.75
C VAL C 382 23.37 12.47 36.07
N SER C 383 22.44 11.64 36.56
CA SER C 383 22.57 11.14 37.92
C SER C 383 23.64 10.07 37.98
N PRO C 384 24.22 9.83 39.16
CA PRO C 384 25.28 8.82 39.20
C PRO C 384 24.84 7.40 38.92
N THR C 385 23.75 6.92 39.52
CA THR C 385 23.19 5.65 39.06
C THR C 385 22.70 5.73 37.63
N LYS C 386 22.40 6.92 37.13
CA LYS C 386 22.09 7.06 35.72
C LYS C 386 23.36 7.08 34.87
N LEU C 387 24.52 7.38 35.45
CA LEU C 387 25.78 7.19 34.74
C LEU C 387 26.05 5.72 34.48
N ASN C 388 25.88 4.87 35.50
CA ASN C 388 26.38 3.50 35.42
C ASN C 388 25.51 2.59 34.56
N ASP C 389 24.53 3.14 33.83
CA ASP C 389 23.86 2.40 32.77
C ASP C 389 23.99 3.09 31.41
N LEU C 390 24.88 4.08 31.27
CA LEU C 390 25.33 4.52 29.96
C LEU C 390 26.51 3.63 29.57
N CYS C 391 27.19 3.92 28.46
CA CYS C 391 28.27 3.04 28.04
C CYS C 391 29.26 3.88 27.22
N PHE C 392 30.38 4.24 27.83
CA PHE C 392 31.31 5.22 27.27
C PHE C 392 32.58 4.58 26.71
N THR C 393 33.12 5.18 25.66
CA THR C 393 34.41 4.77 25.11
C THR C 393 35.54 4.94 26.12
N ASN C 394 35.78 6.18 26.56
CA ASN C 394 36.93 6.50 27.39
C ASN C 394 36.47 7.27 28.62
N VAL C 395 36.64 6.67 29.79
CA VAL C 395 36.46 7.35 31.07
C VAL C 395 37.79 7.96 31.47
N TYR C 396 37.83 9.29 31.62
CA TYR C 396 39.07 9.98 31.98
C TYR C 396 39.03 10.35 33.45
N ALA C 397 40.15 10.10 34.13
CA ALA C 397 40.29 10.33 35.56
C ALA C 397 41.64 10.97 35.82
N ASP C 398 41.72 11.70 36.92
CA ASP C 398 42.93 12.42 37.27
C ASP C 398 42.81 12.87 38.72
N SER C 399 43.93 13.00 39.41
CA SER C 399 43.88 13.31 40.84
C SER C 399 45.06 14.20 41.23
N PHE C 400 44.90 14.85 42.38
CA PHE C 400 45.77 15.93 42.83
C PHE C 400 45.40 16.27 44.27
N VAL C 401 46.39 16.71 45.06
CA VAL C 401 46.14 16.98 46.48
C VAL C 401 45.97 18.48 46.65
N ILE C 402 45.20 18.84 47.68
CA ILE C 402 44.56 20.14 47.80
C ILE C 402 44.60 20.53 49.28
N ARG C 403 44.11 21.73 49.59
CA ARG C 403 44.04 22.34 50.90
C ARG C 403 42.58 22.42 51.31
N GLY C 404 42.33 22.34 52.62
CA GLY C 404 41.04 22.14 53.26
C GLY C 404 39.86 22.90 52.65
N ASP C 405 40.08 24.16 52.30
CA ASP C 405 39.09 25.20 52.06
C ASP C 405 38.42 25.10 50.68
N GLU C 406 38.59 23.99 49.97
CA GLU C 406 38.72 23.87 48.52
C GLU C 406 37.78 24.80 47.75
N VAL C 407 38.37 25.54 46.81
CA VAL C 407 37.64 26.19 45.74
C VAL C 407 36.84 25.14 44.99
N ARG C 408 35.68 25.51 44.47
CA ARG C 408 34.86 24.56 43.72
C ARG C 408 35.61 24.12 42.48
N GLN C 409 35.66 22.79 42.27
CA GLN C 409 36.10 22.29 40.97
C GLN C 409 35.05 22.65 39.92
N ILE C 410 35.52 22.89 38.71
CA ILE C 410 34.78 23.72 37.79
C ILE C 410 33.60 22.92 37.25
N ALA C 411 32.35 23.16 37.72
CA ALA C 411 31.18 22.92 36.87
C ALA C 411 30.93 23.82 35.64
N PRO C 412 30.65 25.16 35.82
CA PRO C 412 30.28 25.99 34.66
C PRO C 412 31.40 26.65 33.88
N GLY C 413 32.64 26.34 34.21
CA GLY C 413 33.67 27.35 34.08
C GLY C 413 33.73 28.26 35.31
N GLN C 414 33.88 27.70 36.52
CA GLN C 414 33.86 28.50 37.74
C GLN C 414 35.03 29.48 37.76
N THR C 415 34.84 30.57 38.51
CA THR C 415 35.55 31.83 38.36
C THR C 415 36.42 32.16 39.57
N GLY C 416 37.74 31.98 39.44
CA GLY C 416 38.66 32.74 40.28
C GLY C 416 39.94 32.11 40.81
N LYS C 417 41.02 32.90 40.66
CA LYS C 417 42.37 32.62 41.11
C LYS C 417 42.83 31.28 40.55
N ILE C 418 43.11 30.29 41.42
CA ILE C 418 43.59 29.00 40.92
C ILE C 418 42.54 28.36 40.02
N ALA C 419 41.27 28.72 40.21
CA ALA C 419 40.19 28.11 39.49
C ALA C 419 39.97 28.72 38.13
N ASP C 420 40.88 29.58 37.69
CA ASP C 420 41.12 29.65 36.26
C ASP C 420 42.58 29.75 35.88
N TYR C 421 43.53 29.69 36.84
CA TYR C 421 44.93 29.85 36.49
C TYR C 421 45.81 28.64 36.77
N ASN C 422 45.25 27.45 37.02
CA ASN C 422 46.11 26.27 37.11
C ASN C 422 45.63 25.03 36.35
N TYR C 423 44.37 24.96 35.86
CA TYR C 423 43.83 23.71 35.36
C TYR C 423 42.48 23.81 34.65
N LYS C 424 42.26 22.89 33.68
CA LYS C 424 41.19 21.87 33.66
C LYS C 424 39.81 22.51 33.80
N LEU C 425 39.46 23.35 32.81
CA LEU C 425 38.43 24.38 32.92
C LEU C 425 37.25 24.17 31.95
N PRO C 426 36.57 22.99 32.01
CA PRO C 426 35.54 22.46 31.08
C PRO C 426 34.14 23.06 31.19
N ASP C 427 33.90 24.22 30.57
CA ASP C 427 32.63 24.94 30.71
C ASP C 427 31.40 24.02 30.59
N ASP C 428 31.28 23.25 29.52
CA ASP C 428 30.19 22.27 29.38
C ASP C 428 30.63 20.89 29.86
N PHE C 429 30.78 20.79 31.19
CA PHE C 429 31.29 19.59 31.87
C PHE C 429 30.16 18.63 32.21
N THR C 430 29.99 17.59 31.40
CA THR C 430 29.18 16.45 31.82
C THR C 430 30.09 15.45 32.54
N GLY C 431 30.51 15.87 33.74
CA GLY C 431 31.62 15.26 34.48
C GLY C 431 31.55 15.35 35.99
N CYS C 432 31.77 14.25 36.71
CA CYS C 432 31.59 14.25 38.17
C CYS C 432 32.71 15.02 38.86
N VAL C 433 32.52 15.25 40.16
CA VAL C 433 33.54 15.81 41.06
C VAL C 433 33.44 15.08 42.39
N ILE C 434 34.45 14.27 42.71
CA ILE C 434 34.52 13.56 43.99
C ILE C 434 35.39 14.33 44.95
N ALA C 435 35.21 14.07 46.24
CA ALA C 435 36.14 14.55 47.27
C ALA C 435 35.98 13.68 48.49
N TRP C 436 36.98 13.76 49.37
CA TRP C 436 37.00 12.90 50.55
C TRP C 436 38.10 13.34 51.48
N ASN C 437 37.95 12.90 52.73
CA ASN C 437 38.15 13.77 53.92
C ASN C 437 38.94 15.04 53.62
N ARG C 509 42.64 16.33 46.86
CA ARG C 509 41.98 15.04 46.98
C ARG C 509 40.65 15.09 46.25
N VAL C 510 40.70 14.86 44.95
CA VAL C 510 39.54 14.94 44.06
C VAL C 510 39.88 14.11 42.84
N VAL C 511 38.86 13.51 42.23
CA VAL C 511 39.00 12.95 40.89
C VAL C 511 37.95 13.58 39.98
N VAL C 512 38.40 14.42 39.06
CA VAL C 512 37.52 15.12 38.13
C VAL C 512 37.38 14.26 36.88
N LEU C 513 36.15 13.86 36.56
CA LEU C 513 35.93 12.82 35.55
C LEU C 513 35.34 13.42 34.29
N SER C 514 36.05 13.23 33.18
CA SER C 514 35.54 13.54 31.85
C SER C 514 35.13 12.25 31.15
N PHE C 515 33.97 12.28 30.50
CA PHE C 515 33.36 11.11 29.88
C PHE C 515 33.32 11.29 28.37
N GLU C 516 34.15 10.53 27.67
CA GLU C 516 34.21 10.55 26.21
C GLU C 516 33.18 9.63 25.59
N LEU C 517 32.62 10.06 24.46
CA LEU C 517 31.64 9.32 23.68
C LEU C 517 32.04 9.35 22.21
N LEU C 518 33.31 9.11 21.96
CA LEU C 518 33.91 9.36 20.65
C LEU C 518 33.52 8.25 19.67
N HIS C 519 34.09 8.29 18.47
CA HIS C 519 33.73 7.36 17.40
C HIS C 519 33.93 5.90 17.81
N ALA C 520 34.81 5.63 18.76
CA ALA C 520 35.22 4.26 19.03
C ALA C 520 34.03 3.43 19.56
N PRO C 521 34.13 2.10 19.47
CA PRO C 521 33.10 1.24 20.09
C PRO C 521 33.19 1.32 21.61
N ALA C 522 32.12 1.81 22.24
CA ALA C 522 32.15 2.09 23.68
C ALA C 522 32.58 0.86 24.46
N THR C 523 33.73 0.97 25.13
CA THR C 523 34.27 -0.11 25.95
C THR C 523 33.86 -0.01 27.43
N VAL C 524 34.17 1.11 28.09
CA VAL C 524 34.09 1.18 29.55
C VAL C 524 32.64 1.41 29.93
N CYS C 525 31.96 0.31 30.27
CA CYS C 525 30.52 0.24 30.20
C CYS C 525 29.99 -0.24 31.54
N GLY C 526 28.72 0.07 31.83
CA GLY C 526 28.11 -0.12 33.13
C GLY C 526 28.26 -1.50 33.77
N PRO C 527 28.19 -1.60 35.13
CA PRO C 527 28.30 -2.91 35.80
C PRO C 527 27.19 -3.93 35.52
N LYS C 528 26.15 -3.60 34.77
CA LYS C 528 25.22 -4.58 34.18
C LYS C 528 24.66 -5.58 35.20
N LYS C 529 23.95 -5.07 36.19
CA LYS C 529 23.49 -5.87 37.32
C LYS C 529 22.42 -6.89 36.90
N SER C 530 22.55 -8.11 37.42
CA SER C 530 22.00 -9.31 36.81
C SER C 530 21.09 -10.08 37.77
N THR C 531 19.82 -10.22 37.40
CA THR C 531 18.81 -10.98 38.11
C THR C 531 19.13 -12.48 38.03
N ASN C 532 18.31 -13.32 38.68
CA ASN C 532 18.61 -14.70 39.03
C ASN C 532 17.68 -15.65 38.28
N LEU C 533 18.26 -16.63 37.59
CA LEU C 533 17.53 -17.41 36.58
C LEU C 533 16.34 -18.15 37.17
N VAL C 534 15.23 -18.10 36.44
CA VAL C 534 14.01 -18.84 36.77
C VAL C 534 13.54 -19.55 35.51
N LYS C 535 13.45 -20.88 35.58
CA LYS C 535 13.06 -21.69 34.44
C LYS C 535 11.60 -22.13 34.59
N ASN C 536 11.11 -22.83 33.57
CA ASN C 536 9.86 -23.59 33.62
C ASN C 536 8.63 -22.74 33.91
N LYS C 537 8.71 -21.41 33.82
CA LYS C 537 7.54 -20.57 33.87
C LYS C 537 7.70 -19.52 32.80
N CYS C 538 6.79 -18.55 32.75
CA CYS C 538 6.85 -17.50 31.76
C CYS C 538 7.59 -16.31 32.32
N VAL C 539 8.28 -15.59 31.44
CA VAL C 539 9.12 -14.48 31.86
C VAL C 539 9.40 -13.61 30.65
N ASN C 540 9.66 -12.34 30.91
CA ASN C 540 10.38 -11.48 30.00
C ASN C 540 11.84 -11.68 30.35
N PHE C 541 12.67 -12.00 29.37
CA PHE C 541 14.09 -12.21 29.62
C PHE C 541 14.93 -11.25 28.80
N ASN C 542 16.08 -10.92 29.37
CA ASN C 542 17.13 -10.17 28.70
C ASN C 542 18.42 -10.93 28.99
N PHE C 543 18.77 -11.86 28.10
CA PHE C 543 20.05 -12.55 28.12
C PHE C 543 21.03 -11.76 27.28
N ASN C 544 21.89 -10.98 27.95
CA ASN C 544 22.99 -10.25 27.33
C ASN C 544 22.53 -9.50 26.07
N GLY C 545 21.58 -8.60 26.29
CA GLY C 545 21.02 -7.78 25.22
C GLY C 545 20.05 -8.47 24.27
N LEU C 546 20.04 -9.80 24.24
CA LEU C 546 18.95 -10.51 23.57
C LEU C 546 17.74 -10.45 24.48
N THR C 547 16.57 -10.22 23.90
CA THR C 547 15.42 -9.73 24.64
C THR C 547 14.17 -10.45 24.14
N GLY C 548 13.16 -10.53 25.00
CA GLY C 548 11.95 -11.25 24.62
C GLY C 548 11.37 -12.22 25.63
N THR C 549 10.08 -12.48 25.47
CA THR C 549 9.25 -13.22 26.43
C THR C 549 9.14 -14.68 26.02
N GLY C 550 9.09 -15.55 27.02
CA GLY C 550 8.99 -16.98 26.75
C GLY C 550 9.17 -17.77 28.03
N VAL C 551 9.12 -19.11 27.90
CA VAL C 551 9.46 -20.01 28.99
C VAL C 551 10.82 -20.62 28.67
N LEU C 552 11.77 -20.38 29.56
CA LEU C 552 13.09 -20.99 29.56
C LEU C 552 13.06 -22.39 30.18
N THR C 553 13.47 -23.40 29.44
CA THR C 553 13.56 -24.74 30.02
C THR C 553 14.89 -25.39 29.67
N GLU C 554 15.27 -26.35 30.50
CA GLU C 554 16.52 -27.07 30.33
C GLU C 554 16.56 -27.78 28.99
N SER C 555 17.61 -27.54 28.22
CA SER C 555 17.74 -28.08 26.88
C SER C 555 18.69 -29.27 26.83
N ASN C 556 18.71 -29.92 25.67
CA ASN C 556 19.65 -31.00 25.37
C ASN C 556 20.55 -30.63 24.20
N LYS C 557 20.65 -29.33 23.90
CA LYS C 557 21.43 -28.83 22.77
C LYS C 557 22.85 -28.57 23.21
N LYS C 558 23.78 -28.73 22.28
CA LYS C 558 25.21 -28.68 22.54
C LYS C 558 25.78 -27.59 21.66
N PHE C 559 25.83 -26.38 22.19
CA PHE C 559 26.42 -25.26 21.49
C PHE C 559 27.92 -25.41 21.47
N LEU C 560 28.55 -24.87 20.44
CA LEU C 560 29.99 -24.78 20.45
C LEU C 560 30.41 -23.69 21.45
N PRO C 561 31.65 -23.76 21.96
CA PRO C 561 32.05 -22.86 23.04
C PRO C 561 31.85 -21.36 22.82
N PHE C 562 31.73 -20.93 21.56
CA PHE C 562 31.68 -19.52 21.24
C PHE C 562 30.31 -19.02 20.82
N GLN C 563 29.32 -19.89 20.66
CA GLN C 563 28.01 -19.49 20.17
C GLN C 563 27.09 -19.17 21.33
N GLN C 564 26.47 -17.99 21.28
CA GLN C 564 25.74 -17.48 22.42
C GLN C 564 24.23 -17.66 22.34
N PHE C 565 23.64 -17.87 21.16
CA PHE C 565 22.20 -18.13 21.13
C PHE C 565 21.81 -18.91 19.89
N GLY C 566 21.00 -19.94 20.10
CA GLY C 566 20.50 -20.76 19.01
C GLY C 566 19.34 -20.10 18.29
N ARG C 567 19.37 -20.15 16.97
CA ARG C 567 18.33 -19.58 16.12
C ARG C 567 17.64 -20.67 15.32
N ASP C 568 16.33 -20.54 15.22
CA ASP C 568 15.46 -21.52 14.61
C ASP C 568 15.64 -21.43 13.09
N ILE C 569 14.92 -22.24 12.32
CA ILE C 569 15.10 -22.24 10.88
C ILE C 569 14.74 -20.88 10.30
N ALA C 570 13.57 -20.36 10.67
CA ALA C 570 13.17 -19.01 10.23
C ALA C 570 13.59 -17.92 11.21
N ASP C 571 14.88 -17.86 11.55
CA ASP C 571 15.51 -16.71 12.25
C ASP C 571 14.71 -16.25 13.46
N THR C 572 14.20 -17.19 14.25
CA THR C 572 13.57 -16.90 15.53
C THR C 572 14.38 -17.60 16.60
N THR C 573 14.69 -16.89 17.67
CA THR C 573 15.58 -17.46 18.68
C THR C 573 14.92 -18.65 19.34
N ASP C 574 15.62 -19.77 19.33
CA ASP C 574 15.14 -21.04 19.84
C ASP C 574 15.80 -21.41 21.16
N ALA C 575 17.02 -20.94 21.41
CA ALA C 575 17.72 -21.27 22.64
C ALA C 575 18.75 -20.20 22.91
N VAL C 576 19.16 -20.12 24.18
CA VAL C 576 20.20 -19.19 24.60
C VAL C 576 21.19 -19.90 25.53
N ARG C 577 22.39 -19.34 25.58
CA ARG C 577 23.38 -19.69 26.59
C ARG C 577 23.23 -18.72 27.73
N ASP C 578 23.00 -19.22 28.94
CA ASP C 578 22.93 -18.34 30.08
C ASP C 578 24.35 -17.80 30.31
N PRO C 579 24.56 -16.48 30.35
CA PRO C 579 25.94 -15.99 30.34
C PRO C 579 26.76 -16.26 31.59
N GLN C 580 26.17 -16.63 32.73
CA GLN C 580 26.93 -16.83 33.95
C GLN C 580 27.17 -18.28 34.28
N THR C 581 26.18 -19.12 34.06
CA THR C 581 26.33 -20.57 34.03
C THR C 581 26.17 -20.96 32.58
N LEU C 582 27.18 -21.61 32.01
CA LEU C 582 27.19 -21.72 30.55
C LEU C 582 26.45 -23.00 30.24
N GLU C 583 25.13 -22.87 30.26
CA GLU C 583 24.16 -23.93 30.06
C GLU C 583 23.21 -23.45 28.98
N ILE C 584 22.61 -24.37 28.25
CA ILE C 584 21.77 -24.01 27.11
C ILE C 584 20.32 -24.20 27.54
N LEU C 585 19.54 -23.15 27.41
CA LEU C 585 18.12 -23.13 27.72
C LEU C 585 17.33 -22.98 26.43
N ASP C 586 16.33 -23.82 26.23
CA ASP C 586 15.42 -23.62 25.13
C ASP C 586 14.39 -22.57 25.52
N ILE C 587 13.96 -21.80 24.55
CA ILE C 587 12.93 -20.78 24.71
C ILE C 587 11.73 -21.24 23.92
N THR C 588 10.69 -21.70 24.60
CA THR C 588 9.40 -21.94 23.93
C THR C 588 8.46 -20.77 24.19
N PRO C 589 7.86 -20.13 23.18
CA PRO C 589 7.04 -18.94 23.45
C PRO C 589 5.91 -19.22 24.43
N CYS C 590 5.56 -18.20 25.19
CA CYS C 590 4.51 -18.33 26.19
C CYS C 590 3.20 -18.76 25.53
N SER C 591 2.57 -19.76 26.13
CA SER C 591 1.32 -20.35 25.63
C SER C 591 0.30 -19.29 25.25
N PHE C 592 -0.31 -19.48 24.08
CA PHE C 592 -1.41 -18.62 23.64
C PHE C 592 -2.30 -19.42 22.72
N GLY C 593 -3.48 -18.89 22.49
CA GLY C 593 -4.39 -19.51 21.53
C GLY C 593 -5.71 -18.78 21.54
N GLY C 594 -6.55 -19.10 20.57
CA GLY C 594 -7.87 -18.53 20.57
C GLY C 594 -8.72 -19.09 21.69
N VAL C 595 -9.73 -18.32 22.08
CA VAL C 595 -10.78 -18.78 22.98
C VAL C 595 -12.06 -18.79 22.19
N SER C 596 -12.67 -19.97 22.11
CA SER C 596 -13.90 -20.21 21.37
C SER C 596 -15.00 -20.60 22.34
N VAL C 597 -16.21 -20.13 22.10
CA VAL C 597 -17.35 -20.45 22.94
C VAL C 597 -18.23 -21.43 22.18
N ILE C 598 -18.45 -22.59 22.80
CA ILE C 598 -19.29 -23.66 22.29
C ILE C 598 -20.62 -23.55 22.99
N THR C 599 -21.68 -23.32 22.23
CA THR C 599 -22.99 -23.12 22.82
C THR C 599 -24.05 -23.80 21.97
N PRO C 600 -25.07 -24.39 22.58
CA PRO C 600 -26.34 -24.50 21.90
C PRO C 600 -26.92 -23.10 21.75
N GLY C 601 -28.00 -23.00 21.02
CA GLY C 601 -28.54 -21.70 20.77
C GLY C 601 -29.11 -21.08 22.03
N THR C 602 -29.16 -19.75 22.04
CA THR C 602 -29.84 -19.04 23.12
C THR C 602 -31.35 -19.24 23.08
N ASN C 603 -31.86 -20.01 22.12
CA ASN C 603 -33.25 -20.41 22.07
C ASN C 603 -33.50 -21.63 22.93
N THR C 604 -32.47 -22.42 23.19
CA THR C 604 -32.56 -23.61 24.02
C THR C 604 -31.88 -23.46 25.37
N SER C 605 -30.68 -22.90 25.43
CA SER C 605 -29.99 -22.75 26.71
C SER C 605 -29.00 -21.61 26.65
N ASN C 606 -28.73 -21.03 27.82
CA ASN C 606 -27.69 -20.04 28.00
C ASN C 606 -26.47 -20.62 28.71
N GLN C 607 -26.33 -21.93 28.67
CA GLN C 607 -25.20 -22.65 29.23
C GLN C 607 -24.20 -22.88 28.12
N VAL C 608 -22.93 -22.57 28.37
CA VAL C 608 -21.89 -22.67 27.35
C VAL C 608 -20.66 -23.37 27.91
N ALA C 609 -19.81 -23.79 26.98
CA ALA C 609 -18.52 -24.39 27.24
C ALA C 609 -17.49 -23.54 26.50
N VAL C 610 -16.29 -23.43 27.05
CA VAL C 610 -15.25 -22.61 26.46
C VAL C 610 -14.08 -23.50 26.12
N LEU C 611 -13.62 -23.41 24.89
CA LEU C 611 -12.44 -24.11 24.40
C LEU C 611 -11.30 -23.12 24.34
N TYR C 612 -10.22 -23.39 25.05
CA TYR C 612 -8.99 -22.63 24.88
C TYR C 612 -8.15 -23.46 23.94
N GLN C 613 -7.98 -22.98 22.72
CA GLN C 613 -7.42 -23.81 21.67
C GLN C 613 -5.95 -24.06 21.91
N ASP C 614 -5.53 -25.30 21.67
CA ASP C 614 -4.13 -25.65 21.52
C ASP C 614 -3.29 -25.22 22.73
N VAL C 615 -3.84 -25.40 23.93
CA VAL C 615 -3.07 -25.21 25.15
C VAL C 615 -3.42 -26.32 26.14
N ASN C 616 -2.69 -26.33 27.24
CA ASN C 616 -2.90 -27.26 28.33
C ASN C 616 -4.04 -26.80 29.20
N CYS C 617 -4.42 -27.65 30.15
CA CYS C 617 -5.45 -27.34 31.12
C CYS C 617 -4.85 -26.92 32.46
N THR C 618 -3.59 -26.50 32.44
CA THR C 618 -2.88 -25.97 33.59
C THR C 618 -2.74 -24.46 33.53
N GLU C 619 -2.40 -23.92 32.36
CA GLU C 619 -2.22 -22.47 32.23
C GLU C 619 -3.53 -21.73 32.41
N VAL C 620 -4.64 -22.32 31.97
CA VAL C 620 -5.94 -21.69 32.09
C VAL C 620 -6.28 -21.41 33.55
N ASN C 641 -14.53 -30.82 35.93
CA ASN C 641 -15.27 -30.67 34.68
C ASN C 641 -14.44 -29.92 33.66
N VAL C 642 -13.18 -30.31 33.54
CA VAL C 642 -12.27 -29.81 32.51
C VAL C 642 -11.74 -31.00 31.73
N PHE C 643 -11.89 -30.94 30.41
CA PHE C 643 -11.60 -32.04 29.51
C PHE C 643 -10.50 -31.60 28.56
N GLN C 644 -9.33 -32.24 28.64
CA GLN C 644 -8.23 -31.92 27.75
C GLN C 644 -8.40 -32.71 26.46
N THR C 645 -8.46 -32.02 25.33
CA THR C 645 -8.55 -32.61 24.01
C THR C 645 -7.40 -32.12 23.16
N ARG C 646 -7.18 -32.83 22.03
CA ARG C 646 -6.14 -32.40 21.10
C ARG C 646 -6.39 -30.99 20.59
N ALA C 647 -7.65 -30.60 20.43
CA ALA C 647 -7.94 -29.25 19.97
C ALA C 647 -7.66 -28.18 21.01
N GLY C 648 -7.49 -28.53 22.27
CA GLY C 648 -7.40 -27.53 23.32
C GLY C 648 -7.99 -28.03 24.61
N CYS C 649 -8.11 -27.12 25.56
CA CYS C 649 -8.70 -27.40 26.87
C CYS C 649 -10.15 -26.95 26.87
N LEU C 650 -11.06 -27.90 27.00
CA LEU C 650 -12.50 -27.67 26.94
C LEU C 650 -13.06 -27.63 28.35
N ILE C 651 -13.60 -26.49 28.75
CA ILE C 651 -14.10 -26.27 30.10
C ILE C 651 -15.60 -26.07 30.00
N GLY C 652 -16.36 -26.87 30.75
CA GLY C 652 -17.79 -26.77 30.78
C GLY C 652 -18.50 -27.94 30.14
N ALA C 653 -17.82 -28.72 29.31
CA ALA C 653 -18.40 -29.89 28.67
C ALA C 653 -18.02 -31.14 29.44
N GLU C 654 -18.94 -32.10 29.50
CA GLU C 654 -18.66 -33.41 30.07
C GLU C 654 -18.17 -34.36 28.98
N HIS C 655 -17.25 -35.24 29.35
CA HIS C 655 -16.74 -36.27 28.45
C HIS C 655 -17.59 -37.53 28.54
N VAL C 656 -18.16 -37.95 27.42
CA VAL C 656 -18.96 -39.17 27.34
C VAL C 656 -18.37 -40.04 26.24
N ASN C 657 -18.12 -41.31 26.55
CA ASN C 657 -17.33 -42.11 25.62
C ASN C 657 -18.17 -42.55 24.43
N ASN C 658 -19.46 -42.83 24.63
CA ASN C 658 -20.26 -43.32 23.51
C ASN C 658 -20.37 -42.23 22.46
N SER C 659 -20.02 -42.58 21.23
CA SER C 659 -19.98 -41.64 20.12
C SER C 659 -21.37 -41.37 19.57
N TYR C 660 -21.53 -40.20 18.99
CA TYR C 660 -22.76 -39.83 18.28
C TYR C 660 -22.37 -38.98 17.09
N GLU C 661 -23.36 -38.60 16.30
CA GLU C 661 -23.12 -37.80 15.12
C GLU C 661 -22.69 -36.40 15.55
N CYS C 662 -21.73 -35.84 14.83
CA CYS C 662 -21.16 -34.58 15.26
C CYS C 662 -22.20 -33.47 15.12
N ASP C 663 -22.34 -32.66 16.17
CA ASP C 663 -23.34 -31.61 16.19
C ASP C 663 -22.77 -30.21 16.19
N ILE C 664 -21.88 -29.90 17.12
CA ILE C 664 -20.98 -28.75 17.06
C ILE C 664 -19.57 -29.30 16.88
N PRO C 665 -18.91 -29.12 15.74
CA PRO C 665 -17.54 -29.63 15.66
C PRO C 665 -16.61 -28.76 16.49
N ILE C 666 -15.68 -29.43 17.16
CA ILE C 666 -14.66 -28.77 17.96
C ILE C 666 -13.30 -28.90 17.31
N GLY C 667 -12.94 -30.11 16.93
CA GLY C 667 -11.70 -30.33 16.20
C GLY C 667 -10.95 -31.56 16.69
N ALA C 668 -10.09 -32.07 15.84
CA ALA C 668 -9.31 -33.26 16.12
C ALA C 668 -10.21 -34.43 16.45
N GLY C 669 -11.35 -34.51 15.77
CA GLY C 669 -12.28 -35.58 16.01
C GLY C 669 -13.29 -35.34 17.11
N ILE C 670 -13.20 -34.24 17.84
CA ILE C 670 -14.03 -34.02 19.00
C ILE C 670 -15.16 -33.09 18.61
N CYS C 671 -16.38 -33.46 18.99
CA CYS C 671 -17.58 -32.68 18.75
C CYS C 671 -18.33 -32.52 20.07
N ALA C 672 -19.20 -31.51 20.12
CA ALA C 672 -19.95 -31.20 21.32
C ALA C 672 -21.43 -31.11 20.98
N SER C 673 -22.26 -31.35 21.99
CA SER C 673 -23.70 -31.27 21.81
C SER C 673 -24.36 -31.02 23.16
N TYR C 674 -25.63 -30.65 23.12
CA TYR C 674 -26.45 -30.44 24.30
C TYR C 674 -27.39 -31.64 24.43
N GLN C 675 -27.20 -32.46 25.47
CA GLN C 675 -28.04 -33.64 25.64
C GLN C 675 -28.42 -33.84 27.10
N THR C 676 -29.54 -34.53 27.29
CA THR C 676 -30.00 -35.02 28.59
C THR C 676 -28.91 -35.81 29.30
N SER C 689 -29.94 -33.61 34.02
CA SER C 689 -28.74 -32.93 33.58
C SER C 689 -29.07 -31.92 32.47
N GLN C 690 -29.26 -32.42 31.24
CA GLN C 690 -29.50 -31.57 30.08
C GLN C 690 -28.35 -30.58 29.91
N SER C 691 -27.17 -31.14 29.71
CA SER C 691 -25.90 -30.44 29.78
C SER C 691 -25.11 -30.60 28.48
N ILE C 692 -24.12 -29.73 28.32
CA ILE C 692 -23.18 -29.84 27.21
C ILE C 692 -22.26 -31.03 27.43
N ILE C 693 -22.12 -31.86 26.40
CA ILE C 693 -21.20 -32.99 26.42
C ILE C 693 -20.25 -32.84 25.26
N ALA C 694 -19.12 -33.53 25.34
CA ALA C 694 -18.14 -33.64 24.28
C ALA C 694 -17.82 -35.11 24.06
N TYR C 695 -17.54 -35.47 22.81
CA TYR C 695 -17.27 -36.85 22.50
C TYR C 695 -16.46 -36.92 21.22
N THR C 696 -15.84 -38.08 20.99
CA THR C 696 -15.24 -38.38 19.71
C THR C 696 -16.37 -38.72 18.73
N MET C 697 -16.42 -38.01 17.61
CA MET C 697 -17.57 -38.12 16.75
C MET C 697 -17.68 -39.50 16.14
N SER C 698 -18.92 -39.93 15.95
CA SER C 698 -19.23 -41.06 15.10
C SER C 698 -19.28 -40.60 13.66
N LEU C 699 -18.89 -41.49 12.76
CA LEU C 699 -18.87 -41.19 11.33
C LEU C 699 -20.13 -41.69 10.65
N GLY C 700 -21.06 -42.24 11.41
CA GLY C 700 -22.25 -42.86 10.88
C GLY C 700 -22.45 -44.22 11.51
N ALA C 701 -23.64 -44.74 11.31
CA ALA C 701 -23.92 -46.04 11.90
C ALA C 701 -23.08 -47.07 11.18
N GLU C 702 -22.58 -48.04 11.92
CA GLU C 702 -21.72 -49.01 11.28
C GLU C 702 -22.61 -50.01 10.57
N ASN C 703 -22.05 -50.63 9.56
CA ASN C 703 -22.83 -51.53 8.73
C ASN C 703 -21.88 -52.54 8.15
N SER C 704 -22.44 -53.59 7.61
CA SER C 704 -21.69 -54.52 6.80
C SER C 704 -22.68 -55.04 5.80
N VAL C 705 -22.23 -55.17 4.57
CA VAL C 705 -23.07 -55.64 3.50
C VAL C 705 -22.90 -57.14 3.49
N ALA C 706 -23.99 -57.88 3.49
CA ALA C 706 -23.91 -59.31 3.78
C ALA C 706 -23.39 -60.03 2.54
N TYR C 707 -22.13 -59.73 2.25
CA TYR C 707 -21.49 -60.20 1.02
C TYR C 707 -21.33 -61.70 1.04
N SER C 708 -21.55 -62.31 -0.11
CA SER C 708 -21.20 -63.70 -0.32
C SER C 708 -21.19 -63.92 -1.82
N ASN C 709 -20.49 -64.95 -2.24
CA ASN C 709 -20.17 -65.06 -3.65
C ASN C 709 -21.36 -65.47 -4.50
N ASN C 710 -22.46 -65.89 -3.90
CA ASN C 710 -23.64 -66.31 -4.65
C ASN C 710 -24.91 -65.66 -4.11
N SER C 711 -24.81 -64.44 -3.59
CA SER C 711 -25.98 -63.78 -3.04
C SER C 711 -26.00 -62.32 -3.48
N ILE C 712 -27.14 -61.92 -4.04
CA ILE C 712 -27.38 -60.58 -4.57
C ILE C 712 -28.63 -60.03 -3.91
N ALA C 713 -28.61 -58.76 -3.56
CA ALA C 713 -29.80 -58.08 -3.06
C ALA C 713 -30.39 -57.26 -4.19
N ILE C 714 -31.69 -57.39 -4.40
CA ILE C 714 -32.35 -56.69 -5.51
C ILE C 714 -33.53 -55.89 -4.98
N PRO C 715 -33.68 -54.61 -5.33
CA PRO C 715 -34.86 -53.86 -4.90
C PRO C 715 -36.12 -54.38 -5.54
N THR C 716 -37.18 -54.40 -4.74
CA THR C 716 -38.51 -54.76 -5.18
C THR C 716 -39.45 -53.58 -5.23
N ASN C 717 -39.11 -52.50 -4.53
CA ASN C 717 -39.89 -51.28 -4.52
C ASN C 717 -38.92 -50.12 -4.57
N PHE C 718 -39.47 -48.92 -4.70
CA PHE C 718 -38.67 -47.75 -5.00
C PHE C 718 -39.41 -46.55 -4.43
N THR C 719 -38.69 -45.46 -4.31
CA THR C 719 -39.29 -44.18 -4.03
C THR C 719 -38.77 -43.19 -5.05
N ILE C 720 -39.55 -42.14 -5.26
CA ILE C 720 -39.12 -40.98 -6.01
C ILE C 720 -38.86 -39.92 -4.96
N SER C 721 -37.67 -39.36 -4.96
CA SER C 721 -37.32 -38.36 -3.98
C SER C 721 -37.00 -37.08 -4.71
N VAL C 722 -37.19 -35.97 -4.03
CA VAL C 722 -36.81 -34.67 -4.55
C VAL C 722 -35.84 -34.08 -3.54
N THR C 723 -34.68 -33.67 -4.02
CA THR C 723 -33.68 -33.01 -3.22
C THR C 723 -33.54 -31.60 -3.76
N THR C 724 -33.05 -30.70 -2.93
CA THR C 724 -32.90 -29.31 -3.31
C THR C 724 -31.42 -28.98 -3.33
N GLU C 725 -30.94 -28.48 -4.46
CA GLU C 725 -29.58 -27.99 -4.59
C GLU C 725 -29.63 -26.49 -4.84
N ILE C 726 -29.04 -25.73 -3.94
CA ILE C 726 -29.11 -24.28 -3.96
C ILE C 726 -27.73 -23.77 -4.34
N LEU C 727 -27.64 -22.97 -5.40
CA LEU C 727 -26.36 -22.46 -5.87
C LEU C 727 -26.45 -20.95 -6.04
N PRO C 728 -25.43 -20.19 -5.63
CA PRO C 728 -25.39 -18.78 -6.03
C PRO C 728 -25.00 -18.65 -7.48
N VAL C 729 -25.55 -17.62 -8.13
CA VAL C 729 -25.26 -17.32 -9.52
C VAL C 729 -24.56 -15.97 -9.67
N SER C 730 -24.97 -14.96 -8.92
CA SER C 730 -24.46 -13.61 -9.11
C SER C 730 -24.31 -12.90 -7.78
N MET C 731 -23.44 -11.90 -7.79
CA MET C 731 -23.27 -10.93 -6.72
C MET C 731 -24.05 -9.66 -7.04
N THR C 732 -24.30 -8.87 -6.01
CA THR C 732 -24.78 -7.52 -6.25
C THR C 732 -23.73 -6.73 -7.01
N LYS C 733 -24.17 -6.03 -8.06
CA LYS C 733 -23.27 -5.33 -8.99
C LYS C 733 -22.82 -4.02 -8.37
N THR C 734 -21.91 -4.12 -7.41
CA THR C 734 -21.41 -2.93 -6.76
C THR C 734 -20.36 -2.26 -7.64
N SER C 735 -20.43 -0.93 -7.69
CA SER C 735 -19.52 -0.09 -8.45
C SER C 735 -19.10 1.08 -7.57
N VAL C 736 -17.80 1.29 -7.44
CA VAL C 736 -17.27 2.31 -6.53
C VAL C 736 -16.54 3.36 -7.34
N ASP C 737 -16.88 4.62 -7.10
CA ASP C 737 -16.19 5.77 -7.69
C ASP C 737 -14.99 6.07 -6.80
N CYS C 738 -13.80 5.65 -7.23
CA CYS C 738 -12.65 5.69 -6.34
C CYS C 738 -12.31 7.10 -5.90
N THR C 739 -12.57 8.10 -6.75
CA THR C 739 -12.25 9.46 -6.35
C THR C 739 -13.23 9.96 -5.31
N MET C 740 -14.53 9.73 -5.54
CA MET C 740 -15.52 10.19 -4.57
C MET C 740 -15.41 9.43 -3.27
N TYR C 741 -15.06 8.15 -3.32
CA TYR C 741 -14.85 7.41 -2.08
C TYR C 741 -13.67 7.98 -1.30
N ILE C 742 -12.55 8.22 -1.97
CA ILE C 742 -11.36 8.62 -1.24
C ILE C 742 -11.43 10.09 -0.87
N CYS C 743 -11.78 10.93 -1.83
CA CYS C 743 -11.60 12.38 -1.78
C CYS C 743 -12.91 13.09 -2.06
N GLY C 744 -13.98 12.62 -1.42
CA GLY C 744 -15.30 13.06 -1.82
C GLY C 744 -15.51 14.52 -1.51
N ASP C 745 -15.81 15.31 -2.53
CA ASP C 745 -16.03 16.76 -2.39
C ASP C 745 -14.82 17.44 -1.72
N SER C 746 -13.61 17.00 -2.09
CA SER C 746 -12.38 17.69 -1.70
C SER C 746 -11.46 17.81 -2.92
N THR C 747 -11.28 19.04 -3.41
CA THR C 747 -10.42 19.28 -4.57
C THR C 747 -8.95 19.01 -4.25
N GLU C 748 -8.49 19.41 -3.06
CA GLU C 748 -7.08 19.24 -2.73
C GLU C 748 -6.73 17.78 -2.65
N CYS C 749 -7.61 16.99 -2.04
CA CYS C 749 -7.38 15.56 -1.92
C CYS C 749 -7.36 14.91 -3.29
N SER C 750 -8.28 15.28 -4.16
CA SER C 750 -8.27 14.75 -5.52
C SER C 750 -6.96 15.08 -6.24
N ASN C 751 -6.50 16.32 -6.11
CA ASN C 751 -5.24 16.71 -6.74
C ASN C 751 -4.08 15.89 -6.20
N LEU C 752 -4.12 15.52 -4.92
CA LEU C 752 -3.07 14.65 -4.39
C LEU C 752 -3.25 13.21 -4.88
N LEU C 753 -4.49 12.78 -5.02
CA LEU C 753 -4.79 11.43 -5.49
C LEU C 753 -4.28 11.21 -6.91
N LEU C 754 -4.32 12.24 -7.75
CA LEU C 754 -3.83 12.07 -9.12
C LEU C 754 -2.34 11.78 -9.18
N GLN C 755 -1.59 12.00 -8.10
CA GLN C 755 -0.18 11.67 -8.08
C GLN C 755 0.07 10.17 -7.95
N TYR C 756 -0.95 9.36 -7.75
CA TYR C 756 -0.85 7.90 -7.73
C TYR C 756 -1.27 7.29 -9.06
N GLY C 757 -1.49 8.11 -10.08
CA GLY C 757 -1.76 7.61 -11.41
C GLY C 757 -3.03 6.79 -11.52
N SER C 758 -2.89 5.58 -12.04
CA SER C 758 -4.02 4.82 -12.55
C SER C 758 -4.71 3.94 -11.53
N PHE C 759 -4.28 3.92 -10.26
CA PHE C 759 -4.86 3.01 -9.28
C PHE C 759 -6.36 3.11 -9.21
N CYS C 760 -6.90 4.33 -9.22
CA CYS C 760 -8.34 4.50 -9.20
C CYS C 760 -8.97 3.91 -10.47
N THR C 761 -8.39 4.22 -11.63
CA THR C 761 -8.96 3.72 -12.86
C THR C 761 -8.90 2.19 -12.91
N GLN C 762 -7.78 1.61 -12.50
CA GLN C 762 -7.70 0.16 -12.46
C GLN C 762 -8.74 -0.45 -11.53
N LEU C 763 -8.97 0.18 -10.37
CA LEU C 763 -10.00 -0.34 -9.48
C LEU C 763 -11.39 -0.24 -10.09
N ASN C 764 -11.68 0.88 -10.76
CA ASN C 764 -12.98 1.03 -11.41
C ASN C 764 -13.13 0.00 -12.51
N ARG C 765 -12.05 -0.29 -13.22
CA ARG C 765 -12.11 -1.27 -14.29
C ARG C 765 -12.38 -2.66 -13.74
N ALA C 766 -11.70 -3.03 -12.64
CA ALA C 766 -11.93 -4.34 -12.07
C ALA C 766 -13.37 -4.50 -11.58
N LEU C 767 -13.91 -3.46 -10.95
CA LEU C 767 -15.29 -3.54 -10.48
C LEU C 767 -16.28 -3.57 -11.63
N THR C 768 -15.99 -2.84 -12.71
CA THR C 768 -16.83 -2.93 -13.89
C THR C 768 -16.80 -4.33 -14.49
N GLY C 769 -15.61 -4.93 -14.56
CA GLY C 769 -15.51 -6.28 -15.04
C GLY C 769 -16.34 -7.25 -14.22
N ILE C 770 -16.31 -7.08 -12.90
CA ILE C 770 -17.13 -7.94 -12.04
C ILE C 770 -18.60 -7.71 -12.32
N ALA C 771 -19.01 -6.44 -12.37
CA ALA C 771 -20.41 -6.12 -12.62
C ALA C 771 -20.91 -6.70 -13.93
N VAL C 772 -20.09 -6.66 -14.97
CA VAL C 772 -20.47 -7.29 -16.24
C VAL C 772 -20.56 -8.79 -16.07
N GLU C 773 -19.56 -9.37 -15.41
CA GLU C 773 -19.53 -10.79 -15.19
C GLU C 773 -20.79 -11.30 -14.50
N GLN C 774 -21.38 -10.50 -13.59
CA GLN C 774 -22.58 -11.00 -12.92
C GLN C 774 -23.75 -11.14 -13.87
N ASP C 775 -23.81 -10.30 -14.90
CA ASP C 775 -24.87 -10.43 -15.87
C ASP C 775 -24.58 -11.56 -16.83
N LYS C 776 -23.30 -11.77 -17.12
CA LYS C 776 -22.92 -12.97 -17.87
C LYS C 776 -23.29 -14.23 -17.10
N ASN C 777 -23.08 -14.24 -15.78
CA ASN C 777 -23.42 -15.40 -14.97
C ASN C 777 -24.91 -15.69 -15.05
N THR C 778 -25.73 -14.65 -14.87
CA THR C 778 -27.16 -14.88 -14.92
C THR C 778 -27.60 -15.31 -16.32
N GLN C 779 -27.03 -14.69 -17.35
CA GLN C 779 -27.39 -15.06 -18.72
C GLN C 779 -27.06 -16.51 -19.00
N GLU C 780 -25.87 -16.94 -18.59
CA GLU C 780 -25.46 -18.31 -18.88
C GLU C 780 -26.30 -19.31 -18.11
N VAL C 781 -26.70 -18.98 -16.88
CA VAL C 781 -27.45 -19.96 -16.13
C VAL C 781 -28.87 -20.09 -16.66
N PHE C 782 -29.53 -18.95 -16.93
CA PHE C 782 -30.96 -19.00 -17.20
C PHE C 782 -31.31 -18.91 -18.68
N ALA C 783 -30.54 -18.18 -19.46
CA ALA C 783 -30.86 -18.01 -20.89
C ALA C 783 -30.25 -19.14 -21.70
N GLN C 784 -30.71 -20.35 -21.41
CA GLN C 784 -30.35 -21.53 -22.17
C GLN C 784 -31.43 -21.94 -23.14
N VAL C 785 -32.53 -21.19 -23.20
CA VAL C 785 -33.66 -21.48 -24.06
C VAL C 785 -33.85 -20.29 -24.98
N LYS C 786 -33.98 -20.56 -26.27
CA LYS C 786 -34.15 -19.45 -27.21
C LYS C 786 -35.56 -18.89 -27.18
N GLN C 787 -36.55 -19.74 -26.96
CA GLN C 787 -37.96 -19.38 -26.97
C GLN C 787 -38.53 -19.45 -25.56
N ILE C 788 -39.60 -18.70 -25.34
CA ILE C 788 -40.32 -18.71 -24.09
C ILE C 788 -41.50 -19.65 -24.27
N TYR C 789 -41.42 -20.80 -23.62
CA TYR C 789 -42.45 -21.83 -23.68
C TYR C 789 -43.46 -21.62 -22.59
N LYS C 790 -44.69 -22.05 -22.84
CA LYS C 790 -45.75 -21.98 -21.85
C LYS C 790 -46.50 -23.29 -21.83
N THR C 791 -47.01 -23.62 -20.66
CA THR C 791 -47.79 -24.82 -20.50
C THR C 791 -49.23 -24.56 -20.91
N PRO C 792 -49.95 -25.57 -21.40
CA PRO C 792 -51.32 -25.33 -21.85
C PRO C 792 -52.23 -24.97 -20.68
N PRO C 793 -53.48 -24.62 -20.93
CA PRO C 793 -54.43 -24.50 -19.81
C PRO C 793 -54.73 -25.82 -19.15
N ILE C 794 -54.80 -26.90 -19.93
CA ILE C 794 -55.08 -28.23 -19.42
C ILE C 794 -53.83 -28.75 -18.72
N LYS C 795 -53.95 -29.03 -17.43
CA LYS C 795 -52.83 -29.40 -16.59
C LYS C 795 -52.80 -30.91 -16.32
N ASP C 796 -53.53 -31.68 -17.10
CA ASP C 796 -53.61 -33.13 -16.92
C ASP C 796 -52.32 -33.74 -17.43
N PHE C 797 -51.38 -33.96 -16.52
CA PHE C 797 -50.08 -34.55 -16.81
C PHE C 797 -50.01 -35.98 -16.30
N GLY C 798 -51.15 -36.65 -16.20
CA GLY C 798 -51.21 -38.01 -15.73
C GLY C 798 -51.15 -38.17 -14.24
N GLY C 799 -51.38 -37.10 -13.49
CA GLY C 799 -51.35 -37.11 -12.04
C GLY C 799 -50.18 -36.36 -11.46
N PHE C 800 -49.19 -36.02 -12.26
CA PHE C 800 -48.07 -35.24 -11.78
C PHE C 800 -48.54 -33.81 -11.55
N ASN C 801 -48.38 -33.32 -10.34
CA ASN C 801 -48.78 -31.97 -9.96
C ASN C 801 -47.56 -31.06 -10.02
N PHE C 802 -47.56 -30.15 -10.99
CA PHE C 802 -46.52 -29.12 -11.08
C PHE C 802 -47.02 -27.76 -10.68
N SER C 803 -48.28 -27.65 -10.23
CA SER C 803 -48.87 -26.36 -9.87
C SER C 803 -48.05 -25.61 -8.84
N GLN C 804 -47.22 -26.31 -8.09
CA GLN C 804 -46.45 -25.77 -7.01
C GLN C 804 -45.06 -25.32 -7.46
N ILE C 805 -44.67 -25.67 -8.68
CA ILE C 805 -43.45 -25.14 -9.29
C ILE C 805 -43.73 -24.32 -10.54
N LEU C 806 -44.91 -24.43 -11.13
CA LEU C 806 -45.28 -23.61 -12.26
C LEU C 806 -45.75 -22.23 -11.80
N PRO C 807 -45.58 -21.19 -12.62
CA PRO C 807 -45.96 -19.84 -12.18
C PRO C 807 -47.41 -19.75 -11.73
N ASP C 808 -47.63 -18.97 -10.67
CA ASP C 808 -48.97 -18.77 -10.13
C ASP C 808 -49.57 -17.55 -10.81
N PRO C 809 -50.56 -17.70 -11.70
CA PRO C 809 -51.05 -16.52 -12.43
C PRO C 809 -51.78 -15.51 -11.57
N SER C 810 -52.20 -15.88 -10.35
CA SER C 810 -52.97 -14.97 -9.53
C SER C 810 -52.10 -13.96 -8.81
N LYS C 811 -50.83 -14.27 -8.56
CA LYS C 811 -50.02 -13.42 -7.72
C LYS C 811 -49.56 -12.19 -8.50
N PRO C 812 -48.96 -11.21 -7.83
CA PRO C 812 -48.56 -9.98 -8.56
C PRO C 812 -47.40 -10.15 -9.51
N SER C 813 -46.56 -11.19 -9.35
CA SER C 813 -45.35 -11.28 -10.16
C SER C 813 -45.12 -12.69 -10.70
N LYS C 814 -46.20 -13.39 -11.03
CA LYS C 814 -46.20 -14.64 -11.80
C LYS C 814 -45.07 -15.58 -11.39
N ARG C 815 -45.04 -15.91 -10.10
CA ARG C 815 -44.02 -16.79 -9.54
C ARG C 815 -44.69 -17.99 -8.93
N SER C 816 -43.96 -19.09 -8.87
CA SER C 816 -44.48 -20.31 -8.31
C SER C 816 -44.46 -20.22 -6.79
N PRO C 817 -45.30 -21.01 -6.10
CA PRO C 817 -45.26 -20.99 -4.63
C PRO C 817 -43.89 -21.25 -4.02
N ILE C 818 -43.10 -22.16 -4.59
CA ILE C 818 -41.78 -22.43 -4.04
C ILE C 818 -40.87 -21.24 -4.30
N GLU C 819 -40.98 -20.65 -5.49
CA GLU C 819 -40.25 -19.42 -5.75
C GLU C 819 -40.63 -18.35 -4.76
N ASP C 820 -41.92 -18.26 -4.41
CA ASP C 820 -42.33 -17.26 -3.42
C ASP C 820 -41.69 -17.53 -2.07
N LEU C 821 -41.57 -18.79 -1.66
CA LEU C 821 -40.89 -19.07 -0.39
C LEU C 821 -39.42 -18.69 -0.48
N LEU C 822 -38.77 -19.07 -1.58
CA LEU C 822 -37.36 -18.74 -1.77
C LEU C 822 -37.12 -17.25 -1.70
N PHE C 823 -38.00 -16.46 -2.30
CA PHE C 823 -37.83 -15.01 -2.27
C PHE C 823 -38.13 -14.42 -0.90
N ASN C 824 -39.12 -14.96 -0.20
CA ASN C 824 -39.43 -14.44 1.12
C ASN C 824 -38.52 -14.98 2.22
N LYS C 825 -37.56 -15.85 1.90
CA LYS C 825 -36.67 -16.45 2.89
C LYS C 825 -35.29 -15.84 2.92
N VAL C 826 -34.96 -14.92 2.01
CA VAL C 826 -33.62 -14.36 1.88
C VAL C 826 -33.70 -12.86 2.17
N THR C 827 -32.80 -12.39 3.03
CA THR C 827 -32.72 -10.98 3.39
C THR C 827 -31.77 -10.25 2.46
N LYS C 854 -26.94 6.67 -0.86
CA LYS C 854 -26.68 6.78 0.57
C LYS C 854 -25.18 6.83 0.81
N PHE C 855 -24.54 5.77 0.35
CA PHE C 855 -23.10 5.61 0.46
C PHE C 855 -22.37 6.71 -0.32
N ASN C 856 -21.07 6.74 -0.07
CA ASN C 856 -19.95 7.66 -0.27
C ASN C 856 -19.48 7.79 -1.71
N GLY C 857 -20.13 7.22 -2.73
CA GLY C 857 -19.49 6.82 -3.97
C GLY C 857 -19.48 5.33 -4.17
N LEU C 858 -20.00 4.58 -3.21
CA LEU C 858 -20.35 3.17 -3.39
C LEU C 858 -21.78 3.12 -3.89
N THR C 859 -21.98 2.66 -5.12
CA THR C 859 -23.32 2.59 -5.68
C THR C 859 -23.53 1.19 -6.22
N VAL C 860 -24.78 0.85 -6.47
CA VAL C 860 -25.18 -0.49 -6.84
C VAL C 860 -25.93 -0.39 -8.15
N LEU C 861 -25.54 -1.17 -9.07
CA LEU C 861 -26.18 -1.19 -10.37
C LEU C 861 -27.30 -2.23 -10.35
N PRO C 862 -28.41 -2.03 -11.05
CA PRO C 862 -29.41 -3.07 -11.10
C PRO C 862 -28.95 -4.19 -12.01
N PRO C 863 -29.42 -5.41 -11.84
CA PRO C 863 -29.05 -6.45 -12.78
C PRO C 863 -29.76 -6.24 -14.09
N LEU C 864 -29.17 -6.76 -15.16
CA LEU C 864 -29.75 -6.59 -16.48
C LEU C 864 -31.06 -7.34 -16.59
N LEU C 865 -31.12 -8.55 -16.08
CA LEU C 865 -32.33 -9.37 -16.12
C LEU C 865 -33.03 -9.24 -14.78
N THR C 866 -34.21 -8.63 -14.76
CA THR C 866 -34.86 -8.43 -13.48
C THR C 866 -35.52 -9.71 -13.03
N ASP C 867 -35.95 -9.70 -11.76
CA ASP C 867 -36.48 -10.91 -11.13
C ASP C 867 -37.67 -11.47 -11.91
N GLU C 868 -38.51 -10.59 -12.45
CA GLU C 868 -39.65 -11.06 -13.21
C GLU C 868 -39.22 -11.79 -14.47
N MET C 869 -38.25 -11.26 -15.18
CA MET C 869 -37.74 -11.90 -16.38
C MET C 869 -37.05 -13.20 -16.07
N ILE C 870 -36.34 -13.26 -14.94
CA ILE C 870 -35.70 -14.51 -14.57
C ILE C 870 -36.75 -15.54 -14.25
N ALA C 871 -37.82 -15.14 -13.55
CA ALA C 871 -38.95 -16.04 -13.36
C ALA C 871 -39.53 -16.50 -14.68
N GLN C 872 -39.57 -15.62 -15.69
CA GLN C 872 -40.05 -16.06 -17.01
C GLN C 872 -39.10 -17.06 -17.65
N TYR C 873 -37.81 -16.89 -17.47
CA TYR C 873 -36.87 -17.84 -18.05
C TYR C 873 -36.99 -19.20 -17.39
N THR C 874 -37.16 -19.22 -16.07
CA THR C 874 -37.35 -20.51 -15.42
C THR C 874 -38.72 -21.08 -15.74
N SER C 875 -39.71 -20.24 -15.99
CA SER C 875 -41.00 -20.72 -16.46
C SER C 875 -40.88 -21.36 -17.83
N ALA C 876 -40.10 -20.75 -18.72
CA ALA C 876 -39.88 -21.34 -20.03
C ALA C 876 -39.15 -22.66 -19.92
N LEU C 877 -38.18 -22.73 -19.02
CA LEU C 877 -37.46 -23.98 -18.84
C LEU C 877 -38.36 -25.05 -18.27
N LEU C 878 -39.25 -24.70 -17.35
CA LEU C 878 -40.16 -25.68 -16.79
C LEU C 878 -41.18 -26.13 -17.81
N ALA C 879 -41.77 -25.21 -18.56
CA ALA C 879 -42.74 -25.60 -19.57
C ALA C 879 -42.10 -26.45 -20.67
N GLY C 880 -40.86 -26.13 -21.04
CA GLY C 880 -40.14 -26.97 -21.97
C GLY C 880 -39.91 -28.36 -21.42
N THR C 881 -39.39 -28.44 -20.20
CA THR C 881 -39.12 -29.72 -19.55
C THR C 881 -40.39 -30.54 -19.45
N ILE C 882 -41.49 -29.90 -19.09
CA ILE C 882 -42.71 -30.63 -18.81
C ILE C 882 -43.34 -31.14 -20.11
N THR C 883 -43.40 -30.30 -21.14
CA THR C 883 -44.16 -30.67 -22.31
C THR C 883 -43.32 -31.30 -23.42
N SER C 884 -41.99 -31.16 -23.39
CA SER C 884 -41.13 -31.70 -24.44
C SER C 884 -39.92 -32.47 -23.94
N GLY C 885 -39.84 -32.78 -22.67
CA GLY C 885 -38.71 -33.52 -22.14
C GLY C 885 -37.39 -32.80 -22.31
N TRP C 886 -36.42 -33.51 -22.87
CA TRP C 886 -35.09 -32.96 -23.10
C TRP C 886 -34.92 -32.44 -24.50
N THR C 887 -35.97 -32.45 -25.30
CA THR C 887 -35.84 -32.17 -26.71
C THR C 887 -35.78 -30.68 -26.99
N PHE C 888 -36.29 -29.85 -26.10
CA PHE C 888 -36.19 -28.41 -26.29
C PHE C 888 -34.76 -27.93 -26.15
N GLY C 889 -33.89 -28.71 -25.54
CA GLY C 889 -32.49 -28.38 -25.42
C GLY C 889 -31.73 -28.62 -26.70
N ALA C 890 -31.83 -29.85 -27.22
CA ALA C 890 -31.11 -30.23 -28.43
C ALA C 890 -31.51 -29.43 -29.65
N GLY C 891 -32.76 -29.04 -29.77
CA GLY C 891 -33.29 -28.69 -31.06
C GLY C 891 -34.68 -28.12 -30.91
N PRO C 892 -35.62 -28.46 -31.79
CA PRO C 892 -36.96 -27.91 -31.62
C PRO C 892 -37.74 -28.73 -30.61
N ALA C 893 -38.62 -28.04 -29.91
CA ALA C 893 -39.29 -28.61 -28.75
C ALA C 893 -40.41 -29.51 -29.24
N LEU C 894 -40.24 -30.80 -29.02
CA LEU C 894 -41.12 -31.83 -29.55
C LEU C 894 -42.02 -32.30 -28.43
N GLN C 895 -43.31 -32.07 -28.55
CA GLN C 895 -44.23 -32.43 -27.49
C GLN C 895 -44.19 -33.93 -27.25
N ILE C 896 -44.25 -34.32 -25.98
CA ILE C 896 -44.46 -35.71 -25.62
C ILE C 896 -45.27 -35.74 -24.33
N PRO C 897 -46.23 -36.66 -24.16
CA PRO C 897 -46.94 -36.78 -22.89
C PRO C 897 -45.99 -36.97 -21.72
N PHE C 898 -46.28 -36.31 -20.61
CA PHE C 898 -45.39 -36.42 -19.46
C PHE C 898 -45.25 -37.85 -18.93
N PRO C 899 -46.31 -38.66 -18.82
CA PRO C 899 -46.05 -40.06 -18.45
C PRO C 899 -45.15 -40.76 -19.43
N MET C 900 -45.21 -40.45 -20.72
CA MET C 900 -44.28 -41.09 -21.64
C MET C 900 -42.88 -40.51 -21.47
N GLN C 901 -42.76 -39.22 -21.17
CA GLN C 901 -41.46 -38.69 -20.85
C GLN C 901 -40.85 -39.39 -19.66
N MET C 902 -41.63 -39.64 -18.62
CA MET C 902 -41.10 -40.36 -17.48
C MET C 902 -40.74 -41.78 -17.85
N ALA C 903 -41.50 -42.40 -18.74
CA ALA C 903 -41.10 -43.72 -19.21
C ALA C 903 -39.73 -43.68 -19.84
N TYR C 904 -39.41 -42.59 -20.54
CA TYR C 904 -38.07 -42.47 -21.09
C TYR C 904 -37.06 -42.25 -19.99
N ARG C 905 -37.42 -41.42 -19.02
CA ARG C 905 -36.56 -41.11 -17.89
C ARG C 905 -36.23 -42.35 -17.06
N PHE C 906 -37.17 -43.28 -16.94
CA PHE C 906 -36.90 -44.56 -16.29
C PHE C 906 -36.03 -45.42 -17.18
N ASN C 907 -36.32 -45.46 -18.48
CA ASN C 907 -35.52 -46.27 -19.37
C ASN C 907 -34.07 -45.80 -19.35
N GLY C 908 -33.85 -44.51 -19.17
CA GLY C 908 -32.55 -43.92 -19.00
C GLY C 908 -31.77 -44.33 -17.77
N ILE C 909 -32.41 -44.93 -16.75
CA ILE C 909 -31.70 -45.39 -15.56
C ILE C 909 -31.74 -46.91 -15.41
N GLY C 910 -32.10 -47.63 -16.46
CA GLY C 910 -32.05 -49.08 -16.41
C GLY C 910 -33.29 -49.74 -15.86
N VAL C 911 -34.43 -49.04 -15.84
CA VAL C 911 -35.69 -49.59 -15.39
C VAL C 911 -36.61 -49.62 -16.59
N THR C 912 -37.09 -50.80 -16.95
CA THR C 912 -37.93 -50.96 -18.12
C THR C 912 -39.16 -50.07 -18.00
N GLN C 913 -39.61 -49.55 -19.15
CA GLN C 913 -40.68 -48.57 -19.20
C GLN C 913 -41.91 -49.00 -18.43
N ASN C 914 -42.21 -50.29 -18.43
CA ASN C 914 -43.48 -50.75 -17.90
C ASN C 914 -43.59 -50.50 -16.41
N VAL C 915 -42.45 -50.33 -15.73
CA VAL C 915 -42.47 -50.05 -14.31
C VAL C 915 -43.22 -48.76 -14.04
N LEU C 916 -42.98 -47.72 -14.85
CA LEU C 916 -43.76 -46.51 -14.68
C LEU C 916 -45.24 -46.77 -14.92
N TYR C 917 -45.59 -47.43 -16.02
CA TYR C 917 -46.99 -47.48 -16.39
C TYR C 917 -47.78 -48.33 -15.41
N GLU C 918 -47.20 -49.45 -15.01
CA GLU C 918 -47.85 -50.30 -14.03
C GLU C 918 -47.97 -49.60 -12.68
N ASN C 919 -47.01 -48.74 -12.34
CA ASN C 919 -47.00 -48.02 -11.07
C ASN C 919 -47.27 -46.53 -11.25
N GLN C 920 -47.93 -46.13 -12.35
CA GLN C 920 -48.05 -44.71 -12.67
C GLN C 920 -48.70 -43.90 -11.57
N LYS C 921 -49.80 -44.40 -11.00
CA LYS C 921 -50.50 -43.62 -9.98
C LYS C 921 -49.67 -43.47 -8.72
N LEU C 922 -48.98 -44.55 -8.33
CA LEU C 922 -48.12 -44.51 -7.17
C LEU C 922 -46.98 -43.52 -7.37
N ILE C 923 -46.36 -43.55 -8.55
CA ILE C 923 -45.24 -42.67 -8.83
C ILE C 923 -45.71 -41.24 -8.84
N ALA C 924 -46.88 -40.97 -9.44
CA ALA C 924 -47.39 -39.60 -9.47
C ALA C 924 -47.66 -39.10 -8.07
N ASN C 925 -48.20 -39.96 -7.20
CA ASN C 925 -48.46 -39.53 -5.83
C ASN C 925 -47.16 -39.30 -5.08
N GLN C 926 -46.16 -40.15 -5.29
CA GLN C 926 -44.89 -39.95 -4.62
C GLN C 926 -44.23 -38.67 -5.09
N PHE C 927 -44.32 -38.36 -6.38
CA PHE C 927 -43.79 -37.10 -6.89
C PHE C 927 -44.49 -35.92 -6.24
N ASN C 928 -45.83 -35.92 -6.22
CA ASN C 928 -46.56 -34.79 -5.66
C ASN C 928 -46.27 -34.62 -4.19
N SER C 929 -46.16 -35.74 -3.47
CA SER C 929 -45.86 -35.68 -2.05
C SER C 929 -44.46 -35.13 -1.83
N ALA C 930 -43.49 -35.61 -2.60
CA ALA C 930 -42.12 -35.09 -2.47
C ALA C 930 -42.06 -33.59 -2.73
N ILE C 931 -42.82 -33.09 -3.70
CA ILE C 931 -42.80 -31.64 -3.92
C ILE C 931 -43.42 -30.91 -2.73
N GLY C 932 -44.53 -31.41 -2.19
CA GLY C 932 -45.07 -30.81 -0.98
C GLY C 932 -44.07 -30.82 0.17
N LYS C 933 -43.30 -31.89 0.27
CA LYS C 933 -42.27 -31.96 1.30
C LYS C 933 -41.20 -30.92 1.07
N ILE C 934 -40.88 -30.63 -0.19
CA ILE C 934 -39.91 -29.59 -0.47
C ILE C 934 -40.42 -28.26 0.04
N GLN C 935 -41.71 -28.00 -0.17
CA GLN C 935 -42.27 -26.74 0.29
C GLN C 935 -42.20 -26.64 1.83
N ASP C 936 -42.53 -27.74 2.52
CA ASP C 936 -42.47 -27.76 3.97
C ASP C 936 -41.03 -27.66 4.47
N SER C 937 -40.11 -28.35 3.82
CA SER C 937 -38.71 -28.36 4.21
C SER C 937 -38.11 -26.98 4.05
N LEU C 938 -38.33 -26.36 2.90
CA LEU C 938 -37.76 -25.05 2.65
C LEU C 938 -38.37 -24.02 3.57
N SER C 939 -39.68 -24.12 3.84
CA SER C 939 -40.31 -23.12 4.68
C SER C 939 -39.87 -23.28 6.14
N SER C 940 -39.94 -24.51 6.67
CA SER C 940 -39.78 -24.71 8.10
C SER C 940 -38.42 -24.25 8.62
N THR C 941 -37.34 -24.86 8.12
CA THR C 941 -36.01 -24.41 8.55
C THR C 941 -35.66 -23.12 7.81
N PRO C 942 -35.43 -22.00 8.51
CA PRO C 942 -34.97 -20.80 7.77
C PRO C 942 -33.60 -20.94 7.14
N SER C 943 -32.75 -21.84 7.64
CA SER C 943 -31.38 -21.96 7.13
C SER C 943 -31.28 -22.65 5.78
N ALA C 944 -32.39 -23.06 5.18
CA ALA C 944 -32.35 -23.87 3.97
C ALA C 944 -31.58 -23.18 2.85
N LEU C 945 -31.65 -21.85 2.78
CA LEU C 945 -31.03 -21.07 1.73
C LEU C 945 -29.77 -20.37 2.20
N GLY C 946 -29.10 -20.93 3.20
CA GLY C 946 -27.89 -20.30 3.72
C GLY C 946 -26.86 -20.06 2.64
N LYS C 947 -26.79 -20.94 1.65
CA LYS C 947 -25.78 -20.83 0.60
C LYS C 947 -25.94 -19.54 -0.20
N LEU C 948 -27.17 -19.05 -0.36
CA LEU C 948 -27.34 -17.75 -0.97
C LEU C 948 -27.29 -16.63 0.04
N GLN C 949 -27.77 -16.88 1.26
CA GLN C 949 -27.81 -15.80 2.23
C GLN C 949 -26.41 -15.38 2.62
N ASP C 950 -25.50 -16.35 2.67
CA ASP C 950 -24.12 -16.06 3.00
C ASP C 950 -23.53 -15.11 1.98
N VAL C 951 -23.91 -15.27 0.72
CA VAL C 951 -23.32 -14.44 -0.30
C VAL C 951 -23.76 -13.01 -0.08
N VAL C 952 -25.04 -12.82 0.21
CA VAL C 952 -25.55 -11.47 0.48
C VAL C 952 -24.82 -10.91 1.67
N ASN C 953 -24.65 -11.74 2.70
CA ASN C 953 -24.06 -11.25 3.93
C ASN C 953 -22.62 -10.87 3.68
N GLN C 954 -21.92 -11.69 2.89
CA GLN C 954 -20.52 -11.40 2.69
C GLN C 954 -20.37 -10.11 1.92
N ASN C 955 -21.20 -9.92 0.88
CA ASN C 955 -21.11 -8.68 0.15
C ASN C 955 -21.47 -7.51 1.04
N ALA C 956 -22.47 -7.69 1.90
CA ALA C 956 -22.83 -6.60 2.79
C ALA C 956 -21.69 -6.32 3.75
N GLN C 957 -21.08 -7.37 4.29
CA GLN C 957 -19.95 -7.16 5.18
C GLN C 957 -18.83 -6.50 4.43
N ALA C 958 -18.61 -6.95 3.18
CA ALA C 958 -17.56 -6.37 2.37
C ALA C 958 -17.76 -4.87 2.22
N LEU C 959 -19.00 -4.43 2.02
CA LEU C 959 -19.20 -3.00 1.90
C LEU C 959 -19.23 -2.33 3.25
N ASN C 960 -19.75 -3.01 4.27
CA ASN C 960 -19.91 -2.35 5.57
C ASN C 960 -18.56 -2.01 6.14
N THR C 961 -17.60 -2.91 5.93
CA THR C 961 -16.24 -2.70 6.39
C THR C 961 -15.64 -1.54 5.63
N LEU C 962 -15.85 -1.54 4.32
CA LEU C 962 -15.31 -0.48 3.50
C LEU C 962 -15.85 0.86 3.96
N VAL C 963 -17.15 0.92 4.24
CA VAL C 963 -17.69 2.20 4.67
C VAL C 963 -17.09 2.58 6.02
N LYS C 964 -17.01 1.62 6.95
CA LYS C 964 -16.39 1.92 8.22
C LYS C 964 -14.94 2.37 8.05
N GLN C 965 -14.25 1.88 7.03
CA GLN C 965 -12.87 2.29 6.85
C GLN C 965 -12.73 3.79 6.61
N LEU C 966 -13.78 4.48 6.19
CA LEU C 966 -13.66 5.92 6.05
C LEU C 966 -13.43 6.62 7.38
N SER C 967 -13.86 6.01 8.48
CA SER C 967 -13.72 6.62 9.80
C SER C 967 -12.34 6.39 10.42
N SER C 968 -11.50 5.57 9.80
CA SER C 968 -10.19 5.28 10.35
C SER C 968 -9.22 6.41 10.05
N ASN C 969 -8.27 6.62 10.95
CA ASN C 969 -7.29 7.68 10.79
C ASN C 969 -6.12 7.25 9.92
N PHE C 970 -5.72 5.99 10.02
CA PHE C 970 -4.52 5.47 9.36
C PHE C 970 -3.28 6.27 9.72
N GLY C 971 -3.26 6.84 10.92
CA GLY C 971 -2.16 7.65 11.39
C GLY C 971 -2.39 9.14 11.25
N ALA C 972 -3.44 9.54 10.54
CA ALA C 972 -3.75 10.93 10.29
C ALA C 972 -4.34 11.56 11.55
N ILE C 973 -4.30 12.89 11.60
CA ILE C 973 -4.77 13.57 12.80
C ILE C 973 -6.29 13.47 12.94
N SER C 974 -7.02 13.35 11.84
CA SER C 974 -8.45 13.14 11.92
C SER C 974 -8.91 12.36 10.70
N SER C 975 -9.88 11.47 10.91
CA SER C 975 -10.45 10.69 9.82
C SER C 975 -11.35 11.50 8.89
N VAL C 976 -11.76 12.70 9.26
CA VAL C 976 -12.65 13.53 8.46
C VAL C 976 -11.80 14.55 7.70
N LEU C 977 -11.88 14.48 6.38
CA LEU C 977 -10.99 15.25 5.51
C LEU C 977 -11.20 16.75 5.69
N ASN C 978 -12.45 17.18 5.88
CA ASN C 978 -12.76 18.60 5.88
C ASN C 978 -12.18 19.30 7.11
N ASP C 979 -12.03 18.59 8.23
CA ASP C 979 -11.39 19.18 9.39
C ASP C 979 -9.89 19.28 9.21
N ILE C 980 -9.30 18.38 8.43
CA ILE C 980 -7.87 18.46 8.17
C ILE C 980 -7.60 19.66 7.29
N LEU C 981 -8.37 19.82 6.21
CA LEU C 981 -8.17 21.00 5.39
C LEU C 981 -8.52 22.29 6.15
N SER C 982 -9.50 22.25 7.05
CA SER C 982 -9.86 23.47 7.78
C SER C 982 -8.93 23.81 8.93
N ARG C 983 -8.04 22.90 9.34
CA ARG C 983 -7.22 23.12 10.53
C ARG C 983 -5.76 23.38 10.21
N LEU C 984 -5.21 22.73 9.19
CA LEU C 984 -3.78 22.74 8.90
C LEU C 984 -3.50 23.43 7.57
N ASP C 985 -2.37 24.13 7.54
CA ASP C 985 -1.87 24.78 6.33
C ASP C 985 -1.32 23.75 5.35
N PRO C 986 -1.25 24.08 4.06
CA PRO C 986 -0.93 23.09 3.00
C PRO C 986 0.28 22.21 3.25
N PRO C 987 1.47 22.73 3.62
CA PRO C 987 2.66 21.85 3.65
C PRO C 987 2.54 20.65 4.59
N GLU C 988 1.64 20.69 5.58
CA GLU C 988 1.42 19.61 6.54
C GLU C 988 0.06 18.96 6.38
N ALA C 989 -0.95 19.73 5.99
CA ALA C 989 -2.24 19.13 5.67
C ALA C 989 -2.09 18.19 4.50
N GLU C 990 -1.25 18.53 3.51
CA GLU C 990 -1.01 17.61 2.41
C GLU C 990 -0.36 16.32 2.90
N VAL C 991 0.47 16.38 3.93
CA VAL C 991 1.07 15.16 4.45
C VAL C 991 0.02 14.29 5.12
N GLN C 992 -0.84 14.90 5.93
CA GLN C 992 -1.90 14.11 6.57
C GLN C 992 -2.85 13.56 5.52
N ILE C 993 -3.10 14.32 4.47
CA ILE C 993 -4.03 13.88 3.45
C ILE C 993 -3.42 12.72 2.67
N ASP C 994 -2.15 12.81 2.31
CA ASP C 994 -1.46 11.66 1.71
C ASP C 994 -1.56 10.44 2.61
N ARG C 995 -1.49 10.63 3.93
CA ARG C 995 -1.63 9.49 4.84
C ARG C 995 -3.01 8.86 4.70
N LEU C 996 -4.02 9.71 4.57
CA LEU C 996 -5.39 9.21 4.39
C LEU C 996 -5.55 8.58 3.02
N ILE C 997 -4.89 9.15 2.01
CA ILE C 997 -5.00 8.62 0.66
C ILE C 997 -4.42 7.23 0.61
N THR C 998 -3.24 7.03 1.21
CA THR C 998 -2.67 5.70 1.24
C THR C 998 -3.59 4.73 1.97
N GLY C 999 -4.11 5.14 3.12
CA GLY C 999 -4.93 4.23 3.88
C GLY C 999 -6.22 3.85 3.17
N ARG C 1000 -6.89 4.84 2.58
CA ARG C 1000 -8.16 4.56 1.92
C ARG C 1000 -7.96 3.86 0.59
N LEU C 1001 -6.88 4.15 -0.13
CA LEU C 1001 -6.62 3.45 -1.37
C LEU C 1001 -6.27 2.00 -1.11
N GLN C 1002 -5.46 1.75 -0.08
CA GLN C 1002 -5.15 0.37 0.29
C GLN C 1002 -6.43 -0.35 0.73
N SER C 1003 -7.32 0.37 1.42
CA SER C 1003 -8.60 -0.23 1.79
C SER C 1003 -9.43 -0.59 0.56
N LEU C 1004 -9.49 0.28 -0.43
CA LEU C 1004 -10.17 -0.07 -1.68
C LEU C 1004 -9.49 -1.24 -2.37
N GLN C 1005 -8.17 -1.26 -2.38
CA GLN C 1005 -7.48 -2.37 -3.02
C GLN C 1005 -7.84 -3.67 -2.34
N THR C 1006 -7.94 -3.65 -1.01
CA THR C 1006 -8.36 -4.84 -0.28
C THR C 1006 -9.77 -5.23 -0.67
N TYR C 1007 -10.68 -4.27 -0.71
CA TYR C 1007 -12.07 -4.57 -1.09
C TYR C 1007 -12.14 -5.16 -2.49
N VAL C 1008 -11.48 -4.53 -3.45
CA VAL C 1008 -11.54 -5.00 -4.84
C VAL C 1008 -10.90 -6.37 -4.98
N THR C 1009 -9.74 -6.60 -4.35
CA THR C 1009 -9.14 -7.92 -4.41
C THR C 1009 -10.08 -8.98 -3.83
N GLN C 1010 -10.72 -8.68 -2.71
CA GLN C 1010 -11.65 -9.63 -2.12
C GLN C 1010 -12.83 -9.85 -3.05
N GLN C 1011 -13.28 -8.81 -3.72
CA GLN C 1011 -14.40 -8.92 -4.65
C GLN C 1011 -14.00 -9.74 -5.87
N LEU C 1012 -12.77 -9.60 -6.34
CA LEU C 1012 -12.33 -10.38 -7.48
C LEU C 1012 -12.25 -11.86 -7.12
N ILE C 1013 -11.77 -12.16 -5.93
CA ILE C 1013 -11.70 -13.56 -5.52
C ILE C 1013 -13.10 -14.11 -5.30
N ARG C 1014 -13.96 -13.36 -4.62
CA ARG C 1014 -15.32 -13.80 -4.40
C ARG C 1014 -16.08 -13.94 -5.72
N ALA C 1015 -15.86 -13.02 -6.65
CA ALA C 1015 -16.45 -13.15 -7.98
C ALA C 1015 -15.97 -14.40 -8.68
N ALA C 1016 -14.71 -14.78 -8.48
CA ALA C 1016 -14.25 -16.04 -9.04
C ALA C 1016 -15.00 -17.22 -8.43
N GLU C 1017 -15.28 -17.16 -7.12
CA GLU C 1017 -16.07 -18.22 -6.51
C GLU C 1017 -17.47 -18.28 -7.10
N ILE C 1018 -18.09 -17.11 -7.25
CA ILE C 1018 -19.44 -17.05 -7.77
C ILE C 1018 -19.48 -17.47 -9.22
N ARG C 1019 -18.47 -17.09 -10.00
CA ARG C 1019 -18.33 -17.57 -11.37
C ARG C 1019 -18.27 -19.08 -11.42
N ALA C 1020 -17.48 -19.70 -10.53
CA ALA C 1020 -17.45 -21.16 -10.50
C ALA C 1020 -18.83 -21.73 -10.17
N SER C 1021 -19.55 -21.10 -9.24
CA SER C 1021 -20.90 -21.55 -8.92
C SER C 1021 -21.83 -21.36 -10.11
N ALA C 1022 -21.74 -20.23 -10.79
CA ALA C 1022 -22.55 -19.97 -11.97
C ALA C 1022 -22.26 -20.95 -13.09
N ASN C 1023 -20.99 -21.30 -13.27
CA ASN C 1023 -20.63 -22.30 -14.27
C ASN C 1023 -21.17 -23.66 -13.89
N LEU C 1024 -21.16 -23.98 -12.61
CA LEU C 1024 -21.76 -25.23 -12.15
C LEU C 1024 -23.26 -25.20 -12.34
N ALA C 1025 -23.90 -24.07 -12.04
CA ALA C 1025 -25.33 -23.94 -12.22
C ALA C 1025 -25.71 -24.05 -13.69
N ALA C 1026 -24.93 -23.46 -14.58
CA ALA C 1026 -25.19 -23.58 -16.00
C ALA C 1026 -24.99 -25.02 -16.47
N THR C 1027 -23.96 -25.69 -15.96
CA THR C 1027 -23.78 -27.11 -16.27
C THR C 1027 -24.95 -27.94 -15.76
N LYS C 1028 -25.38 -27.69 -14.53
CA LYS C 1028 -26.53 -28.40 -13.97
C LYS C 1028 -27.80 -28.12 -14.75
N MET C 1029 -28.00 -26.88 -15.16
CA MET C 1029 -29.16 -26.58 -16.00
C MET C 1029 -29.07 -27.32 -17.32
N SER C 1030 -27.89 -27.34 -17.94
CA SER C 1030 -27.74 -28.04 -19.19
C SER C 1030 -28.01 -29.53 -19.04
N GLU C 1031 -27.46 -30.14 -18.00
CA GLU C 1031 -27.36 -31.59 -17.93
C GLU C 1031 -28.43 -32.25 -17.09
N CYS C 1032 -28.99 -31.54 -16.11
CA CYS C 1032 -30.03 -32.07 -15.24
C CYS C 1032 -31.41 -31.59 -15.69
N VAL C 1033 -31.53 -30.37 -16.18
CA VAL C 1033 -32.82 -29.81 -16.56
C VAL C 1033 -33.09 -30.02 -18.04
N LEU C 1034 -32.11 -29.76 -18.88
CA LEU C 1034 -32.25 -29.96 -20.31
C LEU C 1034 -31.95 -31.41 -20.73
N GLY C 1035 -31.70 -32.30 -19.79
CA GLY C 1035 -31.36 -33.66 -20.09
C GLY C 1035 -31.54 -34.53 -18.87
N GLN C 1036 -30.97 -35.73 -18.91
CA GLN C 1036 -31.00 -36.68 -17.80
C GLN C 1036 -29.57 -37.13 -17.56
N SER C 1037 -28.93 -36.54 -16.57
CA SER C 1037 -27.53 -36.83 -16.30
C SER C 1037 -27.33 -38.26 -15.84
N LYS C 1038 -26.22 -38.84 -16.28
CA LYS C 1038 -25.74 -40.12 -15.79
C LYS C 1038 -24.49 -39.97 -14.95
N ARG C 1039 -24.17 -38.74 -14.55
CA ARG C 1039 -23.07 -38.49 -13.66
C ARG C 1039 -23.57 -38.68 -12.25
N VAL C 1040 -22.95 -39.58 -11.50
CA VAL C 1040 -23.48 -39.97 -10.21
C VAL C 1040 -23.36 -38.83 -9.23
N ASP C 1041 -24.46 -38.53 -8.54
CA ASP C 1041 -24.54 -37.47 -7.53
C ASP C 1041 -24.32 -36.09 -8.11
N PHE C 1042 -24.34 -35.94 -9.43
CA PHE C 1042 -24.30 -34.61 -10.03
C PHE C 1042 -25.62 -33.90 -9.84
N CYS C 1043 -26.72 -34.63 -9.90
CA CYS C 1043 -28.08 -34.13 -9.96
C CYS C 1043 -28.86 -34.80 -8.84
N GLY C 1044 -28.22 -34.81 -7.68
CA GLY C 1044 -28.79 -35.28 -6.43
C GLY C 1044 -28.68 -36.79 -6.26
N LYS C 1045 -28.76 -37.20 -5.00
CA LYS C 1045 -28.53 -38.58 -4.65
C LYS C 1045 -29.62 -39.48 -5.21
N GLY C 1046 -29.22 -40.68 -5.60
CA GLY C 1046 -30.09 -41.64 -6.25
C GLY C 1046 -29.74 -41.76 -7.71
N TYR C 1047 -30.74 -42.02 -8.53
CA TYR C 1047 -30.55 -42.14 -9.98
C TYR C 1047 -31.40 -41.05 -10.57
N HIS C 1048 -30.78 -40.21 -11.37
CA HIS C 1048 -31.41 -38.98 -11.79
C HIS C 1048 -32.56 -39.29 -12.72
N LEU C 1049 -33.69 -38.66 -12.47
CA LEU C 1049 -34.79 -38.70 -13.41
C LEU C 1049 -34.97 -37.35 -14.06
N MET C 1050 -35.11 -36.28 -13.29
CA MET C 1050 -35.27 -34.99 -13.95
C MET C 1050 -34.94 -33.91 -12.95
N SER C 1051 -34.97 -32.66 -13.40
CA SER C 1051 -34.76 -31.56 -12.48
C SER C 1051 -35.62 -30.39 -12.91
N PHE C 1052 -35.84 -29.50 -11.96
CA PHE C 1052 -36.60 -28.28 -12.19
C PHE C 1052 -35.82 -27.10 -11.66
N PRO C 1053 -35.56 -26.06 -12.44
CA PRO C 1053 -35.02 -24.85 -11.86
C PRO C 1053 -36.11 -24.08 -11.15
N GLN C 1054 -35.70 -23.33 -10.15
CA GLN C 1054 -36.50 -22.25 -9.61
C GLN C 1054 -35.55 -21.11 -9.40
N SER C 1055 -36.04 -19.90 -9.61
CA SER C 1055 -35.23 -18.74 -9.37
C SER C 1055 -35.12 -18.50 -7.89
N ALA C 1056 -34.10 -17.75 -7.50
CA ALA C 1056 -33.95 -17.34 -6.12
C ALA C 1056 -33.05 -16.14 -6.13
N PRO C 1057 -33.14 -15.28 -5.11
CA PRO C 1057 -32.39 -14.03 -5.21
C PRO C 1057 -30.90 -14.32 -5.27
N HIS C 1058 -30.26 -13.79 -6.30
CA HIS C 1058 -28.84 -14.02 -6.57
C HIS C 1058 -28.49 -15.48 -6.77
N GLY C 1059 -29.42 -16.35 -7.14
CA GLY C 1059 -29.01 -17.70 -7.45
C GLY C 1059 -30.17 -18.55 -7.93
N VAL C 1060 -29.88 -19.84 -8.05
CA VAL C 1060 -30.80 -20.79 -8.64
C VAL C 1060 -30.94 -21.96 -7.69
N VAL C 1061 -32.14 -22.52 -7.61
CA VAL C 1061 -32.43 -23.67 -6.78
C VAL C 1061 -32.94 -24.74 -7.71
N PHE C 1062 -32.37 -25.94 -7.63
CA PHE C 1062 -32.80 -27.04 -8.46
C PHE C 1062 -33.52 -28.02 -7.56
N LEU C 1063 -34.63 -28.52 -8.04
CA LEU C 1063 -35.31 -29.63 -7.39
C LEU C 1063 -34.96 -30.82 -8.25
N HIS C 1064 -34.19 -31.74 -7.71
CA HIS C 1064 -33.72 -32.88 -8.47
C HIS C 1064 -34.59 -34.03 -8.09
N VAL C 1065 -35.23 -34.64 -9.08
CA VAL C 1065 -36.13 -35.76 -8.89
C VAL C 1065 -35.35 -37.00 -9.28
N THR C 1066 -35.15 -37.89 -8.31
CA THR C 1066 -34.32 -39.06 -8.48
C THR C 1066 -35.08 -40.30 -8.06
N TYR C 1067 -34.68 -41.43 -8.62
CA TYR C 1067 -35.20 -42.74 -8.27
C TYR C 1067 -34.30 -43.34 -7.22
N VAL C 1068 -34.83 -43.66 -6.05
CA VAL C 1068 -34.09 -44.32 -4.99
C VAL C 1068 -34.70 -45.69 -4.77
N PRO C 1069 -34.00 -46.81 -5.00
CA PRO C 1069 -34.52 -48.09 -4.54
C PRO C 1069 -34.71 -48.09 -3.03
N ALA C 1070 -35.82 -48.68 -2.55
CA ALA C 1070 -36.19 -48.49 -1.15
C ALA C 1070 -36.38 -49.78 -0.35
N GLN C 1071 -36.89 -50.84 -0.94
CA GLN C 1071 -37.05 -52.12 -0.27
C GLN C 1071 -36.33 -53.15 -1.10
N GLU C 1072 -35.62 -54.08 -0.46
CA GLU C 1072 -34.80 -55.03 -1.20
C GLU C 1072 -34.92 -56.41 -0.58
N LYS C 1073 -34.57 -57.41 -1.36
CA LYS C 1073 -34.63 -58.79 -0.92
C LYS C 1073 -33.34 -59.50 -1.27
N ASN C 1074 -33.03 -60.52 -0.46
CA ASN C 1074 -31.88 -61.40 -0.63
C ASN C 1074 -32.24 -62.51 -1.59
N PHE C 1075 -31.65 -62.52 -2.76
CA PHE C 1075 -31.75 -63.62 -3.71
C PHE C 1075 -30.40 -64.29 -3.88
N THR C 1076 -30.43 -65.58 -4.14
CA THR C 1076 -29.23 -66.28 -4.58
C THR C 1076 -29.10 -66.11 -6.09
N THR C 1077 -27.86 -65.96 -6.56
CA THR C 1077 -27.59 -65.59 -7.93
C THR C 1077 -26.56 -66.52 -8.54
N ALA C 1078 -26.27 -66.31 -9.82
CA ALA C 1078 -25.28 -67.08 -10.55
C ALA C 1078 -24.86 -66.28 -11.75
N PRO C 1079 -23.60 -66.37 -12.19
CA PRO C 1079 -23.20 -65.62 -13.39
C PRO C 1079 -23.80 -66.17 -14.66
N ALA C 1080 -24.26 -67.42 -14.65
CA ALA C 1080 -24.57 -68.12 -15.88
C ALA C 1080 -25.46 -69.29 -15.54
N ILE C 1081 -26.09 -69.87 -16.55
CA ILE C 1081 -26.67 -71.19 -16.38
C ILE C 1081 -26.24 -72.12 -17.51
N CYS C 1082 -26.22 -73.41 -17.20
CA CYS C 1082 -25.94 -74.47 -18.16
C CYS C 1082 -27.27 -75.08 -18.58
N HIS C 1083 -27.54 -75.15 -19.90
CA HIS C 1083 -28.75 -75.82 -20.36
C HIS C 1083 -28.54 -77.10 -21.15
N ASP C 1084 -27.74 -77.09 -22.23
CA ASP C 1084 -27.34 -78.31 -22.92
C ASP C 1084 -25.84 -78.52 -22.87
N GLY C 1085 -25.16 -77.89 -21.93
CA GLY C 1085 -23.73 -77.79 -21.94
C GLY C 1085 -23.25 -76.46 -22.43
N LYS C 1086 -24.11 -75.71 -23.10
CA LYS C 1086 -23.84 -74.31 -23.40
C LYS C 1086 -24.17 -73.48 -22.18
N ALA C 1087 -23.43 -72.39 -22.02
CA ALA C 1087 -23.65 -71.43 -20.96
C ALA C 1087 -24.53 -70.31 -21.50
N HIS C 1088 -25.66 -70.04 -20.83
CA HIS C 1088 -26.52 -68.92 -21.15
C HIS C 1088 -26.31 -67.84 -20.11
N PHE C 1089 -26.06 -66.62 -20.57
CA PHE C 1089 -25.82 -65.50 -19.69
C PHE C 1089 -26.95 -64.51 -19.96
N PRO C 1090 -27.40 -63.73 -18.97
CA PRO C 1090 -28.59 -62.92 -19.23
C PRO C 1090 -28.31 -61.82 -20.23
N ARG C 1091 -29.27 -61.57 -21.11
CA ARG C 1091 -29.05 -60.50 -22.08
C ARG C 1091 -29.22 -59.14 -21.45
N GLU C 1092 -30.14 -59.02 -20.52
CA GLU C 1092 -30.28 -57.82 -19.69
C GLU C 1092 -30.71 -58.29 -18.31
N GLY C 1093 -30.09 -57.74 -17.29
CA GLY C 1093 -30.38 -58.15 -15.94
C GLY C 1093 -29.49 -59.27 -15.43
N VAL C 1094 -29.94 -59.89 -14.35
CA VAL C 1094 -29.17 -60.90 -13.63
C VAL C 1094 -30.06 -62.08 -13.36
N PHE C 1095 -29.41 -63.21 -13.08
CA PHE C 1095 -30.15 -64.38 -12.64
C PHE C 1095 -30.31 -64.30 -11.13
N VAL C 1096 -31.50 -64.66 -10.66
CA VAL C 1096 -31.84 -64.70 -9.25
C VAL C 1096 -32.55 -66.01 -8.98
N SER C 1097 -32.55 -66.41 -7.73
CA SER C 1097 -33.28 -67.59 -7.30
C SER C 1097 -34.07 -67.23 -6.06
N ASN C 1098 -35.34 -67.63 -6.05
CA ASN C 1098 -36.20 -67.47 -4.89
C ASN C 1098 -36.13 -68.69 -3.99
N GLY C 1099 -35.18 -69.59 -4.23
CA GLY C 1099 -34.93 -70.76 -3.41
C GLY C 1099 -35.18 -72.07 -4.12
N THR C 1100 -36.13 -72.09 -5.06
CA THR C 1100 -36.48 -73.31 -5.77
C THR C 1100 -36.41 -73.13 -7.28
N HIS C 1101 -36.67 -71.91 -7.76
CA HIS C 1101 -36.72 -71.62 -9.19
C HIS C 1101 -35.76 -70.50 -9.52
N TRP C 1102 -35.25 -70.53 -10.74
CA TRP C 1102 -34.35 -69.52 -11.24
C TRP C 1102 -35.10 -68.58 -12.18
N PHE C 1103 -34.89 -67.29 -12.00
CA PHE C 1103 -35.48 -66.26 -12.83
C PHE C 1103 -34.39 -65.31 -13.28
N VAL C 1104 -34.70 -64.53 -14.31
CA VAL C 1104 -33.86 -63.46 -14.82
C VAL C 1104 -34.61 -62.16 -14.64
N THR C 1105 -33.94 -61.14 -14.14
CA THR C 1105 -34.66 -59.92 -13.83
C THR C 1105 -33.79 -58.69 -14.03
N GLN C 1106 -34.46 -57.59 -14.37
CA GLN C 1106 -33.82 -56.28 -14.49
C GLN C 1106 -33.18 -55.89 -13.17
N ARG C 1107 -31.98 -55.33 -13.26
CA ARG C 1107 -31.13 -55.27 -12.08
C ARG C 1107 -31.64 -54.32 -11.01
N ASN C 1108 -32.42 -53.31 -11.38
CA ASN C 1108 -32.79 -52.24 -10.46
C ASN C 1108 -34.20 -52.37 -9.90
N PHE C 1109 -34.91 -53.45 -10.19
CA PHE C 1109 -36.29 -53.58 -9.76
C PHE C 1109 -36.62 -55.05 -9.83
N TYR C 1110 -37.04 -55.64 -8.73
CA TYR C 1110 -37.36 -57.05 -8.79
C TYR C 1110 -38.54 -57.26 -9.71
N GLU C 1111 -38.34 -58.05 -10.74
CA GLU C 1111 -39.36 -58.34 -11.71
C GLU C 1111 -38.94 -59.64 -12.38
N PRO C 1112 -39.15 -60.78 -11.73
CA PRO C 1112 -38.66 -62.04 -12.26
C PRO C 1112 -39.38 -62.43 -13.54
N GLN C 1113 -38.60 -62.82 -14.55
CA GLN C 1113 -39.14 -63.42 -15.75
C GLN C 1113 -38.61 -64.84 -15.87
N ILE C 1114 -39.35 -65.66 -16.62
CA ILE C 1114 -38.93 -67.01 -16.92
C ILE C 1114 -37.73 -66.94 -17.85
N ILE C 1115 -36.71 -67.74 -17.57
CA ILE C 1115 -35.49 -67.68 -18.37
C ILE C 1115 -35.74 -68.39 -19.68
N THR C 1116 -35.59 -67.68 -20.79
CA THR C 1116 -35.79 -68.20 -22.13
C THR C 1116 -34.63 -67.73 -23.00
N THR C 1117 -34.59 -68.24 -24.23
CA THR C 1117 -33.55 -67.87 -25.18
C THR C 1117 -33.66 -66.43 -25.65
N ASP C 1118 -34.77 -65.75 -25.36
CA ASP C 1118 -34.95 -64.33 -25.68
C ASP C 1118 -34.53 -63.43 -24.52
N ASN C 1119 -34.20 -64.01 -23.37
CA ASN C 1119 -33.69 -63.28 -22.22
C ASN C 1119 -32.19 -63.44 -22.07
N THR C 1120 -31.65 -64.56 -22.57
CA THR C 1120 -30.24 -64.89 -22.44
C THR C 1120 -29.59 -65.02 -23.81
N PHE C 1121 -28.26 -64.91 -23.81
CA PHE C 1121 -27.44 -65.25 -24.97
C PHE C 1121 -26.42 -66.30 -24.57
N VAL C 1122 -25.89 -67.00 -25.57
CA VAL C 1122 -25.05 -68.17 -25.37
C VAL C 1122 -23.63 -67.82 -25.74
N SER C 1123 -22.69 -68.16 -24.86
CA SER C 1123 -21.28 -67.93 -25.13
C SER C 1123 -20.46 -68.96 -24.36
N GLY C 1124 -19.64 -69.73 -25.05
CA GLY C 1124 -18.82 -70.69 -24.36
C GLY C 1124 -19.63 -71.90 -23.94
N ASN C 1125 -19.09 -72.64 -22.97
CA ASN C 1125 -19.78 -73.79 -22.43
C ASN C 1125 -19.47 -73.88 -20.93
N CYS C 1126 -20.11 -74.87 -20.30
CA CYS C 1126 -20.22 -74.92 -18.84
C CYS C 1126 -18.90 -75.09 -18.09
N ASP C 1127 -17.81 -75.44 -18.76
CA ASP C 1127 -16.60 -75.88 -18.06
C ASP C 1127 -15.59 -74.76 -17.82
N VAL C 1128 -15.95 -73.52 -18.13
CA VAL C 1128 -15.06 -72.37 -17.95
C VAL C 1128 -15.58 -71.43 -16.88
N VAL C 1129 -16.88 -71.13 -16.89
CA VAL C 1129 -17.44 -70.12 -16.01
C VAL C 1129 -17.40 -70.60 -14.57
N ILE C 1130 -16.80 -69.81 -13.70
CA ILE C 1130 -16.77 -70.10 -12.28
C ILE C 1130 -18.09 -69.64 -11.67
N GLY C 1131 -18.85 -70.58 -11.11
CA GLY C 1131 -20.14 -70.27 -10.53
C GLY C 1131 -21.34 -70.58 -11.39
N ILE C 1132 -21.16 -71.13 -12.59
CA ILE C 1132 -22.31 -71.50 -13.39
C ILE C 1132 -23.12 -72.56 -12.66
N VAL C 1133 -24.44 -72.45 -12.74
CA VAL C 1133 -25.36 -73.35 -12.05
C VAL C 1133 -26.24 -74.01 -13.09
N ASN C 1134 -26.70 -75.22 -12.79
CA ASN C 1134 -27.53 -75.93 -13.74
C ASN C 1134 -28.95 -75.38 -13.68
N ASN C 1135 -29.60 -75.30 -14.83
CA ASN C 1135 -30.94 -74.77 -14.89
C ASN C 1135 -31.59 -75.33 -16.16
N THR C 1136 -32.82 -74.94 -16.41
CA THR C 1136 -33.55 -75.25 -17.64
C THR C 1136 -33.94 -73.94 -18.29
N VAL C 1137 -33.55 -73.77 -19.56
CA VAL C 1137 -33.94 -72.62 -20.35
C VAL C 1137 -35.07 -73.04 -21.28
N TYR C 1138 -36.15 -72.27 -21.23
CA TYR C 1138 -37.31 -72.54 -22.05
C TYR C 1138 -37.08 -71.97 -23.44
N ASP C 1139 -37.50 -72.72 -24.46
CA ASP C 1139 -37.34 -72.33 -25.86
C ASP C 1139 -38.74 -72.04 -26.40
N PRO C 1140 -39.11 -70.77 -26.60
CA PRO C 1140 -40.48 -70.46 -27.03
C PRO C 1140 -40.93 -71.13 -28.32
N LEU C 1141 -40.01 -71.56 -29.17
CA LEU C 1141 -40.40 -72.07 -30.48
C LEU C 1141 -40.99 -73.47 -30.39
N GLN C 1142 -40.47 -74.31 -29.49
CA GLN C 1142 -40.88 -75.71 -29.43
C GLN C 1142 -42.37 -75.89 -29.18
N PRO C 1143 -42.98 -75.26 -28.16
CA PRO C 1143 -44.43 -75.36 -28.01
C PRO C 1143 -45.21 -74.98 -29.25
N GLU C 1144 -44.73 -74.01 -30.01
CA GLU C 1144 -45.40 -73.60 -31.24
C GLU C 1144 -45.26 -74.67 -32.30
N LEU C 1145 -44.09 -75.32 -32.36
CA LEU C 1145 -43.85 -76.31 -33.40
C LEU C 1145 -44.66 -77.58 -33.12
N ASP C 1146 -44.78 -77.96 -31.84
CA ASP C 1146 -45.68 -79.04 -31.50
C ASP C 1146 -47.14 -78.62 -31.65
N SER C 1147 -47.46 -77.37 -31.32
CA SER C 1147 -48.81 -76.84 -31.50
C SER C 1147 -49.04 -76.46 -32.96
N GLN D 23 59.78 29.42 5.58
CA GLN D 23 60.05 28.13 4.89
C GLN D 23 59.16 27.97 3.66
N VAL D 24 59.10 29.01 2.83
CA VAL D 24 58.30 29.00 1.61
C VAL D 24 59.09 28.34 0.48
N GLN D 25 58.95 27.02 0.34
CA GLN D 25 59.67 26.32 -0.71
C GLN D 25 58.81 25.17 -1.25
N LEU D 26 59.15 24.76 -2.48
CA LEU D 26 58.68 23.53 -3.08
C LEU D 26 59.83 22.55 -3.21
N VAL D 27 59.55 21.26 -3.00
CA VAL D 27 60.49 20.19 -3.31
C VAL D 27 59.78 19.18 -4.19
N GLU D 28 60.36 18.89 -5.35
CA GLU D 28 59.81 17.86 -6.22
C GLU D 28 60.20 16.48 -5.70
N SER D 29 59.70 15.44 -6.37
CA SER D 29 59.90 14.06 -5.95
C SER D 29 59.41 13.12 -7.04
N GLY D 30 60.03 11.94 -7.09
CA GLY D 30 59.74 10.94 -8.11
C GLY D 30 60.74 10.82 -9.24
N GLY D 31 61.91 11.45 -9.12
CA GLY D 31 62.95 11.25 -10.12
C GLY D 31 63.37 9.79 -10.21
N GLY D 32 63.61 9.33 -11.43
CA GLY D 32 63.98 7.95 -11.64
C GLY D 32 64.32 7.70 -13.09
N VAL D 33 64.45 6.41 -13.41
CA VAL D 33 64.75 5.95 -14.77
C VAL D 33 63.69 4.94 -15.15
N VAL D 34 63.25 4.99 -16.41
CA VAL D 34 62.19 4.11 -16.90
C VAL D 34 62.44 3.84 -18.37
N GLN D 35 61.95 2.69 -18.85
CA GLN D 35 62.08 2.32 -20.25
C GLN D 35 61.09 3.12 -21.09
N PRO D 36 61.31 3.24 -22.40
CA PRO D 36 60.29 3.88 -23.23
C PRO D 36 59.00 3.09 -23.19
N GLY D 37 57.88 3.80 -23.32
CA GLY D 37 56.58 3.18 -23.41
C GLY D 37 55.91 2.92 -22.07
N ARG D 38 56.68 2.88 -20.98
CA ARG D 38 56.13 2.64 -19.66
C ARG D 38 55.79 4.00 -19.07
N SER D 39 55.44 4.08 -17.78
CA SER D 39 55.04 5.33 -17.17
C SER D 39 55.76 5.53 -15.85
N LEU D 40 55.84 6.81 -15.47
CA LEU D 40 56.41 7.26 -14.22
C LEU D 40 55.58 8.45 -13.75
N ARG D 41 55.54 8.67 -12.45
CA ARG D 41 54.67 9.65 -11.84
C ARG D 41 55.45 10.54 -10.89
N LEU D 42 55.29 11.85 -11.02
CA LEU D 42 55.97 12.82 -10.20
C LEU D 42 55.02 13.40 -9.17
N SER D 43 55.61 14.08 -8.20
CA SER D 43 54.88 14.84 -7.20
C SER D 43 55.73 16.06 -6.88
N CYS D 44 55.09 17.16 -6.53
CA CYS D 44 55.79 18.28 -5.90
C CYS D 44 55.09 18.60 -4.59
N ALA D 45 55.88 18.68 -3.53
CA ALA D 45 55.43 19.12 -2.23
C ALA D 45 55.65 20.62 -2.12
N ALA D 46 54.63 21.33 -1.67
CA ALA D 46 54.71 22.76 -1.38
C ALA D 46 54.62 22.92 0.13
N SER D 47 55.24 23.99 0.65
CA SER D 47 55.23 24.13 2.10
C SER D 47 55.74 25.52 2.45
N GLY D 48 55.13 26.09 3.50
CA GLY D 48 55.30 27.47 3.85
C GLY D 48 54.19 28.38 3.35
N PHE D 49 53.24 27.88 2.55
CA PHE D 49 52.16 28.74 2.07
C PHE D 49 50.90 27.89 1.89
N THR D 50 49.78 28.58 1.65
CA THR D 50 48.46 28.03 1.34
C THR D 50 48.39 27.61 -0.13
N PHE D 51 48.26 26.29 -0.36
CA PHE D 51 48.38 25.72 -1.69
C PHE D 51 47.29 26.20 -2.62
N SER D 52 46.04 26.27 -2.14
CA SER D 52 44.87 26.31 -2.99
C SER D 52 44.56 27.72 -3.53
N SER D 53 45.50 28.68 -3.45
CA SER D 53 45.28 30.04 -3.93
C SER D 53 46.14 30.42 -5.14
N TYR D 54 47.14 29.61 -5.51
CA TYR D 54 47.89 29.77 -6.76
C TYR D 54 47.80 28.53 -7.64
N GLY D 55 47.91 28.79 -8.93
CA GLY D 55 48.06 27.74 -9.91
C GLY D 55 49.49 27.25 -10.00
N MET D 56 49.65 26.03 -10.49
CA MET D 56 50.91 25.30 -10.46
C MET D 56 51.24 24.84 -11.87
N HIS D 57 52.53 24.84 -12.20
CA HIS D 57 53.02 24.49 -13.52
C HIS D 57 54.03 23.36 -13.42
N TRP D 58 54.22 22.67 -14.54
CA TRP D 58 55.37 21.81 -14.75
C TRP D 58 56.09 22.32 -15.99
N VAL D 59 57.35 22.74 -15.82
CA VAL D 59 58.23 23.16 -16.90
C VAL D 59 59.42 22.21 -16.95
N ARG D 60 59.78 21.74 -18.16
CA ARG D 60 60.87 20.80 -18.32
C ARG D 60 62.00 21.43 -19.11
N GLN D 61 63.22 21.17 -18.63
CA GLN D 61 64.47 21.72 -19.15
C GLN D 61 65.32 20.55 -19.65
N ALA D 62 65.23 20.21 -20.93
CA ALA D 62 65.91 19.01 -21.40
C ALA D 62 67.42 19.18 -21.26
N PRO D 63 68.16 18.10 -21.02
CA PRO D 63 69.62 18.21 -20.82
C PRO D 63 70.32 18.91 -21.97
N GLY D 64 71.05 19.96 -21.65
CA GLY D 64 71.78 20.69 -22.67
C GLY D 64 70.93 21.60 -23.52
N LYS D 65 69.67 21.80 -23.15
CA LYS D 65 68.70 22.57 -23.92
C LYS D 65 68.11 23.66 -23.04
N GLY D 66 67.15 24.41 -23.60
CA GLY D 66 66.45 25.44 -22.86
C GLY D 66 65.19 24.91 -22.20
N LEU D 67 64.50 25.83 -21.51
CA LEU D 67 63.25 25.50 -20.84
C LEU D 67 62.09 25.44 -21.82
N GLU D 68 61.22 24.46 -21.64
CA GLU D 68 60.02 24.29 -22.45
C GLU D 68 58.85 24.00 -21.52
N TRP D 69 57.91 24.93 -21.44
CA TRP D 69 56.74 24.77 -20.58
C TRP D 69 55.94 23.54 -20.98
N VAL D 70 55.46 22.80 -19.99
CA VAL D 70 54.73 21.55 -20.21
C VAL D 70 53.25 21.71 -19.88
N ALA D 71 52.93 22.09 -18.63
CA ALA D 71 51.53 22.16 -18.23
C ALA D 71 51.32 23.22 -17.17
N VAL D 72 50.05 23.61 -17.00
CA VAL D 72 49.61 24.44 -15.89
C VAL D 72 48.29 23.89 -15.34
N ILE D 73 47.93 24.35 -14.14
CA ILE D 73 46.62 24.14 -13.55
C ILE D 73 46.28 25.35 -12.68
N TRP D 74 45.05 25.85 -12.83
CA TRP D 74 44.58 26.95 -12.00
C TRP D 74 44.48 26.56 -10.53
N TYR D 75 44.48 27.59 -9.68
CA TYR D 75 44.44 27.38 -8.23
C TYR D 75 43.19 26.65 -7.76
N ASP D 76 42.09 26.70 -8.53
CA ASP D 76 40.90 25.90 -8.26
C ASP D 76 40.71 24.75 -9.25
N GLY D 77 41.72 24.43 -10.05
CA GLY D 77 41.70 23.28 -10.92
C GLY D 77 40.53 23.14 -11.87
N THR D 78 39.91 24.26 -12.27
CA THR D 78 38.78 24.20 -13.20
C THR D 78 39.21 24.22 -14.67
N ASN D 79 40.37 24.80 -14.99
CA ASN D 79 40.94 24.78 -16.33
C ASN D 79 42.41 24.40 -16.28
N THR D 80 42.84 23.60 -17.25
CA THR D 80 44.22 23.22 -17.42
C THR D 80 44.64 23.43 -18.87
N TYR D 81 45.88 23.86 -19.07
CA TYR D 81 46.55 23.77 -20.36
C TYR D 81 47.78 22.88 -20.28
N TYR D 82 48.01 22.16 -21.37
CA TYR D 82 49.24 21.41 -21.61
C TYR D 82 49.86 21.92 -22.90
N ALA D 83 51.19 21.87 -22.97
CA ALA D 83 51.86 22.18 -24.21
C ALA D 83 51.45 21.19 -25.29
N ASP D 84 51.75 21.56 -26.54
CA ASP D 84 51.40 20.70 -27.67
C ASP D 84 52.16 19.37 -27.62
N SER D 85 53.44 19.43 -27.26
CA SER D 85 54.31 18.25 -27.31
C SER D 85 53.83 17.09 -26.45
N VAL D 86 52.95 17.33 -25.47
CA VAL D 86 52.55 16.33 -24.49
C VAL D 86 51.04 16.11 -24.49
N LYS D 87 50.32 16.66 -25.48
CA LYS D 87 48.86 16.67 -25.44
C LYS D 87 48.28 15.26 -25.36
N GLY D 88 47.52 15.01 -24.31
CA GLY D 88 46.88 13.73 -24.14
C GLY D 88 47.78 12.64 -23.61
N ARG D 89 48.99 12.99 -23.13
CA ARG D 89 50.00 12.02 -22.75
C ARG D 89 50.46 12.16 -21.31
N PHE D 90 50.32 13.33 -20.69
CA PHE D 90 50.63 13.54 -19.28
C PHE D 90 49.35 14.02 -18.60
N THR D 91 49.27 13.78 -17.29
CA THR D 91 48.06 14.08 -16.52
C THR D 91 48.41 14.97 -15.35
N ILE D 92 47.75 16.13 -15.26
CA ILE D 92 48.02 17.16 -14.27
C ILE D 92 46.91 17.12 -13.22
N SER D 93 47.29 17.16 -11.94
CA SER D 93 46.30 17.14 -10.88
C SER D 93 46.91 17.69 -9.60
N ARG D 94 46.07 18.36 -8.80
CA ARG D 94 46.43 18.93 -7.52
C ARG D 94 45.58 18.28 -6.43
N ASP D 95 46.21 17.83 -5.34
CA ASP D 95 45.51 17.41 -4.13
C ASP D 95 45.91 18.39 -3.03
N ASN D 96 45.03 19.33 -2.72
CA ASN D 96 45.19 20.17 -1.53
C ASN D 96 45.10 19.39 -0.22
N SER D 97 44.62 18.14 -0.25
CA SER D 97 44.55 17.34 0.96
C SER D 97 45.92 17.20 1.61
N LYS D 98 46.90 16.76 0.84
CA LYS D 98 48.29 16.65 1.29
C LYS D 98 49.11 17.89 0.96
N ASN D 99 48.51 18.89 0.32
CA ASN D 99 49.26 20.01 -0.24
C ASN D 99 50.32 19.50 -1.22
N THR D 100 49.90 18.56 -2.07
CA THR D 100 50.75 17.94 -3.07
C THR D 100 50.21 18.20 -4.48
N LEU D 101 51.09 18.64 -5.37
CA LEU D 101 50.86 18.58 -6.81
C LEU D 101 51.34 17.22 -7.29
N TYR D 102 50.70 16.69 -8.33
CA TYR D 102 51.15 15.46 -8.97
C TYR D 102 51.35 15.72 -10.45
N LEU D 103 51.96 14.74 -11.14
CA LEU D 103 51.86 14.69 -12.60
C LEU D 103 52.18 13.28 -13.07
N GLN D 104 51.21 12.60 -13.70
CA GLN D 104 51.49 11.31 -14.30
C GLN D 104 52.05 11.49 -15.73
N MET D 105 52.67 10.41 -16.24
CA MET D 105 53.33 10.37 -17.54
C MET D 105 52.83 9.12 -18.27
N ASN D 106 52.70 9.22 -19.58
CA ASN D 106 52.40 8.04 -20.40
C ASN D 106 53.17 8.11 -21.72
N SER D 107 53.73 6.98 -22.12
CA SER D 107 54.35 6.82 -23.44
C SER D 107 55.60 7.68 -23.59
N LEU D 108 56.38 7.76 -22.51
CA LEU D 108 57.60 8.56 -22.52
C LEU D 108 58.58 8.10 -23.59
N ARG D 109 59.20 9.08 -24.25
CA ARG D 109 60.15 8.87 -25.34
C ARG D 109 61.47 9.54 -24.96
N ALA D 110 62.48 9.40 -25.82
CA ALA D 110 63.83 9.83 -25.44
C ALA D 110 63.88 11.33 -25.16
N GLU D 111 63.20 12.13 -25.97
CA GLU D 111 63.15 13.57 -25.74
C GLU D 111 62.60 13.94 -24.35
N ASP D 112 61.81 13.08 -23.73
CA ASP D 112 61.24 13.39 -22.43
C ASP D 112 62.29 13.53 -21.32
N THR D 113 63.52 13.10 -21.55
CA THR D 113 64.58 13.32 -20.58
C THR D 113 64.68 14.81 -20.26
N ALA D 114 64.78 15.14 -18.98
CA ALA D 114 64.70 16.55 -18.58
C ALA D 114 64.97 16.67 -17.09
N VAL D 115 65.07 17.93 -16.65
CA VAL D 115 65.03 18.27 -15.23
C VAL D 115 63.68 18.94 -14.96
N TYR D 116 62.70 18.15 -14.51
CA TYR D 116 61.33 18.61 -14.34
C TYR D 116 61.21 19.57 -13.15
N TYR D 117 61.07 20.86 -13.46
CA TYR D 117 60.80 21.92 -12.48
C TYR D 117 59.29 22.03 -12.27
N CYS D 118 58.78 21.51 -11.15
CA CYS D 118 57.49 22.03 -10.69
C CYS D 118 57.65 23.51 -10.37
N ALA D 119 56.67 24.31 -10.79
CA ALA D 119 56.68 25.75 -10.58
C ALA D 119 55.37 26.21 -9.96
N ARG D 120 55.42 27.40 -9.38
CA ARG D 120 54.26 28.08 -8.83
C ARG D 120 53.96 29.29 -9.69
N ASP D 121 52.67 29.57 -9.92
CA ASP D 121 52.31 30.77 -10.65
C ASP D 121 52.71 32.02 -9.86
N LEU D 122 52.93 33.13 -10.58
CA LEU D 122 53.03 34.43 -9.94
C LEU D 122 51.68 34.97 -9.51
N ALA D 123 50.73 34.98 -10.43
CA ALA D 123 49.60 35.86 -10.31
C ALA D 123 48.55 35.28 -9.38
N TYR D 124 47.87 36.17 -8.67
CA TYR D 124 46.57 35.88 -8.11
C TYR D 124 45.53 36.37 -9.10
N ARG D 125 44.68 35.46 -9.56
CA ARG D 125 43.50 35.88 -10.30
C ARG D 125 43.87 36.92 -11.35
N ASP D 126 44.72 36.48 -12.27
CA ASP D 126 44.63 36.70 -13.72
C ASP D 126 44.84 35.39 -14.42
N TYR D 127 44.02 35.18 -15.44
CA TYR D 127 44.06 33.91 -16.15
C TYR D 127 44.97 34.00 -17.37
N VAL D 128 45.73 35.10 -17.48
CA VAL D 128 46.78 35.28 -18.49
C VAL D 128 47.75 34.09 -18.58
N TRP D 129 48.29 33.67 -17.44
CA TRP D 129 49.32 32.62 -17.29
C TRP D 129 50.56 32.86 -18.17
N ARG D 130 51.22 34.01 -18.00
CA ARG D 130 52.50 34.29 -18.69
C ARG D 130 53.69 34.37 -17.74
N TYR D 131 53.60 35.20 -16.71
CA TYR D 131 54.78 35.66 -15.95
C TYR D 131 55.01 34.80 -14.70
N PHE D 132 55.49 33.58 -14.93
CA PHE D 132 55.89 32.70 -13.83
C PHE D 132 57.06 33.25 -13.00
N ASP D 133 56.78 33.59 -11.74
CA ASP D 133 57.78 33.91 -10.72
C ASP D 133 58.86 32.86 -10.44
N LEU D 134 58.44 31.66 -10.02
CA LEU D 134 59.24 30.76 -9.19
C LEU D 134 59.63 29.48 -9.92
N TRP D 135 60.31 28.59 -9.18
CA TRP D 135 60.62 27.22 -9.53
C TRP D 135 61.15 26.53 -8.28
N GLY D 136 61.04 25.20 -8.26
CA GLY D 136 61.76 24.43 -7.27
C GLY D 136 63.19 24.18 -7.69
N ARG D 137 63.71 22.98 -7.42
CA ARG D 137 65.05 22.60 -7.84
C ARG D 137 65.07 21.87 -9.18
N GLY D 138 63.99 21.17 -9.54
CA GLY D 138 64.01 20.33 -10.72
C GLY D 138 64.47 18.91 -10.43
N THR D 139 63.72 17.89 -10.84
CA THR D 139 64.13 16.49 -10.67
C THR D 139 64.52 15.87 -12.01
N LEU D 140 65.69 15.27 -12.06
CA LEU D 140 66.09 14.51 -13.25
C LEU D 140 65.06 13.43 -13.56
N VAL D 141 64.77 13.28 -14.85
CA VAL D 141 64.09 12.13 -15.39
C VAL D 141 64.82 11.77 -16.67
N THR D 142 65.17 10.50 -16.83
CA THR D 142 65.82 10.01 -18.04
C THR D 142 65.23 8.66 -18.41
N VAL D 143 65.28 8.35 -19.70
CA VAL D 143 64.76 7.09 -20.22
C VAL D 143 65.81 6.40 -21.08
N GLU E 23 53.30 30.73 -37.21
CA GLU E 23 53.98 30.72 -35.88
C GLU E 23 55.22 31.59 -35.94
N ILE E 24 55.52 32.24 -34.83
CA ILE E 24 56.69 33.12 -34.71
C ILE E 24 57.83 32.31 -34.13
N VAL E 25 58.95 32.26 -34.86
CA VAL E 25 60.16 31.60 -34.39
C VAL E 25 61.26 32.66 -34.36
N LEU E 26 61.79 32.90 -33.17
CA LEU E 26 62.71 34.01 -32.95
C LEU E 26 64.09 33.63 -33.47
N THR E 27 64.76 34.56 -34.16
CA THR E 27 66.04 34.27 -34.82
C THR E 27 67.13 35.13 -34.19
N GLN E 28 68.09 34.49 -33.54
CA GLN E 28 69.07 35.15 -32.68
C GLN E 28 70.43 35.19 -33.34
N SER E 29 71.07 36.35 -33.31
CA SER E 29 72.46 36.50 -33.70
C SER E 29 73.15 37.45 -32.73
N PRO E 30 74.49 37.35 -32.58
CA PRO E 30 75.38 36.28 -33.05
C PRO E 30 75.15 34.99 -32.26
N ALA E 31 75.54 33.85 -32.82
CA ALA E 31 75.40 32.57 -32.12
C ALA E 31 76.02 32.59 -30.72
N THR E 32 77.10 33.33 -30.53
CA THR E 32 77.75 33.44 -29.23
C THR E 32 78.48 34.77 -29.15
N LEU E 33 78.74 35.21 -27.92
CA LEU E 33 79.53 36.40 -27.65
C LEU E 33 80.65 36.07 -26.68
N SER E 34 81.84 36.59 -26.98
CA SER E 34 82.97 36.57 -26.05
C SER E 34 83.55 37.98 -26.03
N LEU E 35 83.65 38.55 -24.83
CA LEU E 35 84.00 39.95 -24.71
C LEU E 35 84.45 40.22 -23.29
N SER E 36 85.20 41.30 -23.12
CA SER E 36 85.72 41.69 -21.83
C SER E 36 84.67 42.45 -21.03
N PRO E 37 84.74 42.45 -19.70
CA PRO E 37 83.78 43.24 -18.93
C PRO E 37 83.98 44.73 -19.17
N GLY E 38 82.93 45.49 -18.88
CA GLY E 38 82.94 46.93 -19.02
C GLY E 38 82.58 47.45 -20.41
N GLU E 39 82.57 46.61 -21.43
CA GLU E 39 82.33 47.04 -22.80
C GLU E 39 80.83 46.96 -23.09
N ARG E 40 80.44 47.27 -24.33
CA ARG E 40 79.04 47.37 -24.72
C ARG E 40 78.68 46.10 -25.49
N ALA E 41 77.75 45.33 -24.95
CA ALA E 41 77.35 44.04 -25.53
C ALA E 41 75.97 44.20 -26.15
N THR E 42 75.87 43.93 -27.45
CA THR E 42 74.63 44.07 -28.20
C THR E 42 74.29 42.73 -28.85
N LEU E 43 73.16 42.16 -28.45
CA LEU E 43 72.56 41.00 -29.08
C LEU E 43 71.40 41.43 -29.97
N SER E 44 71.14 40.68 -31.04
CA SER E 44 69.98 40.89 -31.88
C SER E 44 69.12 39.64 -31.96
N CYS E 45 67.81 39.85 -31.95
CA CYS E 45 66.77 38.85 -32.09
C CYS E 45 65.80 39.39 -33.14
N ARG E 46 65.80 38.78 -34.31
CA ARG E 46 64.90 39.14 -35.40
C ARG E 46 63.74 38.16 -35.40
N ALA E 47 62.57 38.63 -34.97
CA ALA E 47 61.34 37.87 -35.11
C ALA E 47 60.96 37.73 -36.58
N SER E 48 60.28 36.64 -36.91
CA SER E 48 59.76 36.47 -38.27
C SER E 48 58.69 37.52 -38.61
N GLN E 49 57.77 37.81 -37.68
CA GLN E 49 56.65 38.68 -37.97
C GLN E 49 56.20 39.45 -36.73
N SER E 50 55.58 40.60 -36.98
CA SER E 50 55.05 41.49 -35.94
C SER E 50 54.23 40.77 -34.88
N VAL E 51 54.45 41.19 -33.62
CA VAL E 51 53.90 40.53 -32.44
C VAL E 51 53.18 41.53 -31.52
N SER E 52 52.90 42.74 -32.02
CA SER E 52 52.36 43.88 -31.25
C SER E 52 53.42 44.38 -30.28
N THR E 53 53.18 44.30 -28.96
CA THR E 53 54.22 44.54 -27.99
C THR E 53 54.42 43.39 -27.02
N TYR E 54 53.68 42.29 -27.16
CA TYR E 54 53.77 41.17 -26.22
C TYR E 54 54.92 40.25 -26.63
N LEU E 55 56.14 40.64 -26.23
CA LEU E 55 57.37 39.91 -26.50
C LEU E 55 58.39 40.23 -25.40
N ALA E 56 59.12 39.21 -24.95
CA ALA E 56 59.95 39.31 -23.75
C ALA E 56 61.39 38.88 -24.01
N TRP E 57 62.28 39.36 -23.12
CA TRP E 57 63.67 38.91 -23.00
C TRP E 57 63.87 38.25 -21.64
N TYR E 58 64.57 37.10 -21.65
CA TYR E 58 64.80 36.26 -20.47
C TYR E 58 66.30 36.06 -20.26
N GLN E 59 66.76 36.22 -19.01
CA GLN E 59 68.17 36.13 -18.64
C GLN E 59 68.38 34.91 -17.75
N GLN E 60 69.20 33.96 -18.19
CA GLN E 60 69.48 32.75 -17.40
C GLN E 60 70.98 32.63 -17.15
N LYS E 61 71.39 32.77 -15.88
CA LYS E 61 72.75 32.44 -15.50
C LYS E 61 72.93 30.92 -15.49
N PHE E 62 74.19 30.49 -15.63
CA PHE E 62 74.50 29.06 -15.66
C PHE E 62 74.04 28.37 -14.37
N GLY E 63 73.07 27.46 -14.50
CA GLY E 63 72.64 26.62 -13.41
C GLY E 63 71.57 27.23 -12.52
N GLN E 64 71.44 28.56 -12.56
CA GLN E 64 70.44 29.30 -11.81
C GLN E 64 69.07 29.17 -12.48
N ALA E 65 68.08 29.89 -11.94
CA ALA E 65 66.71 29.86 -12.42
C ALA E 65 66.48 31.03 -13.36
N PRO E 66 66.05 30.82 -14.62
CA PRO E 66 65.88 31.98 -15.53
C PRO E 66 64.88 32.99 -15.00
N ARG E 67 65.22 34.27 -15.21
CA ARG E 67 64.46 35.39 -14.69
C ARG E 67 64.13 36.34 -15.83
N LEU E 68 62.89 36.80 -15.87
CA LEU E 68 62.48 37.73 -16.91
C LEU E 68 63.33 38.99 -16.86
N LEU E 69 63.68 39.50 -18.04
CA LEU E 69 64.52 40.69 -18.19
C LEU E 69 63.75 41.86 -18.75
N ILE E 70 63.07 41.66 -19.88
CA ILE E 70 62.32 42.70 -20.58
C ILE E 70 60.94 42.15 -20.88
N TYR E 71 59.90 42.93 -20.57
CA TYR E 71 58.54 42.62 -21.02
C TYR E 71 57.99 43.86 -21.73
N ASP E 72 57.07 43.61 -22.65
CA ASP E 72 56.44 44.57 -23.56
C ASP E 72 57.38 45.05 -24.66
N ALA E 73 58.60 44.53 -24.73
CA ALA E 73 59.60 44.65 -25.77
C ALA E 73 60.32 46.01 -25.82
N SER E 74 59.95 46.99 -24.99
CA SER E 74 60.92 47.98 -24.53
C SER E 74 60.79 48.31 -23.05
N ASN E 75 59.95 47.63 -22.29
CA ASN E 75 59.62 48.02 -20.92
C ASN E 75 60.53 47.29 -19.94
N ARG E 76 61.24 48.05 -19.11
CA ARG E 76 62.35 47.56 -18.30
C ARG E 76 61.76 46.87 -17.08
N ALA E 77 61.67 45.53 -17.14
CA ALA E 77 60.93 44.75 -16.16
C ALA E 77 61.41 45.00 -14.74
N THR E 78 60.55 44.66 -13.78
CA THR E 78 60.81 44.97 -12.38
C THR E 78 62.04 44.21 -11.88
N GLY E 79 62.71 44.79 -10.90
CA GLY E 79 63.89 44.18 -10.31
C GLY E 79 65.14 44.26 -11.16
N ILE E 80 65.10 44.98 -12.27
CA ILE E 80 66.15 45.02 -13.27
C ILE E 80 66.81 46.39 -13.19
N PRO E 81 68.03 46.51 -12.63
CA PRO E 81 68.76 47.79 -12.74
C PRO E 81 68.77 48.35 -14.15
N ALA E 82 68.80 49.69 -14.23
CA ALA E 82 68.54 50.38 -15.48
C ALA E 82 69.60 50.16 -16.54
N ARG E 83 70.76 49.61 -16.20
CA ARG E 83 71.84 49.45 -17.17
C ARG E 83 71.52 48.49 -18.32
N PHE E 84 70.40 47.79 -18.28
CA PHE E 84 70.00 46.82 -19.29
C PHE E 84 68.89 47.44 -20.13
N SER E 85 69.10 47.57 -21.44
CA SER E 85 68.21 48.33 -22.30
C SER E 85 67.91 47.55 -23.56
N GLY E 86 66.67 47.61 -24.02
CA GLY E 86 66.26 46.89 -25.21
C GLY E 86 65.35 47.74 -26.07
N SER E 87 65.27 47.36 -27.35
CA SER E 87 64.51 48.12 -28.33
C SER E 87 64.01 47.18 -29.41
N GLY E 88 62.97 47.62 -30.12
CA GLY E 88 62.61 47.02 -31.40
C GLY E 88 61.18 46.56 -31.56
N SER E 89 60.75 46.48 -32.81
CA SER E 89 59.38 46.10 -33.17
C SER E 89 59.38 45.66 -34.63
N GLY E 90 58.37 44.86 -34.99
CA GLY E 90 58.28 44.34 -36.35
C GLY E 90 59.02 43.04 -36.52
N THR E 91 60.22 43.10 -37.09
CA THR E 91 61.14 41.97 -37.14
C THR E 91 62.53 42.41 -36.71
N ASP E 92 62.58 43.40 -35.82
CA ASP E 92 63.82 43.93 -35.25
C ASP E 92 63.63 43.99 -33.74
N PHE E 93 64.50 43.30 -33.01
CA PHE E 93 64.49 43.36 -31.55
C PHE E 93 65.94 43.16 -31.11
N THR E 94 66.46 44.06 -30.29
CA THR E 94 67.85 43.98 -29.88
C THR E 94 67.99 44.40 -28.43
N LEU E 95 68.91 43.74 -27.73
CA LEU E 95 69.26 44.09 -26.37
C LEU E 95 70.66 44.66 -26.34
N THR E 96 70.86 45.69 -25.50
CA THR E 96 72.16 46.27 -25.21
C THR E 96 72.42 46.23 -23.71
N ILE E 97 73.68 46.03 -23.36
CA ILE E 97 74.20 46.12 -22.00
C ILE E 97 75.42 47.03 -22.05
N SER E 98 75.46 48.03 -21.17
CA SER E 98 76.51 49.04 -21.24
C SER E 98 77.84 48.50 -20.71
N SER E 99 77.81 47.83 -19.55
CA SER E 99 79.02 47.32 -18.89
C SER E 99 78.70 45.95 -18.30
N LEU E 100 79.22 44.89 -18.91
CA LEU E 100 78.98 43.54 -18.44
C LEU E 100 79.85 43.22 -17.24
N GLU E 101 79.25 42.62 -16.23
CA GLU E 101 79.90 42.21 -14.99
C GLU E 101 79.49 40.78 -14.69
N PRO E 102 80.30 40.04 -13.91
CA PRO E 102 80.10 38.57 -13.82
C PRO E 102 78.73 38.12 -13.34
N GLU E 103 77.90 39.01 -12.78
CA GLU E 103 76.47 38.72 -12.66
C GLU E 103 75.79 38.51 -14.01
N ASP E 104 76.40 38.94 -15.12
CA ASP E 104 75.77 39.03 -16.42
C ASP E 104 76.33 38.09 -17.47
N PHE E 105 77.44 37.41 -17.23
CA PHE E 105 77.96 36.48 -18.23
C PHE E 105 77.09 35.24 -18.15
N ALA E 106 76.09 35.17 -19.01
CA ALA E 106 75.03 34.18 -18.88
C ALA E 106 74.55 33.82 -20.28
N VAL E 107 73.41 33.13 -20.36
CA VAL E 107 72.66 33.01 -21.60
C VAL E 107 71.51 34.03 -21.58
N TYR E 108 70.96 34.29 -22.75
CA TYR E 108 69.91 35.26 -22.97
C TYR E 108 68.99 34.72 -24.05
N TYR E 109 67.70 34.95 -23.85
CA TYR E 109 66.66 34.47 -24.75
C TYR E 109 65.75 35.64 -25.13
N CYS E 110 65.12 35.50 -26.28
CA CYS E 110 63.95 36.28 -26.64
C CYS E 110 62.79 35.30 -26.82
N GLN E 111 61.63 35.69 -26.28
CA GLN E 111 60.56 34.79 -25.96
C GLN E 111 59.23 35.43 -26.34
N CYS E 112 58.25 34.58 -26.62
CA CYS E 112 56.87 35.05 -26.67
C CYS E 112 55.95 33.85 -26.53
N ARG E 113 54.65 34.10 -26.70
CA ARG E 113 53.59 33.18 -26.38
C ARG E 113 52.67 33.13 -27.61
N SER E 114 51.71 32.21 -27.62
CA SER E 114 50.94 31.91 -28.82
C SER E 114 49.49 31.62 -28.48
N ASN E 115 48.68 31.78 -29.52
CA ASN E 115 47.30 31.35 -29.64
C ASN E 115 47.20 30.13 -30.54
N TRP E 116 47.75 30.20 -31.76
CA TRP E 116 47.72 29.10 -32.72
C TRP E 116 49.14 28.66 -33.03
N PRO E 117 49.55 27.41 -32.76
CA PRO E 117 48.97 26.52 -31.75
C PRO E 117 49.23 27.17 -30.40
N PRO E 118 48.35 27.07 -29.41
CA PRO E 118 48.68 27.64 -28.09
C PRO E 118 50.00 27.07 -27.59
N GLY E 119 50.91 27.95 -27.20
CA GLY E 119 52.18 27.50 -26.68
C GLY E 119 53.03 28.66 -26.23
N ILE E 120 54.34 28.42 -26.24
CA ILE E 120 55.37 29.43 -25.98
C ILE E 120 56.55 29.10 -26.87
N THR E 121 57.12 30.11 -27.53
CA THR E 121 58.35 29.93 -28.30
C THR E 121 59.45 30.80 -27.69
N PHE E 122 60.55 30.15 -27.30
CA PHE E 122 61.83 30.79 -27.05
C PHE E 122 62.62 30.93 -28.35
N GLY E 123 63.77 31.59 -28.26
CA GLY E 123 64.81 31.50 -29.27
C GLY E 123 65.76 30.35 -28.95
N GLN E 124 66.94 30.40 -29.57
CA GLN E 124 67.92 29.33 -29.39
C GLN E 124 68.94 29.61 -28.29
N GLY E 125 69.19 30.87 -27.97
CA GLY E 125 70.07 31.26 -26.88
C GLY E 125 71.39 31.82 -27.37
N THR E 126 71.99 32.67 -26.55
CA THR E 126 73.29 33.27 -26.84
C THR E 126 74.12 33.32 -25.57
N ARG E 127 75.16 32.49 -25.49
CA ARG E 127 75.99 32.39 -24.30
C ARG E 127 77.12 33.42 -24.34
N LEU E 128 77.48 33.90 -23.16
CA LEU E 128 78.44 34.99 -22.97
C LEU E 128 79.71 34.46 -22.31
N GLU E 129 80.86 34.91 -22.82
CA GLU E 129 82.16 34.44 -22.37
C GLU E 129 83.10 35.63 -22.17
N ILE E 130 84.11 35.40 -21.35
CA ILE E 130 85.18 36.36 -21.14
C ILE E 130 86.29 36.08 -22.16
N GLN F 23 2.15 65.67 2.39
CA GLN F 23 1.34 65.12 1.26
C GLN F 23 0.28 64.15 1.76
N VAL F 24 -0.38 64.52 2.85
CA VAL F 24 -1.41 63.66 3.45
C VAL F 24 -2.72 63.92 2.73
N GLN F 25 -2.98 63.14 1.68
CA GLN F 25 -4.17 63.35 0.87
C GLN F 25 -4.70 62.01 0.37
N LEU F 26 -5.98 62.05 0.03
CA LEU F 26 -6.66 61.05 -0.78
C LEU F 26 -7.00 61.67 -2.12
N VAL F 27 -6.90 60.88 -3.19
CA VAL F 27 -7.42 61.27 -4.50
C VAL F 27 -8.33 60.15 -4.99
N GLU F 28 -9.56 60.51 -5.32
CA GLU F 28 -10.53 59.56 -5.84
C GLU F 28 -10.25 59.25 -7.31
N SER F 29 -11.03 58.34 -7.89
CA SER F 29 -10.80 57.93 -9.27
C SER F 29 -11.96 57.06 -9.73
N GLY F 30 -12.23 57.10 -11.02
CA GLY F 30 -13.29 56.32 -11.64
C GLY F 30 -14.55 57.10 -11.99
N GLY F 31 -14.52 58.43 -11.93
CA GLY F 31 -15.70 59.20 -12.28
C GLY F 31 -16.10 58.96 -13.73
N GLY F 32 -17.41 58.89 -13.94
CA GLY F 32 -17.92 58.67 -15.28
C GLY F 32 -19.42 58.76 -15.31
N VAL F 33 -19.98 58.35 -16.46
CA VAL F 33 -21.42 58.38 -16.70
C VAL F 33 -21.85 57.00 -17.15
N VAL F 34 -23.03 56.57 -16.68
CA VAL F 34 -23.53 55.23 -16.95
C VAL F 34 -25.06 55.30 -16.99
N GLN F 35 -25.66 54.33 -17.70
CA GLN F 35 -27.10 54.26 -17.83
C GLN F 35 -27.73 53.76 -16.53
N PRO F 36 -29.02 54.05 -16.27
CA PRO F 36 -29.69 53.40 -15.15
C PRO F 36 -29.74 51.90 -15.31
N GLY F 37 -29.71 51.18 -14.19
CA GLY F 37 -29.70 49.75 -14.19
C GLY F 37 -28.34 49.11 -14.29
N ARG F 38 -27.34 49.86 -14.74
CA ARG F 38 -26.00 49.33 -14.99
C ARG F 38 -25.17 49.45 -13.71
N SER F 39 -23.87 49.17 -13.81
CA SER F 39 -22.97 49.18 -12.67
C SER F 39 -21.71 49.95 -13.01
N LEU F 40 -21.05 50.43 -11.96
CA LEU F 40 -19.83 51.21 -12.04
C LEU F 40 -18.97 50.79 -10.86
N ARG F 41 -17.66 50.92 -10.99
CA ARG F 41 -16.77 50.67 -9.86
C ARG F 41 -15.80 51.83 -9.75
N LEU F 42 -15.71 52.40 -8.55
CA LEU F 42 -14.83 53.52 -8.23
C LEU F 42 -13.63 53.07 -7.41
N SER F 43 -12.71 54.02 -7.18
CA SER F 43 -11.50 53.81 -6.41
C SER F 43 -11.17 55.07 -5.63
N CYS F 44 -10.53 54.91 -4.47
CA CYS F 44 -9.77 55.98 -3.85
C CYS F 44 -8.34 55.56 -3.58
N ALA F 45 -7.38 56.37 -4.03
CA ALA F 45 -5.97 56.24 -3.70
C ALA F 45 -5.67 57.06 -2.46
N ALA F 46 -4.95 56.47 -1.53
CA ALA F 46 -4.53 57.14 -0.30
C ALA F 46 -3.02 57.33 -0.33
N SER F 47 -2.54 58.39 0.33
CA SER F 47 -1.12 58.71 0.20
C SER F 47 -0.74 59.75 1.24
N GLY F 48 0.47 59.61 1.77
CA GLY F 48 0.97 60.46 2.83
C GLY F 48 0.82 59.89 4.23
N PHE F 49 0.18 58.73 4.37
CA PHE F 49 0.03 58.08 5.66
C PHE F 49 -0.02 56.57 5.43
N THR F 50 0.04 55.83 6.52
CA THR F 50 -0.06 54.37 6.49
C THR F 50 -1.51 53.95 6.31
N PHE F 51 -1.81 53.34 5.16
CA PHE F 51 -3.19 53.12 4.73
C PHE F 51 -3.91 52.16 5.66
N SER F 52 -3.27 51.07 6.05
CA SER F 52 -3.91 49.94 6.72
C SER F 52 -4.08 50.15 8.22
N SER F 53 -3.93 51.39 8.72
CA SER F 53 -4.04 51.72 10.13
C SER F 53 -5.25 52.58 10.46
N TYR F 54 -5.94 53.11 9.45
CA TYR F 54 -7.16 53.88 9.64
C TYR F 54 -8.31 53.23 8.90
N GLY F 55 -9.52 53.42 9.43
CA GLY F 55 -10.72 53.11 8.71
C GLY F 55 -11.09 54.20 7.72
N MET F 56 -11.86 53.82 6.71
CA MET F 56 -12.15 54.68 5.56
C MET F 56 -13.65 54.77 5.38
N HIS F 57 -14.13 55.93 4.95
CA HIS F 57 -15.53 56.12 4.62
C HIS F 57 -15.60 56.63 3.20
N TRP F 58 -16.77 56.45 2.55
CA TRP F 58 -17.16 57.27 1.41
C TRP F 58 -18.47 57.96 1.72
N VAL F 59 -18.46 59.29 1.62
CA VAL F 59 -19.62 60.14 1.81
C VAL F 59 -19.91 60.85 0.49
N ARG F 60 -21.18 60.84 0.07
CA ARG F 60 -21.60 61.35 -1.23
C ARG F 60 -22.49 62.57 -1.05
N GLN F 61 -22.25 63.57 -1.88
CA GLN F 61 -22.83 64.91 -1.79
C GLN F 61 -23.66 65.14 -3.06
N ALA F 62 -24.95 64.85 -2.99
CA ALA F 62 -25.77 64.92 -4.20
C ALA F 62 -25.82 66.38 -4.66
N PRO F 63 -25.93 66.62 -5.98
CA PRO F 63 -25.80 67.99 -6.50
C PRO F 63 -26.77 68.96 -5.85
N GLY F 64 -26.21 70.05 -5.30
CA GLY F 64 -27.01 71.07 -4.67
C GLY F 64 -27.53 70.71 -3.29
N LYS F 65 -27.06 69.59 -2.71
CA LYS F 65 -27.63 69.03 -1.50
C LYS F 65 -26.54 68.86 -0.46
N GLY F 66 -26.92 68.29 0.69
CA GLY F 66 -26.01 68.08 1.80
C GLY F 66 -25.31 66.74 1.75
N LEU F 67 -24.49 66.51 2.77
CA LEU F 67 -23.68 65.30 2.85
C LEU F 67 -24.52 64.13 3.34
N GLU F 68 -24.32 62.97 2.73
CA GLU F 68 -25.00 61.74 3.11
C GLU F 68 -23.98 60.61 3.15
N TRP F 69 -23.71 60.08 4.34
CA TRP F 69 -22.75 58.99 4.47
C TRP F 69 -23.22 57.79 3.67
N VAL F 70 -22.28 57.14 2.98
CA VAL F 70 -22.57 55.98 2.13
C VAL F 70 -22.04 54.71 2.75
N ALA F 71 -20.73 54.64 2.99
CA ALA F 71 -20.16 53.39 3.49
C ALA F 71 -18.95 53.66 4.38
N VAL F 72 -18.58 52.64 5.17
CA VAL F 72 -17.39 52.66 6.01
C VAL F 72 -16.69 51.31 5.89
N ILE F 73 -15.45 51.28 6.35
CA ILE F 73 -14.67 50.06 6.55
C ILE F 73 -13.76 50.30 7.75
N TRP F 74 -13.70 49.32 8.65
CA TRP F 74 -12.78 49.37 9.77
C TRP F 74 -11.33 49.32 9.29
N TYR F 75 -10.43 49.79 10.16
CA TYR F 75 -9.01 49.77 9.84
C TYR F 75 -8.47 48.36 9.57
N ASP F 76 -9.12 47.33 10.08
CA ASP F 76 -8.72 45.94 9.83
C ASP F 76 -9.67 45.21 8.89
N GLY F 77 -10.57 45.93 8.22
CA GLY F 77 -11.44 45.38 7.20
C GLY F 77 -12.27 44.19 7.64
N THR F 78 -12.57 44.09 8.93
CA THR F 78 -13.42 42.99 9.40
C THR F 78 -14.91 43.33 9.33
N ASN F 79 -15.29 44.62 9.45
CA ASN F 79 -16.68 45.03 9.53
C ASN F 79 -16.97 46.19 8.59
N THR F 80 -18.16 46.20 7.98
CA THR F 80 -18.71 47.35 7.29
C THR F 80 -20.16 47.56 7.71
N TYR F 81 -20.59 48.81 7.81
CA TYR F 81 -21.97 49.26 7.72
C TYR F 81 -22.19 50.19 6.54
N TYR F 82 -23.37 50.08 5.94
CA TYR F 82 -23.80 50.96 4.86
C TYR F 82 -25.09 51.69 5.25
N ALA F 83 -25.25 52.90 4.73
CA ALA F 83 -26.46 53.67 4.95
C ALA F 83 -27.66 52.95 4.35
N ASP F 84 -28.86 53.40 4.75
CA ASP F 84 -30.09 52.73 4.31
C ASP F 84 -30.27 52.88 2.80
N SER F 85 -29.97 54.06 2.26
CA SER F 85 -30.17 54.32 0.84
C SER F 85 -29.37 53.38 -0.07
N VAL F 86 -28.33 52.73 0.46
CA VAL F 86 -27.43 51.91 -0.34
C VAL F 86 -27.31 50.50 0.20
N LYS F 87 -28.20 50.13 1.14
CA LYS F 87 -28.06 48.84 1.82
C LYS F 87 -28.10 47.69 0.83
N GLY F 88 -27.04 46.90 0.82
CA GLY F 88 -26.99 45.73 -0.04
C GLY F 88 -26.68 46.02 -1.48
N ARG F 89 -26.26 47.24 -1.81
CA ARG F 89 -26.15 47.68 -3.20
C ARG F 89 -24.77 48.14 -3.58
N PHE F 90 -23.93 48.54 -2.63
CA PHE F 90 -22.54 48.90 -2.89
C PHE F 90 -21.66 47.99 -2.05
N THR F 91 -20.42 47.81 -2.51
CA THR F 91 -19.46 46.94 -1.83
C THR F 91 -18.20 47.75 -1.56
N ILE F 92 -17.80 47.83 -0.29
CA ILE F 92 -16.64 48.60 0.15
C ILE F 92 -15.51 47.62 0.46
N SER F 93 -14.31 47.90 -0.03
CA SER F 93 -13.20 46.98 0.17
C SER F 93 -11.88 47.73 -0.01
N ARG F 94 -10.88 47.29 0.76
CA ARG F 94 -9.55 47.88 0.77
C ARG F 94 -8.53 46.83 0.35
N ASP F 95 -7.63 47.17 -0.59
CA ASP F 95 -6.53 46.30 -0.97
C ASP F 95 -5.25 47.03 -0.56
N ASN F 96 -4.67 46.57 0.55
CA ASN F 96 -3.41 47.08 1.08
C ASN F 96 -2.21 46.80 0.18
N SER F 97 -2.34 45.93 -0.83
CA SER F 97 -1.21 45.66 -1.71
C SER F 97 -0.71 46.94 -2.38
N LYS F 98 -1.61 47.68 -3.03
CA LYS F 98 -1.31 49.01 -3.55
C LYS F 98 -1.66 50.13 -2.58
N ASN F 99 -2.19 49.80 -1.40
CA ASN F 99 -2.77 50.77 -0.46
C ASN F 99 -3.87 51.57 -1.14
N THR F 100 -4.73 50.87 -1.88
CA THR F 100 -5.81 51.47 -2.64
C THR F 100 -7.15 50.95 -2.14
N LEU F 101 -8.08 51.86 -1.88
CA LEU F 101 -9.45 51.52 -1.57
C LEU F 101 -10.24 51.40 -2.87
N TYR F 102 -11.24 50.53 -2.87
CA TYR F 102 -12.11 50.32 -4.01
C TYR F 102 -13.55 50.50 -3.58
N LEU F 103 -14.47 50.54 -4.53
CA LEU F 103 -15.88 50.37 -4.17
C LEU F 103 -16.67 49.96 -5.41
N GLN F 104 -17.28 48.78 -5.37
CA GLN F 104 -18.19 48.43 -6.44
C GLN F 104 -19.59 49.04 -6.20
N MET F 105 -20.38 49.08 -7.29
CA MET F 105 -21.72 49.67 -7.34
C MET F 105 -22.65 48.70 -8.05
N ASN F 106 -23.90 48.65 -7.61
CA ASN F 106 -24.91 47.84 -8.26
C ASN F 106 -26.24 48.56 -8.30
N SER F 107 -26.92 48.50 -9.44
CA SER F 107 -28.32 48.94 -9.54
C SER F 107 -28.48 50.45 -9.36
N LEU F 108 -27.55 51.22 -9.92
CA LEU F 108 -27.59 52.67 -9.78
C LEU F 108 -28.89 53.23 -10.35
N ARG F 109 -29.47 54.20 -9.65
CA ARG F 109 -30.71 54.86 -10.02
C ARG F 109 -30.47 56.37 -10.13
N ALA F 110 -31.52 57.10 -10.53
CA ALA F 110 -31.34 58.52 -10.85
C ALA F 110 -30.85 59.33 -9.68
N GLU F 111 -31.39 59.08 -8.47
CA GLU F 111 -30.94 59.81 -7.29
C GLU F 111 -29.45 59.69 -7.01
N ASP F 112 -28.80 58.63 -7.51
CA ASP F 112 -27.42 58.36 -7.17
C ASP F 112 -26.43 59.40 -7.66
N THR F 113 -26.83 60.31 -8.56
CA THR F 113 -25.93 61.36 -9.02
C THR F 113 -25.39 62.13 -7.82
N ALA F 114 -24.08 62.39 -7.82
CA ALA F 114 -23.48 62.91 -6.60
C ALA F 114 -22.01 63.25 -6.84
N VAL F 115 -21.42 63.86 -5.82
CA VAL F 115 -19.99 64.07 -5.70
C VAL F 115 -19.55 63.10 -4.62
N TYR F 116 -19.09 61.92 -5.01
CA TYR F 116 -18.54 60.97 -4.05
C TYR F 116 -17.20 61.50 -3.55
N TYR F 117 -17.18 62.03 -2.32
CA TYR F 117 -15.96 62.30 -1.58
C TYR F 117 -15.57 61.04 -0.81
N CYS F 118 -14.57 60.31 -1.29
CA CYS F 118 -13.89 59.40 -0.38
C CYS F 118 -13.26 60.19 0.77
N ALA F 119 -13.43 59.66 1.99
CA ALA F 119 -12.97 60.27 3.23
C ALA F 119 -12.18 59.27 4.06
N ARG F 120 -11.39 59.80 4.98
CA ARG F 120 -10.64 59.03 5.96
C ARG F 120 -11.22 59.23 7.34
N ASP F 121 -11.29 58.15 8.12
CA ASP F 121 -11.80 58.23 9.48
C ASP F 121 -10.88 59.10 10.35
N LEU F 122 -11.45 59.68 11.40
CA LEU F 122 -10.63 60.52 12.27
C LEU F 122 -9.72 59.71 13.16
N ALA F 123 -10.20 58.63 13.75
CA ALA F 123 -9.48 58.04 14.86
C ALA F 123 -8.48 57.02 14.35
N TYR F 124 -7.34 56.95 15.03
CA TYR F 124 -6.37 55.90 14.82
C TYR F 124 -6.75 54.78 15.78
N ARG F 125 -7.07 53.60 15.26
CA ARG F 125 -7.36 52.46 16.12
C ARG F 125 -8.35 52.81 17.24
N ASP F 126 -9.47 53.46 16.87
CA ASP F 126 -10.69 53.41 17.67
C ASP F 126 -11.84 52.98 16.77
N TYR F 127 -12.81 52.27 17.36
CA TYR F 127 -13.93 51.67 16.64
C TYR F 127 -15.17 52.55 16.55
N VAL F 128 -15.21 53.70 17.23
CA VAL F 128 -16.45 54.49 17.37
C VAL F 128 -17.01 54.92 16.01
N TRP F 129 -16.15 55.27 15.06
CA TRP F 129 -16.47 55.73 13.69
C TRP F 129 -17.48 56.89 13.68
N ARG F 130 -17.15 58.03 14.29
CA ARG F 130 -18.03 59.19 14.14
C ARG F 130 -17.52 60.24 13.14
N TYR F 131 -16.21 60.57 13.12
CA TYR F 131 -15.75 61.75 12.41
C TYR F 131 -14.88 61.45 11.19
N PHE F 132 -14.95 62.37 10.22
CA PHE F 132 -14.21 62.37 8.94
C PHE F 132 -13.15 63.47 8.95
N ASP F 133 -11.89 63.11 9.19
CA ASP F 133 -10.84 64.10 9.40
C ASP F 133 -10.17 64.60 8.12
N LEU F 134 -10.37 63.95 6.98
CA LEU F 134 -9.59 64.26 5.78
C LEU F 134 -10.35 63.74 4.57
N TRP F 135 -10.49 64.60 3.56
CA TRP F 135 -11.48 64.40 2.51
C TRP F 135 -10.80 64.37 1.15
N GLY F 136 -11.22 63.42 0.31
CA GLY F 136 -10.87 63.47 -1.09
C GLY F 136 -11.52 64.65 -1.79
N ARG F 137 -10.92 65.06 -2.92
CA ARG F 137 -11.45 66.20 -3.66
C ARG F 137 -12.86 65.96 -4.20
N GLY F 138 -13.33 64.71 -4.24
CA GLY F 138 -14.68 64.43 -4.70
C GLY F 138 -14.78 64.21 -6.20
N THR F 139 -15.38 63.10 -6.64
CA THR F 139 -15.63 62.86 -8.06
C THR F 139 -17.11 62.96 -8.37
N LEU F 140 -17.44 63.76 -9.38
CA LEU F 140 -18.74 63.71 -10.01
C LEU F 140 -19.02 62.31 -10.51
N VAL F 141 -20.24 61.83 -10.28
CA VAL F 141 -20.82 60.73 -11.04
C VAL F 141 -22.28 61.09 -11.30
N THR F 142 -22.72 60.96 -12.55
CA THR F 142 -24.10 61.23 -12.91
C THR F 142 -24.57 60.18 -13.91
N VAL F 143 -25.88 59.95 -13.91
CA VAL F 143 -26.52 58.96 -14.76
C VAL F 143 -27.69 59.58 -15.49
N GLU G 23 -35.78 58.38 16.12
CA GLU G 23 -34.73 58.99 15.26
C GLU G 23 -34.63 60.48 15.53
N ILE G 24 -33.42 61.00 15.39
CA ILE G 24 -33.11 62.39 15.70
C ILE G 24 -33.22 63.21 14.42
N VAL G 25 -34.07 64.24 14.44
CA VAL G 25 -34.15 65.21 13.36
C VAL G 25 -33.84 66.57 13.96
N LEU G 26 -32.78 67.19 13.48
CA LEU G 26 -32.28 68.40 14.10
C LEU G 26 -33.14 69.58 13.66
N THR G 27 -33.49 70.47 14.58
CA THR G 27 -34.36 71.61 14.28
C THR G 27 -33.59 72.90 14.52
N GLN G 28 -33.36 73.66 13.45
CA GLN G 28 -32.42 74.78 13.45
C GLN G 28 -33.16 76.12 13.41
N SER G 29 -32.75 77.04 14.28
CA SER G 29 -33.27 78.39 14.31
C SER G 29 -32.14 79.39 14.54
N PRO G 30 -32.31 80.66 14.11
CA PRO G 30 -33.34 81.19 13.21
C PRO G 30 -33.12 80.70 11.79
N ALA G 31 -34.18 80.73 10.96
CA ALA G 31 -34.05 80.29 9.56
C ALA G 31 -32.91 80.99 8.83
N THR G 32 -32.64 82.26 9.17
CA THR G 32 -31.55 83.02 8.56
C THR G 32 -31.09 84.07 9.56
N LEU G 33 -29.86 84.55 9.35
CA LEU G 33 -29.30 85.65 10.12
C LEU G 33 -28.79 86.72 9.17
N SER G 34 -29.07 87.97 9.50
CA SER G 34 -28.49 89.12 8.81
C SER G 34 -27.95 90.06 9.86
N LEU G 35 -26.67 90.40 9.74
CA LEU G 35 -25.95 91.08 10.81
C LEU G 35 -24.69 91.69 10.23
N SER G 36 -24.19 92.71 10.91
CA SER G 36 -22.96 93.37 10.49
C SER G 36 -21.76 92.57 11.00
N PRO G 37 -20.60 92.69 10.34
CA PRO G 37 -19.39 92.04 10.88
C PRO G 37 -18.99 92.66 12.21
N GLY G 38 -18.15 91.93 12.95
CA GLY G 38 -17.64 92.40 14.22
C GLY G 38 -18.53 92.14 15.41
N GLU G 39 -19.80 91.79 15.19
CA GLU G 39 -20.78 91.64 16.24
C GLU G 39 -20.79 90.16 16.67
N ARG G 40 -21.64 89.80 17.63
CA ARG G 40 -21.70 88.45 18.18
C ARG G 40 -22.92 87.75 17.57
N ALA G 41 -22.65 86.69 16.81
CA ALA G 41 -23.69 85.95 16.09
C ALA G 41 -23.93 84.61 16.78
N THR G 42 -25.17 84.38 17.22
CA THR G 42 -25.53 83.15 17.94
C THR G 42 -26.65 82.43 17.22
N LEU G 43 -26.36 81.22 16.73
CA LEU G 43 -27.35 80.31 16.16
C LEU G 43 -27.73 79.24 17.18
N SER G 44 -28.95 78.69 17.04
CA SER G 44 -29.44 77.61 17.87
C SER G 44 -29.85 76.41 17.01
N CYS G 45 -29.55 75.22 17.53
CA CYS G 45 -29.96 73.93 16.98
C CYS G 45 -30.55 73.15 18.14
N ARG G 46 -31.86 72.93 18.08
CA ARG G 46 -32.61 72.17 19.05
C ARG G 46 -32.81 70.76 18.48
N ALA G 47 -32.08 69.81 19.05
CA ALA G 47 -32.23 68.40 18.72
C ALA G 47 -33.58 67.86 19.19
N SER G 48 -34.09 66.85 18.49
CA SER G 48 -35.37 66.28 18.89
C SER G 48 -35.29 65.61 20.26
N GLN G 49 -34.22 64.86 20.53
CA GLN G 49 -34.12 64.07 21.75
C GLN G 49 -32.66 63.96 22.18
N SER G 50 -32.47 63.75 23.49
CA SER G 50 -31.15 63.73 24.11
C SER G 50 -30.14 62.89 23.34
N VAL G 51 -28.91 63.40 23.23
CA VAL G 51 -27.83 62.74 22.52
C VAL G 51 -26.59 62.66 23.40
N SER G 52 -26.75 62.92 24.71
CA SER G 52 -25.61 63.07 25.61
C SER G 52 -24.80 64.28 25.16
N THR G 53 -23.60 64.07 24.61
CA THR G 53 -22.63 65.13 24.43
C THR G 53 -22.15 65.12 22.97
N TYR G 54 -22.85 64.40 22.10
CA TYR G 54 -22.29 63.89 20.85
C TYR G 54 -23.02 64.56 19.68
N LEU G 55 -22.47 65.70 19.28
CA LEU G 55 -23.03 66.58 18.26
C LEU G 55 -21.85 67.28 17.60
N ALA G 56 -21.99 67.56 16.31
CA ALA G 56 -20.93 68.25 15.59
C ALA G 56 -21.52 69.39 14.77
N TRP G 57 -20.68 70.39 14.50
CA TRP G 57 -21.04 71.54 13.69
C TRP G 57 -20.19 71.54 12.43
N TYR G 58 -20.82 71.78 11.28
CA TYR G 58 -20.12 71.83 10.00
C TYR G 58 -20.39 73.16 9.30
N GLN G 59 -19.33 73.81 8.84
CA GLN G 59 -19.39 75.13 8.19
C GLN G 59 -19.01 74.99 6.73
N GLN G 60 -19.96 75.30 5.84
CA GLN G 60 -19.79 75.10 4.40
C GLN G 60 -19.99 76.43 3.70
N LYS G 61 -18.91 76.94 3.11
CA LYS G 61 -18.96 78.08 2.21
C LYS G 61 -19.58 77.66 0.87
N PHE G 62 -20.13 78.64 0.15
CA PHE G 62 -20.80 78.35 -1.11
C PHE G 62 -19.85 77.67 -2.09
N GLY G 63 -20.15 76.42 -2.42
CA GLY G 63 -19.35 75.64 -3.34
C GLY G 63 -18.20 74.90 -2.67
N GLN G 64 -17.79 75.32 -1.48
CA GLN G 64 -16.57 74.84 -0.86
C GLN G 64 -16.79 73.44 -0.30
N ALA G 65 -15.77 72.90 0.39
CA ALA G 65 -15.87 71.66 1.13
C ALA G 65 -16.15 71.95 2.59
N PRO G 66 -17.21 71.47 3.22
CA PRO G 66 -17.38 71.71 4.66
C PRO G 66 -16.20 71.16 5.45
N ARG G 67 -15.89 71.86 6.54
CA ARG G 67 -14.85 71.46 7.48
C ARG G 67 -15.44 71.45 8.88
N LEU G 68 -15.15 70.40 9.65
CA LEU G 68 -15.65 70.35 11.01
C LEU G 68 -15.14 71.55 11.80
N LEU G 69 -16.02 72.08 12.65
CA LEU G 69 -15.71 73.20 13.54
C LEU G 69 -15.69 72.78 14.99
N ILE G 70 -16.76 72.13 15.43
CA ILE G 70 -16.97 71.74 16.82
C ILE G 70 -17.38 70.28 16.82
N TYR G 71 -16.73 69.48 17.67
CA TYR G 71 -17.13 68.10 17.93
C TYR G 71 -17.27 67.96 19.43
N ASP G 72 -18.15 67.07 19.86
CA ASP G 72 -18.50 66.86 21.27
C ASP G 72 -19.38 68.00 21.80
N ALA G 73 -19.75 68.97 20.96
CA ALA G 73 -20.72 70.03 21.19
C ALA G 73 -20.21 71.13 22.10
N SER G 74 -19.00 71.03 22.67
CA SER G 74 -18.28 72.23 23.10
C SER G 74 -16.79 72.23 22.76
N ASN G 75 -16.28 71.25 22.01
CA ASN G 75 -14.85 71.11 21.82
C ASN G 75 -14.43 71.84 20.55
N ARG G 76 -13.49 72.77 20.70
CA ARG G 76 -12.99 73.54 19.55
C ARG G 76 -11.96 72.71 18.82
N ALA G 77 -12.39 72.07 17.73
CA ALA G 77 -11.52 71.25 16.91
C ALA G 77 -10.30 72.02 16.42
N THR G 78 -9.28 71.28 16.01
CA THR G 78 -8.02 71.87 15.60
C THR G 78 -8.19 72.72 14.35
N GLY G 79 -7.31 73.71 14.20
CA GLY G 79 -7.40 74.67 13.12
C GLY G 79 -8.48 75.71 13.24
N ILE G 80 -9.17 75.77 14.37
CA ILE G 80 -10.32 76.65 14.58
C ILE G 80 -9.88 77.77 15.53
N PRO G 81 -9.67 78.99 15.05
CA PRO G 81 -9.48 80.14 15.95
C PRO G 81 -10.52 80.20 17.06
N ALA G 82 -10.09 80.75 18.21
CA ALA G 82 -10.88 80.72 19.43
C ALA G 82 -12.15 81.56 19.35
N ARG G 83 -12.29 82.42 18.34
CA ARG G 83 -13.53 83.16 18.11
C ARG G 83 -14.74 82.27 17.80
N PHE G 84 -14.57 80.96 17.62
CA PHE G 84 -15.66 80.03 17.40
C PHE G 84 -15.92 79.26 18.69
N SER G 85 -17.14 79.36 19.22
CA SER G 85 -17.50 78.71 20.47
C SER G 85 -18.85 78.04 20.29
N GLY G 86 -19.02 76.84 20.87
CA GLY G 86 -20.33 76.23 20.92
C GLY G 86 -20.56 75.58 22.27
N SER G 87 -21.85 75.39 22.58
CA SER G 87 -22.25 74.96 23.90
C SER G 87 -23.55 74.18 23.78
N GLY G 88 -23.81 73.35 24.80
CA GLY G 88 -25.11 72.69 24.93
C GLY G 88 -25.05 71.19 25.10
N SER G 89 -26.11 70.62 25.67
CA SER G 89 -26.24 69.17 25.71
C SER G 89 -27.69 68.82 25.96
N GLY G 90 -28.05 67.60 25.56
CA GLY G 90 -29.42 67.12 25.61
C GLY G 90 -30.19 67.46 24.35
N THR G 91 -31.03 68.50 24.39
CA THR G 91 -31.69 69.03 23.20
C THR G 91 -31.60 70.56 23.12
N ASP G 92 -30.52 71.13 23.64
CA ASP G 92 -30.20 72.54 23.46
C ASP G 92 -28.75 72.63 23.00
N PHE G 93 -28.52 73.25 21.83
CA PHE G 93 -27.18 73.31 21.28
C PHE G 93 -27.09 74.61 20.52
N THR G 94 -26.08 75.44 20.81
CA THR G 94 -25.97 76.71 20.14
C THR G 94 -24.52 77.05 19.87
N LEU G 95 -24.28 77.69 18.73
CA LEU G 95 -22.96 78.17 18.35
C LEU G 95 -22.94 79.69 18.40
N THR G 96 -21.82 80.24 18.88
CA THR G 96 -21.54 81.66 18.92
C THR G 96 -20.26 81.98 18.18
N ILE G 97 -20.25 83.14 17.52
CA ILE G 97 -19.09 83.65 16.81
C ILE G 97 -18.86 85.07 17.30
N SER G 98 -17.62 85.36 17.70
CA SER G 98 -17.30 86.65 18.30
C SER G 98 -17.22 87.76 17.27
N SER G 99 -16.52 87.51 16.17
CA SER G 99 -16.18 88.54 15.20
C SER G 99 -16.31 87.92 13.81
N LEU G 100 -17.35 88.28 13.08
CA LEU G 100 -17.57 87.71 11.76
C LEU G 100 -16.66 88.41 10.78
N GLU G 101 -16.00 87.64 9.92
CA GLU G 101 -15.18 88.14 8.84
C GLU G 101 -15.56 87.36 7.59
N PRO G 102 -15.28 87.89 6.39
CA PRO G 102 -15.64 87.16 5.17
C PRO G 102 -15.08 85.75 5.07
N GLU G 103 -14.06 85.40 5.87
CA GLU G 103 -13.68 84.00 6.04
C GLU G 103 -14.75 83.15 6.73
N ASP G 104 -15.74 83.78 7.37
CA ASP G 104 -16.71 83.08 8.21
C ASP G 104 -18.14 83.11 7.70
N PHE G 105 -18.46 83.97 6.73
CA PHE G 105 -19.82 84.13 6.23
C PHE G 105 -20.17 82.94 5.35
N ALA G 106 -20.83 81.94 5.94
CA ALA G 106 -21.16 80.72 5.21
C ALA G 106 -22.45 80.13 5.75
N VAL G 107 -22.73 78.88 5.36
CA VAL G 107 -23.86 78.13 5.90
C VAL G 107 -23.32 77.17 6.97
N TYR G 108 -24.22 76.67 7.81
CA TYR G 108 -23.86 75.89 8.99
C TYR G 108 -24.88 74.79 9.20
N TYR G 109 -24.41 73.61 9.60
CA TYR G 109 -25.25 72.48 9.91
C TYR G 109 -24.89 71.91 11.27
N CYS G 110 -25.86 71.26 11.89
CA CYS G 110 -25.68 70.50 13.12
C CYS G 110 -25.98 69.03 12.84
N GLN G 111 -25.12 68.17 13.38
CA GLN G 111 -24.92 66.81 12.91
C GLN G 111 -24.78 65.90 14.13
N CYS G 112 -25.14 64.64 13.95
CA CYS G 112 -24.97 63.66 15.03
C CYS G 112 -24.99 62.27 14.42
N ARG G 113 -25.04 61.27 15.29
CA ARG G 113 -24.99 59.87 14.89
C ARG G 113 -26.12 59.12 15.59
N SER G 114 -26.34 57.88 15.18
CA SER G 114 -27.57 57.16 15.51
C SER G 114 -27.26 55.69 15.77
N ASN G 115 -28.16 55.06 16.51
CA ASN G 115 -28.23 53.62 16.65
C ASN G 115 -29.38 53.00 15.86
N TRP G 116 -30.61 53.48 16.06
CA TRP G 116 -31.80 52.91 15.41
C TRP G 116 -32.42 53.88 14.42
N PRO G 117 -32.51 53.55 13.12
CA PRO G 117 -31.61 52.69 12.35
C PRO G 117 -30.26 53.40 12.32
N PRO G 118 -29.12 52.71 12.36
CA PRO G 118 -27.84 53.43 12.35
C PRO G 118 -27.75 54.37 11.16
N GLY G 119 -27.34 55.60 11.42
CA GLY G 119 -27.19 56.57 10.34
C GLY G 119 -26.66 57.88 10.87
N ILE G 120 -26.96 58.94 10.11
CA ILE G 120 -26.66 60.32 10.47
C ILE G 120 -27.80 61.19 9.95
N THR G 121 -28.28 62.11 10.77
CA THR G 121 -29.22 63.15 10.32
C THR G 121 -28.59 64.52 10.49
N PHE G 122 -28.50 65.26 9.38
CA PHE G 122 -28.14 66.67 9.37
C PHE G 122 -29.37 67.55 9.61
N GLY G 123 -29.14 68.86 9.72
CA GLY G 123 -30.20 69.85 9.73
C GLY G 123 -30.56 70.33 8.34
N GLN G 124 -31.23 71.49 8.28
CA GLN G 124 -31.63 72.09 7.02
C GLN G 124 -30.66 73.13 6.49
N GLY G 125 -29.87 73.75 7.35
CA GLY G 125 -28.87 74.75 7.01
C GLY G 125 -29.32 76.15 7.41
N THR G 126 -28.33 77.00 7.68
CA THR G 126 -28.56 78.33 8.24
C THR G 126 -27.64 79.34 7.56
N ARG G 127 -28.20 80.23 6.74
CA ARG G 127 -27.39 81.15 5.94
C ARG G 127 -27.07 82.41 6.74
N LEU G 128 -25.89 82.96 6.48
CA LEU G 128 -25.40 84.18 7.11
C LEU G 128 -25.29 85.30 6.09
N GLU G 129 -25.76 86.49 6.45
CA GLU G 129 -25.78 87.64 5.56
C GLU G 129 -25.28 88.86 6.29
N ILE G 130 -24.77 89.81 5.52
CA ILE G 130 -24.23 91.04 6.09
C ILE G 130 -25.36 91.94 6.58
N GLN H 23 9.16 31.68 53.98
CA GLN H 23 8.27 30.52 54.29
C GLN H 23 8.91 29.21 53.87
N VAL H 24 10.20 29.05 54.16
CA VAL H 24 10.94 27.84 53.78
C VAL H 24 10.69 26.84 54.90
N GLN H 25 9.64 26.04 54.73
CA GLN H 25 9.28 25.05 55.73
C GLN H 25 8.72 23.81 55.04
N LEU H 26 8.77 22.69 55.78
CA LEU H 26 8.03 21.49 55.46
C LEU H 26 6.94 21.27 56.50
N VAL H 27 5.78 20.78 56.06
CA VAL H 27 4.72 20.37 56.97
C VAL H 27 4.33 18.94 56.61
N GLU H 28 4.39 18.06 57.60
CA GLU H 28 4.09 16.65 57.41
C GLU H 28 2.57 16.43 57.33
N SER H 29 2.16 15.19 57.08
CA SER H 29 0.76 14.85 56.95
C SER H 29 0.60 13.34 56.89
N GLY H 30 -0.54 12.86 57.37
CA GLY H 30 -0.89 11.46 57.28
C GLY H 30 -0.75 10.65 58.56
N GLY H 31 -0.54 11.31 59.70
CA GLY H 31 -0.51 10.59 60.96
C GLY H 31 -1.83 9.90 61.23
N GLY H 32 -1.75 8.70 61.78
CA GLY H 32 -2.95 7.93 62.04
C GLY H 32 -2.62 6.64 62.77
N VAL H 33 -3.61 5.76 62.85
CA VAL H 33 -3.51 4.49 63.55
C VAL H 33 -3.92 3.37 62.62
N VAL H 34 -3.21 2.24 62.70
CA VAL H 34 -3.52 1.06 61.91
C VAL H 34 -3.12 -0.16 62.73
N GLN H 35 -3.73 -1.31 62.42
CA GLN H 35 -3.37 -2.57 63.03
C GLN H 35 -2.04 -3.09 62.46
N PRO H 36 -1.33 -3.95 63.18
CA PRO H 36 -0.16 -4.60 62.57
C PRO H 36 -0.56 -5.44 61.37
N GLY H 37 0.36 -5.54 60.40
CA GLY H 37 0.14 -6.31 59.19
C GLY H 37 -0.55 -5.56 58.07
N ARG H 38 -1.24 -4.46 58.38
CA ARG H 38 -1.91 -3.62 57.41
C ARG H 38 -0.93 -2.54 56.94
N SER H 39 -1.42 -1.54 56.19
CA SER H 39 -0.55 -0.59 55.51
C SER H 39 -1.04 0.84 55.74
N LEU H 40 -0.10 1.77 55.60
CA LEU H 40 -0.31 3.18 55.82
C LEU H 40 0.52 3.95 54.79
N ARG H 41 0.07 5.16 54.45
CA ARG H 41 0.84 6.07 53.62
C ARG H 41 0.88 7.43 54.29
N LEU H 42 2.08 8.01 54.40
CA LEU H 42 2.26 9.39 54.85
C LEU H 42 2.61 10.28 53.66
N SER H 43 2.64 11.58 53.92
CA SER H 43 3.08 12.58 52.96
C SER H 43 3.79 13.68 53.71
N CYS H 44 4.77 14.32 53.07
CA CYS H 44 5.33 15.57 53.56
C CYS H 44 5.22 16.62 52.46
N ALA H 45 4.66 17.78 52.80
CA ALA H 45 4.59 18.93 51.92
C ALA H 45 5.81 19.81 52.14
N ALA H 46 6.44 20.24 51.06
CA ALA H 46 7.56 21.18 51.10
C ALA H 46 7.12 22.50 50.51
N SER H 47 7.72 23.60 50.96
CA SER H 47 7.28 24.89 50.46
C SER H 47 8.27 25.97 50.88
N GLY H 48 8.49 26.94 49.98
CA GLY H 48 9.38 28.05 50.18
C GLY H 48 10.77 27.86 49.58
N PHE H 49 11.05 26.67 49.04
CA PHE H 49 12.32 26.35 48.43
C PHE H 49 12.04 25.34 47.33
N THR H 50 13.07 25.06 46.52
CA THR H 50 12.88 24.20 45.36
C THR H 50 12.85 22.75 45.82
N PHE H 51 11.68 22.12 45.68
CA PHE H 51 11.51 20.74 46.11
C PHE H 51 12.38 19.79 45.31
N SER H 52 12.43 19.98 43.99
CA SER H 52 13.19 19.06 43.14
C SER H 52 14.67 19.38 43.07
N SER H 53 15.21 20.21 43.97
CA SER H 53 16.64 20.52 44.01
C SER H 53 17.37 19.99 45.23
N TYR H 54 16.66 19.53 46.26
CA TYR H 54 17.27 18.99 47.47
C TYR H 54 16.85 17.55 47.71
N GLY H 55 17.73 16.79 48.37
CA GLY H 55 17.36 15.46 48.79
C GLY H 55 16.56 15.49 50.08
N MET H 56 15.80 14.42 50.29
CA MET H 56 14.82 14.32 51.37
C MET H 56 15.07 13.06 52.16
N HIS H 57 14.84 13.13 53.47
CA HIS H 57 14.95 11.97 54.35
C HIS H 57 13.64 11.77 55.10
N TRP H 58 13.44 10.55 55.57
CA TRP H 58 12.47 10.24 56.62
C TRP H 58 13.24 9.61 57.76
N VAL H 59 13.20 10.27 58.93
CA VAL H 59 13.75 9.77 60.18
C VAL H 59 12.61 9.60 61.18
N ARG H 60 12.56 8.45 61.86
CA ARG H 60 11.46 8.13 62.76
C ARG H 60 11.96 8.04 64.20
N GLN H 61 11.19 8.62 65.11
CA GLN H 61 11.55 8.76 66.52
C GLN H 61 10.55 7.95 67.35
N ALA H 62 10.92 6.70 67.64
CA ALA H 62 10.07 5.87 68.47
C ALA H 62 9.97 6.46 69.86
N PRO H 63 8.83 6.27 70.56
CA PRO H 63 8.60 6.97 71.84
C PRO H 63 9.71 6.75 72.86
N GLY H 64 10.26 7.86 73.35
CA GLY H 64 11.26 7.83 74.40
C GLY H 64 12.65 7.45 73.96
N LYS H 65 12.90 7.34 72.66
CA LYS H 65 14.14 6.83 72.10
C LYS H 65 14.72 7.86 71.14
N GLY H 66 15.83 7.48 70.51
CA GLY H 66 16.54 8.39 69.64
C GLY H 66 16.07 8.31 68.20
N LEU H 67 16.71 9.12 67.37
CA LEU H 67 16.35 9.24 65.98
C LEU H 67 16.91 8.05 65.21
N GLU H 68 16.11 7.51 64.29
CA GLU H 68 16.49 6.32 63.52
C GLU H 68 16.13 6.60 62.07
N TRP H 69 17.15 6.70 61.21
CA TRP H 69 16.92 7.00 59.81
C TRP H 69 16.08 5.89 59.17
N VAL H 70 15.13 6.31 58.33
CA VAL H 70 14.24 5.38 57.62
C VAL H 70 14.58 5.32 56.14
N ALA H 71 14.51 6.47 55.45
CA ALA H 71 14.82 6.46 54.03
C ALA H 71 15.43 7.81 53.62
N VAL H 72 16.08 7.83 52.45
CA VAL H 72 16.57 9.05 51.82
C VAL H 72 16.28 9.01 50.32
N ILE H 73 16.38 10.17 49.69
CA ILE H 73 16.34 10.31 48.24
C ILE H 73 17.24 11.47 47.86
N TRP H 74 18.05 11.24 46.82
CA TRP H 74 18.73 12.33 46.14
C TRP H 74 17.72 13.24 45.44
N TYR H 75 18.19 14.44 45.12
CA TYR H 75 17.33 15.54 44.75
C TYR H 75 16.49 15.27 43.52
N ASP H 76 16.91 14.34 42.66
CA ASP H 76 16.13 13.98 41.48
C ASP H 76 15.47 12.61 41.62
N GLY H 77 15.47 12.04 42.82
CA GLY H 77 14.75 10.81 43.09
C GLY H 77 15.10 9.67 42.18
N THR H 78 16.32 9.66 41.64
CA THR H 78 16.71 8.65 40.68
C THR H 78 17.27 7.41 41.34
N ASN H 79 17.77 7.52 42.56
CA ASN H 79 18.15 6.35 43.35
C ASN H 79 17.82 6.53 44.83
N THR H 80 17.43 5.43 45.48
CA THR H 80 16.96 5.48 46.86
C THR H 80 17.59 4.41 47.74
N TYR H 81 17.96 4.79 48.96
CA TYR H 81 18.41 3.90 50.02
C TYR H 81 17.48 3.90 51.23
N TYR H 82 17.32 2.72 51.83
CA TYR H 82 16.53 2.51 53.04
C TYR H 82 17.41 1.92 54.14
N ALA H 83 17.09 2.25 55.39
CA ALA H 83 17.74 1.59 56.51
C ALA H 83 17.43 0.09 56.51
N ASP H 84 18.20 -0.66 57.29
CA ASP H 84 18.00 -2.12 57.33
C ASP H 84 16.65 -2.49 57.94
N SER H 85 16.24 -1.80 59.01
CA SER H 85 15.00 -2.17 59.70
C SER H 85 13.76 -2.10 58.81
N VAL H 86 13.83 -1.38 57.69
CA VAL H 86 12.70 -1.17 56.80
C VAL H 86 12.99 -1.63 55.37
N LYS H 87 14.11 -2.34 55.17
CA LYS H 87 14.49 -2.77 53.83
C LYS H 87 13.39 -3.64 53.21
N GLY H 88 12.87 -3.21 52.08
CA GLY H 88 11.89 -3.98 51.36
C GLY H 88 10.48 -3.90 51.91
N ARG H 89 10.22 -2.98 52.85
CA ARG H 89 8.92 -2.86 53.48
C ARG H 89 8.29 -1.49 53.35
N PHE H 90 9.07 -0.43 53.13
CA PHE H 90 8.56 0.92 52.93
C PHE H 90 9.00 1.42 51.58
N THR H 91 8.23 2.36 51.04
CA THR H 91 8.51 2.96 49.73
C THR H 91 8.58 4.46 49.89
N ILE H 92 9.70 5.06 49.50
CA ILE H 92 9.88 6.51 49.50
C ILE H 92 9.81 7.00 48.06
N SER H 93 9.10 8.11 47.86
CA SER H 93 8.90 8.63 46.51
C SER H 93 8.55 10.11 46.58
N ARG H 94 8.98 10.85 45.56
CA ARG H 94 8.68 12.27 45.41
C ARG H 94 7.92 12.51 44.11
N ASP H 95 6.82 13.27 44.19
CA ASP H 95 6.12 13.76 42.99
C ASP H 95 6.24 15.29 42.99
N ASN H 96 7.15 15.79 42.14
CA ASN H 96 7.39 17.21 41.94
C ASN H 96 6.21 17.94 41.32
N SER H 97 5.21 17.22 40.79
CA SER H 97 4.03 17.87 40.24
C SER H 97 3.35 18.75 41.28
N LYS H 98 3.05 18.18 42.45
CA LYS H 98 2.52 18.92 43.59
C LYS H 98 3.61 19.41 44.54
N ASN H 99 4.88 19.10 44.26
CA ASN H 99 5.98 19.30 45.20
C ASN H 99 5.72 18.56 46.50
N THR H 100 5.28 17.31 46.39
CA THR H 100 4.90 16.50 47.55
C THR H 100 5.76 15.26 47.65
N LEU H 101 6.30 15.03 48.84
CA LEU H 101 6.95 13.80 49.24
C LEU H 101 5.91 12.83 49.77
N TYR H 102 6.17 11.53 49.57
CA TYR H 102 5.28 10.48 50.03
C TYR H 102 6.09 9.53 50.90
N LEU H 103 5.39 8.60 51.56
CA LEU H 103 6.05 7.38 52.00
C LEU H 103 4.98 6.32 52.23
N GLN H 104 5.01 5.25 51.47
CA GLN H 104 4.15 4.10 51.70
C GLN H 104 4.76 3.15 52.73
N MET H 105 3.90 2.28 53.27
CA MET H 105 4.22 1.27 54.27
C MET H 105 3.58 -0.05 53.89
N ASN H 106 4.28 -1.14 54.18
CA ASN H 106 3.75 -2.48 54.03
C ASN H 106 4.22 -3.32 55.21
N SER H 107 3.33 -4.13 55.77
CA SER H 107 3.66 -5.09 56.82
C SER H 107 4.08 -4.40 58.11
N LEU H 108 3.40 -3.31 58.46
CA LEU H 108 3.74 -2.55 59.66
C LEU H 108 3.65 -3.42 60.90
N ARG H 109 4.61 -3.27 61.80
CA ARG H 109 4.70 -4.03 63.04
C ARG H 109 4.72 -3.09 64.24
N ALA H 110 4.72 -3.70 65.44
CA ALA H 110 4.52 -2.95 66.68
C ALA H 110 5.59 -1.89 66.90
N GLU H 111 6.86 -2.23 66.62
CA GLU H 111 7.94 -1.25 66.77
C GLU H 111 7.72 0.00 65.95
N ASP H 112 6.94 -0.08 64.88
CA ASP H 112 6.82 1.02 63.93
C ASP H 112 6.18 2.27 64.52
N THR H 113 5.56 2.20 65.70
CA THR H 113 5.07 3.41 66.34
C THR H 113 6.20 4.40 66.49
N ALA H 114 5.95 5.65 66.11
CA ALA H 114 7.02 6.63 66.02
C ALA H 114 6.46 8.01 65.69
N VAL H 115 7.36 8.99 65.73
CA VAL H 115 7.15 10.33 65.21
C VAL H 115 7.98 10.42 63.94
N TYR H 116 7.35 10.17 62.79
CA TYR H 116 8.01 10.28 61.50
C TYR H 116 8.26 11.76 61.17
N TYR H 117 9.52 12.18 61.30
CA TYR H 117 10.04 13.47 60.81
C TYR H 117 10.51 13.32 59.37
N CYS H 118 9.73 13.80 58.40
CA CYS H 118 10.36 14.14 57.13
C CYS H 118 11.40 15.23 57.37
N ALA H 119 12.58 15.08 56.75
CA ALA H 119 13.66 16.05 56.83
C ALA H 119 14.16 16.39 55.42
N ARG H 120 14.85 17.53 55.33
CA ARG H 120 15.49 17.97 54.09
C ARG H 120 17.01 17.92 54.22
N ASP H 121 17.68 17.47 53.16
CA ASP H 121 19.12 17.25 53.16
C ASP H 121 19.92 18.55 53.29
N LEU H 122 21.15 18.42 53.81
CA LEU H 122 22.00 19.59 54.05
C LEU H 122 22.61 20.17 52.78
N ALA H 123 23.11 19.32 51.90
CA ALA H 123 23.97 19.75 50.81
C ALA H 123 23.15 20.11 49.58
N TYR H 124 23.62 21.12 48.84
CA TYR H 124 23.02 21.42 47.55
C TYR H 124 23.72 20.55 46.52
N ARG H 125 22.94 19.71 45.85
CA ARG H 125 23.40 18.90 44.74
C ARG H 125 24.71 18.18 45.10
N ASP H 126 24.76 17.54 46.27
CA ASP H 126 25.88 16.67 46.57
C ASP H 126 25.26 15.32 46.93
N TYR H 127 25.88 14.22 46.50
CA TYR H 127 25.33 12.89 46.67
C TYR H 127 25.83 12.16 47.92
N VAL H 128 26.58 12.84 48.79
CA VAL H 128 27.10 12.20 50.00
C VAL H 128 25.96 11.71 50.90
N TRP H 129 24.87 12.50 51.00
CA TRP H 129 23.66 12.20 51.79
C TRP H 129 24.03 11.99 53.27
N ARG H 130 24.60 13.03 53.87
CA ARG H 130 25.24 12.87 55.16
C ARG H 130 24.60 13.61 56.31
N TYR H 131 24.06 14.83 56.13
CA TYR H 131 23.47 15.59 57.23
C TYR H 131 22.01 15.95 57.00
N PHE H 132 21.35 16.28 58.12
CA PHE H 132 19.97 16.77 58.20
C PHE H 132 19.96 18.22 58.63
N ASP H 133 19.69 19.15 57.71
CA ASP H 133 19.71 20.58 58.05
C ASP H 133 18.35 21.14 58.41
N LEU H 134 17.27 20.38 58.25
CA LEU H 134 15.93 20.91 58.42
C LEU H 134 14.97 19.76 58.69
N TRP H 135 14.11 19.93 59.71
CA TRP H 135 13.20 18.89 60.16
C TRP H 135 11.75 19.37 60.11
N GLY H 136 10.88 18.48 59.63
CA GLY H 136 9.46 18.64 59.87
C GLY H 136 9.13 18.45 61.34
N ARG H 137 7.99 19.02 61.75
CA ARG H 137 7.56 18.90 63.14
C ARG H 137 7.29 17.46 63.56
N GLY H 138 7.15 16.52 62.61
CA GLY H 138 6.98 15.12 62.97
C GLY H 138 5.54 14.70 63.17
N THR H 139 5.10 13.64 62.49
CA THR H 139 3.73 13.14 62.60
C THR H 139 3.71 11.83 63.36
N LEU H 140 2.84 11.77 64.36
CA LEU H 140 2.58 10.53 65.08
C LEU H 140 2.10 9.44 64.12
N VAL H 141 2.60 8.23 64.33
CA VAL H 141 2.05 7.02 63.75
C VAL H 141 2.09 5.97 64.84
N THR H 142 0.96 5.28 65.04
CA THR H 142 0.82 4.36 66.17
C THR H 142 0.10 3.09 65.70
N VAL H 143 0.41 1.99 66.36
CA VAL H 143 -0.11 0.69 65.97
C VAL H 143 -0.30 -0.20 67.19
N GLU I 23 30.72 -3.30 62.64
CA GLU I 23 29.86 -2.09 62.67
C GLU I 23 30.27 -1.15 63.81
N ILE I 24 29.86 0.11 63.69
CA ILE I 24 30.19 1.14 64.66
C ILE I 24 29.05 1.25 65.66
N VAL I 25 29.35 1.07 66.94
CA VAL I 25 28.42 1.37 68.02
C VAL I 25 29.09 2.41 68.91
N LEU I 26 28.46 3.57 69.02
CA LEU I 26 28.95 4.59 69.94
C LEU I 26 28.51 4.23 71.36
N THR I 27 29.42 4.37 72.33
CA THR I 27 29.12 4.10 73.73
C THR I 27 29.28 5.37 74.57
N GLN I 28 28.18 5.85 75.15
CA GLN I 28 28.10 7.18 75.74
C GLN I 28 28.08 7.10 77.27
N SER I 29 28.91 7.93 77.91
CA SER I 29 28.97 8.06 79.35
C SER I 29 29.12 9.54 79.69
N PRO I 30 28.70 9.95 80.90
CA PRO I 30 27.85 9.32 81.91
C PRO I 30 26.40 9.27 81.45
N ALA I 31 25.60 8.38 82.03
CA ALA I 31 24.16 8.37 81.75
C ALA I 31 23.52 9.73 81.97
N THR I 32 24.01 10.51 82.93
CA THR I 32 23.46 11.83 83.20
C THR I 32 24.54 12.72 83.81
N LEU I 33 24.32 14.03 83.70
CA LEU I 33 25.16 15.04 84.31
C LEU I 33 24.29 15.98 85.13
N SER I 34 24.74 16.33 86.32
CA SER I 34 24.03 17.26 87.20
C SER I 34 25.03 18.28 87.71
N LEU I 35 24.73 19.56 87.48
CA LEU I 35 25.67 20.65 87.72
C LEU I 35 24.86 21.94 87.78
N SER I 36 25.47 22.96 88.36
CA SER I 36 24.90 24.30 88.24
C SER I 36 25.33 24.92 86.92
N PRO I 37 24.57 25.89 86.39
CA PRO I 37 25.05 26.58 85.18
C PRO I 37 26.27 27.41 85.49
N GLY I 38 27.05 27.68 84.45
CA GLY I 38 28.33 28.32 84.61
C GLY I 38 29.48 27.37 84.87
N GLU I 39 29.20 26.12 85.23
CA GLU I 39 30.23 25.16 85.59
C GLU I 39 30.68 24.42 84.33
N ARG I 40 31.58 23.47 84.50
CA ARG I 40 32.26 22.80 83.39
C ARG I 40 31.63 21.42 83.19
N ALA I 41 31.01 21.22 82.02
CA ALA I 41 30.29 20.00 81.70
C ALA I 41 31.07 19.16 80.69
N THR I 42 31.41 17.92 81.07
CA THR I 42 32.14 17.02 80.19
C THR I 42 31.34 15.75 79.98
N LEU I 43 30.94 15.50 78.73
CA LEU I 43 30.42 14.21 78.32
C LEU I 43 31.51 13.43 77.58
N SER I 44 31.41 12.11 77.59
CA SER I 44 32.30 11.23 76.86
C SER I 44 31.50 10.34 75.92
N CYS I 45 32.04 10.12 74.73
CA CYS I 45 31.53 9.14 73.79
C CYS I 45 32.74 8.33 73.34
N ARG I 46 32.72 7.03 73.65
CA ARG I 46 33.79 6.09 73.31
C ARG I 46 33.32 5.35 72.06
N ALA I 47 33.87 5.74 70.90
CA ALA I 47 33.61 5.04 69.66
C ALA I 47 34.21 3.64 69.69
N SER I 48 33.59 2.71 68.95
CA SER I 48 34.09 1.35 68.93
C SER I 48 35.43 1.26 68.21
N GLN I 49 35.58 1.99 67.10
CA GLN I 49 36.72 1.84 66.21
C GLN I 49 36.81 3.13 65.40
N SER I 50 38.04 3.48 65.02
CA SER I 50 38.33 4.73 64.32
C SER I 50 37.35 5.00 63.19
N VAL I 51 36.96 6.27 63.08
CA VAL I 51 35.80 6.72 62.30
C VAL I 51 36.24 7.82 61.33
N SER I 52 37.55 7.91 61.10
CA SER I 52 38.23 8.88 60.23
C SER I 52 37.87 10.30 60.64
N THR I 53 37.51 11.19 59.70
CA THR I 53 37.77 12.60 59.94
C THR I 53 36.50 13.38 60.29
N TYR I 54 35.35 12.69 60.24
CA TYR I 54 33.98 13.08 60.57
C TYR I 54 33.08 12.14 61.38
N LEU I 55 32.77 12.61 62.60
CA LEU I 55 31.89 12.05 63.61
C LEU I 55 31.27 13.27 64.30
N ALA I 56 29.96 13.21 64.56
CA ALA I 56 29.19 14.41 64.85
C ALA I 56 28.61 14.38 66.25
N TRP I 57 28.27 15.57 66.74
CA TRP I 57 27.52 15.77 67.97
C TRP I 57 26.22 16.50 67.67
N TYR I 58 25.14 16.05 68.29
CA TYR I 58 23.79 16.59 68.09
C TYR I 58 23.22 17.08 69.41
N GLN I 59 22.68 18.30 69.41
CA GLN I 59 22.06 18.91 70.59
C GLN I 59 20.56 19.05 70.33
N GLN I 60 19.75 18.39 71.16
CA GLN I 60 18.29 18.39 71.04
C GLN I 60 17.65 18.90 72.33
N LYS I 61 17.03 20.08 72.24
CA LYS I 61 16.12 20.52 73.30
C LYS I 61 14.83 19.71 73.23
N PHE I 62 14.13 19.64 74.36
CA PHE I 62 12.90 18.87 74.46
C PHE I 62 11.86 19.37 73.44
N GLY I 63 11.51 18.51 72.48
CA GLY I 63 10.50 18.82 71.50
C GLY I 63 11.01 19.56 70.27
N GLN I 64 12.19 20.18 70.36
CA GLN I 64 12.72 21.00 69.29
C GLN I 64 13.29 20.11 68.18
N ALA I 65 13.90 20.73 67.18
CA ALA I 65 14.49 20.03 66.04
C ALA I 65 15.99 19.85 66.28
N PRO I 66 16.54 18.63 66.26
CA PRO I 66 17.97 18.48 66.60
C PRO I 66 18.85 19.26 65.63
N ARG I 67 19.90 19.88 66.18
CA ARG I 67 20.83 20.68 65.40
C ARG I 67 22.24 20.19 65.65
N LEU I 68 23.01 20.04 64.57
CA LEU I 68 24.43 19.75 64.70
C LEU I 68 25.12 20.86 65.48
N LEU I 69 26.06 20.47 66.32
CA LEU I 69 26.97 21.39 67.00
C LEU I 69 28.40 21.26 66.50
N ILE I 70 28.94 20.05 66.51
CA ILE I 70 30.34 19.77 66.21
C ILE I 70 30.38 18.64 65.19
N TYR I 71 31.16 18.84 64.12
CA TYR I 71 31.55 17.75 63.24
C TYR I 71 33.07 17.72 63.21
N ASP I 72 33.63 16.54 62.92
CA ASP I 72 35.07 16.24 62.90
C ASP I 72 35.64 16.11 64.32
N ALA I 73 34.85 16.35 65.36
CA ALA I 73 35.13 16.20 66.78
C ALA I 73 36.02 17.30 67.34
N SER I 74 36.53 18.24 66.53
CA SER I 74 36.93 19.53 67.04
C SER I 74 36.53 20.73 66.19
N ASN I 75 35.78 20.55 65.10
CA ASN I 75 35.52 21.64 64.16
C ASN I 75 34.21 22.33 64.53
N ARG I 76 34.28 23.65 64.72
CA ARG I 76 33.17 24.47 65.19
C ARG I 76 32.23 24.79 64.02
N ALA I 77 31.15 24.03 63.92
CA ALA I 77 30.13 24.28 62.90
C ALA I 77 29.59 25.71 63.00
N THR I 78 28.98 26.16 61.91
CA THR I 78 28.43 27.51 61.86
C THR I 78 27.28 27.66 62.85
N GLY I 79 27.07 28.90 63.31
CA GLY I 79 26.05 29.19 64.30
C GLY I 79 26.37 28.76 65.71
N ILE I 80 27.59 28.30 65.98
CA ILE I 80 27.98 27.67 67.23
C ILE I 80 28.90 28.64 67.98
N PRO I 81 28.42 29.31 69.04
CA PRO I 81 29.33 30.03 69.95
C PRO I 81 30.54 29.20 70.37
N ALA I 82 31.64 29.92 70.62
CA ALA I 82 32.97 29.34 70.81
C ALA I 82 33.09 28.49 72.07
N ARG I 83 32.12 28.55 72.98
CA ARG I 83 32.16 27.88 74.27
C ARG I 83 32.11 26.36 74.16
N PHE I 84 31.83 25.81 72.98
CA PHE I 84 31.63 24.37 72.81
C PHE I 84 32.92 23.80 72.22
N SER I 85 33.51 22.83 72.91
CA SER I 85 34.84 22.33 72.55
C SER I 85 34.82 20.81 72.60
N GLY I 86 35.50 20.18 71.64
CA GLY I 86 35.52 18.74 71.56
C GLY I 86 36.92 18.24 71.23
N SER I 87 37.14 16.97 71.56
CA SER I 87 38.47 16.39 71.41
C SER I 87 38.35 14.91 71.14
N GLY I 88 39.42 14.35 70.57
CA GLY I 88 39.54 12.91 70.37
C GLY I 88 39.85 12.44 68.97
N SER I 89 40.41 11.23 68.88
CA SER I 89 40.41 10.48 67.63
C SER I 89 40.67 9.01 67.95
N GLY I 90 40.24 8.14 67.05
CA GLY I 90 40.35 6.71 67.25
C GLY I 90 39.14 6.14 67.97
N THR I 91 39.27 5.88 69.28
CA THR I 91 38.15 5.42 70.10
C THR I 91 38.06 6.19 71.41
N ASP I 92 38.46 7.46 71.41
CA ASP I 92 38.21 8.38 72.52
C ASP I 92 37.65 9.65 71.92
N PHE I 93 36.47 10.06 72.37
CA PHE I 93 35.84 11.27 71.85
C PHE I 93 35.07 11.90 72.99
N THR I 94 35.32 13.18 73.24
CA THR I 94 34.77 13.82 74.43
C THR I 94 34.37 15.24 74.09
N LEU I 95 33.25 15.68 74.68
CA LEU I 95 32.78 17.05 74.56
C LEU I 95 32.92 17.75 75.90
N THR I 96 33.33 19.02 75.83
CA THR I 96 33.40 19.93 76.96
C THR I 96 32.57 21.18 76.67
N ILE I 97 31.97 21.71 77.73
CA ILE I 97 31.32 23.00 77.72
C ILE I 97 31.88 23.76 78.91
N SER I 98 32.36 24.98 78.67
CA SER I 98 33.01 25.76 79.73
C SER I 98 32.02 26.35 80.71
N SER I 99 30.95 26.97 80.20
CA SER I 99 30.00 27.73 81.02
C SER I 99 28.60 27.48 80.49
N LEU I 100 27.81 26.71 81.23
CA LEU I 100 26.46 26.41 80.79
C LEU I 100 25.53 27.59 81.07
N GLU I 101 24.66 27.87 80.11
CA GLU I 101 23.56 28.82 80.23
C GLU I 101 22.33 28.12 79.66
N PRO I 102 21.11 28.56 80.02
CA PRO I 102 19.91 27.88 79.48
C PRO I 102 19.82 27.83 77.96
N GLU I 103 20.62 28.63 77.24
CA GLU I 103 20.71 28.49 75.79
C GLU I 103 21.32 27.16 75.36
N ASP I 104 21.97 26.43 76.28
CA ASP I 104 22.62 25.15 75.98
C ASP I 104 21.99 23.95 76.67
N PHE I 105 21.13 24.15 77.66
CA PHE I 105 20.72 23.07 78.55
C PHE I 105 19.75 22.15 77.81
N ALA I 106 20.28 21.08 77.22
CA ALA I 106 19.47 20.15 76.44
C ALA I 106 20.06 18.75 76.56
N VAL I 107 19.60 17.83 75.70
CA VAL I 107 20.15 16.47 75.62
C VAL I 107 21.13 16.42 74.44
N TYR I 108 21.98 15.38 74.41
CA TYR I 108 23.13 15.37 73.51
C TYR I 108 23.43 13.96 73.04
N TYR I 109 23.79 13.87 71.75
CA TYR I 109 24.07 12.62 71.05
C TYR I 109 25.40 12.70 70.33
N CYS I 110 26.01 11.54 70.10
CA CYS I 110 27.11 11.38 69.16
C CYS I 110 26.67 10.45 68.04
N GLN I 111 26.96 10.84 66.80
CA GLN I 111 26.35 10.29 65.61
C GLN I 111 27.40 10.04 64.53
N CYS I 112 27.18 9.02 63.71
CA CYS I 112 28.02 8.82 62.53
C CYS I 112 27.27 8.00 61.49
N ARG I 113 27.93 7.82 60.35
CA ARG I 113 27.42 7.12 59.18
C ARG I 113 28.27 5.87 58.95
N SER I 114 27.86 5.02 58.00
CA SER I 114 28.46 3.71 57.78
C SER I 114 28.62 3.41 56.29
N ASN I 115 29.46 2.41 56.06
CA ASN I 115 29.78 1.81 54.76
C ASN I 115 29.23 0.39 54.67
N TRP I 116 29.56 -0.45 55.64
CA TRP I 116 28.85 -1.71 55.76
C TRP I 116 27.42 -1.34 56.15
N PRO I 117 26.44 -2.10 55.68
CA PRO I 117 25.51 -1.57 54.66
C PRO I 117 24.96 -0.19 55.03
N PRO I 118 24.56 0.56 53.99
CA PRO I 118 24.65 2.03 54.03
C PRO I 118 23.62 2.72 54.91
N GLY I 119 23.86 2.72 56.22
CA GLY I 119 22.96 3.30 57.19
C GLY I 119 23.76 4.07 58.23
N ILE I 120 23.16 4.36 59.38
CA ILE I 120 23.63 5.44 60.25
C ILE I 120 23.43 4.96 61.68
N THR I 121 24.42 5.25 62.54
CA THR I 121 24.32 4.93 63.96
C THR I 121 24.46 6.20 64.78
N PHE I 122 23.43 6.50 65.55
CA PHE I 122 23.47 7.44 66.66
C PHE I 122 23.95 6.71 67.90
N GLY I 123 24.15 7.44 68.99
CA GLY I 123 24.27 6.85 70.31
C GLY I 123 22.91 6.71 70.98
N GLN I 124 22.95 6.55 72.30
CA GLN I 124 21.74 6.44 73.11
C GLN I 124 21.28 7.76 73.72
N GLY I 125 22.18 8.69 73.92
CA GLY I 125 21.87 10.01 74.44
C GLY I 125 22.34 10.18 75.88
N THR I 126 22.61 11.43 76.24
CA THR I 126 23.22 11.79 77.52
C THR I 126 22.54 13.04 78.05
N ARG I 127 21.75 12.89 79.12
CA ARG I 127 20.91 13.96 79.63
C ARG I 127 21.68 14.85 80.60
N LEU I 128 21.34 16.14 80.60
CA LEU I 128 21.95 17.15 81.45
C LEU I 128 20.92 17.65 82.45
N GLU I 129 21.36 17.89 83.68
CA GLU I 129 20.48 18.26 84.78
C GLU I 129 21.08 19.43 85.55
N ILE I 130 20.21 20.18 86.21
CA ILE I 130 20.63 21.35 86.98
C ILE I 130 21.18 20.92 88.34
#